data_1GTE
#
_entry.id   1GTE
#
_cell.length_a   81.710
_cell.length_b   158.370
_cell.length_c   162.330
_cell.angle_alpha   90.00
_cell.angle_beta   95.84
_cell.angle_gamma   90.00
#
_symmetry.space_group_name_H-M   'P 1 21 1'
#
loop_
_entity.id
_entity.type
_entity.pdbx_description
1 polymer 'DIHYDROPYRIMIDINE DEHYDROGENASE'
2 non-polymer 'IRON/SULFUR CLUSTER'
3 non-polymer 'FLAVIN MONONUCLEOTIDE'
4 non-polymer 'FLAVIN-ADENINE DINUCLEOTIDE'
5 non-polymer 5-IODOURACIL
6 water water
#
_entity_poly.entity_id   1
_entity_poly.type   'polypeptide(L)'
_entity_poly.pdbx_seq_one_letter_code
;MAPVLSKDVADIESILALNPRTQSHAALHSTLAKKLDKKHWKRNPDKNCFHCEKLENNFDDIKHTTLGERGALREAMRCL
KCADAPCQKSCPTHLDIKSFITSISNKNYYGAAKMIFSDNPLGLTCGMVCPTSDLCVGGCNLYATEEGSINIGGLQQFAS
EVFKAMNIPQIRNPCLPSQEKMPEAYSAKIALLGAGPASISCASFLARLGYSDITIFEKQEYVGGLSTSEIPQFRLPYDV
VNFEIELMKDLGVKIICGKSLSENEITLNTLKEEGYKAAFIGIGLPEPKTDDIFQGLTQDQGFYTSKDFLPLVAKSSKAG
MCACHSPLPSIRGAVIVLGAGDTAFDCATSALRCGARRVFLVFRKGFVNIRAVPEEVELAKEEKCEFLPFLSPRKVIVKG
GRIVAVQFVRTEQDETGKWNEDEDQIVHLKADVVISAFGSVLRDPKVKEALSPIKFNRWDLPEVDPETMQTSEPWVFAGG
DIVGMANTTVESVNDGKQASWYIHKYIQAQYGASVSAKPELPLFYTPVDLVDISVEMAGLKFINPFGLASAAPTTSSSMI
RRAFEAGWGFALTKTFSLDKDIVTNVSPRIVRGTTSGPMYGPGQSSFLNIELISEKTAAYWCQSVTELKADFPDNIVIAS
IMCSYNKNDWMELSRKAEASGADALELNLSCPHGMGERGMGLACGQDPELVRNICRWVRQAVQIPFFAKLTPNVTDIVSI
ARAAKEGGADGVTATNTVSGLMGLKADGTPWPAVGAGKRTTYGGVSGTAIRPIALRAVTTIARALPGFPILATGGIDSAE
SGLQFLHSGASVLQVCSAVQNQDFTVIQDYCTGLKALLYLKSIEELQGWDGQSPGTESHQKGKPVPRIAELMGKKLPNFG
PYLEQRKKIIAEEKMRLKEQNAAFPPLERKPFIPKKPIPAIKDVIGKALQYLGTFGELSNIEQVVAVIDEEMCINCGKCY
MTCNDSGYQAIQFDPETHLPTVTDTCTGCTLCLSVCPIIDCIRMVSRTTPYEPKRGLPLAVNPVC
;
_entity_poly.pdbx_strand_id   A,B,C,D
#
# COMPACT_ATOMS: atom_id res chain seq x y z
N ALA A 2 51.17 15.60 24.65
CA ALA A 2 50.25 14.91 23.68
C ALA A 2 50.86 14.85 22.29
N PRO A 3 50.43 13.89 21.43
CA PRO A 3 50.88 13.62 20.06
C PRO A 3 50.52 14.55 18.89
N VAL A 4 51.22 14.37 17.77
CA VAL A 4 50.96 15.18 16.57
C VAL A 4 49.80 14.47 15.93
N LEU A 5 48.64 15.06 16.17
CA LEU A 5 47.42 14.50 15.69
C LEU A 5 47.31 14.41 14.18
N SER A 6 47.84 15.40 13.47
CA SER A 6 47.75 15.42 12.01
C SER A 6 48.80 14.60 11.27
N LYS A 7 49.41 13.66 11.98
CA LYS A 7 50.43 12.81 11.40
C LYS A 7 50.08 11.33 11.56
N ASP A 8 50.45 10.53 10.56
CA ASP A 8 50.20 9.10 10.60
C ASP A 8 51.24 8.44 11.50
N VAL A 9 50.81 7.55 12.38
CA VAL A 9 51.73 6.84 13.24
C VAL A 9 52.43 5.79 12.39
N ALA A 10 53.51 5.21 12.91
CA ALA A 10 54.26 4.19 12.18
C ALA A 10 53.38 3.15 11.49
N ASP A 11 52.43 2.57 12.23
CA ASP A 11 51.54 1.54 11.67
C ASP A 11 50.77 2.00 10.44
N ILE A 12 50.25 3.22 10.47
CA ILE A 12 49.50 3.73 9.33
C ILE A 12 50.42 4.07 8.18
N GLU A 13 51.59 4.61 8.50
CA GLU A 13 52.54 4.96 7.47
C GLU A 13 52.91 3.68 6.71
N SER A 14 53.00 2.58 7.45
CA SER A 14 53.33 1.30 6.87
C SER A 14 52.21 0.79 5.98
N ILE A 15 50.97 0.92 6.44
CA ILE A 15 49.85 0.46 5.64
C ILE A 15 49.70 1.29 4.37
N LEU A 16 50.17 2.54 4.42
CA LEU A 16 50.11 3.45 3.27
C LEU A 16 51.31 3.31 2.33
N ALA A 17 52.17 2.34 2.61
CA ALA A 17 53.37 2.13 1.81
C ALA A 17 53.18 2.14 0.28
N LEU A 18 52.13 1.50 -0.21
CA LEU A 18 51.89 1.43 -1.64
C LEU A 18 50.88 2.44 -2.16
N ASN A 19 50.51 3.39 -1.32
CA ASN A 19 49.54 4.41 -1.72
C ASN A 19 50.23 5.32 -2.75
N PRO A 20 49.51 5.66 -3.84
CA PRO A 20 50.13 6.51 -4.85
C PRO A 20 50.56 7.88 -4.36
N ARG A 21 51.75 8.29 -4.79
CA ARG A 21 52.33 9.57 -4.47
C ARG A 21 53.13 9.98 -5.71
N THR A 22 52.88 11.18 -6.21
CA THR A 22 53.58 11.64 -7.39
C THR A 22 55.06 11.81 -7.08
N GLN A 23 55.92 11.34 -7.99
CA GLN A 23 57.36 11.43 -7.82
C GLN A 23 57.90 12.76 -8.30
N SER A 24 58.92 13.27 -7.61
CA SER A 24 59.54 14.54 -7.95
C SER A 24 60.72 14.37 -8.89
N HIS A 25 61.08 13.12 -9.17
CA HIS A 25 62.20 12.82 -10.05
C HIS A 25 61.89 11.62 -10.93
N ALA A 26 62.69 11.44 -11.98
CA ALA A 26 62.52 10.30 -12.87
C ALA A 26 63.03 9.10 -12.08
N ALA A 27 62.49 7.92 -12.36
CA ALA A 27 62.90 6.71 -11.64
C ALA A 27 64.16 6.08 -12.22
N LEU A 28 64.85 5.30 -11.40
CA LEU A 28 66.06 4.61 -11.85
C LEU A 28 65.91 3.13 -11.55
N HIS A 29 65.85 2.33 -12.61
CA HIS A 29 65.72 0.88 -12.50
C HIS A 29 66.48 0.33 -13.71
N SER A 30 67.50 -0.48 -13.46
CA SER A 30 68.27 -1.04 -14.56
C SER A 30 67.45 -1.96 -15.45
N THR A 31 67.90 -2.10 -16.69
CA THR A 31 67.22 -2.96 -17.64
C THR A 31 67.23 -4.41 -17.13
N LEU A 32 68.33 -4.82 -16.51
CA LEU A 32 68.42 -6.17 -15.98
C LEU A 32 67.40 -6.37 -14.87
N ALA A 33 67.33 -5.40 -13.96
CA ALA A 33 66.39 -5.47 -12.84
C ALA A 33 64.97 -5.55 -13.36
N LYS A 34 64.68 -4.78 -14.40
CA LYS A 34 63.35 -4.78 -15.01
C LYS A 34 63.02 -6.15 -15.60
N LYS A 35 63.98 -6.75 -16.28
CA LYS A 35 63.76 -8.06 -16.88
C LYS A 35 63.41 -9.09 -15.82
N LEU A 36 64.07 -9.01 -14.67
CA LEU A 36 63.84 -9.94 -13.57
C LEU A 36 62.50 -9.72 -12.86
N ASP A 37 62.05 -8.47 -12.82
CA ASP A 37 60.80 -8.13 -12.14
C ASP A 37 59.55 -8.38 -12.98
N LYS A 38 59.71 -8.30 -14.30
CA LYS A 38 58.59 -8.49 -15.22
C LYS A 38 57.80 -9.78 -15.04
N LYS A 39 58.50 -10.88 -14.83
CA LYS A 39 57.85 -12.19 -14.68
C LYS A 39 56.90 -12.28 -13.48
N HIS A 40 57.15 -11.47 -12.46
CA HIS A 40 56.32 -11.51 -11.27
C HIS A 40 54.88 -11.06 -11.49
N TRP A 41 54.68 -10.13 -12.42
CA TRP A 41 53.36 -9.56 -12.67
C TRP A 41 52.65 -10.04 -13.94
N LYS A 42 53.31 -10.92 -14.69
CA LYS A 42 52.79 -11.44 -15.96
C LYS A 42 51.36 -12.00 -15.90
N ARG A 43 50.49 -11.41 -16.71
CA ARG A 43 49.08 -11.82 -16.79
C ARG A 43 48.77 -12.68 -18.01
N ASN A 44 49.24 -12.21 -19.17
CA ASN A 44 48.98 -12.89 -20.43
C ASN A 44 50.00 -13.95 -20.77
N PRO A 45 49.82 -14.64 -21.90
CA PRO A 45 50.76 -15.70 -22.31
C PRO A 45 52.17 -15.14 -22.52
N ASP A 46 53.17 -15.94 -22.17
CA ASP A 46 54.56 -15.57 -22.33
C ASP A 46 54.99 -16.07 -23.71
N LYS A 47 55.34 -15.14 -24.59
CA LYS A 47 55.74 -15.51 -25.95
C LYS A 47 56.98 -16.40 -25.97
N ASN A 48 57.74 -16.38 -24.88
CA ASN A 48 58.94 -17.20 -24.80
C ASN A 48 58.67 -18.58 -24.22
N CYS A 49 57.42 -18.85 -23.87
CA CYS A 49 57.03 -20.14 -23.32
C CYS A 49 56.61 -21.08 -24.44
N PHE A 50 57.32 -22.19 -24.59
CA PHE A 50 56.99 -23.12 -25.66
C PHE A 50 56.03 -24.25 -25.31
N HIS A 51 55.57 -24.28 -24.07
CA HIS A 51 54.65 -25.32 -23.65
C HIS A 51 53.52 -24.78 -22.80
N CYS A 52 52.31 -25.19 -23.13
CA CYS A 52 51.16 -24.74 -22.39
C CYS A 52 50.85 -25.79 -21.32
N GLU A 53 50.38 -25.30 -20.19
CA GLU A 53 50.01 -26.14 -19.06
C GLU A 53 49.35 -27.45 -19.49
N LYS A 54 49.42 -28.45 -18.64
CA LYS A 54 48.79 -29.74 -18.90
C LYS A 54 47.28 -29.55 -18.88
N LEU A 55 46.60 -30.21 -19.82
CA LEU A 55 45.16 -30.12 -19.97
C LEU A 55 44.49 -31.49 -19.96
N GLU A 56 45.23 -32.51 -19.53
CA GLU A 56 44.67 -33.85 -19.50
C GLU A 56 43.43 -33.87 -18.63
N ASN A 57 42.34 -34.38 -19.20
CA ASN A 57 41.05 -34.47 -18.54
C ASN A 57 40.50 -33.12 -18.09
N ASN A 58 40.96 -32.05 -18.72
CA ASN A 58 40.48 -30.72 -18.36
C ASN A 58 39.49 -30.23 -19.40
N PHE A 59 38.21 -30.26 -19.04
CA PHE A 59 37.18 -29.81 -19.96
C PHE A 59 36.54 -28.49 -19.58
N ASP A 60 37.29 -27.67 -18.86
CA ASP A 60 36.82 -26.35 -18.46
C ASP A 60 36.64 -25.48 -19.70
N ASP A 61 35.68 -24.56 -19.63
CA ASP A 61 35.37 -23.64 -20.73
C ASP A 61 36.60 -22.84 -21.16
N ILE A 62 36.96 -22.92 -22.44
CA ILE A 62 38.11 -22.18 -22.96
C ILE A 62 37.72 -21.05 -23.92
N LYS A 63 36.42 -20.86 -24.14
CA LYS A 63 35.96 -19.80 -25.04
C LYS A 63 36.41 -18.43 -24.54
N HIS A 64 36.92 -17.60 -25.46
CA HIS A 64 37.35 -16.25 -25.09
C HIS A 64 36.15 -15.32 -25.04
N THR A 65 35.03 -15.75 -25.60
CA THR A 65 33.82 -14.94 -25.68
C THR A 65 32.84 -15.04 -24.51
N THR A 66 33.06 -16.00 -23.62
CA THR A 66 32.17 -16.16 -22.47
C THR A 66 32.17 -14.88 -21.62
N LEU A 67 30.97 -14.46 -21.23
CA LEU A 67 30.81 -13.26 -20.42
C LEU A 67 30.04 -13.50 -19.13
N GLY A 68 30.42 -12.76 -18.08
CA GLY A 68 29.72 -12.82 -16.83
C GLY A 68 28.81 -11.60 -16.85
N GLU A 69 27.96 -11.40 -15.84
CA GLU A 69 27.07 -10.24 -15.86
C GLU A 69 27.79 -8.90 -15.95
N ARG A 70 28.83 -8.70 -15.15
CA ARG A 70 29.57 -7.45 -15.16
C ARG A 70 30.05 -7.15 -16.57
N GLY A 71 30.70 -8.13 -17.19
CA GLY A 71 31.22 -7.94 -18.54
C GLY A 71 30.14 -7.80 -19.59
N ALA A 72 29.04 -8.53 -19.43
CA ALA A 72 27.95 -8.47 -20.39
C ALA A 72 27.29 -7.10 -20.36
N LEU A 73 27.11 -6.54 -19.17
CA LEU A 73 26.48 -5.22 -19.06
C LEU A 73 27.35 -4.16 -19.74
N ARG A 74 28.67 -4.24 -19.53
CA ARG A 74 29.58 -3.28 -20.15
C ARG A 74 29.51 -3.36 -21.67
N GLU A 75 29.61 -4.58 -22.21
CA GLU A 75 29.59 -4.77 -23.64
C GLU A 75 28.24 -4.39 -24.25
N ALA A 76 27.15 -4.74 -23.57
CA ALA A 76 25.81 -4.42 -24.06
C ALA A 76 25.61 -2.91 -24.11
N MET A 77 26.16 -2.20 -23.12
CA MET A 77 26.03 -0.75 -23.08
C MET A 77 26.83 -0.10 -24.21
N ARG A 78 27.90 -0.77 -24.63
CA ARG A 78 28.77 -0.27 -25.68
C ARG A 78 28.15 -0.35 -27.07
N CYS A 79 27.34 -1.38 -27.31
CA CYS A 79 26.67 -1.59 -28.59
C CYS A 79 25.89 -0.34 -29.00
N LEU A 80 26.04 0.07 -30.26
CA LEU A 80 25.35 1.26 -30.75
C LEU A 80 23.85 1.03 -30.97
N LYS A 81 23.42 -0.24 -30.97
CA LYS A 81 22.01 -0.59 -31.14
C LYS A 81 21.48 0.08 -32.41
N CYS A 82 22.20 -0.19 -33.49
CA CYS A 82 21.99 0.34 -34.83
C CYS A 82 20.69 0.07 -35.57
N ALA A 83 20.32 1.03 -36.42
CA ALA A 83 19.13 0.91 -37.23
C ALA A 83 19.48 -0.02 -38.40
N ASP A 84 18.51 -0.84 -38.84
CA ASP A 84 18.73 -1.73 -39.98
C ASP A 84 20.10 -2.38 -39.81
N ALA A 85 20.40 -2.79 -38.58
CA ALA A 85 21.69 -3.37 -38.21
C ALA A 85 22.31 -4.39 -39.15
N PRO A 86 23.57 -4.15 -39.54
CA PRO A 86 24.32 -5.04 -40.45
C PRO A 86 24.65 -6.38 -39.80
N CYS A 87 24.74 -6.40 -38.47
CA CYS A 87 25.02 -7.65 -37.76
C CYS A 87 23.84 -8.60 -37.98
N GLN A 88 22.63 -8.08 -37.85
CA GLN A 88 21.43 -8.90 -38.05
C GLN A 88 21.37 -9.38 -39.49
N LYS A 89 21.70 -8.51 -40.43
CA LYS A 89 21.69 -8.90 -41.83
C LYS A 89 22.71 -10.00 -42.05
N SER A 90 23.76 -10.00 -41.24
CA SER A 90 24.83 -10.99 -41.36
C SER A 90 24.62 -12.24 -40.51
N CYS A 91 23.47 -12.33 -39.84
CA CYS A 91 23.14 -13.48 -39.01
C CYS A 91 22.23 -14.39 -39.82
N PRO A 92 22.63 -15.67 -40.03
CA PRO A 92 21.78 -16.58 -40.80
C PRO A 92 20.35 -16.73 -40.30
N THR A 93 20.12 -16.56 -39.00
CA THR A 93 18.76 -16.68 -38.48
C THR A 93 18.07 -15.33 -38.28
N HIS A 94 18.73 -14.28 -38.76
CA HIS A 94 18.19 -12.91 -38.70
C HIS A 94 17.82 -12.44 -37.29
N LEU A 95 18.62 -12.80 -36.30
CA LEU A 95 18.34 -12.39 -34.93
C LEU A 95 18.29 -10.87 -34.82
N ASP A 96 17.33 -10.36 -34.05
CA ASP A 96 17.24 -8.91 -33.85
C ASP A 96 18.23 -8.58 -32.74
N ILE A 97 19.50 -8.52 -33.13
CA ILE A 97 20.62 -8.23 -32.25
C ILE A 97 20.46 -6.91 -31.52
N LYS A 98 20.04 -5.88 -32.25
CA LYS A 98 19.83 -4.56 -31.68
C LYS A 98 18.90 -4.68 -30.47
N SER A 99 17.78 -5.36 -30.66
CA SER A 99 16.81 -5.52 -29.58
C SER A 99 17.29 -6.37 -28.41
N PHE A 100 17.87 -7.53 -28.68
CA PHE A 100 18.28 -8.35 -27.56
C PHE A 100 19.44 -7.75 -26.77
N ILE A 101 20.35 -7.04 -27.46
CA ILE A 101 21.45 -6.42 -26.73
C ILE A 101 20.92 -5.23 -25.95
N THR A 102 19.92 -4.55 -26.49
CA THR A 102 19.33 -3.42 -25.77
C THR A 102 18.74 -3.96 -24.48
N SER A 103 18.06 -5.10 -24.57
CA SER A 103 17.46 -5.71 -23.39
C SER A 103 18.52 -6.05 -22.35
N ILE A 104 19.64 -6.61 -22.79
CA ILE A 104 20.71 -6.95 -21.86
C ILE A 104 21.22 -5.68 -21.16
N SER A 105 21.40 -4.61 -21.93
CA SER A 105 21.88 -3.35 -21.36
C SER A 105 20.91 -2.80 -20.32
N ASN A 106 19.65 -3.15 -20.45
CA ASN A 106 18.62 -2.69 -19.51
C ASN A 106 18.34 -3.74 -18.43
N LYS A 107 19.23 -4.72 -18.33
CA LYS A 107 19.14 -5.80 -17.36
C LYS A 107 17.94 -6.72 -17.53
N ASN A 108 17.33 -6.68 -18.72
CA ASN A 108 16.17 -7.52 -19.00
C ASN A 108 16.64 -8.76 -19.77
N TYR A 109 17.25 -9.69 -19.04
CA TYR A 109 17.76 -10.90 -19.65
C TYR A 109 16.66 -11.80 -20.21
N TYR A 110 15.48 -11.76 -19.61
CA TYR A 110 14.38 -12.57 -20.12
C TYR A 110 14.01 -12.07 -21.52
N GLY A 111 13.78 -10.76 -21.64
CA GLY A 111 13.42 -10.20 -22.91
C GLY A 111 14.46 -10.48 -23.98
N ALA A 112 15.72 -10.42 -23.59
CA ALA A 112 16.81 -10.68 -24.52
C ALA A 112 16.72 -12.14 -24.99
N ALA A 113 16.59 -13.06 -24.06
CA ALA A 113 16.50 -14.47 -24.39
C ALA A 113 15.28 -14.78 -25.26
N LYS A 114 14.15 -14.15 -24.96
CA LYS A 114 12.92 -14.36 -25.71
C LYS A 114 13.14 -13.94 -27.17
N MET A 115 13.82 -12.82 -27.37
CA MET A 115 14.10 -12.31 -28.70
C MET A 115 15.04 -13.27 -29.43
N ILE A 116 16.04 -13.75 -28.72
CA ILE A 116 17.00 -14.69 -29.30
C ILE A 116 16.31 -15.98 -29.73
N PHE A 117 15.62 -16.62 -28.80
CA PHE A 117 14.95 -17.88 -29.13
C PHE A 117 13.80 -17.75 -30.12
N SER A 118 13.22 -16.56 -30.25
CA SER A 118 12.14 -16.37 -31.21
C SER A 118 12.64 -16.67 -32.62
N ASP A 119 13.88 -16.27 -32.90
CA ASP A 119 14.41 -16.52 -34.24
C ASP A 119 15.41 -17.68 -34.30
N ASN A 120 15.86 -18.17 -33.15
CA ASN A 120 16.82 -19.27 -33.12
C ASN A 120 16.57 -20.19 -31.92
N PRO A 121 15.91 -21.35 -32.15
CA PRO A 121 15.61 -22.32 -31.11
C PRO A 121 16.85 -22.88 -30.40
N LEU A 122 18.02 -22.70 -31.00
CA LEU A 122 19.27 -23.17 -30.39
C LEU A 122 20.11 -21.95 -30.07
N GLY A 123 19.45 -20.93 -29.52
CA GLY A 123 20.11 -19.69 -29.18
C GLY A 123 21.33 -19.76 -28.30
N LEU A 124 21.32 -20.64 -27.31
CA LEU A 124 22.47 -20.76 -26.41
C LEU A 124 23.64 -21.47 -27.11
N THR A 125 23.35 -22.58 -27.78
CA THR A 125 24.39 -23.30 -28.50
C THR A 125 25.08 -22.35 -29.48
N CYS A 126 24.29 -21.64 -30.27
CA CYS A 126 24.85 -20.72 -31.25
C CYS A 126 25.67 -19.59 -30.64
N GLY A 127 25.21 -19.05 -29.51
CA GLY A 127 25.97 -17.99 -28.87
C GLY A 127 27.36 -18.50 -28.54
N MET A 128 27.44 -19.77 -28.16
CA MET A 128 28.71 -20.37 -27.81
C MET A 128 29.59 -20.81 -28.97
N VAL A 129 28.99 -21.31 -30.04
CA VAL A 129 29.78 -21.83 -31.16
C VAL A 129 29.76 -21.11 -32.50
N CYS A 130 28.87 -20.13 -32.68
CA CYS A 130 28.84 -19.44 -33.96
C CYS A 130 30.19 -18.82 -34.31
N PRO A 131 30.62 -18.98 -35.57
CA PRO A 131 31.90 -18.41 -36.02
C PRO A 131 31.57 -16.97 -36.37
N THR A 132 31.24 -16.18 -35.33
CA THR A 132 30.83 -14.80 -35.50
C THR A 132 31.67 -13.90 -36.39
N SER A 133 32.99 -14.08 -36.41
CA SER A 133 33.83 -13.23 -37.24
C SER A 133 33.49 -13.38 -38.71
N ASP A 134 32.86 -14.49 -39.08
CA ASP A 134 32.46 -14.74 -40.46
C ASP A 134 30.95 -14.57 -40.61
N LEU A 135 30.30 -14.14 -39.54
CA LEU A 135 28.86 -13.94 -39.57
C LEU A 135 28.46 -12.56 -39.02
N CYS A 136 27.60 -12.54 -38.00
CA CYS A 136 27.13 -11.28 -37.42
C CYS A 136 28.20 -10.25 -37.07
N VAL A 137 29.21 -10.67 -36.31
CA VAL A 137 30.27 -9.76 -35.90
C VAL A 137 31.05 -9.21 -37.10
N GLY A 138 31.12 -10.00 -38.17
CA GLY A 138 31.83 -9.55 -39.37
C GLY A 138 31.22 -8.31 -39.99
N GLY A 139 29.97 -8.03 -39.66
CA GLY A 139 29.33 -6.86 -40.22
C GLY A 139 29.08 -5.74 -39.21
N CYS A 140 29.58 -5.91 -37.99
CA CYS A 140 29.38 -4.92 -36.94
C CYS A 140 29.98 -3.54 -37.24
N ASN A 141 29.16 -2.49 -37.12
CA ASN A 141 29.61 -1.13 -37.39
C ASN A 141 30.73 -0.67 -36.47
N LEU A 142 30.77 -1.21 -35.26
CA LEU A 142 31.83 -0.82 -34.32
C LEU A 142 33.21 -1.33 -34.72
N TYR A 143 33.27 -2.11 -35.80
CA TYR A 143 34.56 -2.56 -36.28
C TYR A 143 35.31 -1.30 -36.74
N ALA A 144 34.53 -0.26 -37.04
CA ALA A 144 35.08 1.01 -37.49
C ALA A 144 35.59 1.88 -36.34
N THR A 145 35.73 1.31 -35.15
CA THR A 145 36.27 2.04 -34.01
C THR A 145 37.48 1.26 -33.52
N GLU A 146 38.39 1.95 -32.84
CA GLU A 146 39.59 1.32 -32.32
C GLU A 146 39.28 0.17 -31.36
N GLU A 147 38.27 0.37 -30.51
CA GLU A 147 37.89 -0.66 -29.54
C GLU A 147 37.31 -1.91 -30.20
N GLY A 148 36.87 -1.78 -31.45
CA GLY A 148 36.36 -2.94 -32.16
C GLY A 148 34.91 -3.36 -32.04
N SER A 149 34.58 -4.40 -32.80
CA SER A 149 33.24 -4.95 -32.86
C SER A 149 32.75 -5.53 -31.55
N ILE A 150 31.44 -5.64 -31.44
CA ILE A 150 30.77 -6.18 -30.25
C ILE A 150 30.87 -7.70 -30.17
N ASN A 151 30.99 -8.22 -28.96
CA ASN A 151 31.04 -9.66 -28.72
C ASN A 151 29.59 -10.13 -28.66
N ILE A 152 28.98 -10.21 -29.84
CA ILE A 152 27.59 -10.61 -29.99
C ILE A 152 27.30 -12.01 -29.45
N GLY A 153 28.17 -12.96 -29.80
CA GLY A 153 28.00 -14.33 -29.35
C GLY A 153 27.99 -14.45 -27.83
N GLY A 154 28.96 -13.81 -27.20
CA GLY A 154 29.04 -13.85 -25.75
C GLY A 154 27.81 -13.25 -25.09
N LEU A 155 27.28 -12.17 -25.68
CA LEU A 155 26.10 -11.54 -25.12
C LEU A 155 24.90 -12.47 -25.27
N GLN A 156 24.81 -13.13 -26.43
CA GLN A 156 23.71 -14.05 -26.68
C GLN A 156 23.80 -15.20 -25.69
N GLN A 157 25.03 -15.68 -25.48
CA GLN A 157 25.29 -16.76 -24.54
C GLN A 157 24.86 -16.36 -23.13
N PHE A 158 25.28 -15.17 -22.70
CA PHE A 158 24.93 -14.71 -21.36
C PHE A 158 23.43 -14.62 -21.10
N ALA A 159 22.71 -13.93 -21.97
CA ALA A 159 21.26 -13.79 -21.79
C ALA A 159 20.59 -15.16 -21.78
N SER A 160 21.02 -16.02 -22.68
CA SER A 160 20.44 -17.36 -22.78
C SER A 160 20.75 -18.21 -21.55
N GLU A 161 21.94 -18.01 -20.98
CA GLU A 161 22.34 -18.75 -19.79
C GLU A 161 21.50 -18.32 -18.60
N VAL A 162 21.23 -17.02 -18.48
CA VAL A 162 20.42 -16.54 -17.37
C VAL A 162 19.02 -17.11 -17.51
N PHE A 163 18.48 -17.08 -18.72
CA PHE A 163 17.14 -17.62 -18.95
C PHE A 163 17.10 -19.10 -18.59
N LYS A 164 18.15 -19.83 -18.96
CA LYS A 164 18.22 -21.25 -18.64
C LYS A 164 18.16 -21.44 -17.13
N ALA A 165 18.87 -20.57 -16.40
CA ALA A 165 18.90 -20.65 -14.94
C ALA A 165 17.54 -20.35 -14.32
N MET A 166 16.69 -19.60 -15.02
CA MET A 166 15.37 -19.26 -14.48
C MET A 166 14.46 -20.48 -14.50
N ASN A 167 14.82 -21.47 -15.31
CA ASN A 167 14.04 -22.70 -15.44
C ASN A 167 12.57 -22.42 -15.73
N ILE A 168 12.35 -21.67 -16.80
CA ILE A 168 11.01 -21.33 -17.25
C ILE A 168 10.79 -22.15 -18.51
N PRO A 169 9.63 -22.81 -18.62
CA PRO A 169 9.35 -23.63 -19.80
C PRO A 169 8.81 -22.83 -20.97
N GLN A 170 8.87 -23.41 -22.16
CA GLN A 170 8.32 -22.76 -23.34
C GLN A 170 6.86 -23.16 -23.36
N ILE A 171 5.99 -22.30 -23.87
CA ILE A 171 4.59 -22.64 -23.96
C ILE A 171 4.05 -22.46 -25.35
N ARG A 172 2.89 -23.05 -25.59
CA ARG A 172 2.19 -22.97 -26.86
C ARG A 172 1.80 -21.50 -27.04
N ASN A 173 1.81 -21.02 -28.29
CA ASN A 173 1.44 -19.63 -28.56
C ASN A 173 0.08 -19.33 -27.95
N PRO A 174 0.01 -18.34 -27.03
CA PRO A 174 -1.24 -17.96 -26.39
C PRO A 174 -2.37 -17.50 -27.32
N CYS A 175 -2.03 -17.03 -28.51
CA CYS A 175 -3.05 -16.58 -29.44
C CYS A 175 -3.58 -17.69 -30.36
N LEU A 176 -3.05 -18.90 -30.21
CA LEU A 176 -3.51 -20.03 -31.02
C LEU A 176 -4.80 -20.58 -30.42
N PRO A 177 -5.70 -21.10 -31.28
CA PRO A 177 -6.95 -21.65 -30.75
C PRO A 177 -6.62 -22.82 -29.83
N SER A 178 -7.58 -23.22 -28.98
CA SER A 178 -7.32 -24.33 -28.08
C SER A 178 -6.96 -25.53 -28.93
N GLN A 179 -6.20 -26.46 -28.36
CA GLN A 179 -5.77 -27.66 -29.08
C GLN A 179 -6.92 -28.42 -29.70
N GLU A 180 -8.08 -28.46 -29.05
CA GLU A 180 -9.21 -29.19 -29.60
C GLU A 180 -9.95 -28.43 -30.70
N LYS A 181 -9.73 -27.12 -30.79
CA LYS A 181 -10.38 -26.32 -31.82
C LYS A 181 -9.51 -26.16 -33.07
N MET A 182 -8.34 -26.78 -33.05
CA MET A 182 -7.43 -26.71 -34.19
C MET A 182 -7.95 -27.53 -35.36
N PRO A 183 -7.79 -27.01 -36.59
CA PRO A 183 -8.25 -27.74 -37.78
C PRO A 183 -7.57 -29.10 -37.86
N GLU A 184 -8.24 -30.06 -38.50
CA GLU A 184 -7.71 -31.41 -38.65
C GLU A 184 -6.29 -31.44 -39.22
N ALA A 185 -6.01 -30.52 -40.14
CA ALA A 185 -4.70 -30.45 -40.78
C ALA A 185 -3.53 -30.43 -39.82
N TYR A 186 -3.71 -29.80 -38.66
CA TYR A 186 -2.62 -29.72 -37.69
C TYR A 186 -2.32 -31.02 -36.97
N SER A 187 -3.14 -32.05 -37.22
CA SER A 187 -2.93 -33.35 -36.60
C SER A 187 -2.19 -34.26 -37.56
N ALA A 188 -1.82 -33.71 -38.72
CA ALA A 188 -1.09 -34.48 -39.74
C ALA A 188 0.20 -35.06 -39.15
N LYS A 189 0.43 -36.34 -39.36
CA LYS A 189 1.63 -36.99 -38.86
C LYS A 189 2.86 -36.47 -39.60
N ILE A 190 3.78 -35.91 -38.84
CA ILE A 190 5.02 -35.35 -39.40
C ILE A 190 6.23 -36.10 -38.87
N ALA A 191 7.14 -36.42 -39.77
CA ALA A 191 8.36 -37.14 -39.39
C ALA A 191 9.61 -36.36 -39.76
N LEU A 192 10.60 -36.39 -38.87
CA LEU A 192 11.88 -35.75 -39.13
C LEU A 192 12.93 -36.81 -38.85
N LEU A 193 13.96 -36.86 -39.69
CA LEU A 193 15.03 -37.83 -39.52
C LEU A 193 16.29 -37.15 -39.03
N GLY A 194 16.80 -37.60 -37.88
CA GLY A 194 18.00 -37.02 -37.31
C GLY A 194 17.66 -35.96 -36.28
N ALA A 195 18.16 -36.13 -35.05
CA ALA A 195 17.87 -35.17 -33.99
C ALA A 195 19.01 -34.16 -33.78
N GLY A 196 19.37 -33.49 -34.88
CA GLY A 196 20.42 -32.49 -34.81
C GLY A 196 19.81 -31.10 -34.92
N PRO A 197 20.64 -30.05 -34.99
CA PRO A 197 20.18 -28.66 -35.09
C PRO A 197 19.08 -28.41 -36.12
N ALA A 198 19.25 -28.96 -37.32
CA ALA A 198 18.27 -28.76 -38.38
C ALA A 198 16.88 -29.27 -38.02
N SER A 199 16.78 -30.52 -37.59
CA SER A 199 15.49 -31.09 -37.22
C SER A 199 14.91 -30.48 -35.95
N ILE A 200 15.76 -30.20 -34.97
CA ILE A 200 15.28 -29.60 -33.74
C ILE A 200 14.63 -28.25 -34.07
N SER A 201 15.27 -27.50 -34.96
CA SER A 201 14.74 -26.20 -35.36
C SER A 201 13.43 -26.37 -36.13
N CYS A 202 13.44 -27.25 -37.12
CA CYS A 202 12.25 -27.47 -37.94
C CYS A 202 11.06 -27.92 -37.07
N ALA A 203 11.29 -28.94 -36.24
CA ALA A 203 10.24 -29.45 -35.36
C ALA A 203 9.71 -28.37 -34.43
N SER A 204 10.61 -27.55 -33.90
CA SER A 204 10.22 -26.47 -33.00
C SER A 204 9.27 -25.49 -33.68
N PHE A 205 9.64 -25.01 -34.86
CA PHE A 205 8.78 -24.06 -35.56
C PHE A 205 7.45 -24.67 -35.98
N LEU A 206 7.46 -25.94 -36.37
CA LEU A 206 6.22 -26.60 -36.75
C LEU A 206 5.31 -26.69 -35.52
N ALA A 207 5.90 -26.97 -34.36
CA ALA A 207 5.12 -27.07 -33.13
C ALA A 207 4.53 -25.70 -32.78
N ARG A 208 5.31 -24.65 -33.01
CA ARG A 208 4.84 -23.29 -32.73
C ARG A 208 3.59 -22.99 -33.56
N LEU A 209 3.58 -23.48 -34.79
CA LEU A 209 2.46 -23.25 -35.70
C LEU A 209 1.21 -24.03 -35.29
N GLY A 210 1.38 -24.98 -34.37
CA GLY A 210 0.23 -25.73 -33.90
C GLY A 210 0.17 -27.21 -34.23
N TYR A 211 1.15 -27.72 -34.98
CA TYR A 211 1.14 -29.14 -35.30
C TYR A 211 1.34 -29.97 -34.03
N SER A 212 0.45 -30.94 -33.84
CA SER A 212 0.45 -31.77 -32.64
C SER A 212 0.98 -33.19 -32.73
N ASP A 213 1.43 -33.62 -33.92
CA ASP A 213 1.95 -34.97 -34.07
C ASP A 213 3.27 -34.89 -34.83
N ILE A 214 4.32 -34.52 -34.11
CA ILE A 214 5.66 -34.38 -34.69
C ILE A 214 6.62 -35.35 -34.02
N THR A 215 7.28 -36.16 -34.84
CA THR A 215 8.23 -37.15 -34.31
C THR A 215 9.58 -37.09 -35.01
N ILE A 216 10.64 -36.99 -34.22
CA ILE A 216 12.00 -37.00 -34.75
C ILE A 216 12.55 -38.39 -34.50
N PHE A 217 12.98 -39.05 -35.58
CA PHE A 217 13.57 -40.37 -35.47
C PHE A 217 15.08 -40.23 -35.52
N GLU A 218 15.74 -40.59 -34.42
CA GLU A 218 17.19 -40.49 -34.31
C GLU A 218 17.86 -41.85 -34.31
N LYS A 219 18.92 -41.98 -35.11
CA LYS A 219 19.67 -43.22 -35.23
C LYS A 219 20.38 -43.63 -33.94
N GLN A 220 21.09 -42.69 -33.33
CA GLN A 220 21.84 -42.96 -32.10
C GLN A 220 20.96 -43.00 -30.87
N GLU A 221 21.58 -43.29 -29.72
CA GLU A 221 20.84 -43.34 -28.47
C GLU A 221 20.86 -41.98 -27.78
N TYR A 222 21.66 -41.06 -28.32
CA TYR A 222 21.77 -39.72 -27.78
C TYR A 222 21.17 -38.75 -28.79
N VAL A 223 20.83 -37.54 -28.34
CA VAL A 223 20.24 -36.54 -29.21
C VAL A 223 21.08 -35.27 -29.25
N GLY A 224 20.85 -34.45 -30.26
CA GLY A 224 21.60 -33.20 -30.39
C GLY A 224 22.53 -33.14 -31.58
N GLY A 225 22.74 -34.27 -32.26
CA GLY A 225 23.62 -34.29 -33.41
C GLY A 225 25.06 -33.99 -33.07
N LEU A 226 25.76 -33.29 -33.96
CA LEU A 226 27.17 -32.96 -33.73
C LEU A 226 27.40 -32.11 -32.49
N SER A 227 26.39 -31.33 -32.10
CA SER A 227 26.50 -30.51 -30.91
C SER A 227 26.81 -31.40 -29.71
N THR A 228 26.30 -32.63 -29.78
CA THR A 228 26.50 -33.61 -28.71
C THR A 228 27.66 -34.56 -28.98
N SER A 229 27.66 -35.17 -30.15
CA SER A 229 28.67 -36.17 -30.47
C SER A 229 30.09 -35.71 -30.80
N GLU A 230 30.27 -34.47 -31.25
CA GLU A 230 31.62 -34.05 -31.62
C GLU A 230 32.15 -32.73 -31.09
N ILE A 231 31.32 -31.69 -31.04
CA ILE A 231 31.82 -30.42 -30.52
C ILE A 231 32.26 -30.64 -29.07
N PRO A 232 33.51 -30.29 -28.73
CA PRO A 232 34.02 -30.48 -27.37
C PRO A 232 33.26 -29.82 -26.24
N GLN A 233 33.25 -30.51 -25.11
CA GLN A 233 32.59 -30.05 -23.89
C GLN A 233 33.20 -28.72 -23.44
N PHE A 234 34.49 -28.51 -23.75
CA PHE A 234 35.14 -27.27 -23.35
C PHE A 234 34.78 -26.07 -24.22
N ARG A 235 33.93 -26.30 -25.21
CA ARG A 235 33.43 -25.23 -26.07
C ARG A 235 31.91 -25.17 -25.91
N LEU A 236 31.27 -26.35 -25.88
CA LEU A 236 29.82 -26.44 -25.76
C LEU A 236 29.41 -27.48 -24.71
N PRO A 237 29.05 -27.03 -23.50
CA PRO A 237 28.63 -27.96 -22.45
C PRO A 237 27.38 -28.73 -22.87
N TYR A 238 27.36 -30.04 -22.63
CA TYR A 238 26.20 -30.83 -23.01
C TYR A 238 24.90 -30.35 -22.38
N ASP A 239 24.97 -29.77 -21.19
CA ASP A 239 23.74 -29.31 -20.52
C ASP A 239 23.03 -28.23 -21.34
N VAL A 240 23.77 -27.57 -22.22
CA VAL A 240 23.18 -26.54 -23.09
C VAL A 240 22.28 -27.23 -24.11
N VAL A 241 22.79 -28.32 -24.69
CA VAL A 241 22.05 -29.08 -25.68
C VAL A 241 20.77 -29.63 -25.07
N ASN A 242 20.89 -30.21 -23.88
CA ASN A 242 19.74 -30.78 -23.18
C ASN A 242 18.67 -29.72 -22.91
N PHE A 243 19.12 -28.53 -22.52
CA PHE A 243 18.22 -27.41 -22.24
C PHE A 243 17.38 -27.04 -23.46
N GLU A 244 18.02 -26.94 -24.62
CA GLU A 244 17.29 -26.58 -25.83
C GLU A 244 16.34 -27.67 -26.30
N ILE A 245 16.75 -28.92 -26.12
CA ILE A 245 15.90 -30.04 -26.53
C ILE A 245 14.67 -30.11 -25.63
N GLU A 246 14.84 -29.87 -24.33
CA GLU A 246 13.72 -29.87 -23.41
C GLU A 246 12.76 -28.73 -23.72
N LEU A 247 13.28 -27.59 -24.16
CA LEU A 247 12.40 -26.47 -24.52
C LEU A 247 11.53 -26.91 -25.69
N MET A 248 12.12 -27.62 -26.64
CA MET A 248 11.38 -28.10 -27.79
C MET A 248 10.33 -29.12 -27.36
N LYS A 249 10.71 -30.00 -26.45
CA LYS A 249 9.79 -31.01 -25.96
C LYS A 249 8.59 -30.39 -25.23
N ASP A 250 8.76 -29.18 -24.71
CA ASP A 250 7.67 -28.50 -24.04
C ASP A 250 6.52 -28.29 -25.01
N LEU A 251 6.83 -28.24 -26.30
CA LEU A 251 5.82 -28.03 -27.32
C LEU A 251 5.21 -29.33 -27.84
N GLY A 252 5.56 -30.44 -27.21
CA GLY A 252 5.00 -31.72 -27.61
C GLY A 252 5.77 -32.56 -28.62
N VAL A 253 6.88 -32.04 -29.14
CA VAL A 253 7.66 -32.78 -30.11
C VAL A 253 8.19 -34.07 -29.47
N LYS A 254 8.02 -35.18 -30.18
CA LYS A 254 8.46 -36.49 -29.71
C LYS A 254 9.78 -36.89 -30.35
N ILE A 255 10.63 -37.58 -29.61
CA ILE A 255 11.90 -38.05 -30.13
C ILE A 255 12.02 -39.55 -29.86
N ILE A 256 12.30 -40.32 -30.90
CA ILE A 256 12.46 -41.75 -30.76
C ILE A 256 13.85 -42.14 -31.25
N CYS A 257 14.69 -42.60 -30.32
CA CYS A 257 16.06 -43.00 -30.65
C CYS A 257 16.15 -44.45 -31.06
N GLY A 258 17.26 -44.80 -31.70
CA GLY A 258 17.46 -46.16 -32.15
C GLY A 258 16.69 -46.45 -33.41
N LYS A 259 16.27 -45.39 -34.09
CA LYS A 259 15.51 -45.51 -35.33
C LYS A 259 16.30 -44.85 -36.46
N SER A 260 16.62 -45.64 -37.49
CA SER A 260 17.40 -45.11 -38.61
C SER A 260 16.72 -45.06 -39.96
N LEU A 261 17.03 -44.01 -40.72
CA LEU A 261 16.53 -43.86 -42.08
C LEU A 261 17.50 -44.73 -42.87
N SER A 262 17.01 -45.88 -43.32
CA SER A 262 17.84 -46.80 -44.06
C SER A 262 16.99 -47.92 -44.62
N GLU A 263 17.43 -48.51 -45.74
CA GLU A 263 16.71 -49.61 -46.35
C GLU A 263 16.48 -50.67 -45.28
N ASN A 264 15.32 -51.28 -45.31
CA ASN A 264 14.96 -52.32 -44.34
C ASN A 264 14.56 -51.75 -42.99
N GLU A 265 14.81 -50.47 -42.78
CA GLU A 265 14.41 -49.82 -41.54
C GLU A 265 13.41 -48.74 -41.92
N ILE A 266 13.68 -47.49 -41.60
CA ILE A 266 12.77 -46.43 -41.97
C ILE A 266 13.13 -45.89 -43.35
N THR A 267 12.15 -45.80 -44.24
CA THR A 267 12.38 -45.27 -45.57
C THR A 267 11.24 -44.32 -45.89
N LEU A 268 11.42 -43.50 -46.93
CA LEU A 268 10.38 -42.57 -47.30
C LEU A 268 9.12 -43.38 -47.65
N ASN A 269 9.31 -44.55 -48.24
CA ASN A 269 8.17 -45.38 -48.61
C ASN A 269 7.43 -45.93 -47.39
N THR A 270 8.17 -46.38 -46.36
CA THR A 270 7.51 -46.91 -45.18
C THR A 270 6.78 -45.79 -44.44
N LEU A 271 7.36 -44.59 -44.45
CA LEU A 271 6.73 -43.45 -43.79
C LEU A 271 5.43 -43.10 -44.48
N LYS A 272 5.46 -43.07 -45.81
CA LYS A 272 4.26 -42.77 -46.59
C LYS A 272 3.20 -43.83 -46.34
N GLU A 273 3.64 -45.08 -46.33
CA GLU A 273 2.75 -46.21 -46.08
C GLU A 273 2.07 -46.10 -44.73
N GLU A 274 2.83 -45.62 -43.74
CA GLU A 274 2.32 -45.49 -42.38
C GLU A 274 1.43 -44.27 -42.15
N GLY A 275 1.24 -43.46 -43.18
CA GLY A 275 0.37 -42.31 -43.03
C GLY A 275 1.01 -40.97 -42.75
N TYR A 276 2.34 -40.90 -42.78
CA TYR A 276 3.00 -39.62 -42.54
C TYR A 276 2.72 -38.70 -43.72
N LYS A 277 2.40 -37.45 -43.42
CA LYS A 277 2.07 -36.47 -44.46
C LYS A 277 3.25 -35.64 -44.94
N ALA A 278 4.28 -35.53 -44.10
CA ALA A 278 5.45 -34.75 -44.47
C ALA A 278 6.68 -35.30 -43.76
N ALA A 279 7.84 -35.12 -44.37
CA ALA A 279 9.08 -35.59 -43.79
C ALA A 279 10.20 -34.59 -44.01
N PHE A 280 11.02 -34.39 -42.98
CA PHE A 280 12.16 -33.48 -43.08
C PHE A 280 13.41 -34.33 -42.87
N ILE A 281 14.33 -34.27 -43.81
CA ILE A 281 15.57 -35.03 -43.73
C ILE A 281 16.66 -34.15 -43.13
N GLY A 282 17.11 -34.48 -41.92
CA GLY A 282 18.14 -33.71 -41.25
C GLY A 282 19.20 -34.62 -40.62
N ILE A 283 19.63 -35.61 -41.39
CA ILE A 283 20.60 -36.58 -40.88
C ILE A 283 22.07 -36.16 -41.01
N GLY A 284 22.32 -34.96 -41.51
CA GLY A 284 23.69 -34.50 -41.65
C GLY A 284 24.54 -35.35 -42.58
N LEU A 285 25.85 -35.35 -42.34
CA LEU A 285 26.81 -36.13 -43.13
C LEU A 285 27.40 -37.14 -42.16
N PRO A 286 26.78 -38.33 -42.06
CA PRO A 286 27.13 -39.46 -41.19
C PRO A 286 28.50 -40.10 -41.25
N GLU A 287 29.17 -40.03 -42.40
CA GLU A 287 30.46 -40.68 -42.54
C GLU A 287 31.66 -39.77 -42.74
N PRO A 288 32.84 -40.24 -42.32
CA PRO A 288 34.07 -39.46 -42.45
C PRO A 288 34.63 -39.47 -43.87
N LYS A 289 35.24 -38.37 -44.27
CA LYS A 289 35.86 -38.31 -45.58
C LYS A 289 37.17 -39.05 -45.37
N THR A 290 37.39 -40.11 -46.13
CA THR A 290 38.59 -40.93 -45.98
C THR A 290 39.64 -40.79 -47.06
N ASP A 291 40.83 -41.29 -46.76
CA ASP A 291 41.96 -41.27 -47.69
C ASP A 291 42.44 -42.71 -47.84
N ASP A 292 42.67 -43.14 -49.08
CA ASP A 292 43.12 -44.50 -49.38
C ASP A 292 44.32 -44.99 -48.58
N ILE A 293 45.28 -44.10 -48.36
CA ILE A 293 46.49 -44.45 -47.65
C ILE A 293 46.28 -44.93 -46.20
N PHE A 294 45.12 -44.63 -45.63
CA PHE A 294 44.83 -45.02 -44.26
C PHE A 294 44.03 -46.31 -44.15
N GLN A 295 43.76 -46.94 -45.29
CA GLN A 295 43.00 -48.18 -45.33
C GLN A 295 43.61 -49.27 -44.46
N GLY A 296 42.77 -49.93 -43.68
CA GLY A 296 43.24 -51.01 -42.81
C GLY A 296 43.78 -50.61 -41.46
N LEU A 297 44.14 -49.34 -41.29
CA LEU A 297 44.67 -48.89 -40.00
C LEU A 297 43.59 -48.93 -38.93
N THR A 298 43.95 -49.39 -37.74
CA THR A 298 43.02 -49.52 -36.63
C THR A 298 43.33 -48.57 -35.49
N GLN A 299 42.38 -48.43 -34.56
CA GLN A 299 42.56 -47.58 -33.41
C GLN A 299 43.67 -48.12 -32.52
N ASP A 300 43.79 -49.44 -32.44
CA ASP A 300 44.84 -50.04 -31.62
C ASP A 300 46.22 -49.65 -32.16
N GLN A 301 46.32 -49.45 -33.47
CA GLN A 301 47.58 -49.06 -34.07
C GLN A 301 47.79 -47.57 -33.87
N GLY A 302 46.72 -46.87 -33.53
CA GLY A 302 46.82 -45.44 -33.31
C GLY A 302 46.13 -44.56 -34.33
N PHE A 303 45.32 -45.15 -35.20
CA PHE A 303 44.63 -44.36 -36.22
C PHE A 303 43.15 -44.16 -35.92
N TYR A 304 42.69 -42.93 -36.10
CA TYR A 304 41.29 -42.56 -35.90
C TYR A 304 40.84 -41.58 -36.96
N THR A 305 39.55 -41.57 -37.24
CA THR A 305 38.99 -40.57 -38.14
C THR A 305 38.31 -39.70 -37.09
N SER A 306 37.97 -38.47 -37.42
CA SER A 306 37.32 -37.60 -36.45
C SER A 306 36.01 -38.23 -35.97
N LYS A 307 35.36 -38.99 -36.85
CA LYS A 307 34.10 -39.64 -36.52
C LYS A 307 34.26 -40.73 -35.48
N ASP A 308 35.47 -41.24 -35.34
CA ASP A 308 35.77 -42.29 -34.36
C ASP A 308 36.18 -41.62 -33.04
N PHE A 309 37.16 -40.72 -33.17
CA PHE A 309 37.75 -40.02 -32.05
C PHE A 309 36.89 -39.05 -31.24
N LEU A 310 36.32 -38.04 -31.89
CA LEU A 310 35.54 -37.07 -31.15
C LEU A 310 34.37 -37.65 -30.35
N PRO A 311 33.61 -38.61 -30.91
CA PRO A 311 32.51 -39.14 -30.10
C PRO A 311 33.02 -39.89 -28.86
N LEU A 312 34.21 -40.48 -28.96
CA LEU A 312 34.77 -41.18 -27.82
C LEU A 312 35.07 -40.21 -26.70
N VAL A 313 35.65 -39.06 -27.05
CA VAL A 313 35.97 -38.05 -26.05
C VAL A 313 34.68 -37.45 -25.47
N ALA A 314 33.71 -37.21 -26.35
CA ALA A 314 32.43 -36.64 -25.94
C ALA A 314 31.73 -37.54 -24.92
N LYS A 315 31.64 -38.83 -25.24
CA LYS A 315 30.97 -39.77 -24.35
C LYS A 315 31.63 -39.85 -22.98
N SER A 316 32.93 -39.59 -22.94
CA SER A 316 33.68 -39.66 -21.70
C SER A 316 33.65 -38.35 -20.89
N SER A 317 33.44 -37.24 -21.57
CA SER A 317 33.45 -35.93 -20.92
C SER A 317 32.08 -35.29 -20.75
N LYS A 318 31.05 -35.84 -21.38
CA LYS A 318 29.72 -35.28 -21.27
C LYS A 318 28.78 -36.12 -20.44
N ALA A 319 28.64 -35.76 -19.18
CA ALA A 319 27.75 -36.48 -18.28
C ALA A 319 26.31 -36.26 -18.74
N GLY A 320 25.62 -37.36 -19.03
CA GLY A 320 24.25 -37.25 -19.48
C GLY A 320 24.09 -37.66 -20.93
N MET A 321 25.18 -37.58 -21.69
CA MET A 321 25.15 -37.95 -23.09
C MET A 321 24.71 -39.41 -23.26
N CYS A 322 25.40 -40.31 -22.58
CA CYS A 322 25.06 -41.72 -22.66
C CYS A 322 24.82 -42.22 -21.24
N ALA A 323 24.43 -43.48 -21.12
CA ALA A 323 24.20 -44.07 -19.81
C ALA A 323 25.48 -44.80 -19.43
N CYS A 324 26.42 -44.84 -20.37
CA CYS A 324 27.70 -45.50 -20.17
C CYS A 324 28.71 -44.61 -19.47
N HIS A 325 29.53 -45.22 -18.62
CA HIS A 325 30.59 -44.50 -17.92
C HIS A 325 31.89 -44.99 -18.56
N SER A 326 32.28 -44.36 -19.65
CA SER A 326 33.47 -44.77 -20.38
C SER A 326 34.71 -43.93 -20.09
N PRO A 327 35.91 -44.50 -20.28
CA PRO A 327 37.18 -43.84 -20.04
C PRO A 327 37.60 -42.99 -21.25
N LEU A 328 38.46 -42.01 -21.01
CA LEU A 328 38.94 -41.13 -22.07
C LEU A 328 39.98 -41.87 -22.90
N PRO A 329 39.94 -41.71 -24.23
CA PRO A 329 40.90 -42.41 -25.08
C PRO A 329 42.33 -42.14 -24.60
N SER A 330 43.12 -43.19 -24.49
CA SER A 330 44.50 -43.07 -24.04
C SER A 330 45.39 -42.65 -25.21
N ILE A 331 45.59 -41.35 -25.36
CA ILE A 331 46.42 -40.82 -26.44
C ILE A 331 47.78 -40.46 -25.87
N ARG A 332 48.80 -41.26 -26.21
CA ARG A 332 50.14 -41.03 -25.72
C ARG A 332 51.14 -40.72 -26.83
N GLY A 333 52.03 -39.77 -26.58
CA GLY A 333 53.04 -39.41 -27.55
C GLY A 333 52.67 -38.24 -28.45
N ALA A 334 53.22 -38.26 -29.65
CA ALA A 334 52.97 -37.21 -30.63
C ALA A 334 51.75 -37.56 -31.46
N VAL A 335 50.89 -36.56 -31.66
CA VAL A 335 49.67 -36.76 -32.42
C VAL A 335 49.66 -35.92 -33.69
N ILE A 336 49.27 -36.54 -34.80
CA ILE A 336 49.19 -35.86 -36.08
C ILE A 336 47.70 -35.74 -36.42
N VAL A 337 47.24 -34.51 -36.62
CA VAL A 337 45.86 -34.26 -37.00
C VAL A 337 45.89 -33.70 -38.41
N LEU A 338 45.16 -34.33 -39.32
CA LEU A 338 45.13 -33.92 -40.72
C LEU A 338 43.83 -33.19 -41.04
N GLY A 339 43.95 -31.92 -41.44
CA GLY A 339 42.77 -31.14 -41.76
C GLY A 339 42.97 -29.68 -41.40
N ALA A 340 42.10 -28.81 -41.91
CA ALA A 340 42.21 -27.38 -41.64
C ALA A 340 40.88 -26.72 -41.30
N GLY A 341 39.88 -27.52 -40.94
CA GLY A 341 38.58 -26.98 -40.59
C GLY A 341 38.31 -27.14 -39.10
N ASP A 342 37.09 -26.82 -38.67
CA ASP A 342 36.73 -26.94 -37.26
C ASP A 342 37.01 -28.35 -36.73
N THR A 343 36.73 -29.36 -37.54
CA THR A 343 36.95 -30.73 -37.13
C THR A 343 38.40 -30.97 -36.70
N ALA A 344 39.34 -30.52 -37.54
CA ALA A 344 40.75 -30.70 -37.23
C ALA A 344 41.17 -30.00 -35.94
N PHE A 345 40.77 -28.75 -35.78
CA PHE A 345 41.15 -28.02 -34.59
C PHE A 345 40.55 -28.59 -33.31
N ASP A 346 39.33 -29.13 -33.40
CA ASP A 346 38.72 -29.72 -32.21
C ASP A 346 39.39 -31.06 -31.90
N CYS A 347 39.89 -31.75 -32.91
CA CYS A 347 40.59 -33.01 -32.67
C CYS A 347 41.91 -32.71 -31.98
N ALA A 348 42.57 -31.64 -32.41
CA ALA A 348 43.85 -31.23 -31.83
C ALA A 348 43.71 -30.89 -30.36
N THR A 349 42.78 -30.00 -30.03
CA THR A 349 42.57 -29.60 -28.64
C THR A 349 42.07 -30.78 -27.80
N SER A 350 41.21 -31.60 -28.37
CA SER A 350 40.70 -32.75 -27.64
C SER A 350 41.80 -33.78 -27.37
N ALA A 351 42.74 -33.90 -28.31
CA ALA A 351 43.84 -34.85 -28.14
C ALA A 351 44.62 -34.49 -26.87
N LEU A 352 44.77 -33.19 -26.60
CA LEU A 352 45.48 -32.75 -25.42
C LEU A 352 44.77 -33.20 -24.14
N ARG A 353 43.45 -33.23 -24.17
CA ARG A 353 42.68 -33.66 -23.01
C ARG A 353 42.85 -35.15 -22.77
N CYS A 354 43.27 -35.88 -23.80
CA CYS A 354 43.44 -37.32 -23.68
C CYS A 354 44.86 -37.70 -23.26
N GLY A 355 45.72 -36.69 -23.07
CA GLY A 355 47.08 -36.94 -22.63
C GLY A 355 48.18 -36.81 -23.66
N ALA A 356 47.86 -36.29 -24.85
CA ALA A 356 48.86 -36.12 -25.89
C ALA A 356 50.03 -35.26 -25.42
N ARG A 357 51.24 -35.67 -25.77
CA ARG A 357 52.42 -34.93 -25.38
C ARG A 357 52.62 -33.73 -26.31
N ARG A 358 52.34 -33.96 -27.59
CA ARG A 358 52.51 -32.92 -28.60
C ARG A 358 51.49 -33.16 -29.71
N VAL A 359 51.02 -32.08 -30.34
CA VAL A 359 50.07 -32.20 -31.43
C VAL A 359 50.50 -31.40 -32.65
N PHE A 360 50.42 -32.04 -33.82
CA PHE A 360 50.77 -31.39 -35.07
C PHE A 360 49.54 -31.32 -35.97
N LEU A 361 49.20 -30.11 -36.39
CA LEU A 361 48.09 -29.91 -37.31
C LEU A 361 48.75 -29.80 -38.68
N VAL A 362 48.48 -30.77 -39.55
CA VAL A 362 49.06 -30.80 -40.88
C VAL A 362 48.06 -30.40 -41.96
N PHE A 363 48.43 -29.40 -42.74
CA PHE A 363 47.58 -28.87 -43.81
C PHE A 363 48.14 -29.20 -45.19
N ARG A 364 47.24 -29.47 -46.13
CA ARG A 364 47.63 -29.77 -47.50
C ARG A 364 48.04 -28.45 -48.17
N LYS A 365 47.45 -27.36 -47.70
CA LYS A 365 47.74 -26.04 -48.25
C LYS A 365 48.48 -25.17 -47.24
N GLY A 366 48.43 -23.86 -47.45
CA GLY A 366 49.12 -22.96 -46.56
C GLY A 366 48.30 -22.46 -45.38
N PHE A 367 48.95 -21.72 -44.49
CA PHE A 367 48.27 -21.19 -43.31
C PHE A 367 47.16 -20.25 -43.77
N VAL A 368 47.44 -19.52 -44.84
CA VAL A 368 46.48 -18.58 -45.40
C VAL A 368 45.19 -19.28 -45.83
N ASN A 369 45.31 -20.58 -46.14
CA ASN A 369 44.15 -21.34 -46.61
C ASN A 369 43.36 -22.05 -45.52
N ILE A 370 43.71 -21.84 -44.26
CA ILE A 370 42.99 -22.47 -43.17
C ILE A 370 41.50 -22.12 -43.31
N ARG A 371 40.63 -23.11 -43.15
CA ARG A 371 39.20 -22.84 -43.32
C ARG A 371 38.48 -22.45 -42.04
N ALA A 372 38.98 -22.88 -40.89
CA ALA A 372 38.36 -22.53 -39.63
C ALA A 372 38.58 -21.04 -39.36
N VAL A 373 37.62 -20.39 -38.71
CA VAL A 373 37.77 -18.97 -38.42
C VAL A 373 38.92 -18.75 -37.44
N PRO A 374 39.52 -17.55 -37.48
CA PRO A 374 40.65 -17.20 -36.60
C PRO A 374 40.42 -17.54 -35.13
N GLU A 375 39.21 -17.34 -34.65
CA GLU A 375 38.89 -17.61 -33.25
C GLU A 375 39.02 -19.09 -32.88
N GLU A 376 38.72 -19.97 -33.82
CA GLU A 376 38.83 -21.41 -33.58
C GLU A 376 40.30 -21.78 -33.62
N VAL A 377 41.02 -21.24 -34.61
CA VAL A 377 42.44 -21.51 -34.76
C VAL A 377 43.19 -21.08 -33.50
N GLU A 378 42.81 -19.94 -32.94
CA GLU A 378 43.44 -19.39 -31.74
C GLU A 378 43.45 -20.35 -30.55
N LEU A 379 42.40 -21.15 -30.42
CA LEU A 379 42.33 -22.10 -29.31
C LEU A 379 43.44 -23.15 -29.40
N ALA A 380 43.67 -23.66 -30.60
CA ALA A 380 44.71 -24.67 -30.79
C ALA A 380 46.10 -24.02 -30.67
N LYS A 381 46.23 -22.83 -31.24
CA LYS A 381 47.48 -22.11 -31.20
C LYS A 381 47.90 -21.72 -29.78
N GLU A 382 46.96 -21.29 -28.96
CA GLU A 382 47.30 -20.89 -27.59
C GLU A 382 47.67 -22.10 -26.74
N GLU A 383 47.24 -23.29 -27.17
CA GLU A 383 47.56 -24.51 -26.44
C GLU A 383 48.81 -25.17 -27.01
N LYS A 384 49.57 -24.39 -27.76
CA LYS A 384 50.84 -24.81 -28.37
C LYS A 384 50.81 -25.93 -29.39
N CYS A 385 49.74 -26.04 -30.17
CA CYS A 385 49.69 -27.05 -31.21
C CYS A 385 50.60 -26.50 -32.31
N GLU A 386 51.34 -27.38 -32.97
CA GLU A 386 52.24 -26.93 -34.03
C GLU A 386 51.54 -27.11 -35.37
N PHE A 387 51.71 -26.14 -36.26
CA PHE A 387 51.08 -26.22 -37.57
C PHE A 387 52.12 -26.44 -38.66
N LEU A 388 51.85 -27.43 -39.50
CA LEU A 388 52.74 -27.79 -40.60
C LEU A 388 51.99 -27.69 -41.93
N PRO A 389 52.22 -26.59 -42.68
CA PRO A 389 51.58 -26.33 -43.97
C PRO A 389 52.20 -27.04 -45.17
N PHE A 390 51.49 -26.99 -46.29
CA PHE A 390 51.89 -27.59 -47.56
C PHE A 390 52.35 -29.03 -47.41
N LEU A 391 51.45 -29.86 -46.88
CA LEU A 391 51.75 -31.26 -46.65
C LEU A 391 50.67 -32.22 -47.08
N SER A 392 51.07 -33.27 -47.77
CA SER A 392 50.14 -34.29 -48.24
C SER A 392 50.67 -35.65 -47.80
N PRO A 393 49.84 -36.42 -47.06
CA PRO A 393 50.23 -37.75 -46.57
C PRO A 393 50.42 -38.76 -47.69
N ARG A 394 51.42 -39.61 -47.54
CA ARG A 394 51.69 -40.64 -48.54
C ARG A 394 51.77 -42.04 -47.94
N LYS A 395 52.36 -42.15 -46.76
CA LYS A 395 52.50 -43.45 -46.11
C LYS A 395 52.46 -43.38 -44.59
N VAL A 396 51.99 -44.46 -43.99
CA VAL A 396 51.93 -44.57 -42.54
C VAL A 396 52.81 -45.74 -42.12
N ILE A 397 53.79 -45.48 -41.25
CA ILE A 397 54.71 -46.51 -40.78
C ILE A 397 54.27 -47.13 -39.45
N VAL A 398 54.12 -48.44 -39.44
CA VAL A 398 53.69 -49.17 -38.25
C VAL A 398 54.74 -50.17 -37.76
N LYS A 399 55.04 -50.12 -36.47
CA LYS A 399 56.02 -51.03 -35.88
C LYS A 399 55.58 -51.47 -34.50
N GLY A 400 55.72 -52.75 -34.21
CA GLY A 400 55.31 -53.27 -32.92
C GLY A 400 53.84 -53.06 -32.71
N GLY A 401 53.08 -53.13 -33.80
CA GLY A 401 51.64 -52.97 -33.74
C GLY A 401 51.21 -51.52 -33.51
N ARG A 402 52.15 -50.59 -33.64
CA ARG A 402 51.83 -49.18 -33.43
C ARG A 402 52.37 -48.27 -34.52
N ILE A 403 51.62 -47.22 -34.82
CA ILE A 403 52.06 -46.24 -35.80
C ILE A 403 53.26 -45.56 -35.14
N VAL A 404 54.32 -45.31 -35.91
CA VAL A 404 55.50 -44.64 -35.37
C VAL A 404 55.88 -43.42 -36.21
N ALA A 405 55.31 -43.31 -37.42
CA ALA A 405 55.61 -42.17 -38.28
C ALA A 405 54.69 -42.10 -39.50
N VAL A 406 54.63 -40.92 -40.10
CA VAL A 406 53.84 -40.69 -41.30
C VAL A 406 54.73 -39.96 -42.29
N GLN A 407 54.81 -40.47 -43.51
CA GLN A 407 55.63 -39.86 -44.54
C GLN A 407 54.75 -39.00 -45.45
N PHE A 408 55.17 -37.75 -45.68
CA PHE A 408 54.42 -36.83 -46.53
C PHE A 408 55.24 -36.35 -47.71
N VAL A 409 54.57 -35.67 -48.63
CA VAL A 409 55.20 -35.07 -49.81
C VAL A 409 54.81 -33.60 -49.77
N ARG A 410 55.72 -32.74 -50.20
CA ARG A 410 55.46 -31.31 -50.22
C ARG A 410 54.42 -30.96 -51.28
N THR A 411 53.69 -29.87 -51.06
CA THR A 411 52.68 -29.41 -52.01
C THR A 411 52.98 -27.97 -52.42
N GLU A 412 52.53 -27.58 -53.61
CA GLU A 412 52.74 -26.22 -54.11
C GLU A 412 51.56 -25.74 -54.96
N GLN A 413 51.53 -24.43 -55.20
CA GLN A 413 50.52 -23.80 -56.04
C GLN A 413 51.28 -23.25 -57.24
N ASP A 414 50.84 -23.59 -58.45
CA ASP A 414 51.54 -23.13 -59.65
C ASP A 414 50.92 -21.93 -60.34
N GLU A 415 51.58 -21.50 -61.42
CA GLU A 415 51.12 -20.38 -62.22
C GLU A 415 49.83 -20.74 -62.93
N THR A 416 48.82 -21.15 -62.16
CA THR A 416 47.52 -21.55 -62.72
C THR A 416 46.47 -21.62 -61.60
N GLY A 417 46.92 -21.85 -60.37
CA GLY A 417 45.99 -21.94 -59.26
C GLY A 417 45.77 -23.38 -58.86
N LYS A 418 46.44 -24.27 -59.58
CA LYS A 418 46.37 -25.70 -59.35
C LYS A 418 47.37 -26.14 -58.28
N TRP A 419 46.96 -27.08 -57.43
CA TRP A 419 47.84 -27.57 -56.39
C TRP A 419 48.55 -28.84 -56.84
N ASN A 420 49.88 -28.82 -56.80
CA ASN A 420 50.68 -29.98 -57.20
C ASN A 420 51.47 -30.54 -56.03
N GLU A 421 51.88 -31.80 -56.16
CA GLU A 421 52.66 -32.47 -55.12
C GLU A 421 54.06 -32.77 -55.62
N ASP A 422 55.07 -32.40 -54.82
CA ASP A 422 56.46 -32.63 -55.19
C ASP A 422 56.97 -33.95 -54.59
N GLU A 423 57.05 -34.96 -55.45
CA GLU A 423 57.49 -36.30 -55.07
C GLU A 423 58.91 -36.39 -54.51
N ASP A 424 59.80 -35.54 -55.00
CA ASP A 424 61.20 -35.54 -54.57
C ASP A 424 61.42 -34.83 -53.24
N GLN A 425 60.40 -34.14 -52.76
CA GLN A 425 60.49 -33.40 -51.51
C GLN A 425 59.56 -34.04 -50.49
N ILE A 426 60.13 -34.86 -49.61
CA ILE A 426 59.35 -35.57 -48.62
C ILE A 426 59.68 -35.25 -47.16
N VAL A 427 58.77 -35.66 -46.28
CA VAL A 427 58.93 -35.45 -44.86
C VAL A 427 58.58 -36.72 -44.08
N HIS A 428 59.44 -37.08 -43.14
CA HIS A 428 59.23 -38.27 -42.30
C HIS A 428 58.93 -37.76 -40.88
N LEU A 429 57.65 -37.61 -40.57
CA LEU A 429 57.25 -37.10 -39.26
C LEU A 429 56.92 -38.20 -38.26
N LYS A 430 57.66 -38.24 -37.17
CA LYS A 430 57.42 -39.23 -36.12
C LYS A 430 56.10 -38.93 -35.45
N ALA A 431 55.32 -39.97 -35.17
CA ALA A 431 54.03 -39.81 -34.53
C ALA A 431 53.55 -41.14 -33.98
N ASP A 432 52.74 -41.09 -32.92
CA ASP A 432 52.21 -42.29 -32.29
C ASP A 432 50.72 -42.43 -32.57
N VAL A 433 50.08 -41.31 -32.88
CA VAL A 433 48.64 -41.30 -33.17
C VAL A 433 48.36 -40.41 -34.36
N VAL A 434 47.46 -40.87 -35.23
CA VAL A 434 47.07 -40.12 -36.41
C VAL A 434 45.56 -40.01 -36.44
N ILE A 435 45.06 -38.78 -36.59
CA ILE A 435 43.63 -38.53 -36.62
C ILE A 435 43.28 -37.79 -37.92
N SER A 436 42.52 -38.43 -38.80
CA SER A 436 42.15 -37.78 -40.05
C SER A 436 40.90 -36.96 -39.79
N ALA A 437 40.97 -35.68 -40.15
CA ALA A 437 39.86 -34.76 -39.94
C ALA A 437 39.60 -33.95 -41.21
N PHE A 438 39.48 -34.66 -42.33
CA PHE A 438 39.24 -34.05 -43.63
C PHE A 438 37.80 -33.58 -43.81
N GLY A 439 36.91 -34.06 -42.96
CA GLY A 439 35.52 -33.66 -43.06
C GLY A 439 34.58 -34.86 -43.07
N SER A 440 33.35 -34.64 -43.50
CA SER A 440 32.36 -35.72 -43.54
C SER A 440 31.60 -35.75 -44.86
N VAL A 441 30.92 -36.87 -45.11
CA VAL A 441 30.15 -37.07 -46.34
C VAL A 441 29.03 -38.07 -46.07
N LEU A 442 28.19 -38.28 -47.09
CA LEU A 442 27.11 -39.24 -47.03
C LEU A 442 27.43 -40.30 -48.08
N ARG A 443 27.69 -41.53 -47.63
CA ARG A 443 28.04 -42.60 -48.56
C ARG A 443 27.19 -43.86 -48.46
N ASP A 444 26.74 -44.17 -47.26
CA ASP A 444 25.95 -45.37 -47.02
C ASP A 444 24.90 -45.61 -48.12
N PRO A 445 25.10 -46.63 -48.96
CA PRO A 445 24.14 -46.91 -50.02
C PRO A 445 22.74 -47.19 -49.49
N LYS A 446 22.66 -47.82 -48.31
CA LYS A 446 21.37 -48.14 -47.71
C LYS A 446 20.59 -46.90 -47.27
N VAL A 447 21.32 -45.87 -46.86
CA VAL A 447 20.68 -44.63 -46.43
C VAL A 447 20.19 -43.88 -47.67
N LYS A 448 21.02 -43.83 -48.69
CA LYS A 448 20.64 -43.15 -49.93
C LYS A 448 19.42 -43.84 -50.54
N GLU A 449 19.42 -45.16 -50.52
CA GLU A 449 18.31 -45.93 -51.06
C GLU A 449 17.01 -45.65 -50.30
N ALA A 450 17.13 -45.40 -48.99
CA ALA A 450 15.97 -45.13 -48.17
C ALA A 450 15.31 -43.81 -48.54
N LEU A 451 16.02 -42.98 -49.30
CA LEU A 451 15.51 -41.68 -49.73
C LEU A 451 14.89 -41.73 -51.12
N SER A 452 14.76 -42.93 -51.67
CA SER A 452 14.15 -43.06 -52.99
C SER A 452 12.72 -42.53 -52.92
N PRO A 453 12.24 -41.86 -53.98
CA PRO A 453 12.96 -41.59 -55.22
C PRO A 453 13.41 -40.13 -55.40
N ILE A 454 13.75 -39.44 -54.32
CA ILE A 454 14.15 -38.04 -54.48
C ILE A 454 15.42 -37.90 -55.31
N LYS A 455 15.53 -36.79 -56.02
CA LYS A 455 16.68 -36.53 -56.87
C LYS A 455 17.90 -36.12 -56.07
N PHE A 456 19.05 -36.60 -56.50
CA PHE A 456 20.33 -36.27 -55.87
C PHE A 456 21.11 -35.47 -56.90
N ASN A 457 21.91 -34.52 -56.42
CA ASN A 457 22.69 -33.69 -57.31
C ASN A 457 24.08 -34.23 -57.59
N ARG A 458 24.82 -33.41 -58.33
CA ARG A 458 26.21 -33.60 -58.73
C ARG A 458 27.07 -34.14 -57.57
N TRP A 459 26.84 -33.58 -56.40
CA TRP A 459 27.59 -33.94 -55.19
C TRP A 459 27.02 -35.15 -54.47
N ASP A 460 26.07 -35.82 -55.13
CA ASP A 460 25.41 -37.00 -54.58
C ASP A 460 24.75 -36.71 -53.24
N LEU A 461 24.11 -35.55 -53.14
CA LEU A 461 23.40 -35.15 -51.94
C LEU A 461 21.97 -34.81 -52.36
N PRO A 462 21.01 -34.91 -51.43
CA PRO A 462 19.61 -34.61 -51.76
C PRO A 462 19.50 -33.20 -52.34
N GLU A 463 18.85 -33.07 -53.48
CA GLU A 463 18.67 -31.78 -54.11
C GLU A 463 17.43 -31.08 -53.56
N VAL A 464 17.56 -29.83 -53.20
CA VAL A 464 16.41 -29.08 -52.67
C VAL A 464 16.34 -27.68 -53.26
N ASP A 465 15.14 -27.12 -53.24
CA ASP A 465 14.93 -25.76 -53.73
C ASP A 465 15.51 -24.92 -52.59
N PRO A 466 16.49 -24.06 -52.89
CA PRO A 466 17.11 -23.22 -51.86
C PRO A 466 16.19 -22.29 -51.08
N GLU A 467 15.00 -22.04 -51.61
CA GLU A 467 14.05 -21.16 -50.94
C GLU A 467 13.04 -21.93 -50.08
N THR A 468 12.58 -23.06 -50.57
CA THR A 468 11.58 -23.85 -49.86
C THR A 468 12.12 -25.07 -49.10
N MET A 469 13.34 -25.47 -49.43
CA MET A 469 14.00 -26.62 -48.82
C MET A 469 13.28 -27.91 -49.23
N GLN A 470 12.45 -27.82 -50.26
CA GLN A 470 11.68 -28.97 -50.74
C GLN A 470 12.50 -29.81 -51.73
N THR A 471 12.42 -31.13 -51.60
CA THR A 471 13.14 -32.03 -52.50
C THR A 471 12.27 -32.23 -53.75
N SER A 472 12.66 -33.18 -54.61
CA SER A 472 11.89 -33.43 -55.82
C SER A 472 10.51 -34.03 -55.49
N GLU A 473 10.38 -34.56 -54.27
CA GLU A 473 9.10 -35.11 -53.82
C GLU A 473 8.50 -34.01 -52.94
N PRO A 474 7.33 -33.47 -53.33
CA PRO A 474 6.65 -32.40 -52.60
C PRO A 474 6.42 -32.55 -51.10
N TRP A 475 6.30 -33.78 -50.61
CA TRP A 475 6.07 -33.98 -49.18
C TRP A 475 7.35 -34.18 -48.39
N VAL A 476 8.49 -34.14 -49.09
CA VAL A 476 9.78 -34.34 -48.45
C VAL A 476 10.68 -33.11 -48.55
N PHE A 477 11.21 -32.69 -47.41
CA PHE A 477 12.08 -31.54 -47.34
C PHE A 477 13.41 -31.95 -46.71
N ALA A 478 14.43 -31.11 -46.83
CA ALA A 478 15.72 -31.42 -46.25
C ALA A 478 16.47 -30.16 -45.86
N GLY A 479 17.34 -30.28 -44.86
CA GLY A 479 18.10 -29.12 -44.42
C GLY A 479 19.27 -29.52 -43.55
N GLY A 480 20.19 -28.59 -43.33
CA GLY A 480 21.35 -28.87 -42.52
C GLY A 480 22.53 -29.34 -43.36
N ASP A 481 23.51 -29.96 -42.71
CA ASP A 481 24.69 -30.44 -43.41
C ASP A 481 24.39 -31.34 -44.62
N ILE A 482 23.30 -32.11 -44.55
CA ILE A 482 22.97 -33.00 -45.65
C ILE A 482 22.73 -32.31 -46.98
N VAL A 483 22.33 -31.05 -46.95
CA VAL A 483 22.08 -30.30 -48.18
C VAL A 483 23.41 -29.88 -48.80
N GLY A 484 24.46 -29.83 -47.98
CA GLY A 484 25.78 -29.47 -48.45
C GLY A 484 26.03 -28.02 -48.83
N MET A 485 25.21 -27.10 -48.35
CA MET A 485 25.38 -25.70 -48.68
C MET A 485 26.23 -24.95 -47.64
N ALA A 486 26.09 -25.34 -46.38
CA ALA A 486 26.84 -24.71 -45.32
C ALA A 486 27.24 -25.71 -44.24
N ASN A 487 28.11 -25.29 -43.34
CA ASN A 487 28.57 -26.15 -42.26
C ASN A 487 28.62 -25.43 -40.92
N THR A 488 27.51 -24.82 -40.53
CA THR A 488 27.45 -24.14 -39.23
C THR A 488 26.14 -24.52 -38.55
N THR A 489 26.15 -24.46 -37.23
CA THR A 489 24.96 -24.79 -36.46
C THR A 489 23.83 -23.81 -36.80
N VAL A 490 24.15 -22.52 -36.86
CA VAL A 490 23.13 -21.53 -37.15
C VAL A 490 22.51 -21.65 -38.53
N GLU A 491 23.30 -22.01 -39.54
CA GLU A 491 22.75 -22.17 -40.88
C GLU A 491 21.88 -23.43 -40.94
N SER A 492 22.23 -24.44 -40.15
CA SER A 492 21.45 -25.67 -40.11
C SER A 492 20.12 -25.35 -39.43
N VAL A 493 20.18 -24.55 -38.37
CA VAL A 493 18.98 -24.14 -37.65
C VAL A 493 18.10 -23.34 -38.61
N ASN A 494 18.73 -22.47 -39.40
CA ASN A 494 17.97 -21.67 -40.33
C ASN A 494 17.31 -22.52 -41.41
N ASP A 495 18.00 -23.58 -41.85
CA ASP A 495 17.45 -24.47 -42.88
C ASP A 495 16.15 -25.10 -42.36
N GLY A 496 16.17 -25.52 -41.09
CA GLY A 496 14.99 -26.13 -40.51
C GLY A 496 13.86 -25.12 -40.37
N LYS A 497 14.24 -23.89 -40.02
CA LYS A 497 13.31 -22.78 -39.86
C LYS A 497 12.65 -22.49 -41.20
N GLN A 498 13.48 -22.34 -42.23
CA GLN A 498 13.00 -22.06 -43.58
C GLN A 498 12.05 -23.17 -44.05
N ALA A 499 12.46 -24.41 -43.82
CA ALA A 499 11.65 -25.55 -44.23
C ALA A 499 10.30 -25.63 -43.53
N SER A 500 10.27 -25.30 -42.23
CA SER A 500 9.02 -25.37 -41.48
C SER A 500 7.88 -24.59 -42.13
N TRP A 501 8.17 -23.41 -42.66
CA TRP A 501 7.09 -22.63 -43.27
C TRP A 501 6.53 -23.29 -44.51
N TYR A 502 7.40 -23.83 -45.36
CA TYR A 502 6.92 -24.47 -46.58
C TYR A 502 6.32 -25.86 -46.34
N ILE A 503 6.71 -26.50 -45.23
CA ILE A 503 6.14 -27.80 -44.88
C ILE A 503 4.71 -27.48 -44.45
N HIS A 504 4.58 -26.41 -43.68
CA HIS A 504 3.29 -25.92 -43.20
C HIS A 504 2.40 -25.63 -44.40
N LYS A 505 2.94 -24.88 -45.35
CA LYS A 505 2.19 -24.53 -46.56
C LYS A 505 1.74 -25.78 -47.29
N TYR A 506 2.65 -26.73 -47.45
CA TYR A 506 2.34 -27.97 -48.15
C TYR A 506 1.23 -28.78 -47.47
N ILE A 507 1.38 -29.00 -46.17
CA ILE A 507 0.40 -29.76 -45.41
C ILE A 507 -0.98 -29.10 -45.45
N GLN A 508 -1.02 -27.79 -45.23
CA GLN A 508 -2.29 -27.07 -45.25
C GLN A 508 -2.98 -27.27 -46.61
N ALA A 509 -2.20 -27.18 -47.68
CA ALA A 509 -2.74 -27.35 -49.03
C ALA A 509 -3.31 -28.76 -49.23
N GLN A 510 -2.66 -29.76 -48.64
CA GLN A 510 -3.12 -31.15 -48.76
C GLN A 510 -4.49 -31.30 -48.09
N TYR A 511 -4.76 -30.45 -47.11
CA TYR A 511 -6.04 -30.50 -46.42
C TYR A 511 -7.00 -29.44 -46.94
N GLY A 512 -6.66 -28.88 -48.10
CA GLY A 512 -7.52 -27.88 -48.72
C GLY A 512 -7.55 -26.51 -48.07
N ALA A 513 -6.48 -26.15 -47.38
CA ALA A 513 -6.41 -24.86 -46.71
C ALA A 513 -5.27 -24.02 -47.27
N SER A 514 -5.47 -22.71 -47.31
CA SER A 514 -4.45 -21.80 -47.82
C SER A 514 -3.70 -21.15 -46.66
N VAL A 515 -2.56 -20.53 -46.97
CA VAL A 515 -1.76 -19.85 -45.97
C VAL A 515 -1.40 -18.47 -46.47
N SER A 516 -1.09 -17.56 -45.55
CA SER A 516 -0.74 -16.19 -45.92
C SER A 516 0.41 -16.18 -46.94
N ALA A 517 0.36 -15.23 -47.87
CA ALA A 517 1.39 -15.10 -48.88
C ALA A 517 2.69 -14.70 -48.18
N LYS A 518 2.55 -13.96 -47.09
CA LYS A 518 3.69 -13.50 -46.32
C LYS A 518 3.95 -14.46 -45.16
N PRO A 519 5.15 -15.04 -45.09
CA PRO A 519 5.52 -15.98 -44.03
C PRO A 519 5.21 -15.44 -42.64
N GLU A 520 4.62 -16.29 -41.79
CA GLU A 520 4.28 -15.86 -40.44
C GLU A 520 4.68 -16.88 -39.37
N LEU A 521 5.97 -17.13 -39.23
CA LEU A 521 6.44 -18.06 -38.21
C LEU A 521 6.24 -17.38 -36.86
N PRO A 522 5.69 -18.11 -35.87
CA PRO A 522 5.45 -17.55 -34.54
C PRO A 522 6.72 -17.27 -33.75
N LEU A 523 6.59 -16.38 -32.77
CA LEU A 523 7.69 -16.02 -31.89
C LEU A 523 7.79 -17.10 -30.80
N PHE A 524 8.73 -16.90 -29.88
CA PHE A 524 8.96 -17.82 -28.76
C PHE A 524 8.20 -17.28 -27.55
N TYR A 525 7.44 -18.14 -26.87
CA TYR A 525 6.66 -17.73 -25.70
C TYR A 525 6.89 -18.58 -24.45
N THR A 526 6.66 -17.97 -23.29
CA THR A 526 6.79 -18.64 -22.01
C THR A 526 5.67 -18.09 -21.12
N PRO A 527 5.46 -18.67 -19.93
CA PRO A 527 4.40 -18.19 -19.03
C PRO A 527 4.57 -16.73 -18.63
N VAL A 528 5.80 -16.23 -18.69
CA VAL A 528 6.07 -14.84 -18.33
C VAL A 528 5.25 -13.90 -19.20
N ASP A 529 5.05 -14.29 -20.45
CA ASP A 529 4.30 -13.47 -21.39
C ASP A 529 2.83 -13.31 -21.04
N LEU A 530 2.32 -14.16 -20.15
CA LEU A 530 0.92 -14.10 -19.74
C LEU A 530 0.71 -13.15 -18.57
N VAL A 531 1.81 -12.65 -17.99
CA VAL A 531 1.72 -11.74 -16.85
C VAL A 531 1.01 -10.44 -17.18
N ASP A 532 0.05 -10.08 -16.36
CA ASP A 532 -0.73 -8.86 -16.56
C ASP A 532 0.01 -7.65 -15.98
N ILE A 533 0.33 -6.68 -16.83
CA ILE A 533 1.01 -5.48 -16.35
C ILE A 533 0.16 -4.23 -16.49
N SER A 534 -1.15 -4.41 -16.48
CA SER A 534 -2.06 -3.27 -16.58
C SER A 534 -2.16 -2.62 -15.21
N VAL A 535 -2.62 -1.37 -15.18
CA VAL A 535 -2.77 -0.66 -13.92
C VAL A 535 -3.84 0.41 -14.06
N GLU A 536 -4.57 0.65 -12.99
CA GLU A 536 -5.62 1.67 -13.00
C GLU A 536 -5.17 2.82 -12.12
N MET A 537 -5.36 4.04 -12.60
CA MET A 537 -4.97 5.24 -11.85
C MET A 537 -5.94 6.36 -12.18
N ALA A 538 -6.46 7.00 -11.13
CA ALA A 538 -7.40 8.11 -11.28
C ALA A 538 -8.57 7.76 -12.18
N GLY A 539 -9.04 6.52 -12.07
CA GLY A 539 -10.17 6.08 -12.87
C GLY A 539 -9.83 5.70 -14.30
N LEU A 540 -8.56 5.82 -14.67
CA LEU A 540 -8.12 5.49 -16.02
C LEU A 540 -7.46 4.13 -16.05
N LYS A 541 -7.72 3.37 -17.12
CA LYS A 541 -7.14 2.05 -17.28
C LYS A 541 -5.98 2.08 -18.27
N PHE A 542 -4.78 1.74 -17.79
CA PHE A 542 -3.60 1.72 -18.65
C PHE A 542 -3.27 0.26 -18.95
N ILE A 543 -3.06 -0.07 -20.23
CA ILE A 543 -2.75 -1.44 -20.61
C ILE A 543 -1.37 -1.87 -20.10
N ASN A 544 -0.49 -0.88 -19.93
CA ASN A 544 0.84 -1.08 -19.34
C ASN A 544 1.20 0.28 -18.73
N PRO A 545 2.10 0.30 -17.74
CA PRO A 545 2.47 1.55 -17.09
C PRO A 545 3.42 2.50 -17.80
N PHE A 546 3.85 2.16 -19.01
CA PHE A 546 4.81 3.00 -19.71
C PHE A 546 4.18 3.97 -20.71
N GLY A 547 4.63 5.22 -20.65
CA GLY A 547 4.12 6.22 -21.56
C GLY A 547 5.16 7.26 -21.96
N LEU A 548 4.88 7.98 -23.04
CA LEU A 548 5.80 9.02 -23.50
C LEU A 548 5.49 10.32 -22.77
N ALA A 549 6.53 10.92 -22.20
CA ALA A 549 6.39 12.19 -21.50
C ALA A 549 6.14 13.28 -22.54
N SER A 550 5.67 14.44 -22.10
CA SER A 550 5.46 15.59 -22.98
C SER A 550 6.87 16.05 -23.28
N ALA A 551 7.37 15.79 -24.49
CA ALA A 551 8.74 16.16 -24.84
C ALA A 551 9.02 15.96 -26.32
N ALA A 552 10.31 15.86 -26.69
CA ALA A 552 10.72 15.70 -28.09
C ALA A 552 10.12 14.48 -28.79
N PRO A 553 9.94 13.36 -28.05
CA PRO A 553 9.37 12.15 -28.67
C PRO A 553 7.90 12.33 -29.01
N THR A 554 7.28 13.40 -28.50
CA THR A 554 5.88 13.66 -28.81
C THR A 554 5.74 15.00 -29.52
N THR A 555 6.76 15.34 -30.31
CA THR A 555 6.79 16.59 -31.08
C THR A 555 5.61 16.63 -32.05
N SER A 556 5.26 15.49 -32.62
CA SER A 556 4.15 15.40 -33.56
C SER A 556 3.24 14.23 -33.20
N SER A 557 1.94 14.39 -33.47
CA SER A 557 0.98 13.34 -33.15
C SER A 557 1.23 12.08 -33.98
N SER A 558 1.87 12.22 -35.13
CA SER A 558 2.17 11.08 -35.99
C SER A 558 3.16 10.16 -35.27
N MET A 559 3.98 10.77 -34.41
CA MET A 559 4.96 10.02 -33.63
C MET A 559 4.25 9.25 -32.52
N ILE A 560 3.26 9.89 -31.89
CA ILE A 560 2.49 9.23 -30.84
C ILE A 560 1.79 8.01 -31.45
N ARG A 561 1.27 8.16 -32.67
CA ARG A 561 0.58 7.07 -33.35
C ARG A 561 1.52 5.87 -33.49
N ARG A 562 2.75 6.12 -33.95
CA ARG A 562 3.70 5.04 -34.12
C ARG A 562 4.09 4.44 -32.76
N ALA A 563 4.11 5.27 -31.72
CA ALA A 563 4.45 4.80 -30.38
C ALA A 563 3.33 3.86 -29.90
N PHE A 564 2.08 4.20 -30.17
CA PHE A 564 0.98 3.34 -29.75
C PHE A 564 1.03 2.05 -30.57
N GLU A 565 1.39 2.16 -31.85
CA GLU A 565 1.49 0.98 -32.69
C GLU A 565 2.58 0.06 -32.17
N ALA A 566 3.61 0.65 -31.55
CA ALA A 566 4.72 -0.11 -30.99
C ALA A 566 4.30 -0.79 -29.68
N GLY A 567 3.31 -0.22 -29.00
CA GLY A 567 2.84 -0.80 -27.76
C GLY A 567 2.85 0.06 -26.52
N TRP A 568 3.24 1.33 -26.63
CA TRP A 568 3.25 2.21 -25.46
C TRP A 568 1.87 2.33 -24.85
N GLY A 569 1.80 2.22 -23.53
CA GLY A 569 0.52 2.30 -22.84
C GLY A 569 -0.19 3.63 -22.92
N PHE A 570 0.58 4.71 -22.87
CA PHE A 570 0.00 6.04 -22.94
C PHE A 570 0.99 7.06 -23.48
N ALA A 571 0.52 8.27 -23.72
CA ALA A 571 1.38 9.32 -24.25
C ALA A 571 0.83 10.69 -23.93
N LEU A 572 1.75 11.63 -23.73
CA LEU A 572 1.43 13.01 -23.46
C LEU A 572 1.67 13.76 -24.76
N THR A 573 0.86 14.75 -25.06
CA THR A 573 1.11 15.56 -26.23
C THR A 573 2.18 16.51 -25.75
N LYS A 574 2.97 17.06 -26.68
CA LYS A 574 3.96 18.06 -26.33
C LYS A 574 3.03 19.15 -25.73
N THR A 575 3.53 19.98 -24.82
CA THR A 575 2.70 21.03 -24.21
C THR A 575 2.25 22.06 -25.24
N PHE A 576 0.95 22.35 -25.28
CA PHE A 576 0.47 23.35 -26.23
C PHE A 576 -0.34 24.41 -25.51
N SER A 577 -0.58 25.53 -26.20
CA SER A 577 -1.32 26.63 -25.60
C SER A 577 -2.22 27.34 -26.60
N LEU A 578 -2.85 28.42 -26.14
CA LEU A 578 -3.73 29.20 -26.98
C LEU A 578 -2.91 29.92 -28.05
N ASP A 579 -3.56 30.29 -29.15
CA ASP A 579 -2.89 30.98 -30.26
C ASP A 579 -2.08 32.20 -29.84
N LYS A 580 -2.61 32.98 -28.91
CA LYS A 580 -1.93 34.18 -28.45
C LYS A 580 -0.60 33.91 -27.75
N ASP A 581 -0.38 32.68 -27.33
CA ASP A 581 0.85 32.32 -26.64
C ASP A 581 1.84 31.59 -27.55
N ILE A 582 1.62 31.70 -28.86
CA ILE A 582 2.48 31.06 -29.85
C ILE A 582 3.95 31.39 -29.61
N VAL A 583 4.82 30.41 -29.79
CA VAL A 583 6.25 30.60 -29.58
C VAL A 583 7.08 30.15 -30.77
N THR A 584 8.37 30.48 -30.73
CA THR A 584 9.30 30.10 -31.78
C THR A 584 10.58 29.59 -31.10
N ASN A 585 10.93 28.35 -31.38
CA ASN A 585 12.13 27.76 -30.81
C ASN A 585 13.40 28.33 -31.43
N VAL A 586 14.50 28.20 -30.69
CA VAL A 586 15.80 28.65 -31.17
C VAL A 586 16.58 27.36 -31.43
N SER A 587 17.75 27.49 -32.02
CA SER A 587 18.59 26.34 -32.30
C SER A 587 20.05 26.79 -32.27
N PRO A 588 20.96 25.95 -31.75
CA PRO A 588 20.72 24.62 -31.19
C PRO A 588 19.93 24.70 -29.87
N ARG A 589 19.26 23.61 -29.49
CA ARG A 589 18.51 23.66 -28.24
C ARG A 589 18.49 22.39 -27.39
N ILE A 590 19.02 21.30 -27.91
CA ILE A 590 19.07 20.05 -27.13
C ILE A 590 20.48 19.51 -27.24
N VAL A 591 21.15 19.37 -26.10
CA VAL A 591 22.52 18.89 -26.10
C VAL A 591 22.73 17.69 -25.19
N ARG A 592 23.78 16.93 -25.44
CA ARG A 592 24.08 15.74 -24.64
C ARG A 592 24.62 16.17 -23.29
N GLY A 593 24.46 15.29 -22.30
CA GLY A 593 24.94 15.59 -20.97
C GLY A 593 26.44 15.35 -20.85
N THR A 594 27.06 16.06 -19.91
CA THR A 594 28.48 15.92 -19.65
C THR A 594 28.61 15.29 -18.27
N THR A 595 27.47 14.81 -17.78
CA THR A 595 27.34 14.20 -16.46
C THR A 595 28.08 12.88 -16.24
N SER A 596 28.59 12.26 -17.29
CA SER A 596 29.34 11.01 -17.14
C SER A 596 30.61 10.98 -18.00
N GLY A 597 31.18 12.16 -18.22
CA GLY A 597 32.42 12.24 -18.98
C GLY A 597 32.28 12.22 -20.48
N PRO A 598 33.42 12.23 -21.20
CA PRO A 598 33.47 12.21 -22.66
C PRO A 598 33.16 10.85 -23.28
N MET A 599 31.95 10.36 -23.01
CA MET A 599 31.48 9.09 -23.55
C MET A 599 30.37 9.47 -24.52
N TYR A 600 30.57 9.15 -25.80
CA TYR A 600 29.60 9.50 -26.83
C TYR A 600 28.85 8.30 -27.38
N GLY A 601 27.71 8.58 -28.01
CA GLY A 601 26.91 7.52 -28.59
C GLY A 601 25.78 7.07 -27.69
N PRO A 602 25.55 5.76 -27.60
CA PRO A 602 24.47 5.21 -26.77
C PRO A 602 24.54 5.51 -25.27
N GLY A 603 23.37 5.52 -24.64
CA GLY A 603 23.29 5.74 -23.21
C GLY A 603 23.79 7.03 -22.62
N GLN A 604 23.48 8.16 -23.25
CA GLN A 604 23.90 9.44 -22.67
C GLN A 604 23.23 9.50 -21.30
N SER A 605 23.99 9.89 -20.29
CA SER A 605 23.46 9.94 -18.92
C SER A 605 22.52 11.11 -18.65
N SER A 606 22.41 12.01 -19.61
CA SER A 606 21.49 13.14 -19.48
C SER A 606 21.50 13.97 -20.76
N PHE A 607 20.56 14.91 -20.82
CA PHE A 607 20.45 15.84 -21.92
C PHE A 607 20.05 17.15 -21.26
N LEU A 608 20.31 18.26 -21.94
CA LEU A 608 19.88 19.56 -21.44
C LEU A 608 19.15 20.19 -22.61
N ASN A 609 18.03 20.83 -22.33
CA ASN A 609 17.27 21.45 -23.41
C ASN A 609 16.82 22.84 -23.03
N ILE A 610 16.69 23.70 -24.03
CA ILE A 610 16.18 25.05 -23.83
C ILE A 610 15.01 25.17 -24.81
N GLU A 611 14.29 24.07 -24.97
CA GLU A 611 13.14 24.04 -25.87
C GLU A 611 11.93 24.68 -25.18
N LEU A 612 11.01 25.21 -25.98
CA LEU A 612 9.80 25.83 -25.45
C LEU A 612 8.64 24.87 -25.61
N ILE A 613 7.41 25.36 -25.45
CA ILE A 613 6.24 24.53 -25.63
C ILE A 613 6.14 24.21 -27.12
N SER A 614 5.16 23.40 -27.49
CA SER A 614 4.97 23.02 -28.88
C SER A 614 4.82 24.22 -29.80
N GLU A 615 5.42 24.13 -30.98
CA GLU A 615 5.30 25.19 -31.96
C GLU A 615 4.04 24.95 -32.79
N LYS A 616 3.41 23.81 -32.56
CA LYS A 616 2.17 23.48 -33.27
C LYS A 616 0.97 24.01 -32.50
N THR A 617 -0.05 24.42 -33.25
CA THR A 617 -1.25 25.01 -32.66
C THR A 617 -2.15 24.09 -31.86
N ALA A 618 -2.98 24.70 -31.02
CA ALA A 618 -3.93 23.96 -30.20
C ALA A 618 -4.91 23.23 -31.10
N ALA A 619 -5.21 23.83 -32.25
CA ALA A 619 -6.14 23.23 -33.20
C ALA A 619 -5.55 21.92 -33.70
N TYR A 620 -4.26 21.94 -34.03
CA TYR A 620 -3.56 20.74 -34.50
C TYR A 620 -3.61 19.66 -33.44
N TRP A 621 -3.25 20.02 -32.21
CA TRP A 621 -3.22 19.06 -31.13
C TRP A 621 -4.59 18.50 -30.75
N CYS A 622 -5.61 19.36 -30.73
CA CYS A 622 -6.94 18.88 -30.37
C CYS A 622 -7.48 17.94 -31.44
N GLN A 623 -7.27 18.27 -32.72
CA GLN A 623 -7.75 17.38 -33.76
C GLN A 623 -6.96 16.08 -33.70
N SER A 624 -5.68 16.19 -33.40
CA SER A 624 -4.81 15.03 -33.29
C SER A 624 -5.29 14.10 -32.19
N VAL A 625 -5.64 14.68 -31.05
CA VAL A 625 -6.12 13.89 -29.93
C VAL A 625 -7.38 13.13 -30.32
N THR A 626 -8.29 13.80 -31.03
CA THR A 626 -9.52 13.14 -31.46
C THR A 626 -9.18 11.96 -32.36
N GLU A 627 -8.24 12.17 -33.27
CA GLU A 627 -7.81 11.12 -34.19
C GLU A 627 -7.17 9.95 -33.46
N LEU A 628 -6.25 10.26 -32.55
CA LEU A 628 -5.56 9.24 -31.79
C LEU A 628 -6.50 8.41 -30.92
N LYS A 629 -7.44 9.07 -30.25
CA LYS A 629 -8.38 8.34 -29.40
C LYS A 629 -9.36 7.50 -30.23
N ALA A 630 -9.64 7.95 -31.44
CA ALA A 630 -10.54 7.22 -32.31
C ALA A 630 -9.88 5.92 -32.76
N ASP A 631 -8.60 5.99 -33.09
CA ASP A 631 -7.85 4.83 -33.56
C ASP A 631 -7.22 3.97 -32.47
N PHE A 632 -7.00 4.54 -31.29
CA PHE A 632 -6.39 3.81 -30.19
C PHE A 632 -7.18 4.06 -28.91
N PRO A 633 -8.44 3.60 -28.88
CA PRO A 633 -9.31 3.79 -27.72
C PRO A 633 -8.79 3.25 -26.38
N ASP A 634 -7.94 2.23 -26.42
CA ASP A 634 -7.40 1.67 -25.18
C ASP A 634 -6.09 2.29 -24.74
N ASN A 635 -5.49 3.11 -25.60
CA ASN A 635 -4.24 3.78 -25.23
C ASN A 635 -4.61 5.14 -24.66
N ILE A 636 -4.07 5.44 -23.48
CA ILE A 636 -4.37 6.71 -22.82
C ILE A 636 -3.64 7.90 -23.43
N VAL A 637 -4.39 8.94 -23.75
CA VAL A 637 -3.83 10.15 -24.32
C VAL A 637 -4.09 11.29 -23.35
N ILE A 638 -3.01 11.91 -22.88
CA ILE A 638 -3.10 13.01 -21.94
C ILE A 638 -2.64 14.28 -22.62
N ALA A 639 -3.48 15.31 -22.61
CA ALA A 639 -3.13 16.57 -23.25
C ALA A 639 -2.38 17.47 -22.28
N SER A 640 -1.16 17.85 -22.65
CA SER A 640 -0.37 18.74 -21.79
C SER A 640 -0.64 20.15 -22.28
N ILE A 641 -1.06 21.01 -21.36
CA ILE A 641 -1.39 22.39 -21.71
C ILE A 641 -0.74 23.41 -20.77
N MET A 642 -0.59 24.63 -21.26
CA MET A 642 0.00 25.69 -20.45
C MET A 642 -0.60 27.05 -20.80
N CYS A 643 -0.84 27.85 -19.78
CA CYS A 643 -1.38 29.19 -19.93
C CYS A 643 -0.63 30.09 -18.96
N SER A 644 -0.76 31.40 -19.16
CA SER A 644 -0.13 32.35 -18.25
C SER A 644 -1.05 32.33 -17.03
N TYR A 645 -0.69 33.03 -15.97
CA TYR A 645 -1.52 33.04 -14.78
C TYR A 645 -2.80 33.83 -15.03
N ASN A 646 -3.73 33.21 -15.75
CA ASN A 646 -5.00 33.83 -16.11
C ASN A 646 -6.12 32.78 -16.06
N LYS A 647 -7.13 33.03 -15.24
CA LYS A 647 -8.25 32.11 -15.09
C LYS A 647 -8.99 31.77 -16.38
N ASN A 648 -9.39 32.80 -17.13
CA ASN A 648 -10.11 32.56 -18.38
C ASN A 648 -9.32 31.71 -19.37
N ASP A 649 -8.02 31.95 -19.46
CA ASP A 649 -7.17 31.18 -20.36
C ASP A 649 -7.12 29.71 -19.98
N TRP A 650 -6.80 29.42 -18.72
CA TRP A 650 -6.73 28.03 -18.27
C TRP A 650 -8.06 27.30 -18.49
N MET A 651 -9.17 27.98 -18.22
CA MET A 651 -10.48 27.34 -18.39
C MET A 651 -10.79 27.12 -19.88
N GLU A 652 -10.41 28.09 -20.71
CA GLU A 652 -10.67 27.97 -22.15
C GLU A 652 -9.86 26.83 -22.76
N LEU A 653 -8.56 26.82 -22.50
CA LEU A 653 -7.69 25.79 -23.05
C LEU A 653 -8.00 24.40 -22.52
N SER A 654 -8.27 24.28 -21.22
CA SER A 654 -8.57 22.98 -20.65
C SER A 654 -9.86 22.42 -21.26
N ARG A 655 -10.86 23.28 -21.43
CA ARG A 655 -12.12 22.84 -22.02
C ARG A 655 -11.93 22.42 -23.48
N LYS A 656 -11.05 23.11 -24.19
CA LYS A 656 -10.80 22.79 -25.59
C LYS A 656 -10.16 21.40 -25.67
N ALA A 657 -9.21 21.15 -24.77
CA ALA A 657 -8.52 19.86 -24.73
C ALA A 657 -9.49 18.74 -24.34
N GLU A 658 -10.34 19.01 -23.37
CA GLU A 658 -11.31 18.00 -22.93
C GLU A 658 -12.28 17.66 -24.07
N ALA A 659 -12.73 18.69 -24.77
CA ALA A 659 -13.67 18.50 -25.88
C ALA A 659 -13.08 17.66 -27.01
N SER A 660 -11.75 17.62 -27.12
CA SER A 660 -11.13 16.84 -28.18
C SER A 660 -11.16 15.34 -27.89
N GLY A 661 -11.49 14.98 -26.66
CA GLY A 661 -11.56 13.58 -26.30
C GLY A 661 -10.39 13.08 -25.46
N ALA A 662 -9.54 13.98 -24.98
CA ALA A 662 -8.41 13.59 -24.16
C ALA A 662 -8.88 12.83 -22.93
N ASP A 663 -8.15 11.79 -22.54
CA ASP A 663 -8.51 11.00 -21.36
C ASP A 663 -8.27 11.80 -20.09
N ALA A 664 -7.28 12.67 -20.14
CA ALA A 664 -6.93 13.51 -19.00
C ALA A 664 -6.06 14.67 -19.48
N LEU A 665 -5.78 15.59 -18.58
CA LEU A 665 -4.95 16.74 -18.90
C LEU A 665 -3.75 16.76 -17.97
N GLU A 666 -2.66 17.36 -18.43
CA GLU A 666 -1.47 17.52 -17.60
C GLU A 666 -1.19 19.00 -17.67
N LEU A 667 -1.14 19.65 -16.51
CA LEU A 667 -0.89 21.08 -16.47
C LEU A 667 0.60 21.37 -16.31
N ASN A 668 1.18 22.01 -17.32
CA ASN A 668 2.59 22.37 -17.28
C ASN A 668 2.69 23.67 -16.49
N LEU A 669 3.38 23.61 -15.35
CA LEU A 669 3.52 24.78 -14.49
C LEU A 669 4.83 25.53 -14.66
N SER A 670 5.34 25.56 -15.89
CA SER A 670 6.60 26.25 -16.17
C SER A 670 6.45 27.72 -16.52
N CYS A 671 5.22 28.17 -16.79
CA CYS A 671 5.03 29.56 -17.16
C CYS A 671 5.47 30.50 -16.04
N PRO A 672 6.27 31.54 -16.40
CA PRO A 672 6.77 32.52 -15.44
C PRO A 672 5.70 33.46 -14.91
N HIS A 673 5.99 34.10 -13.79
CA HIS A 673 5.08 35.03 -13.17
C HIS A 673 5.63 35.69 -11.90
N GLY A 674 5.40 37.00 -11.78
CA GLY A 674 5.84 37.73 -10.61
C GLY A 674 7.30 38.12 -10.64
N MET A 680 10.04 32.08 -3.83
CA MET A 680 8.90 31.57 -4.61
C MET A 680 9.31 31.25 -6.05
N GLY A 681 10.38 31.87 -6.51
CA GLY A 681 10.84 31.63 -7.87
C GLY A 681 10.16 32.50 -8.90
N LEU A 682 10.31 32.13 -10.17
CA LEU A 682 9.71 32.88 -11.27
C LEU A 682 8.56 32.11 -11.90
N ALA A 683 8.58 30.79 -11.75
CA ALA A 683 7.54 29.94 -12.34
C ALA A 683 6.36 29.67 -11.42
N CYS A 684 5.19 29.52 -12.02
CA CYS A 684 3.98 29.24 -11.25
C CYS A 684 4.14 27.98 -10.42
N GLY A 685 4.82 26.99 -11.00
CA GLY A 685 5.04 25.72 -10.31
C GLY A 685 5.90 25.81 -9.07
N GLN A 686 6.50 26.98 -8.82
CA GLN A 686 7.35 27.14 -7.65
C GLN A 686 6.63 27.82 -6.51
N ASP A 687 5.36 28.18 -6.72
CA ASP A 687 4.56 28.86 -5.69
C ASP A 687 3.28 28.07 -5.41
N PRO A 688 3.15 27.54 -4.19
CA PRO A 688 1.96 26.75 -3.81
C PRO A 688 0.64 27.48 -4.07
N GLU A 689 0.63 28.78 -3.80
CA GLU A 689 -0.57 29.58 -4.00
C GLU A 689 -1.03 29.58 -5.45
N LEU A 690 -0.11 29.85 -6.37
CA LEU A 690 -0.42 29.89 -7.78
C LEU A 690 -0.88 28.53 -8.27
N VAL A 691 -0.18 27.47 -7.85
CA VAL A 691 -0.53 26.13 -8.25
C VAL A 691 -1.94 25.77 -7.79
N ARG A 692 -2.26 26.10 -6.54
CA ARG A 692 -3.58 25.79 -6.01
C ARG A 692 -4.67 26.47 -6.83
N ASN A 693 -4.47 27.74 -7.15
CA ASN A 693 -5.45 28.48 -7.93
C ASN A 693 -5.61 27.94 -9.35
N ILE A 694 -4.49 27.64 -10.01
CA ILE A 694 -4.54 27.12 -11.36
C ILE A 694 -5.35 25.82 -11.39
N CYS A 695 -5.09 24.95 -10.42
CA CYS A 695 -5.80 23.69 -10.35
C CYS A 695 -7.29 23.92 -10.10
N ARG A 696 -7.60 24.95 -9.32
CA ARG A 696 -8.99 25.27 -9.04
C ARG A 696 -9.71 25.67 -10.31
N TRP A 697 -9.07 26.53 -11.10
CA TRP A 697 -9.66 27.00 -12.33
C TRP A 697 -9.94 25.84 -13.27
N VAL A 698 -8.96 24.95 -13.42
CA VAL A 698 -9.13 23.80 -14.31
C VAL A 698 -10.19 22.83 -13.78
N ARG A 699 -10.19 22.60 -12.47
CA ARG A 699 -11.15 21.68 -11.86
C ARG A 699 -12.60 22.10 -12.13
N GLN A 700 -12.86 23.41 -12.08
CA GLN A 700 -14.21 23.89 -12.31
C GLN A 700 -14.54 24.01 -13.79
N ALA A 701 -13.52 23.86 -14.64
CA ALA A 701 -13.71 23.96 -16.08
C ALA A 701 -13.95 22.62 -16.77
N VAL A 702 -13.31 21.57 -16.28
CA VAL A 702 -13.47 20.25 -16.88
C VAL A 702 -13.89 19.15 -15.91
N GLN A 703 -14.37 18.05 -16.48
CA GLN A 703 -14.82 16.92 -15.68
C GLN A 703 -13.80 15.77 -15.71
N ILE A 704 -12.98 15.73 -16.76
CA ILE A 704 -11.98 14.66 -16.86
C ILE A 704 -10.86 14.87 -15.85
N PRO A 705 -10.09 13.82 -15.56
CA PRO A 705 -8.99 13.95 -14.60
C PRO A 705 -7.88 14.83 -15.13
N PHE A 706 -7.16 15.48 -14.24
CA PHE A 706 -6.03 16.30 -14.66
C PHE A 706 -4.94 16.21 -13.61
N PHE A 707 -3.70 16.28 -14.08
CA PHE A 707 -2.55 16.17 -13.20
C PHE A 707 -1.67 17.39 -13.33
N ALA A 708 -1.14 17.85 -12.20
CA ALA A 708 -0.26 19.01 -12.20
C ALA A 708 1.17 18.52 -12.33
N LYS A 709 1.89 19.01 -13.32
CA LYS A 709 3.28 18.58 -13.49
C LYS A 709 4.15 19.50 -12.67
N LEU A 710 4.79 18.92 -11.65
CA LEU A 710 5.64 19.66 -10.74
C LEU A 710 7.07 19.82 -11.19
N THR A 711 7.68 20.93 -10.77
CA THR A 711 9.08 21.19 -11.07
C THR A 711 9.86 20.77 -9.85
N PRO A 712 11.05 20.17 -10.05
CA PRO A 712 11.87 19.73 -8.93
C PRO A 712 12.68 20.90 -8.36
N ASN A 713 12.64 22.02 -9.08
CA ASN A 713 13.38 23.21 -8.70
C ASN A 713 12.68 24.02 -7.62
N VAL A 714 12.39 23.36 -6.50
CA VAL A 714 11.73 24.00 -5.37
C VAL A 714 12.27 23.47 -4.05
N THR A 715 12.17 24.28 -3.01
CA THR A 715 12.65 23.89 -1.70
C THR A 715 11.84 22.71 -1.14
N ASP A 716 10.52 22.82 -1.26
CA ASP A 716 9.61 21.78 -0.74
C ASP A 716 8.59 21.38 -1.80
N ILE A 717 8.90 20.32 -2.55
CA ILE A 717 7.98 19.88 -3.59
C ILE A 717 6.67 19.34 -3.03
N VAL A 718 6.71 18.85 -1.79
CA VAL A 718 5.50 18.33 -1.17
C VAL A 718 4.47 19.44 -1.01
N SER A 719 4.93 20.64 -0.66
CA SER A 719 4.01 21.77 -0.48
C SER A 719 3.29 22.08 -1.79
N ILE A 720 3.98 21.89 -2.91
CA ILE A 720 3.38 22.16 -4.21
C ILE A 720 2.38 21.06 -4.56
N ALA A 721 2.76 19.81 -4.28
CA ALA A 721 1.88 18.67 -4.55
C ALA A 721 0.62 18.81 -3.72
N ARG A 722 0.78 19.20 -2.46
CA ARG A 722 -0.36 19.36 -1.57
C ARG A 722 -1.27 20.48 -2.08
N ALA A 723 -0.67 21.55 -2.59
CA ALA A 723 -1.44 22.68 -3.12
C ALA A 723 -2.27 22.23 -4.31
N ALA A 724 -1.68 21.40 -5.17
CA ALA A 724 -2.38 20.90 -6.35
C ALA A 724 -3.56 20.04 -5.91
N LYS A 725 -3.34 19.20 -4.90
CA LYS A 725 -4.38 18.33 -4.39
C LYS A 725 -5.53 19.16 -3.82
N GLU A 726 -5.18 20.19 -3.04
CA GLU A 726 -6.19 21.06 -2.44
C GLU A 726 -6.94 21.81 -3.55
N GLY A 727 -6.27 22.05 -4.66
CA GLY A 727 -6.88 22.75 -5.77
C GLY A 727 -7.84 21.89 -6.59
N GLY A 728 -7.79 20.58 -6.37
CA GLY A 728 -8.68 19.69 -7.09
C GLY A 728 -8.01 18.76 -8.09
N ALA A 729 -6.68 18.79 -8.16
CA ALA A 729 -5.97 17.92 -9.10
C ALA A 729 -6.19 16.46 -8.71
N ASP A 730 -6.21 15.60 -9.72
CA ASP A 730 -6.42 14.17 -9.51
C ASP A 730 -5.11 13.43 -9.29
N GLY A 731 -4.01 14.17 -9.36
CA GLY A 731 -2.71 13.58 -9.17
C GLY A 731 -1.63 14.56 -9.60
N VAL A 732 -0.38 14.14 -9.53
CA VAL A 732 0.73 14.99 -9.94
C VAL A 732 1.74 14.20 -10.75
N THR A 733 2.42 14.91 -11.64
CA THR A 733 3.47 14.33 -12.46
C THR A 733 4.76 14.89 -11.85
N ALA A 734 5.58 13.98 -11.35
CA ALA A 734 6.85 14.32 -10.73
C ALA A 734 7.98 13.55 -11.42
N THR A 735 8.92 14.28 -12.02
CA THR A 735 8.89 15.76 -12.03
C THR A 735 9.36 16.28 -13.39
N ASN A 736 9.33 17.59 -13.58
CA ASN A 736 9.82 18.15 -14.83
C ASN A 736 11.36 18.14 -14.74
N THR A 737 12.03 18.78 -15.69
CA THR A 737 13.50 18.81 -15.70
C THR A 737 14.12 19.66 -14.60
N VAL A 738 15.39 19.38 -14.30
CA VAL A 738 16.14 20.12 -13.29
C VAL A 738 16.89 21.27 -13.95
N SER A 739 16.79 22.46 -13.37
CA SER A 739 17.45 23.63 -13.93
C SER A 739 18.97 23.51 -13.84
N GLY A 740 19.65 23.77 -14.95
CA GLY A 740 21.10 23.69 -14.92
C GLY A 740 21.79 24.27 -16.13
N LEU A 741 23.12 24.20 -16.10
CA LEU A 741 23.98 24.68 -17.18
C LEU A 741 24.88 23.45 -17.40
N MET A 742 24.80 22.86 -18.58
CA MET A 742 25.55 21.64 -18.87
C MET A 742 27.05 21.80 -18.95
N GLY A 743 27.53 22.96 -19.36
CA GLY A 743 28.96 23.15 -19.46
C GLY A 743 29.38 24.26 -20.39
N LEU A 744 30.69 24.53 -20.38
CA LEU A 744 31.27 25.58 -21.21
C LEU A 744 32.49 25.02 -21.92
N LYS A 745 32.79 25.57 -23.10
CA LYS A 745 33.96 25.15 -23.84
C LYS A 745 35.15 25.83 -23.16
N ALA A 746 36.36 25.43 -23.49
CA ALA A 746 37.55 25.99 -22.88
C ALA A 746 37.68 27.50 -23.06
N ASP A 747 37.07 28.05 -24.11
CA ASP A 747 37.14 29.49 -24.34
C ASP A 747 36.06 30.26 -23.59
N GLY A 748 35.27 29.54 -22.78
CA GLY A 748 34.23 30.19 -22.02
C GLY A 748 32.85 30.23 -22.63
N THR A 749 32.73 29.87 -23.91
CA THR A 749 31.43 29.89 -24.57
C THR A 749 30.60 28.68 -24.13
N PRO A 750 29.29 28.84 -24.05
CA PRO A 750 28.40 27.76 -23.63
C PRO A 750 27.95 26.81 -24.73
N TRP A 751 27.28 25.75 -24.31
CA TRP A 751 26.71 24.78 -25.22
C TRP A 751 25.44 24.29 -24.54
N PRO A 752 24.29 24.49 -25.18
CA PRO A 752 24.11 25.11 -26.49
C PRO A 752 24.49 26.60 -26.59
N ALA A 753 24.99 27.00 -27.75
CA ALA A 753 25.37 28.38 -28.03
C ALA A 753 24.47 28.83 -29.17
N VAL A 754 23.73 29.91 -28.96
CA VAL A 754 22.80 30.40 -29.97
C VAL A 754 23.22 31.72 -30.61
N GLY A 755 23.17 31.75 -31.94
CA GLY A 755 23.53 32.95 -32.67
C GLY A 755 24.99 33.33 -32.69
N ALA A 756 25.30 34.41 -33.40
CA ALA A 756 26.67 34.90 -33.50
C ALA A 756 27.22 35.27 -32.13
N GLY A 757 26.33 35.65 -31.22
CA GLY A 757 26.75 36.02 -29.88
C GLY A 757 27.08 34.83 -29.01
N LYS A 758 26.79 33.63 -29.51
CA LYS A 758 27.06 32.39 -28.76
C LYS A 758 26.42 32.46 -27.38
N ARG A 759 25.17 32.91 -27.34
CA ARG A 759 24.46 33.04 -26.09
C ARG A 759 23.70 31.78 -25.68
N THR A 760 23.32 31.74 -24.41
CA THR A 760 22.56 30.62 -23.89
C THR A 760 21.77 31.08 -22.69
N THR A 761 20.96 30.18 -22.14
CA THR A 761 20.16 30.48 -20.96
C THR A 761 20.08 29.16 -20.23
N TYR A 762 19.70 29.19 -18.96
CA TYR A 762 19.60 27.98 -18.18
C TYR A 762 18.62 27.03 -18.86
N GLY A 763 18.97 25.75 -18.88
CA GLY A 763 18.11 24.77 -19.50
C GLY A 763 17.64 23.71 -18.52
N GLY A 764 16.91 22.73 -19.03
CA GLY A 764 16.40 21.66 -18.18
C GLY A 764 17.19 20.38 -18.40
N VAL A 765 17.69 19.81 -17.31
CA VAL A 765 18.44 18.58 -17.38
C VAL A 765 17.48 17.40 -17.23
N SER A 766 17.61 16.42 -18.12
CA SER A 766 16.77 15.23 -18.10
C SER A 766 17.66 14.00 -18.13
N GLY A 767 17.07 12.82 -17.97
CA GLY A 767 17.86 11.60 -18.03
C GLY A 767 18.22 10.96 -16.71
N THR A 768 19.03 9.90 -16.78
CA THR A 768 19.40 9.17 -15.58
C THR A 768 20.13 10.02 -14.53
N ALA A 769 20.79 11.09 -14.96
CA ALA A 769 21.50 11.96 -14.03
C ALA A 769 20.56 12.60 -12.99
N ILE A 770 19.29 12.79 -13.35
CA ILE A 770 18.35 13.39 -12.41
C ILE A 770 17.44 12.37 -11.75
N ARG A 771 17.66 11.09 -12.01
CA ARG A 771 16.81 10.08 -11.40
C ARG A 771 16.79 10.13 -9.88
N PRO A 772 17.94 10.37 -9.23
CA PRO A 772 17.93 10.43 -7.77
C PRO A 772 17.01 11.54 -7.24
N ILE A 773 16.95 12.63 -8.00
CA ILE A 773 16.11 13.78 -7.65
C ILE A 773 14.63 13.42 -7.83
N ALA A 774 14.32 12.79 -8.96
CA ALA A 774 12.95 12.38 -9.26
C ALA A 774 12.49 11.29 -8.29
N LEU A 775 13.37 10.35 -7.98
CA LEU A 775 13.02 9.28 -7.06
C LEU A 775 12.74 9.85 -5.67
N ARG A 776 13.54 10.81 -5.23
CA ARG A 776 13.31 11.42 -3.93
C ARG A 776 11.98 12.16 -3.96
N ALA A 777 11.72 12.87 -5.06
CA ALA A 777 10.49 13.64 -5.20
C ALA A 777 9.26 12.72 -5.13
N VAL A 778 9.29 11.64 -5.89
CA VAL A 778 8.17 10.69 -5.91
C VAL A 778 7.96 10.09 -4.53
N THR A 779 9.05 9.67 -3.90
CA THR A 779 9.01 9.05 -2.58
C THR A 779 8.48 10.00 -1.50
N THR A 780 8.93 11.26 -1.54
CA THR A 780 8.50 12.22 -0.52
C THR A 780 7.01 12.57 -0.66
N ILE A 781 6.53 12.64 -1.89
CA ILE A 781 5.13 12.96 -2.14
C ILE A 781 4.25 11.77 -1.75
N ALA A 782 4.68 10.56 -2.12
CA ALA A 782 3.93 9.36 -1.81
C ALA A 782 3.75 9.17 -0.30
N ARG A 783 4.77 9.54 0.46
CA ARG A 783 4.73 9.41 1.90
C ARG A 783 3.86 10.48 2.56
N ALA A 784 3.91 11.70 2.03
CA ALA A 784 3.13 12.80 2.57
C ALA A 784 1.66 12.76 2.17
N LEU A 785 1.40 12.32 0.95
CA LEU A 785 0.04 12.24 0.44
C LEU A 785 -0.28 10.82 -0.04
N PRO A 786 -0.46 9.90 0.92
CA PRO A 786 -0.77 8.50 0.61
C PRO A 786 -1.98 8.32 -0.30
N GLY A 787 -1.79 7.56 -1.37
CA GLY A 787 -2.89 7.30 -2.29
C GLY A 787 -3.09 8.31 -3.40
N PHE A 788 -2.45 9.48 -3.29
CA PHE A 788 -2.58 10.52 -4.31
C PHE A 788 -1.78 10.06 -5.53
N PRO A 789 -2.46 9.86 -6.67
CA PRO A 789 -1.81 9.41 -7.91
C PRO A 789 -0.57 10.20 -8.32
N ILE A 790 0.49 9.46 -8.65
CA ILE A 790 1.73 10.06 -9.09
C ILE A 790 2.18 9.45 -10.42
N LEU A 791 2.45 10.31 -11.41
CA LEU A 791 2.95 9.85 -12.70
C LEU A 791 4.44 10.21 -12.61
N ALA A 792 5.30 9.21 -12.64
CA ALA A 792 6.73 9.47 -12.53
C ALA A 792 7.44 9.79 -13.84
N THR A 793 8.44 10.65 -13.73
CA THR A 793 9.25 11.03 -14.88
C THR A 793 10.60 11.52 -14.36
N GLY A 794 11.67 11.01 -14.96
CA GLY A 794 13.00 11.41 -14.54
C GLY A 794 13.98 10.25 -14.54
N GLY A 795 14.56 9.96 -15.69
CA GLY A 795 15.53 8.89 -15.78
C GLY A 795 15.03 7.46 -15.89
N ILE A 796 13.78 7.26 -16.27
CA ILE A 796 13.26 5.90 -16.42
C ILE A 796 13.73 5.39 -17.78
N ASP A 797 14.51 4.30 -17.75
CA ASP A 797 15.07 3.76 -18.98
C ASP A 797 15.09 2.24 -19.06
N SER A 798 14.26 1.59 -18.25
CA SER A 798 14.20 0.13 -18.22
C SER A 798 13.06 -0.31 -17.32
N ALA A 799 12.73 -1.60 -17.40
CA ALA A 799 11.67 -2.13 -16.56
C ALA A 799 12.14 -2.07 -15.11
N GLU A 800 13.43 -2.32 -14.89
CA GLU A 800 14.00 -2.30 -13.54
C GLU A 800 13.87 -0.91 -12.91
N SER A 801 14.28 0.12 -13.63
CA SER A 801 14.19 1.47 -13.09
C SER A 801 12.72 1.86 -12.94
N GLY A 802 11.88 1.39 -13.85
CA GLY A 802 10.46 1.70 -13.76
C GLY A 802 9.89 1.10 -12.49
N LEU A 803 10.27 -0.14 -12.18
CA LEU A 803 9.79 -0.81 -10.97
C LEU A 803 10.26 -0.06 -9.71
N GLN A 804 11.41 0.58 -9.79
CA GLN A 804 11.91 1.35 -8.65
C GLN A 804 10.93 2.47 -8.37
N PHE A 805 10.44 3.13 -9.42
CA PHE A 805 9.49 4.22 -9.25
C PHE A 805 8.12 3.71 -8.79
N LEU A 806 7.70 2.55 -9.27
CA LEU A 806 6.42 1.98 -8.85
C LEU A 806 6.53 1.69 -7.35
N HIS A 807 7.64 1.08 -6.96
CA HIS A 807 7.89 0.76 -5.55
C HIS A 807 7.90 2.02 -4.71
N SER A 808 8.28 3.14 -5.32
CA SER A 808 8.38 4.42 -4.62
C SER A 808 7.05 5.17 -4.53
N GLY A 809 5.98 4.61 -5.11
CA GLY A 809 4.69 5.26 -5.02
C GLY A 809 4.02 5.71 -6.31
N ALA A 810 4.72 5.60 -7.43
CA ALA A 810 4.16 6.01 -8.72
C ALA A 810 3.28 4.90 -9.29
N SER A 811 2.27 5.29 -10.07
CA SER A 811 1.36 4.31 -10.68
C SER A 811 1.72 4.09 -12.14
N VAL A 812 2.15 5.15 -12.82
CA VAL A 812 2.55 5.07 -14.21
C VAL A 812 3.92 5.71 -14.39
N LEU A 813 4.55 5.42 -15.53
CA LEU A 813 5.91 5.86 -15.79
C LEU A 813 6.11 6.56 -17.13
N GLN A 814 6.48 7.83 -17.08
CA GLN A 814 6.72 8.62 -18.29
C GLN A 814 8.17 8.53 -18.70
N VAL A 815 8.42 8.50 -20.00
CA VAL A 815 9.77 8.39 -20.54
C VAL A 815 10.05 9.37 -21.67
N CYS A 816 11.23 9.98 -21.67
CA CYS A 816 11.66 10.88 -22.74
C CYS A 816 13.09 10.57 -23.16
N SER A 817 14.04 10.88 -22.29
CA SER A 817 15.45 10.66 -22.60
C SER A 817 15.83 9.27 -23.10
N ALA A 818 15.22 8.22 -22.54
CA ALA A 818 15.53 6.87 -22.96
C ALA A 818 15.17 6.65 -24.43
N VAL A 819 14.14 7.35 -24.91
CA VAL A 819 13.73 7.24 -26.30
C VAL A 819 14.66 8.11 -27.15
N GLN A 820 15.05 9.27 -26.62
CA GLN A 820 15.97 10.14 -27.36
C GLN A 820 17.28 9.40 -27.58
N ASN A 821 17.63 8.54 -26.62
CA ASN A 821 18.86 7.75 -26.68
C ASN A 821 18.68 6.53 -27.59
N GLN A 822 17.45 6.24 -27.96
CA GLN A 822 17.20 5.05 -28.77
C GLN A 822 16.05 5.26 -29.75
N ASP A 823 14.90 4.65 -29.47
CA ASP A 823 13.73 4.77 -30.33
C ASP A 823 12.52 4.18 -29.61
N PHE A 824 11.36 4.24 -30.26
CA PHE A 824 10.12 3.74 -29.66
C PHE A 824 10.06 2.26 -29.32
N THR A 825 10.87 1.43 -29.98
CA THR A 825 10.82 0.00 -29.72
C THR A 825 11.23 -0.43 -28.31
N VAL A 826 11.85 0.47 -27.55
CA VAL A 826 12.23 0.11 -26.19
C VAL A 826 11.01 -0.34 -25.38
N ILE A 827 9.81 0.04 -25.82
CA ILE A 827 8.61 -0.37 -25.10
C ILE A 827 8.53 -1.90 -25.00
N GLN A 828 8.96 -2.60 -26.04
CA GLN A 828 8.94 -4.07 -26.04
C GLN A 828 9.82 -4.58 -24.91
N ASP A 829 10.97 -3.94 -24.74
CA ASP A 829 11.90 -4.33 -23.68
C ASP A 829 11.32 -4.04 -22.30
N TYR A 830 10.70 -2.87 -22.14
CA TYR A 830 10.12 -2.50 -20.86
C TYR A 830 9.00 -3.44 -20.44
N CYS A 831 8.14 -3.80 -21.39
CA CYS A 831 7.03 -4.70 -21.08
C CYS A 831 7.47 -6.12 -20.75
N THR A 832 8.33 -6.71 -21.57
CA THR A 832 8.78 -8.07 -21.28
C THR A 832 9.58 -8.05 -19.97
N GLY A 833 10.34 -6.98 -19.77
CA GLY A 833 11.14 -6.86 -18.56
C GLY A 833 10.30 -6.77 -17.29
N LEU A 834 9.22 -5.99 -17.34
CA LEU A 834 8.36 -5.84 -16.17
C LEU A 834 7.64 -7.15 -15.89
N LYS A 835 7.18 -7.82 -16.94
CA LYS A 835 6.50 -9.11 -16.78
C LYS A 835 7.43 -10.10 -16.09
N ALA A 836 8.69 -10.12 -16.52
CA ALA A 836 9.68 -11.03 -15.96
C ALA A 836 9.95 -10.73 -14.47
N LEU A 837 10.11 -9.46 -14.15
CA LEU A 837 10.37 -9.06 -12.77
C LEU A 837 9.23 -9.48 -11.85
N LEU A 838 7.98 -9.31 -12.31
CA LEU A 838 6.84 -9.70 -11.49
C LEU A 838 6.73 -11.21 -11.40
N TYR A 839 6.94 -11.89 -12.51
CA TYR A 839 6.87 -13.35 -12.55
C TYR A 839 7.87 -13.99 -11.58
N LEU A 840 9.11 -13.52 -11.62
CA LEU A 840 10.14 -14.07 -10.76
C LEU A 840 9.86 -13.97 -9.26
N LYS A 841 9.04 -12.99 -8.87
CA LYS A 841 8.71 -12.82 -7.47
C LYS A 841 7.88 -13.98 -6.93
N SER A 842 7.33 -14.80 -7.82
CA SER A 842 6.52 -15.95 -7.41
C SER A 842 7.33 -17.24 -7.37
N ILE A 843 8.58 -17.18 -7.82
CA ILE A 843 9.45 -18.36 -7.85
C ILE A 843 10.30 -18.47 -6.60
N GLU A 844 9.91 -19.37 -5.71
CA GLU A 844 10.61 -19.58 -4.44
C GLU A 844 12.09 -19.95 -4.59
N GLU A 845 12.42 -20.75 -5.61
CA GLU A 845 13.79 -21.18 -5.83
C GLU A 845 14.75 -20.07 -6.27
N LEU A 846 14.20 -18.93 -6.66
CA LEU A 846 15.04 -17.83 -7.13
C LEU A 846 15.01 -16.60 -6.22
N GLN A 847 14.69 -16.80 -4.95
CA GLN A 847 14.62 -15.69 -4.01
C GLN A 847 15.96 -15.00 -3.77
N GLY A 848 17.05 -15.71 -4.04
CA GLY A 848 18.37 -15.14 -3.85
C GLY A 848 18.82 -14.18 -4.94
N TRP A 849 18.05 -14.15 -6.03
CA TRP A 849 18.36 -13.27 -7.15
C TRP A 849 17.89 -11.84 -6.86
N ASP A 850 18.50 -10.88 -7.55
CA ASP A 850 18.08 -9.48 -7.41
C ASP A 850 17.40 -9.24 -8.76
N GLY A 851 16.09 -9.38 -8.79
CA GLY A 851 15.38 -9.19 -10.04
C GLY A 851 15.78 -10.29 -11.00
N GLN A 852 16.23 -9.91 -12.19
CA GLN A 852 16.64 -10.91 -13.17
C GLN A 852 18.12 -11.29 -13.05
N SER A 853 18.79 -10.76 -12.04
CA SER A 853 20.21 -11.05 -11.83
C SER A 853 20.46 -12.18 -10.83
N PRO A 854 21.06 -13.29 -11.29
CA PRO A 854 21.34 -14.40 -10.37
C PRO A 854 22.35 -13.93 -9.33
N GLY A 855 22.38 -14.60 -8.18
CA GLY A 855 23.34 -14.22 -7.16
C GLY A 855 24.72 -14.34 -7.78
N THR A 856 25.58 -13.35 -7.54
CA THR A 856 26.92 -13.36 -8.11
C THR A 856 27.80 -14.45 -7.52
N GLU A 857 28.28 -15.35 -8.37
CA GLU A 857 29.15 -16.45 -7.95
C GLU A 857 30.60 -16.04 -8.12
N SER A 858 31.47 -16.56 -7.27
CA SER A 858 32.89 -16.24 -7.37
C SER A 858 33.38 -16.59 -8.77
N HIS A 859 34.02 -15.64 -9.44
CA HIS A 859 34.48 -15.86 -10.80
C HIS A 859 35.68 -14.99 -11.17
N GLN A 860 36.22 -15.27 -12.35
CA GLN A 860 37.32 -14.54 -12.93
C GLN A 860 36.98 -14.52 -14.41
N LYS A 861 36.85 -13.33 -14.99
CA LYS A 861 36.50 -13.20 -16.41
C LYS A 861 35.15 -13.83 -16.73
N GLY A 862 34.27 -13.87 -15.75
CA GLY A 862 32.95 -14.44 -15.97
C GLY A 862 32.89 -15.95 -15.85
N LYS A 863 34.04 -16.59 -15.69
CA LYS A 863 34.09 -18.04 -15.55
C LYS A 863 34.19 -18.43 -14.08
N PRO A 864 33.36 -19.38 -13.64
CA PRO A 864 33.37 -19.82 -12.24
C PRO A 864 34.73 -20.30 -11.74
N VAL A 865 35.09 -19.86 -10.54
CA VAL A 865 36.35 -20.24 -9.93
C VAL A 865 36.26 -21.65 -9.37
N PRO A 866 37.27 -22.50 -9.66
CA PRO A 866 37.29 -23.87 -9.17
C PRO A 866 37.22 -23.94 -7.65
N ARG A 867 36.32 -24.78 -7.13
CA ARG A 867 36.16 -24.95 -5.69
C ARG A 867 37.09 -26.03 -5.17
N ILE A 868 38.37 -25.90 -5.43
CA ILE A 868 39.32 -26.90 -4.97
C ILE A 868 39.87 -26.52 -3.60
N ALA A 869 39.86 -27.49 -2.68
CA ALA A 869 40.35 -27.26 -1.32
C ALA A 869 41.77 -26.73 -1.33
N GLU A 870 42.53 -27.13 -2.35
CA GLU A 870 43.91 -26.75 -2.52
C GLU A 870 44.11 -25.35 -3.10
N LEU A 871 43.03 -24.59 -3.23
CA LEU A 871 43.13 -23.24 -3.79
C LEU A 871 42.57 -22.18 -2.85
N MET A 872 41.43 -22.48 -2.25
CA MET A 872 40.76 -21.55 -1.34
C MET A 872 41.64 -21.14 -0.16
N GLY A 873 41.94 -19.85 -0.09
CA GLY A 873 42.76 -19.34 1.00
C GLY A 873 44.25 -19.50 0.83
N LYS A 874 44.69 -19.80 -0.40
CA LYS A 874 46.11 -19.99 -0.68
C LYS A 874 46.78 -18.68 -1.05
N LYS A 875 46.00 -17.62 -1.17
CA LYS A 875 46.52 -16.31 -1.54
C LYS A 875 47.31 -16.42 -2.84
N LEU A 876 46.66 -17.00 -3.85
CA LEU A 876 47.27 -17.17 -5.16
C LEU A 876 46.54 -16.34 -6.20
N PRO A 877 47.00 -15.11 -6.44
CA PRO A 877 46.36 -14.25 -7.43
C PRO A 877 46.54 -14.82 -8.83
N ASN A 878 45.79 -14.30 -9.79
CA ASN A 878 45.85 -14.79 -11.16
C ASN A 878 46.92 -14.17 -12.05
N PHE A 879 48.16 -14.16 -11.56
CA PHE A 879 49.26 -13.62 -12.33
C PHE A 879 50.61 -14.14 -11.84
N GLY A 880 51.64 -13.94 -12.66
CA GLY A 880 52.98 -14.36 -12.32
C GLY A 880 53.14 -15.79 -11.85
N PRO A 881 54.05 -16.05 -10.91
CA PRO A 881 54.28 -17.39 -10.38
C PRO A 881 53.07 -17.99 -9.69
N TYR A 882 52.20 -17.12 -9.16
CA TYR A 882 51.00 -17.58 -8.47
C TYR A 882 50.06 -18.27 -9.46
N LEU A 883 49.95 -17.69 -10.65
CA LEU A 883 49.09 -18.26 -11.68
C LEU A 883 49.62 -19.63 -12.08
N GLU A 884 50.94 -19.77 -12.15
CA GLU A 884 51.54 -21.04 -12.52
C GLU A 884 51.16 -22.09 -11.47
N GLN A 885 51.18 -21.67 -10.22
CA GLN A 885 50.84 -22.55 -9.11
C GLN A 885 49.38 -22.98 -9.20
N ARG A 886 48.49 -22.03 -9.49
CA ARG A 886 47.07 -22.32 -9.62
C ARG A 886 46.85 -23.37 -10.71
N LYS A 887 47.51 -23.17 -11.85
CA LYS A 887 47.38 -24.09 -12.97
C LYS A 887 47.83 -25.50 -12.61
N LYS A 888 48.91 -25.59 -11.83
CA LYS A 888 49.43 -26.89 -11.40
C LYS A 888 48.41 -27.59 -10.51
N ILE A 889 47.82 -26.82 -9.59
CA ILE A 889 46.83 -27.35 -8.67
C ILE A 889 45.59 -27.83 -9.41
N ILE A 890 45.14 -27.03 -10.38
CA ILE A 890 43.96 -27.40 -11.16
C ILE A 890 44.24 -28.65 -11.99
N ALA A 891 45.42 -28.73 -12.59
CA ALA A 891 45.77 -29.89 -13.40
C ALA A 891 45.77 -31.16 -12.55
N GLU A 892 46.32 -31.06 -11.35
CA GLU A 892 46.36 -32.20 -10.44
C GLU A 892 44.95 -32.61 -10.05
N GLU A 893 44.08 -31.62 -9.90
CA GLU A 893 42.68 -31.88 -9.55
C GLU A 893 41.99 -32.64 -10.68
N LYS A 894 42.27 -32.24 -11.91
CA LYS A 894 41.66 -32.90 -13.06
C LYS A 894 42.11 -34.35 -13.14
N MET A 895 43.36 -34.62 -12.79
CA MET A 895 43.88 -35.98 -12.82
C MET A 895 43.24 -36.79 -11.71
N ARG A 896 42.97 -36.13 -10.59
CA ARG A 896 42.35 -36.79 -9.46
C ARG A 896 40.93 -37.19 -9.84
N LEU A 897 40.23 -36.28 -10.51
CA LEU A 897 38.87 -36.53 -10.94
C LEU A 897 38.85 -37.69 -11.94
N LYS A 898 39.94 -37.81 -12.70
CA LYS A 898 40.06 -38.88 -13.69
C LYS A 898 40.19 -40.26 -13.07
N GLU A 899 41.08 -40.43 -12.10
CA GLU A 899 41.24 -41.74 -11.47
C GLU A 899 39.87 -42.17 -10.97
N GLN A 900 39.29 -41.31 -10.14
CA GLN A 900 37.97 -41.54 -9.57
C GLN A 900 36.97 -41.54 -10.73
N ASN A 901 36.49 -42.72 -11.12
CA ASN A 901 35.55 -42.84 -12.23
C ASN A 901 34.12 -43.14 -11.76
N GLU A 908 18.14 -33.97 -13.43
CA GLU A 908 17.13 -33.90 -14.49
C GLU A 908 16.62 -32.47 -14.57
N ARG A 909 15.95 -32.09 -15.66
CA ARG A 909 15.49 -30.72 -15.75
C ARG A 909 13.99 -30.51 -15.55
N LYS A 910 13.64 -29.92 -14.41
CA LYS A 910 12.25 -29.62 -14.06
C LYS A 910 12.04 -28.12 -13.99
N PRO A 911 10.94 -27.62 -14.58
CA PRO A 911 10.70 -26.18 -14.52
C PRO A 911 10.17 -25.75 -13.16
N PHE A 912 10.53 -24.54 -12.73
CA PHE A 912 10.08 -24.01 -11.46
C PHE A 912 8.62 -23.58 -11.65
N ILE A 913 7.80 -23.79 -10.63
CA ILE A 913 6.39 -23.42 -10.71
C ILE A 913 6.07 -22.35 -9.68
N PRO A 914 5.34 -21.30 -10.10
CA PRO A 914 4.98 -20.24 -9.15
C PRO A 914 4.34 -20.84 -7.90
N LYS A 915 4.81 -20.42 -6.72
CA LYS A 915 4.28 -20.94 -5.48
C LYS A 915 3.53 -19.87 -4.70
N LYS A 916 3.17 -18.80 -5.41
CA LYS A 916 2.41 -17.70 -4.85
C LYS A 916 1.86 -16.93 -6.05
N PRO A 917 0.75 -16.20 -5.85
CA PRO A 917 0.20 -15.45 -6.97
C PRO A 917 1.21 -14.45 -7.52
N ILE A 918 1.22 -14.26 -8.83
CA ILE A 918 2.13 -13.30 -9.44
C ILE A 918 1.55 -11.92 -9.12
N PRO A 919 2.36 -11.06 -8.50
CA PRO A 919 1.88 -9.72 -8.15
C PRO A 919 1.49 -8.85 -9.33
N ALA A 920 0.43 -8.07 -9.14
CA ALA A 920 -0.05 -7.14 -10.15
C ALA A 920 0.65 -5.84 -9.84
N ILE A 921 0.59 -4.88 -10.76
CA ILE A 921 1.24 -3.60 -10.51
C ILE A 921 0.72 -2.95 -9.24
N LYS A 922 -0.59 -3.00 -9.04
CA LYS A 922 -1.17 -2.39 -7.84
C LYS A 922 -0.62 -2.98 -6.55
N ASP A 923 -0.14 -4.22 -6.62
CA ASP A 923 0.40 -4.89 -5.43
C ASP A 923 1.81 -4.47 -5.06
N VAL A 924 2.54 -3.83 -5.98
CA VAL A 924 3.90 -3.42 -5.67
C VAL A 924 4.06 -1.93 -5.42
N ILE A 925 3.06 -1.14 -5.83
CA ILE A 925 3.14 0.30 -5.65
C ILE A 925 3.34 0.73 -4.20
N GLY A 926 4.36 1.53 -3.97
CA GLY A 926 4.66 2.04 -2.64
C GLY A 926 5.31 1.07 -1.67
N LYS A 927 5.58 -0.15 -2.11
CA LYS A 927 6.19 -1.15 -1.23
C LYS A 927 7.53 -0.76 -0.62
N ALA A 928 8.25 0.16 -1.26
CA ALA A 928 9.56 0.58 -0.76
C ALA A 928 9.48 1.65 0.33
N LEU A 929 8.33 2.31 0.44
CA LEU A 929 8.16 3.37 1.42
C LEU A 929 8.38 2.93 2.86
N GLN A 930 8.09 1.66 3.14
CA GLN A 930 8.27 1.12 4.49
C GLN A 930 9.71 1.22 4.99
N TYR A 931 10.67 1.26 4.06
CA TYR A 931 12.08 1.32 4.44
C TYR A 931 12.61 2.74 4.62
N LEU A 932 11.87 3.72 4.12
CA LEU A 932 12.28 5.11 4.22
C LEU A 932 11.85 5.75 5.54
N GLY A 933 12.66 6.71 5.99
CA GLY A 933 12.37 7.40 7.24
C GLY A 933 13.41 8.46 7.52
N THR A 934 13.43 8.95 8.75
CA THR A 934 14.39 9.96 9.17
C THR A 934 15.73 9.30 9.47
N PHE A 935 16.76 10.10 9.64
CA PHE A 935 18.07 9.55 9.96
C PHE A 935 18.01 8.91 11.35
N GLY A 936 17.21 9.52 12.22
CA GLY A 936 17.07 9.00 13.57
C GLY A 936 16.49 7.60 13.63
N GLU A 937 15.76 7.22 12.59
CA GLU A 937 15.15 5.90 12.54
C GLU A 937 16.15 4.84 12.09
N LEU A 938 17.37 5.28 11.77
CA LEU A 938 18.42 4.35 11.34
C LEU A 938 19.22 3.89 12.54
N SER A 939 19.53 2.60 12.60
CA SER A 939 20.30 2.06 13.71
C SER A 939 21.79 2.34 13.59
N ASN A 940 22.38 2.93 14.64
CA ASN A 940 23.81 3.20 14.63
C ASN A 940 24.52 2.12 15.45
N ILE A 941 23.77 1.10 15.82
CA ILE A 941 24.27 -0.04 16.59
C ILE A 941 24.62 -1.18 15.66
N GLU A 942 23.77 -1.37 14.66
CA GLU A 942 23.96 -2.42 13.67
C GLU A 942 24.88 -1.92 12.57
N GLN A 943 26.18 -1.94 12.87
CA GLN A 943 27.20 -1.48 11.93
C GLN A 943 27.69 -2.64 11.06
N VAL A 944 28.38 -2.29 9.97
CA VAL A 944 28.90 -3.30 9.06
C VAL A 944 30.37 -3.01 8.74
N VAL A 945 31.02 -4.01 8.15
CA VAL A 945 32.41 -3.87 7.72
C VAL A 945 32.50 -4.52 6.35
N ALA A 946 33.51 -4.12 5.58
CA ALA A 946 33.68 -4.67 4.24
C ALA A 946 34.44 -5.99 4.28
N VAL A 947 34.06 -6.91 3.41
CA VAL A 947 34.71 -8.21 3.29
C VAL A 947 34.98 -8.48 1.82
N ILE A 948 36.24 -8.77 1.50
CA ILE A 948 36.63 -9.01 0.12
C ILE A 948 36.80 -10.48 -0.26
N ASP A 949 36.23 -10.87 -1.40
CA ASP A 949 36.37 -12.23 -1.90
C ASP A 949 37.61 -12.25 -2.76
N GLU A 950 38.72 -12.72 -2.19
CA GLU A 950 39.99 -12.77 -2.89
C GLU A 950 39.93 -13.46 -4.25
N GLU A 951 39.03 -14.44 -4.39
CA GLU A 951 38.91 -15.17 -5.64
C GLU A 951 38.35 -14.34 -6.80
N MET A 952 37.65 -13.26 -6.48
CA MET A 952 37.06 -12.40 -7.50
C MET A 952 37.88 -11.14 -7.77
N CYS A 953 38.81 -10.85 -6.89
CA CYS A 953 39.66 -9.66 -7.00
C CYS A 953 40.56 -9.62 -8.22
N ILE A 954 40.68 -8.45 -8.85
CA ILE A 954 41.57 -8.31 -10.00
C ILE A 954 42.79 -7.46 -9.67
N ASN A 955 43.04 -7.33 -8.36
CA ASN A 955 44.22 -6.65 -7.82
C ASN A 955 44.55 -5.22 -8.20
N CYS A 956 43.54 -4.40 -8.47
CA CYS A 956 43.76 -3.01 -8.87
C CYS A 956 44.09 -2.04 -7.72
N GLY A 957 43.73 -2.41 -6.50
CA GLY A 957 44.00 -1.53 -5.37
C GLY A 957 43.12 -0.30 -5.23
N LYS A 958 42.01 -0.26 -5.95
CA LYS A 958 41.13 0.90 -5.85
C LYS A 958 40.49 1.00 -4.46
N CYS A 959 40.16 -0.14 -3.87
CA CYS A 959 39.56 -0.15 -2.54
C CYS A 959 40.58 0.48 -1.57
N TYR A 960 41.83 0.08 -1.74
CA TYR A 960 42.95 0.55 -0.94
C TYR A 960 43.14 2.07 -1.09
N MET A 961 43.14 2.55 -2.33
CA MET A 961 43.32 3.98 -2.58
C MET A 961 42.17 4.83 -2.05
N THR A 962 40.94 4.32 -2.19
CA THR A 962 39.78 5.04 -1.71
C THR A 962 39.77 5.12 -0.18
N CYS A 963 40.12 4.02 0.47
CA CYS A 963 40.14 4.00 1.93
C CYS A 963 41.30 4.86 2.45
N ASN A 964 42.39 4.91 1.68
CA ASN A 964 43.55 5.70 2.11
C ASN A 964 43.33 7.21 2.02
N ASP A 965 42.85 7.70 0.88
CA ASP A 965 42.65 9.12 0.72
C ASP A 965 41.23 9.63 0.87
N SER A 966 40.29 8.73 1.14
CA SER A 966 38.89 9.11 1.32
C SER A 966 38.26 8.29 2.46
N GLY A 967 39.09 7.56 3.19
CA GLY A 967 38.56 6.73 4.25
C GLY A 967 39.29 6.67 5.57
N TYR A 968 39.52 5.44 6.04
CA TYR A 968 40.17 5.22 7.32
C TYR A 968 41.46 4.41 7.31
N GLN A 969 42.11 4.34 6.15
CA GLN A 969 43.37 3.62 6.02
C GLN A 969 43.27 2.24 6.69
N ALA A 970 42.18 1.54 6.39
CA ALA A 970 41.92 0.24 7.00
C ALA A 970 42.25 -0.99 6.16
N ILE A 971 42.71 -0.77 4.93
CA ILE A 971 43.03 -1.89 4.05
C ILE A 971 44.51 -2.12 3.84
N GLN A 972 44.93 -3.37 3.96
CA GLN A 972 46.33 -3.72 3.72
C GLN A 972 46.37 -4.20 2.28
N PHE A 973 47.33 -3.69 1.50
CA PHE A 973 47.47 -4.10 0.10
C PHE A 973 48.82 -4.81 0.01
N ASP A 974 48.78 -6.12 -0.20
CA ASP A 974 50.02 -6.89 -0.25
C ASP A 974 50.93 -6.48 -1.39
N PRO A 975 52.22 -6.23 -1.08
CA PRO A 975 53.18 -5.81 -2.11
C PRO A 975 53.58 -6.87 -3.12
N GLU A 976 53.34 -8.14 -2.81
CA GLU A 976 53.70 -9.21 -3.72
C GLU A 976 52.53 -9.79 -4.51
N THR A 977 51.40 -9.98 -3.82
CA THR A 977 50.23 -10.57 -4.47
C THR A 977 49.20 -9.52 -4.91
N HIS A 978 49.36 -8.29 -4.44
CA HIS A 978 48.41 -7.23 -4.76
C HIS A 978 47.00 -7.65 -4.36
N LEU A 979 46.89 -8.33 -3.23
CA LEU A 979 45.61 -8.76 -2.69
C LEU A 979 45.31 -7.88 -1.48
N PRO A 980 44.10 -7.31 -1.43
CA PRO A 980 43.71 -6.45 -0.32
C PRO A 980 43.09 -7.23 0.83
N THR A 981 43.24 -6.70 2.04
CA THR A 981 42.66 -7.32 3.23
C THR A 981 42.10 -6.21 4.10
N VAL A 982 40.80 -6.27 4.37
CA VAL A 982 40.16 -5.27 5.21
C VAL A 982 40.48 -5.61 6.66
N THR A 983 41.03 -4.64 7.39
CA THR A 983 41.39 -4.87 8.79
C THR A 983 40.28 -4.43 9.73
N ASP A 984 40.49 -4.60 11.04
CA ASP A 984 39.48 -4.27 12.02
C ASP A 984 39.20 -2.78 12.23
N THR A 985 39.98 -1.90 11.60
CA THR A 985 39.76 -0.47 11.75
C THR A 985 38.69 0.03 10.77
N CYS A 986 38.14 -0.89 9.98
CA CYS A 986 37.09 -0.57 9.02
C CYS A 986 35.88 0.00 9.76
N THR A 987 35.25 1.02 9.18
CA THR A 987 34.07 1.67 9.77
C THR A 987 32.81 1.38 8.96
N GLY A 988 32.98 0.62 7.89
CA GLY A 988 31.84 0.28 7.04
C GLY A 988 31.26 1.43 6.23
N CYS A 989 32.06 2.49 5.99
CA CYS A 989 31.57 3.64 5.22
C CYS A 989 31.01 3.19 3.86
N THR A 990 31.62 2.12 3.32
CA THR A 990 31.21 1.47 2.06
C THR A 990 31.82 2.04 0.76
N LEU A 991 32.73 3.00 0.89
CA LEU A 991 33.38 3.57 -0.29
C LEU A 991 34.15 2.54 -1.14
N CYS A 992 34.85 1.62 -0.49
CA CYS A 992 35.61 0.61 -1.25
C CYS A 992 34.71 -0.23 -2.15
N LEU A 993 33.60 -0.72 -1.60
CA LEU A 993 32.67 -1.53 -2.36
C LEU A 993 32.15 -0.70 -3.53
N SER A 994 31.90 0.58 -3.27
CA SER A 994 31.38 1.50 -4.28
C SER A 994 32.32 1.79 -5.44
N VAL A 995 33.62 1.61 -5.25
CA VAL A 995 34.56 1.88 -6.35
C VAL A 995 35.16 0.62 -6.98
N CYS A 996 34.88 -0.54 -6.38
CA CYS A 996 35.40 -1.79 -6.90
C CYS A 996 34.86 -2.12 -8.28
N PRO A 997 35.74 -2.45 -9.23
CA PRO A 997 35.29 -2.78 -10.60
C PRO A 997 34.56 -4.11 -10.75
N ILE A 998 34.72 -4.99 -9.76
CA ILE A 998 34.10 -6.31 -9.81
C ILE A 998 32.83 -6.37 -8.97
N ILE A 999 31.69 -6.59 -9.64
CA ILE A 999 30.41 -6.66 -8.94
C ILE A 999 30.42 -7.75 -7.87
N ASP A 1000 30.08 -7.35 -6.65
CA ASP A 1000 30.00 -8.25 -5.51
C ASP A 1000 31.31 -8.89 -5.04
N CYS A 1001 32.44 -8.32 -5.44
CA CYS A 1001 33.72 -8.84 -4.98
C CYS A 1001 33.78 -8.44 -3.51
N ILE A 1002 33.35 -7.22 -3.23
CA ILE A 1002 33.32 -6.71 -1.87
C ILE A 1002 31.87 -6.70 -1.42
N ARG A 1003 31.62 -7.13 -0.19
CA ARG A 1003 30.28 -7.15 0.38
C ARG A 1003 30.35 -6.59 1.80
N MET A 1004 29.26 -5.97 2.24
CA MET A 1004 29.22 -5.42 3.59
C MET A 1004 28.54 -6.47 4.47
N VAL A 1005 29.19 -6.81 5.58
CA VAL A 1005 28.63 -7.80 6.50
C VAL A 1005 28.53 -7.24 7.91
N SER A 1006 27.61 -7.79 8.70
CA SER A 1006 27.42 -7.34 10.07
C SER A 1006 28.73 -7.41 10.84
N ARG A 1007 29.05 -6.33 11.55
CA ARG A 1007 30.27 -6.29 12.33
C ARG A 1007 30.12 -7.22 13.53
N THR A 1008 31.15 -8.00 13.80
CA THR A 1008 31.11 -8.94 14.93
C THR A 1008 32.01 -8.49 16.07
N THR A 1009 33.03 -7.71 15.74
CA THR A 1009 33.96 -7.20 16.74
C THR A 1009 33.46 -5.87 17.30
N PRO A 1010 33.86 -5.54 18.54
CA PRO A 1010 33.45 -4.29 19.19
C PRO A 1010 33.65 -3.07 18.30
N TYR A 1011 32.65 -2.19 18.26
CA TYR A 1011 32.74 -0.98 17.46
C TYR A 1011 32.76 0.27 18.33
N GLU A 1012 33.64 1.20 17.99
CA GLU A 1012 33.76 2.43 18.73
C GLU A 1012 34.23 3.53 17.77
N PRO A 1013 33.40 4.55 17.55
CA PRO A 1013 33.76 5.65 16.65
C PRO A 1013 35.08 6.33 17.00
N LYS A 1014 35.83 6.68 15.96
CA LYS A 1014 37.12 7.35 16.12
C LYS A 1014 36.84 8.81 16.44
N ARG A 1015 37.19 9.23 17.65
CA ARG A 1015 36.95 10.62 18.08
C ARG A 1015 38.15 11.55 17.96
N GLY A 1016 39.30 11.00 17.58
CA GLY A 1016 40.50 11.83 17.44
C GLY A 1016 41.12 12.17 18.78
N LEU A 1017 40.31 12.73 19.68
CA LEU A 1017 40.75 13.09 21.02
C LEU A 1017 39.66 12.71 22.02
N ALA B 2 -10.40 17.96 -43.62
CA ALA B 2 -9.05 18.06 -43.12
C ALA B 2 -8.31 16.78 -43.35
N PRO B 3 -6.96 16.83 -43.43
CA PRO B 3 -6.22 15.58 -43.64
C PRO B 3 -6.05 14.89 -42.28
N VAL B 4 -5.57 13.65 -42.26
CA VAL B 4 -5.37 12.98 -40.97
C VAL B 4 -4.05 13.49 -40.49
N LEU B 5 -4.16 14.40 -39.53
CA LEU B 5 -3.00 15.04 -38.97
C LEU B 5 -2.03 14.11 -38.25
N SER B 6 -2.56 13.13 -37.54
CA SER B 6 -1.71 12.20 -36.77
C SER B 6 -1.11 11.04 -37.56
N LYS B 7 -1.08 11.19 -38.88
CA LYS B 7 -0.54 10.16 -39.75
C LYS B 7 0.55 10.69 -40.65
N ASP B 8 1.57 9.86 -40.90
CA ASP B 8 2.67 10.24 -41.77
C ASP B 8 2.21 10.16 -43.22
N VAL B 9 2.54 11.18 -44.01
CA VAL B 9 2.18 11.17 -45.42
C VAL B 9 3.17 10.22 -46.11
N ALA B 10 2.87 9.84 -47.35
CA ALA B 10 3.71 8.92 -48.09
C ALA B 10 5.21 9.22 -47.99
N ASP B 11 5.57 10.49 -48.19
CA ASP B 11 6.96 10.94 -48.13
C ASP B 11 7.66 10.57 -46.84
N ILE B 12 6.99 10.82 -45.72
CA ILE B 12 7.56 10.52 -44.42
C ILE B 12 7.58 9.03 -44.16
N GLU B 13 6.55 8.34 -44.59
CA GLU B 13 6.49 6.89 -44.40
C GLU B 13 7.70 6.30 -45.12
N SER B 14 8.04 6.88 -46.27
CA SER B 14 9.17 6.42 -47.05
C SER B 14 10.48 6.68 -46.34
N ILE B 15 10.63 7.88 -45.78
CA ILE B 15 11.86 8.23 -45.07
C ILE B 15 12.04 7.37 -43.82
N LEU B 16 10.92 6.89 -43.26
CA LEU B 16 10.93 6.06 -42.06
C LEU B 16 11.07 4.56 -42.35
N ALA B 17 11.27 4.23 -43.62
CA ALA B 17 11.38 2.82 -44.05
C ALA B 17 12.32 1.94 -43.23
N LEU B 18 13.47 2.47 -42.84
CA LEU B 18 14.44 1.70 -42.08
C LEU B 18 14.40 1.95 -40.58
N ASN B 19 13.40 2.69 -40.11
CA ASN B 19 13.26 2.97 -38.69
C ASN B 19 12.91 1.66 -37.98
N PRO B 20 13.54 1.39 -36.84
CA PRO B 20 13.24 0.15 -36.12
C PRO B 20 11.78 0.00 -35.67
N ARG B 21 11.28 -1.22 -35.83
CA ARG B 21 9.92 -1.58 -35.43
C ARG B 21 10.00 -3.05 -35.01
N THR B 22 9.52 -3.36 -33.81
CA THR B 22 9.56 -4.73 -33.34
C THR B 22 8.69 -5.62 -34.20
N GLN B 23 9.20 -6.78 -34.56
CA GLN B 23 8.45 -7.72 -35.39
C GLN B 23 7.54 -8.61 -34.56
N SER B 24 6.38 -8.96 -35.12
CA SER B 24 5.41 -9.78 -34.44
C SER B 24 5.57 -11.26 -34.79
N HIS B 25 6.49 -11.55 -35.69
CA HIS B 25 6.76 -12.93 -36.10
C HIS B 25 8.25 -13.14 -36.34
N ALA B 26 8.66 -14.41 -36.39
CA ALA B 26 10.05 -14.74 -36.64
C ALA B 26 10.28 -14.44 -38.11
N ALA B 27 11.50 -14.09 -38.47
CA ALA B 27 11.83 -13.76 -39.86
C ALA B 27 12.09 -14.98 -40.73
N LEU B 28 11.92 -14.82 -42.04
CA LEU B 28 12.17 -15.92 -42.96
C LEU B 28 13.15 -15.44 -44.03
N HIS B 29 14.35 -16.02 -44.01
CA HIS B 29 15.39 -15.68 -44.98
C HIS B 29 16.17 -16.96 -45.21
N SER B 30 16.22 -17.43 -46.46
CA SER B 30 16.92 -18.68 -46.75
C SER B 30 18.42 -18.57 -46.48
N THR B 31 19.04 -19.72 -46.24
CA THR B 31 20.47 -19.76 -45.99
C THR B 31 21.24 -19.25 -47.21
N LEU B 32 20.74 -19.57 -48.40
CA LEU B 32 21.39 -19.12 -49.62
C LEU B 32 21.31 -17.60 -49.72
N ALA B 33 20.12 -17.05 -49.43
CA ALA B 33 19.90 -15.62 -49.48
C ALA B 33 20.84 -14.92 -48.51
N LYS B 34 21.00 -15.51 -47.32
CA LYS B 34 21.87 -14.94 -46.32
C LYS B 34 23.33 -14.95 -46.76
N LYS B 35 23.77 -16.04 -47.38
CA LYS B 35 25.14 -16.13 -47.87
C LYS B 35 25.42 -15.02 -48.87
N LEU B 36 24.44 -14.74 -49.72
CA LEU B 36 24.57 -13.71 -50.75
C LEU B 36 24.56 -12.29 -50.18
N ASP B 37 23.80 -12.08 -49.11
CA ASP B 37 23.68 -10.76 -48.51
C ASP B 37 24.83 -10.39 -47.56
N LYS B 38 25.46 -11.39 -46.99
CA LYS B 38 26.56 -11.20 -46.05
C LYS B 38 27.71 -10.33 -46.58
N LYS B 39 28.10 -10.56 -47.83
CA LYS B 39 29.21 -9.83 -48.44
C LYS B 39 28.98 -8.32 -48.54
N HIS B 40 27.73 -7.90 -48.61
CA HIS B 40 27.43 -6.49 -48.73
C HIS B 40 27.81 -5.65 -47.51
N TRP B 41 27.72 -6.25 -46.33
CA TRP B 41 27.98 -5.53 -45.09
C TRP B 41 29.33 -5.81 -44.42
N LYS B 42 30.11 -6.70 -45.01
CA LYS B 42 31.40 -7.10 -44.47
C LYS B 42 32.35 -5.97 -44.08
N ARG B 43 32.75 -5.95 -42.80
CA ARG B 43 33.64 -4.94 -42.25
C ARG B 43 35.08 -5.43 -42.08
N ASN B 44 35.21 -6.60 -41.47
CA ASN B 44 36.51 -7.19 -41.18
C ASN B 44 37.06 -8.05 -42.31
N PRO B 45 38.28 -8.59 -42.14
CA PRO B 45 38.88 -9.42 -43.19
C PRO B 45 38.04 -10.67 -43.49
N ASP B 46 38.02 -11.05 -44.76
CA ASP B 46 37.27 -12.23 -45.20
C ASP B 46 38.23 -13.41 -45.11
N LYS B 47 37.93 -14.38 -44.26
CA LYS B 47 38.78 -15.54 -44.09
C LYS B 47 38.95 -16.35 -45.37
N ASN B 48 38.03 -16.16 -46.32
CA ASN B 48 38.09 -16.88 -47.58
C ASN B 48 38.89 -16.12 -48.63
N CYS B 49 39.36 -14.92 -48.28
CA CYS B 49 40.15 -14.11 -49.20
C CYS B 49 41.62 -14.47 -48.96
N PHE B 50 42.25 -15.03 -49.98
CA PHE B 50 43.64 -15.46 -49.85
C PHE B 50 44.64 -14.48 -50.48
N HIS B 51 44.12 -13.47 -51.17
CA HIS B 51 44.99 -12.49 -51.82
C HIS B 51 44.98 -11.16 -51.09
N CYS B 52 46.17 -10.68 -50.76
CA CYS B 52 46.32 -9.42 -50.06
C CYS B 52 46.14 -8.21 -50.97
N GLU B 53 45.50 -7.18 -50.43
CA GLU B 53 45.25 -5.95 -51.16
C GLU B 53 46.58 -5.39 -51.67
N LYS B 54 46.52 -4.55 -52.69
CA LYS B 54 47.72 -3.95 -53.25
C LYS B 54 48.27 -2.93 -52.27
N LEU B 55 49.56 -3.05 -51.94
CA LEU B 55 50.20 -2.14 -51.00
C LEU B 55 51.46 -1.48 -51.54
N GLU B 56 51.66 -1.55 -52.86
CA GLU B 56 52.86 -0.94 -53.44
C GLU B 56 52.89 0.55 -53.15
N ASN B 57 54.03 1.00 -52.63
CA ASN B 57 54.27 2.39 -52.27
C ASN B 57 53.24 2.94 -51.30
N ASN B 58 52.65 2.06 -50.49
CA ASN B 58 51.66 2.49 -49.52
C ASN B 58 52.27 2.45 -48.13
N PHE B 59 52.61 3.62 -47.59
CA PHE B 59 53.21 3.68 -46.27
C PHE B 59 52.29 4.25 -45.20
N ASP B 60 50.98 4.10 -45.41
CA ASP B 60 49.99 4.56 -44.45
C ASP B 60 50.13 3.75 -43.17
N ASP B 61 49.82 4.37 -42.04
CA ASP B 61 49.90 3.74 -40.73
C ASP B 61 49.07 2.45 -40.65
N ILE B 62 49.73 1.34 -40.31
CA ILE B 62 49.02 0.06 -40.19
C ILE B 62 48.89 -0.43 -38.75
N LYS B 63 49.38 0.36 -37.79
CA LYS B 63 49.29 -0.04 -36.39
C LYS B 63 47.84 -0.20 -35.95
N HIS B 64 47.56 -1.29 -35.22
CA HIS B 64 46.21 -1.53 -34.73
C HIS B 64 45.96 -0.73 -33.46
N THR B 65 47.05 -0.24 -32.86
CA THR B 65 46.98 0.50 -31.60
C THR B 65 46.78 2.00 -31.67
N THR B 66 46.89 2.57 -32.87
CA THR B 66 46.71 4.02 -33.02
C THR B 66 45.32 4.45 -32.55
N LEU B 67 45.28 5.53 -31.79
CA LEU B 67 44.01 6.05 -31.27
C LEU B 67 43.78 7.51 -31.63
N GLY B 68 42.51 7.85 -31.83
CA GLY B 68 42.12 9.22 -32.10
C GLY B 68 41.60 9.71 -30.75
N GLU B 69 41.22 10.99 -30.65
CA GLU B 69 40.76 11.49 -29.35
C GLU B 69 39.56 10.74 -28.78
N ARG B 70 38.55 10.52 -29.60
CA ARG B 70 37.35 9.79 -29.16
C ARG B 70 37.73 8.45 -28.55
N GLY B 71 38.53 7.68 -29.29
CA GLY B 71 38.96 6.38 -28.83
C GLY B 71 39.88 6.44 -27.62
N ALA B 72 40.76 7.42 -27.59
CA ALA B 72 41.69 7.60 -26.47
C ALA B 72 40.94 7.91 -25.18
N LEU B 73 39.94 8.78 -25.27
CA LEU B 73 39.18 9.12 -24.08
C LEU B 73 38.45 7.91 -23.52
N ARG B 74 37.85 7.11 -24.40
CA ARG B 74 37.14 5.91 -23.95
C ARG B 74 38.10 4.94 -23.27
N GLU B 75 39.23 4.67 -23.88
CA GLU B 75 40.19 3.74 -23.31
C GLU B 75 40.79 4.26 -22.01
N ALA B 76 41.07 5.56 -21.95
CA ALA B 76 41.65 6.16 -20.75
C ALA B 76 40.67 6.10 -19.58
N MET B 77 39.39 6.27 -19.89
CA MET B 77 38.37 6.20 -18.84
C MET B 77 38.20 4.78 -18.33
N ARG B 78 38.52 3.81 -19.18
CA ARG B 78 38.39 2.39 -18.85
C ARG B 78 39.46 1.91 -17.88
N CYS B 79 40.67 2.46 -18.01
CA CYS B 79 41.79 2.10 -17.17
C CYS B 79 41.44 2.25 -15.68
N LEU B 80 41.78 1.24 -14.89
CA LEU B 80 41.49 1.26 -13.45
C LEU B 80 42.38 2.23 -12.68
N LYS B 81 43.46 2.70 -13.31
CA LYS B 81 44.38 3.65 -12.68
C LYS B 81 44.80 3.09 -11.32
N CYS B 82 45.36 1.88 -11.40
CA CYS B 82 45.79 1.06 -10.26
C CYS B 82 46.92 1.53 -9.37
N ALA B 83 46.85 1.10 -8.11
CA ALA B 83 47.87 1.41 -7.13
C ALA B 83 49.06 0.49 -7.39
N ASP B 84 50.28 1.01 -7.19
CA ASP B 84 51.49 0.20 -7.38
C ASP B 84 51.32 -0.61 -8.66
N ALA B 85 50.82 0.06 -9.69
CA ALA B 85 50.50 -0.56 -10.98
C ALA B 85 51.52 -1.52 -11.58
N PRO B 86 51.06 -2.73 -11.93
CA PRO B 86 51.93 -3.77 -12.51
C PRO B 86 52.39 -3.40 -13.91
N CYS B 87 51.61 -2.58 -14.61
CA CYS B 87 51.99 -2.15 -15.96
C CYS B 87 53.27 -1.31 -15.85
N GLN B 88 53.32 -0.41 -14.87
CA GLN B 88 54.50 0.42 -14.66
C GLN B 88 55.69 -0.45 -14.28
N LYS B 89 55.44 -1.44 -13.42
CA LYS B 89 56.52 -2.33 -13.01
C LYS B 89 57.06 -3.09 -14.21
N SER B 90 56.19 -3.32 -15.20
CA SER B 90 56.55 -4.05 -16.41
C SER B 90 57.06 -3.16 -17.55
N CYS B 91 57.19 -1.87 -17.26
CA CYS B 91 57.70 -0.92 -18.26
C CYS B 91 59.19 -0.69 -17.99
N PRO B 92 60.05 -0.95 -18.98
CA PRO B 92 61.49 -0.75 -18.76
C PRO B 92 61.91 0.65 -18.31
N THR B 93 61.14 1.68 -18.66
CA THR B 93 61.48 3.03 -18.24
C THR B 93 60.66 3.50 -17.04
N HIS B 94 59.91 2.57 -16.45
CA HIS B 94 59.09 2.83 -15.27
C HIS B 94 58.11 3.99 -15.41
N LEU B 95 57.49 4.12 -16.57
CA LEU B 95 56.53 5.19 -16.80
C LEU B 95 55.37 5.13 -15.80
N ASP B 96 54.97 6.28 -15.26
CA ASP B 96 53.85 6.31 -14.33
C ASP B 96 52.60 6.30 -15.20
N ILE B 97 52.26 5.10 -15.66
CA ILE B 97 51.11 4.85 -16.53
C ILE B 97 49.80 5.29 -15.89
N LYS B 98 49.63 4.97 -14.61
CA LYS B 98 48.43 5.35 -13.87
C LYS B 98 48.21 6.85 -14.02
N SER B 99 49.26 7.63 -13.76
CA SER B 99 49.14 9.07 -13.84
C SER B 99 48.92 9.63 -15.24
N PHE B 100 49.69 9.16 -16.23
CA PHE B 100 49.50 9.73 -17.56
C PHE B 100 48.15 9.34 -18.16
N ILE B 101 47.66 8.14 -17.87
CA ILE B 101 46.36 7.74 -18.41
C ILE B 101 45.26 8.53 -17.69
N THR B 102 45.45 8.81 -16.41
CA THR B 102 44.48 9.59 -15.66
C THR B 102 44.38 10.98 -16.31
N SER B 103 45.53 11.54 -16.65
CA SER B 103 45.55 12.86 -17.28
C SER B 103 44.80 12.82 -18.62
N ILE B 104 44.99 11.75 -19.39
CA ILE B 104 44.28 11.64 -20.67
C ILE B 104 42.78 11.59 -20.43
N SER B 105 42.35 10.81 -19.43
CA SER B 105 40.93 10.69 -19.14
C SER B 105 40.34 12.04 -18.73
N ASN B 106 41.18 12.90 -18.17
CA ASN B 106 40.75 14.23 -17.74
C ASN B 106 40.99 15.29 -18.82
N LYS B 107 41.31 14.83 -20.02
CA LYS B 107 41.57 15.69 -21.18
C LYS B 107 42.81 16.57 -21.05
N ASN B 108 43.68 16.21 -20.12
CA ASN B 108 44.92 16.95 -19.91
C ASN B 108 46.05 16.24 -20.63
N TYR B 109 46.08 16.43 -21.94
CA TYR B 109 47.10 15.79 -22.78
C TYR B 109 48.50 16.30 -22.49
N TYR B 110 48.62 17.56 -22.12
CA TYR B 110 49.93 18.11 -21.79
C TYR B 110 50.51 17.38 -20.58
N GLY B 111 49.71 17.30 -19.52
CA GLY B 111 50.17 16.63 -18.32
C GLY B 111 50.55 15.19 -18.57
N ALA B 112 49.80 14.53 -19.44
CA ALA B 112 50.08 13.14 -19.78
C ALA B 112 51.42 13.05 -20.49
N ALA B 113 51.62 13.91 -21.49
CA ALA B 113 52.86 13.92 -22.25
C ALA B 113 54.06 14.25 -21.36
N LYS B 114 53.88 15.22 -20.46
CA LYS B 114 54.94 15.62 -19.56
C LYS B 114 55.37 14.43 -18.69
N MET B 115 54.40 13.67 -18.20
CA MET B 115 54.67 12.50 -17.37
C MET B 115 55.41 11.44 -18.19
N ILE B 116 54.97 11.24 -19.42
CA ILE B 116 55.58 10.27 -20.32
C ILE B 116 57.03 10.64 -20.61
N PHE B 117 57.25 11.87 -21.08
CA PHE B 117 58.60 12.28 -21.41
C PHE B 117 59.53 12.44 -20.23
N SER B 118 58.96 12.60 -19.04
CA SER B 118 59.79 12.72 -17.84
C SER B 118 60.61 11.45 -17.64
N ASP B 119 60.00 10.31 -17.91
CA ASP B 119 60.71 9.05 -17.74
C ASP B 119 61.18 8.41 -19.05
N ASN B 120 60.71 8.93 -20.18
CA ASN B 120 61.11 8.39 -21.48
C ASN B 120 61.20 9.48 -22.55
N PRO B 121 62.43 9.95 -22.85
CA PRO B 121 62.67 11.00 -23.86
C PRO B 121 62.19 10.65 -25.27
N LEU B 122 61.91 9.36 -25.50
CA LEU B 122 61.41 8.92 -26.81
C LEU B 122 60.01 8.37 -26.59
N GLY B 123 59.22 9.09 -25.80
CA GLY B 123 57.87 8.67 -25.47
C GLY B 123 56.94 8.39 -26.64
N LEU B 124 57.04 9.19 -27.70
CA LEU B 124 56.16 8.98 -28.85
C LEU B 124 56.59 7.75 -29.65
N THR B 125 57.89 7.64 -29.90
CA THR B 125 58.40 6.48 -30.63
C THR B 125 57.99 5.21 -29.92
N CYS B 126 58.22 5.17 -28.60
CA CYS B 126 57.88 3.98 -27.82
C CYS B 126 56.38 3.68 -27.81
N GLY B 127 55.55 4.71 -27.74
CA GLY B 127 54.11 4.47 -27.75
C GLY B 127 53.76 3.72 -29.03
N MET B 128 54.43 4.08 -30.12
CA MET B 128 54.15 3.44 -31.41
C MET B 128 54.78 2.07 -31.63
N VAL B 129 55.98 1.86 -31.12
CA VAL B 129 56.68 0.60 -31.37
C VAL B 129 56.91 -0.39 -30.23
N CYS B 130 56.67 0.00 -28.99
CA CYS B 130 56.88 -0.93 -27.89
C CYS B 130 56.10 -2.23 -28.06
N PRO B 131 56.75 -3.38 -27.81
CA PRO B 131 56.09 -4.68 -27.93
C PRO B 131 55.35 -4.84 -26.59
N THR B 132 54.35 -3.99 -26.39
CA THR B 132 53.60 -3.96 -25.13
C THR B 132 53.09 -5.28 -24.56
N SER B 133 52.73 -6.24 -25.41
CA SER B 133 52.23 -7.51 -24.89
C SER B 133 53.31 -8.24 -24.09
N ASP B 134 54.57 -7.91 -24.34
CA ASP B 134 55.68 -8.52 -23.63
C ASP B 134 56.26 -7.55 -22.60
N LEU B 135 55.60 -6.40 -22.44
CA LEU B 135 56.05 -5.39 -21.50
C LEU B 135 54.90 -4.90 -20.60
N CYS B 136 54.64 -3.59 -20.60
CA CYS B 136 53.60 -3.02 -19.75
C CYS B 136 52.23 -3.70 -19.82
N VAL B 137 51.71 -3.85 -21.03
CA VAL B 137 50.39 -4.45 -21.20
C VAL B 137 50.34 -5.90 -20.70
N GLY B 138 51.47 -6.58 -20.77
CA GLY B 138 51.54 -7.96 -20.30
C GLY B 138 51.24 -8.09 -18.82
N GLY B 139 51.35 -7.00 -18.08
CA GLY B 139 51.08 -7.06 -16.65
C GLY B 139 49.81 -6.33 -16.25
N CYS B 140 49.05 -5.85 -17.23
CA CYS B 140 47.82 -5.11 -16.96
C CYS B 140 46.74 -5.91 -16.23
N ASN B 141 46.26 -5.37 -15.11
CA ASN B 141 45.23 -6.03 -14.31
C ASN B 141 43.95 -6.27 -15.06
N LEU B 142 43.64 -5.42 -16.04
CA LEU B 142 42.41 -5.60 -16.80
C LEU B 142 42.45 -6.82 -17.71
N TYR B 143 43.59 -7.51 -17.77
CA TYR B 143 43.66 -8.72 -18.56
C TYR B 143 42.70 -9.71 -17.90
N ALA B 144 42.43 -9.47 -16.62
CA ALA B 144 41.55 -10.33 -15.84
C ALA B 144 40.06 -10.05 -16.08
N THR B 145 39.76 -9.28 -17.13
CA THR B 145 38.37 -8.99 -17.48
C THR B 145 38.17 -9.43 -18.91
N GLU B 146 36.93 -9.71 -19.28
CA GLU B 146 36.62 -10.15 -20.64
C GLU B 146 37.04 -9.14 -21.70
N GLU B 147 36.84 -7.86 -21.42
CA GLU B 147 37.19 -6.80 -22.36
C GLU B 147 38.71 -6.68 -22.56
N GLY B 148 39.49 -7.21 -21.63
CA GLY B 148 40.93 -7.20 -21.77
C GLY B 148 41.74 -6.01 -21.32
N SER B 149 43.06 -6.15 -21.46
CA SER B 149 44.02 -5.14 -21.06
C SER B 149 43.90 -3.83 -21.82
N ILE B 150 44.44 -2.77 -21.22
CA ILE B 150 44.41 -1.43 -21.78
C ILE B 150 45.43 -1.26 -22.90
N ASN B 151 45.06 -0.46 -23.89
CA ASN B 151 45.96 -0.16 -25.01
C ASN B 151 46.86 0.99 -24.52
N ILE B 152 47.84 0.63 -23.71
CA ILE B 152 48.76 1.59 -23.13
C ILE B 152 49.60 2.33 -24.17
N GLY B 153 50.13 1.60 -25.13
CA GLY B 153 50.96 2.21 -26.17
C GLY B 153 50.19 3.24 -26.98
N GLY B 154 48.97 2.89 -27.37
CA GLY B 154 48.15 3.80 -28.16
C GLY B 154 47.83 5.07 -27.37
N LEU B 155 47.60 4.92 -26.08
CA LEU B 155 47.30 6.07 -25.24
C LEU B 155 48.54 6.96 -25.13
N GLN B 156 49.70 6.34 -24.98
CA GLN B 156 50.96 7.07 -24.87
C GLN B 156 51.19 7.82 -26.16
N GLN B 157 50.94 7.13 -27.28
CA GLN B 157 51.10 7.71 -28.61
C GLN B 157 50.16 8.92 -28.77
N PHE B 158 48.91 8.76 -28.40
CA PHE B 158 47.95 9.85 -28.52
C PHE B 158 48.35 11.11 -27.76
N ALA B 159 48.62 10.96 -26.46
CA ALA B 159 49.00 12.11 -25.65
C ALA B 159 50.25 12.78 -26.21
N SER B 160 51.22 11.98 -26.62
CA SER B 160 52.46 12.50 -27.15
C SER B 160 52.25 13.21 -28.49
N GLU B 161 51.33 12.69 -29.30
CA GLU B 161 51.02 13.30 -30.60
C GLU B 161 50.38 14.67 -30.41
N VAL B 162 49.47 14.79 -29.44
CA VAL B 162 48.84 16.07 -29.19
C VAL B 162 49.90 17.07 -28.72
N PHE B 163 50.78 16.62 -27.83
CA PHE B 163 51.83 17.49 -27.32
C PHE B 163 52.70 17.96 -28.48
N LYS B 164 53.03 17.04 -29.39
CA LYS B 164 53.84 17.36 -30.55
C LYS B 164 53.15 18.44 -31.37
N ALA B 165 51.83 18.32 -31.50
CA ALA B 165 51.04 19.28 -32.26
C ALA B 165 51.02 20.66 -31.61
N MET B 166 51.19 20.72 -30.29
CA MET B 166 51.19 21.99 -29.58
C MET B 166 52.46 22.77 -29.90
N ASN B 167 53.47 22.05 -30.38
CA ASN B 167 54.74 22.67 -30.73
C ASN B 167 55.28 23.52 -29.59
N ILE B 168 55.46 22.89 -28.43
CA ILE B 168 55.98 23.56 -27.25
C ILE B 168 57.38 22.98 -27.08
N PRO B 169 58.39 23.83 -26.84
CA PRO B 169 59.75 23.34 -26.66
C PRO B 169 60.04 22.86 -25.24
N GLN B 170 61.10 22.08 -25.10
CA GLN B 170 61.51 21.60 -23.79
C GLN B 170 62.42 22.70 -23.24
N ILE B 171 62.43 22.87 -21.92
CA ILE B 171 63.29 23.87 -21.33
C ILE B 171 64.15 23.29 -20.22
N ARG B 172 65.17 24.05 -19.87
CA ARG B 172 66.12 23.71 -18.82
C ARG B 172 65.32 23.68 -17.52
N ASN B 173 65.66 22.78 -16.60
CA ASN B 173 64.96 22.69 -15.33
C ASN B 173 64.94 24.05 -14.64
N PRO B 174 63.74 24.58 -14.35
CA PRO B 174 63.56 25.88 -13.69
C PRO B 174 64.25 26.02 -12.34
N CYS B 175 64.43 24.92 -11.62
CA CYS B 175 65.07 24.98 -10.31
C CYS B 175 66.59 24.87 -10.34
N LEU B 176 67.16 24.73 -11.54
CA LEU B 176 68.61 24.65 -11.68
C LEU B 176 69.18 26.05 -11.59
N PRO B 177 70.41 26.19 -11.06
CA PRO B 177 71.00 27.52 -10.96
C PRO B 177 71.22 28.06 -12.37
N SER B 178 71.42 29.37 -12.49
CA SER B 178 71.67 29.99 -13.78
C SER B 178 72.85 29.27 -14.43
N GLN B 179 72.86 29.21 -15.76
CA GLN B 179 73.93 28.54 -16.47
C GLN B 179 75.32 29.03 -16.08
N GLU B 180 75.42 30.32 -15.73
CA GLU B 180 76.69 30.92 -15.34
C GLU B 180 77.09 30.60 -13.89
N LYS B 181 76.10 30.21 -13.08
CA LYS B 181 76.37 29.89 -11.68
C LYS B 181 76.62 28.40 -11.48
N MET B 182 76.58 27.64 -12.56
CA MET B 182 76.80 26.20 -12.50
C MET B 182 78.27 25.88 -12.21
N PRO B 183 78.52 24.89 -11.35
CA PRO B 183 79.89 24.49 -11.01
C PRO B 183 80.65 24.11 -12.28
N GLU B 184 81.96 24.28 -12.27
CA GLU B 184 82.80 23.95 -13.42
C GLU B 184 82.58 22.54 -13.95
N ALA B 185 82.33 21.60 -13.05
CA ALA B 185 82.13 20.20 -13.40
C ALA B 185 81.10 20.00 -14.52
N TYR B 186 80.08 20.86 -14.55
CA TYR B 186 79.05 20.71 -15.57
C TYR B 186 79.45 21.13 -16.98
N SER B 187 80.64 21.71 -17.12
CA SER B 187 81.13 22.12 -18.43
C SER B 187 82.04 21.03 -18.99
N ALA B 188 82.17 19.93 -18.26
CA ALA B 188 83.01 18.81 -18.68
C ALA B 188 82.58 18.33 -20.06
N LYS B 189 83.55 18.16 -20.95
CA LYS B 189 83.26 17.71 -22.31
C LYS B 189 82.80 16.25 -22.29
N ILE B 190 81.58 16.03 -22.78
CA ILE B 190 81.01 14.69 -22.83
C ILE B 190 80.77 14.26 -24.27
N ALA B 191 81.14 13.03 -24.58
CA ALA B 191 80.95 12.50 -25.92
C ALA B 191 80.10 11.23 -25.90
N LEU B 192 79.22 11.12 -26.90
CA LEU B 192 78.39 9.94 -27.06
C LEU B 192 78.57 9.49 -28.49
N LEU B 193 78.66 8.17 -28.69
CA LEU B 193 78.86 7.63 -30.03
C LEU B 193 77.58 6.96 -30.50
N GLY B 194 77.06 7.42 -31.64
CA GLY B 194 75.84 6.87 -32.18
C GLY B 194 74.63 7.68 -31.76
N ALA B 195 73.86 8.15 -32.73
CA ALA B 195 72.67 8.95 -32.45
C ALA B 195 71.39 8.12 -32.46
N GLY B 196 71.37 7.05 -31.68
CA GLY B 196 70.19 6.21 -31.63
C GLY B 196 69.48 6.41 -30.29
N PRO B 197 68.42 5.64 -30.02
CA PRO B 197 67.65 5.73 -28.77
C PRO B 197 68.50 5.81 -27.50
N ALA B 198 69.49 4.95 -27.38
CA ALA B 198 70.34 4.92 -26.19
C ALA B 198 71.07 6.25 -25.94
N SER B 199 71.77 6.74 -26.94
CA SER B 199 72.50 8.00 -26.80
C SER B 199 71.57 9.20 -26.67
N ILE B 200 70.48 9.21 -27.42
CA ILE B 200 69.54 10.32 -27.34
C ILE B 200 69.00 10.41 -25.91
N SER B 201 68.72 9.26 -25.32
CA SER B 201 68.21 9.24 -23.95
C SER B 201 69.28 9.69 -22.96
N CYS B 202 70.48 9.11 -23.09
CA CYS B 202 71.58 9.47 -22.21
C CYS B 202 71.89 10.96 -22.27
N ALA B 203 72.06 11.48 -23.49
CA ALA B 203 72.35 12.89 -23.66
C ALA B 203 71.25 13.77 -23.08
N SER B 204 70.00 13.36 -23.27
CA SER B 204 68.87 14.13 -22.75
C SER B 204 68.93 14.26 -21.24
N PHE B 205 69.10 13.13 -20.54
CA PHE B 205 69.17 13.19 -19.08
C PHE B 205 70.39 13.94 -18.57
N LEU B 206 71.52 13.83 -19.26
CA LEU B 206 72.71 14.56 -18.83
C LEU B 206 72.45 16.06 -18.97
N ALA B 207 71.76 16.44 -20.04
CA ALA B 207 71.44 17.84 -20.28
C ALA B 207 70.49 18.34 -19.19
N ARG B 208 69.56 17.48 -18.78
CA ARG B 208 68.61 17.86 -17.73
C ARG B 208 69.34 18.16 -16.43
N LEU B 209 70.41 17.40 -16.17
CA LEU B 209 71.20 17.57 -14.96
C LEU B 209 72.02 18.87 -14.98
N GLY B 210 72.13 19.48 -16.16
CA GLY B 210 72.88 20.72 -16.25
C GLY B 210 74.14 20.71 -17.08
N TYR B 211 74.54 19.55 -17.61
CA TYR B 211 75.75 19.52 -18.41
C TYR B 211 75.56 20.33 -19.69
N SER B 212 76.51 21.23 -19.94
CA SER B 212 76.43 22.14 -21.08
C SER B 212 77.29 21.85 -22.30
N ASP B 213 78.09 20.78 -22.26
CA ASP B 213 78.93 20.47 -23.41
C ASP B 213 78.80 18.99 -23.73
N ILE B 214 77.71 18.66 -24.41
CA ILE B 214 77.39 17.28 -24.77
C ILE B 214 77.35 17.15 -26.29
N THR B 215 78.13 16.22 -26.83
CA THR B 215 78.17 16.01 -28.26
C THR B 215 77.97 14.56 -28.65
N ILE B 216 77.03 14.31 -29.57
CA ILE B 216 76.78 12.97 -30.07
C ILE B 216 77.43 12.89 -31.44
N PHE B 217 78.30 11.91 -31.63
CA PHE B 217 78.97 11.72 -32.90
C PHE B 217 78.29 10.56 -33.62
N GLU B 218 77.67 10.87 -34.76
CA GLU B 218 76.94 9.87 -35.54
C GLU B 218 77.65 9.55 -36.85
N LYS B 219 77.81 8.26 -37.12
CA LYS B 219 78.47 7.80 -38.34
C LYS B 219 77.74 8.22 -39.61
N GLN B 220 76.44 7.98 -39.66
CA GLN B 220 75.64 8.31 -40.84
C GLN B 220 75.32 9.80 -40.97
N GLU B 221 74.65 10.13 -42.07
CA GLU B 221 74.25 11.50 -42.36
C GLU B 221 72.90 11.79 -41.71
N TYR B 222 72.23 10.74 -41.26
CA TYR B 222 70.92 10.87 -40.62
C TYR B 222 71.02 10.49 -39.16
N VAL B 223 70.02 10.90 -38.37
CA VAL B 223 70.01 10.62 -36.96
C VAL B 223 68.79 9.82 -36.55
N GLY B 224 68.86 9.19 -35.38
CA GLY B 224 67.73 8.41 -34.89
C GLY B 224 67.98 6.92 -34.80
N GLY B 225 69.10 6.45 -35.35
CA GLY B 225 69.41 5.03 -35.30
C GLY B 225 68.40 4.19 -36.06
N LEU B 226 68.13 2.98 -35.55
CA LEU B 226 67.20 2.07 -36.22
C LEU B 226 65.79 2.64 -36.36
N SER B 227 65.41 3.55 -35.46
CA SER B 227 64.08 4.16 -35.54
C SER B 227 63.95 4.85 -36.89
N THR B 228 65.08 5.31 -37.41
CA THR B 228 65.11 6.00 -38.68
C THR B 228 65.48 5.11 -39.87
N SER B 229 66.59 4.40 -39.73
CA SER B 229 67.11 3.56 -40.80
C SER B 229 66.39 2.25 -41.12
N GLU B 230 65.67 1.67 -40.17
CA GLU B 230 65.03 0.39 -40.46
C GLU B 230 63.55 0.20 -40.10
N ILE B 231 63.11 0.73 -38.97
CA ILE B 231 61.70 0.55 -38.62
C ILE B 231 60.87 1.25 -39.72
N PRO B 232 59.93 0.51 -40.33
CA PRO B 232 59.10 1.07 -41.41
C PRO B 232 58.31 2.33 -41.08
N GLN B 233 58.19 3.19 -42.09
CA GLN B 233 57.43 4.42 -41.99
C GLN B 233 55.97 4.12 -41.66
N PHE B 234 55.47 2.95 -42.08
CA PHE B 234 54.09 2.58 -41.81
C PHE B 234 53.85 2.11 -40.37
N ARG B 235 54.92 2.10 -39.57
CA ARG B 235 54.82 1.75 -38.16
C ARG B 235 55.30 2.95 -37.35
N LEU B 236 56.39 3.58 -37.80
CA LEU B 236 56.95 4.74 -37.11
C LEU B 236 57.29 5.87 -38.09
N PRO B 237 56.42 6.90 -38.16
CA PRO B 237 56.68 8.02 -39.07
C PRO B 237 57.97 8.75 -38.69
N TYR B 238 58.78 9.09 -39.68
CA TYR B 238 60.04 9.77 -39.42
C TYR B 238 59.87 11.10 -38.66
N ASP B 239 58.76 11.78 -38.87
CA ASP B 239 58.52 13.05 -38.19
C ASP B 239 58.50 12.88 -36.67
N VAL B 240 58.20 11.67 -36.21
CA VAL B 240 58.19 11.38 -34.77
C VAL B 240 59.62 11.44 -34.26
N VAL B 241 60.53 10.82 -34.99
CA VAL B 241 61.94 10.80 -34.61
C VAL B 241 62.49 12.22 -34.59
N ASN B 242 62.20 13.00 -35.62
CA ASN B 242 62.66 14.38 -35.73
C ASN B 242 62.17 15.19 -34.53
N PHE B 243 60.90 14.98 -34.17
CA PHE B 243 60.29 15.67 -33.03
C PHE B 243 61.06 15.41 -31.74
N GLU B 244 61.37 14.15 -31.45
CA GLU B 244 62.08 13.81 -30.23
C GLU B 244 63.53 14.31 -30.26
N ILE B 245 64.14 14.32 -31.44
CA ILE B 245 65.51 14.81 -31.58
C ILE B 245 65.55 16.29 -31.28
N GLU B 246 64.59 17.03 -31.82
CA GLU B 246 64.54 18.47 -31.60
C GLU B 246 64.28 18.83 -30.14
N LEU B 247 63.50 18.02 -29.44
CA LEU B 247 63.25 18.29 -28.02
C LEU B 247 64.57 18.19 -27.27
N MET B 248 65.39 17.20 -27.63
CA MET B 248 66.68 17.01 -27.00
C MET B 248 67.59 18.20 -27.30
N LYS B 249 67.58 18.63 -28.55
CA LYS B 249 68.40 19.77 -28.96
C LYS B 249 68.01 21.04 -28.23
N ASP B 250 66.77 21.11 -27.75
CA ASP B 250 66.32 22.27 -27.00
C ASP B 250 67.17 22.44 -25.74
N LEU B 251 67.75 21.33 -25.27
CA LEU B 251 68.57 21.35 -24.07
C LEU B 251 70.06 21.61 -24.36
N GLY B 252 70.37 21.92 -25.62
CA GLY B 252 71.75 22.22 -25.98
C GLY B 252 72.62 21.08 -26.48
N VAL B 253 72.08 19.87 -26.52
CA VAL B 253 72.86 18.73 -27.02
C VAL B 253 73.23 18.94 -28.48
N LYS B 254 74.50 18.70 -28.80
CA LYS B 254 74.98 18.86 -30.15
C LYS B 254 75.12 17.50 -30.84
N ILE B 255 74.86 17.49 -32.15
CA ILE B 255 74.98 16.26 -32.93
C ILE B 255 75.86 16.54 -34.14
N ILE B 256 76.89 15.72 -34.33
CA ILE B 256 77.78 15.87 -35.46
C ILE B 256 77.75 14.57 -36.26
N CYS B 257 77.23 14.66 -37.49
CA CYS B 257 77.13 13.49 -38.36
C CYS B 257 78.39 13.32 -39.20
N GLY B 258 78.55 12.12 -39.77
CA GLY B 258 79.71 11.85 -40.58
C GLY B 258 80.95 11.59 -39.75
N LYS B 259 80.76 11.30 -38.47
CA LYS B 259 81.87 11.03 -37.55
C LYS B 259 81.71 9.61 -37.03
N SER B 260 82.72 8.78 -37.22
CA SER B 260 82.66 7.39 -36.78
C SER B 260 83.67 6.99 -35.72
N LEU B 261 83.21 6.11 -34.83
CA LEU B 261 84.06 5.53 -33.79
C LEU B 261 84.72 4.40 -34.55
N SER B 262 85.99 4.58 -34.91
CA SER B 262 86.72 3.55 -35.65
C SER B 262 88.21 3.86 -35.51
N GLU B 263 89.02 2.83 -35.55
CA GLU B 263 90.46 2.95 -35.38
C GLU B 263 91.15 4.12 -36.10
N ASN B 264 90.77 4.43 -37.33
CA ASN B 264 91.41 5.50 -38.07
C ASN B 264 90.72 6.86 -37.92
N GLU B 265 89.65 6.89 -37.14
CA GLU B 265 88.89 8.11 -36.93
C GLU B 265 88.79 8.40 -35.43
N ILE B 266 87.58 8.38 -34.90
CA ILE B 266 87.38 8.65 -33.48
C ILE B 266 87.61 7.38 -32.67
N THR B 267 88.41 7.49 -31.62
CA THR B 267 88.69 6.36 -30.74
C THR B 267 88.64 6.85 -29.30
N LEU B 268 88.57 5.93 -28.34
CA LEU B 268 88.54 6.34 -26.95
C LEU B 268 89.81 7.11 -26.63
N ASN B 269 90.92 6.71 -27.23
CA ASN B 269 92.18 7.39 -26.99
C ASN B 269 92.18 8.81 -27.54
N THR B 270 91.64 9.01 -28.75
CA THR B 270 91.62 10.36 -29.31
C THR B 270 90.68 11.25 -28.50
N LEU B 271 89.58 10.69 -28.01
CA LEU B 271 88.64 11.46 -27.20
C LEU B 271 89.31 11.90 -25.90
N LYS B 272 90.03 10.98 -25.28
CA LYS B 272 90.73 11.27 -24.03
C LYS B 272 91.78 12.36 -24.28
N GLU B 273 92.50 12.21 -25.37
CA GLU B 273 93.53 13.16 -25.76
C GLU B 273 92.96 14.54 -25.96
N GLU B 274 91.74 14.59 -26.51
CA GLU B 274 91.07 15.86 -26.79
C GLU B 274 90.43 16.51 -25.57
N GLY B 275 90.51 15.86 -24.41
CA GLY B 275 89.95 16.44 -23.21
C GLY B 275 88.55 16.00 -22.81
N TYR B 276 87.99 15.02 -23.50
CA TYR B 276 86.66 14.55 -23.14
C TYR B 276 86.77 13.85 -21.78
N LYS B 277 85.83 14.14 -20.89
CA LYS B 277 85.83 13.58 -19.54
C LYS B 277 85.02 12.29 -19.39
N ALA B 278 84.07 12.08 -20.29
CA ALA B 278 83.24 10.88 -20.23
C ALA B 278 82.75 10.54 -21.63
N ALA B 279 82.51 9.26 -21.86
CA ALA B 279 82.02 8.81 -23.16
C ALA B 279 80.98 7.71 -22.99
N PHE B 280 79.94 7.78 -23.81
CA PHE B 280 78.87 6.79 -23.80
C PHE B 280 78.85 6.14 -25.18
N ILE B 281 78.95 4.81 -25.19
CA ILE B 281 78.95 4.07 -26.45
C ILE B 281 77.53 3.55 -26.72
N GLY B 282 76.91 4.07 -27.77
CA GLY B 282 75.57 3.64 -28.14
C GLY B 282 75.46 3.45 -29.64
N ILE B 283 76.43 2.73 -30.21
CA ILE B 283 76.47 2.50 -31.65
C ILE B 283 75.66 1.30 -32.12
N GLY B 284 74.99 0.62 -31.18
CA GLY B 284 74.18 -0.54 -31.55
C GLY B 284 74.99 -1.66 -32.17
N LEU B 285 74.32 -2.46 -33.01
CA LEU B 285 74.93 -3.60 -33.70
C LEU B 285 74.87 -3.24 -35.19
N PRO B 286 75.93 -2.57 -35.69
CA PRO B 286 76.11 -2.09 -37.07
C PRO B 286 76.07 -3.05 -38.24
N GLU B 287 76.40 -4.32 -38.01
CA GLU B 287 76.44 -5.25 -39.11
C GLU B 287 75.43 -6.38 -39.07
N PRO B 288 75.05 -6.92 -40.24
CA PRO B 288 74.08 -8.00 -40.30
C PRO B 288 74.69 -9.35 -39.98
N LYS B 289 73.86 -10.22 -39.41
CA LYS B 289 74.27 -11.57 -39.08
C LYS B 289 74.18 -12.27 -40.43
N THR B 290 75.30 -12.83 -40.89
CA THR B 290 75.32 -13.48 -42.20
C THR B 290 75.46 -15.00 -42.17
N ASP B 291 75.13 -15.60 -43.31
CA ASP B 291 75.23 -17.04 -43.49
C ASP B 291 76.17 -17.30 -44.66
N ASP B 292 77.07 -18.26 -44.47
CA ASP B 292 78.06 -18.63 -45.47
C ASP B 292 77.49 -18.93 -46.86
N ILE B 293 76.31 -19.54 -46.91
CA ILE B 293 75.67 -19.91 -48.17
C ILE B 293 75.30 -18.73 -49.06
N PHE B 294 75.24 -17.53 -48.49
CA PHE B 294 74.87 -16.35 -49.27
C PHE B 294 76.06 -15.54 -49.74
N GLN B 295 77.25 -16.05 -49.46
CA GLN B 295 78.49 -15.37 -49.85
C GLN B 295 78.53 -15.10 -51.36
N GLY B 296 78.90 -13.86 -51.71
CA GLY B 296 79.01 -13.50 -53.11
C GLY B 296 77.75 -12.99 -53.79
N LEU B 297 76.58 -13.30 -53.22
CA LEU B 297 75.33 -12.87 -53.82
C LEU B 297 75.18 -11.35 -53.76
N THR B 298 74.71 -10.77 -54.87
CA THR B 298 74.54 -9.33 -54.96
C THR B 298 73.07 -8.93 -55.01
N GLN B 299 72.81 -7.64 -54.85
CA GLN B 299 71.46 -7.13 -54.89
C GLN B 299 70.88 -7.28 -56.30
N ASP B 300 71.74 -7.13 -57.31
CA ASP B 300 71.29 -7.28 -58.69
C ASP B 300 70.79 -8.70 -58.93
N GLN B 301 71.40 -9.67 -58.23
CA GLN B 301 71.00 -11.06 -58.37
C GLN B 301 69.71 -11.28 -57.58
N GLY B 302 69.43 -10.37 -56.65
CA GLY B 302 68.22 -10.48 -55.85
C GLY B 302 68.44 -10.78 -54.38
N PHE B 303 69.68 -10.67 -53.90
CA PHE B 303 69.96 -10.94 -52.49
C PHE B 303 70.22 -9.67 -51.67
N TYR B 304 69.60 -9.62 -50.50
CA TYR B 304 69.77 -8.50 -49.58
C TYR B 304 69.83 -9.01 -48.15
N THR B 305 70.51 -8.26 -47.29
CA THR B 305 70.50 -8.60 -45.87
C THR B 305 69.55 -7.49 -45.41
N SER B 306 68.98 -7.62 -44.23
CA SER B 306 68.07 -6.60 -43.72
C SER B 306 68.77 -5.23 -43.65
N LYS B 307 70.07 -5.26 -43.39
CA LYS B 307 70.85 -4.03 -43.28
C LYS B 307 71.00 -3.31 -44.63
N ASP B 308 70.82 -4.05 -45.72
CA ASP B 308 70.91 -3.48 -47.06
C ASP B 308 69.52 -2.98 -47.46
N PHE B 309 68.55 -3.87 -47.32
CA PHE B 309 67.16 -3.63 -47.70
C PHE B 309 66.36 -2.56 -46.96
N LEU B 310 66.18 -2.73 -45.65
CA LEU B 310 65.37 -1.77 -44.90
C LEU B 310 65.81 -0.31 -45.03
N PRO B 311 67.13 -0.03 -45.00
CA PRO B 311 67.54 1.37 -45.14
C PRO B 311 67.17 1.93 -46.52
N LEU B 312 67.18 1.09 -47.53
CA LEU B 312 66.83 1.53 -48.88
C LEU B 312 65.36 1.95 -48.92
N VAL B 313 64.50 1.17 -48.28
CA VAL B 313 63.08 1.49 -48.26
C VAL B 313 62.83 2.73 -47.41
N ALA B 314 63.53 2.82 -46.28
CA ALA B 314 63.37 3.95 -45.38
C ALA B 314 63.75 5.26 -46.08
N LYS B 315 64.90 5.25 -46.75
CA LYS B 315 65.36 6.44 -47.45
C LYS B 315 64.38 6.93 -48.52
N SER B 316 63.66 6.01 -49.15
CA SER B 316 62.72 6.43 -50.18
C SER B 316 61.33 6.77 -49.65
N SER B 317 61.01 6.29 -48.45
CA SER B 317 59.70 6.54 -47.86
C SER B 317 59.67 7.58 -46.74
N LYS B 318 60.85 7.94 -46.24
CA LYS B 318 60.92 8.91 -45.16
C LYS B 318 61.45 10.27 -45.61
N ALA B 319 60.54 11.18 -45.92
CA ALA B 319 60.91 12.51 -46.35
C ALA B 319 61.59 13.23 -45.20
N GLY B 320 62.82 13.67 -45.42
CA GLY B 320 63.55 14.37 -44.37
C GLY B 320 64.71 13.55 -43.85
N MET B 321 64.65 12.24 -44.04
CA MET B 321 65.73 11.36 -43.59
C MET B 321 67.04 11.68 -44.31
N CYS B 322 67.02 11.67 -45.62
CA CYS B 322 68.22 11.96 -46.40
C CYS B 322 68.11 13.25 -47.21
N ALA B 323 69.26 13.76 -47.63
CA ALA B 323 69.31 14.99 -48.42
C ALA B 323 68.62 14.82 -49.77
N CYS B 324 69.15 13.92 -50.59
CA CYS B 324 68.59 13.67 -51.91
C CYS B 324 67.51 12.60 -51.89
N HIS B 325 66.66 12.60 -52.90
CA HIS B 325 65.58 11.64 -53.02
C HIS B 325 66.16 10.31 -53.49
N SER B 326 65.54 9.20 -53.06
CA SER B 326 65.99 7.87 -53.46
C SER B 326 64.77 7.05 -53.90
N PRO B 327 64.95 6.16 -54.89
CA PRO B 327 63.87 5.31 -55.40
C PRO B 327 63.52 4.11 -54.52
N LEU B 328 62.30 3.60 -54.68
CA LEU B 328 61.88 2.44 -53.91
C LEU B 328 62.47 1.22 -54.60
N PRO B 329 63.12 0.32 -53.85
CA PRO B 329 63.71 -0.88 -54.44
C PRO B 329 62.69 -1.60 -55.30
N SER B 330 63.07 -1.99 -56.50
CA SER B 330 62.17 -2.70 -57.39
C SER B 330 62.18 -4.19 -57.07
N ILE B 331 61.24 -4.61 -56.22
CA ILE B 331 61.15 -6.01 -55.82
C ILE B 331 60.02 -6.65 -56.62
N ARG B 332 60.38 -7.52 -57.55
CA ARG B 332 59.40 -8.20 -58.39
C ARG B 332 59.41 -9.71 -58.20
N GLY B 333 58.22 -10.31 -58.16
CA GLY B 333 58.13 -11.75 -58.01
C GLY B 333 57.95 -12.25 -56.59
N ALA B 334 58.42 -13.46 -56.34
CA ALA B 334 58.32 -14.09 -55.03
C ALA B 334 59.51 -13.72 -54.18
N VAL B 335 59.24 -13.37 -52.93
CA VAL B 335 60.29 -12.97 -51.99
C VAL B 335 60.40 -13.92 -50.81
N ILE B 336 61.63 -14.30 -50.47
CA ILE B 336 61.86 -15.17 -49.34
C ILE B 336 62.56 -14.35 -48.26
N VAL B 337 61.96 -14.31 -47.08
CA VAL B 337 62.55 -13.59 -45.95
C VAL B 337 62.94 -14.63 -44.91
N LEU B 338 64.22 -14.63 -44.53
CA LEU B 338 64.71 -15.59 -43.56
C LEU B 338 64.84 -14.95 -42.18
N GLY B 339 64.09 -15.46 -41.22
CA GLY B 339 64.14 -14.92 -39.88
C GLY B 339 62.80 -15.00 -39.19
N ALA B 340 62.80 -14.80 -37.87
CA ALA B 340 61.56 -14.87 -37.10
C ALA B 340 61.42 -13.75 -36.07
N GLY B 341 62.22 -12.71 -36.21
CA GLY B 341 62.16 -11.59 -35.28
C GLY B 341 61.54 -10.37 -35.94
N ASP B 342 61.57 -9.23 -35.25
CA ASP B 342 61.00 -8.01 -35.79
C ASP B 342 61.60 -7.67 -37.16
N THR B 343 62.91 -7.90 -37.29
CA THR B 343 63.59 -7.61 -38.55
C THR B 343 62.96 -8.35 -39.72
N ALA B 344 62.72 -9.64 -39.56
CA ALA B 344 62.12 -10.44 -40.62
C ALA B 344 60.73 -9.97 -40.98
N PHE B 345 59.89 -9.72 -39.98
CA PHE B 345 58.54 -9.28 -40.27
C PHE B 345 58.48 -7.91 -40.94
N ASP B 346 59.40 -7.02 -40.58
CA ASP B 346 59.42 -5.70 -41.21
C ASP B 346 59.93 -5.81 -42.64
N CYS B 347 60.80 -6.78 -42.89
CA CYS B 347 61.32 -6.98 -44.25
C CYS B 347 60.19 -7.51 -45.12
N ALA B 348 59.38 -8.41 -44.55
CA ALA B 348 58.25 -8.99 -45.28
C ALA B 348 57.23 -7.95 -45.68
N THR B 349 56.78 -7.15 -44.71
CA THR B 349 55.79 -6.12 -44.99
C THR B 349 56.36 -5.05 -45.92
N SER B 350 57.63 -4.70 -45.73
CA SER B 350 58.26 -3.68 -46.58
C SER B 350 58.41 -4.18 -48.01
N ALA B 351 58.64 -5.48 -48.16
CA ALA B 351 58.79 -6.06 -49.49
C ALA B 351 57.52 -5.83 -50.30
N LEU B 352 56.36 -5.90 -49.65
CA LEU B 352 55.10 -5.69 -50.34
C LEU B 352 54.99 -4.24 -50.85
N ARG B 353 55.55 -3.29 -50.11
CA ARG B 353 55.50 -1.90 -50.54
C ARG B 353 56.40 -1.67 -51.74
N CYS B 354 57.36 -2.56 -51.94
CA CYS B 354 58.27 -2.44 -53.07
C CYS B 354 57.74 -3.13 -54.32
N GLY B 355 56.56 -3.75 -54.21
CA GLY B 355 55.95 -4.41 -55.34
C GLY B 355 55.99 -5.92 -55.38
N ALA B 356 56.41 -6.55 -54.29
CA ALA B 356 56.48 -8.02 -54.24
C ALA B 356 55.12 -8.64 -54.53
N ARG B 357 55.12 -9.71 -55.31
CA ARG B 357 53.88 -10.40 -55.66
C ARG B 357 53.48 -11.34 -54.52
N ARG B 358 54.47 -11.96 -53.90
CA ARG B 358 54.23 -12.91 -52.82
C ARG B 358 55.41 -12.91 -51.87
N VAL B 359 55.16 -13.11 -50.59
CA VAL B 359 56.24 -13.12 -49.61
C VAL B 359 56.16 -14.34 -48.71
N PHE B 360 57.30 -15.00 -48.55
CA PHE B 360 57.40 -16.18 -47.70
C PHE B 360 58.34 -15.91 -46.53
N LEU B 361 57.84 -16.10 -45.32
CA LEU B 361 58.66 -15.94 -44.13
C LEU B 361 59.09 -17.36 -43.77
N VAL B 362 60.39 -17.62 -43.87
CA VAL B 362 60.92 -18.95 -43.59
C VAL B 362 61.64 -19.00 -42.24
N PHE B 363 61.17 -19.89 -41.37
CA PHE B 363 61.74 -20.05 -40.03
C PHE B 363 62.52 -21.35 -39.88
N ARG B 364 63.61 -21.30 -39.13
CA ARG B 364 64.45 -22.47 -38.88
C ARG B 364 63.72 -23.38 -37.88
N LYS B 365 62.87 -22.77 -37.07
CA LYS B 365 62.11 -23.51 -36.06
C LYS B 365 60.62 -23.49 -36.36
N GLY B 366 59.81 -23.74 -35.35
CA GLY B 366 58.37 -23.76 -35.54
C GLY B 366 57.69 -22.43 -35.31
N PHE B 367 56.39 -22.39 -35.58
CA PHE B 367 55.60 -21.18 -35.39
C PHE B 367 55.62 -20.78 -33.92
N VAL B 368 55.54 -21.79 -33.06
CA VAL B 368 55.55 -21.59 -31.63
C VAL B 368 56.82 -20.87 -31.18
N ASN B 369 57.91 -21.01 -31.96
CA ASN B 369 59.18 -20.38 -31.60
C ASN B 369 59.43 -18.99 -32.19
N ILE B 370 58.42 -18.41 -32.85
CA ILE B 370 58.58 -17.08 -33.42
C ILE B 370 59.03 -16.12 -32.31
N ARG B 371 60.00 -15.28 -32.61
CA ARG B 371 60.53 -14.35 -31.63
C ARG B 371 59.78 -13.03 -31.52
N ALA B 372 59.23 -12.56 -32.62
CA ALA B 372 58.50 -11.30 -32.61
C ALA B 372 57.19 -11.46 -31.84
N VAL B 373 56.73 -10.40 -31.17
CA VAL B 373 55.48 -10.49 -30.42
C VAL B 373 54.31 -10.70 -31.38
N PRO B 374 53.22 -11.31 -30.88
CA PRO B 374 52.02 -11.58 -31.70
C PRO B 374 51.53 -10.38 -32.52
N GLU B 375 51.61 -9.19 -31.93
CA GLU B 375 51.14 -7.98 -32.60
C GLU B 375 51.97 -7.64 -33.84
N GLU B 376 53.26 -7.96 -33.82
CA GLU B 376 54.11 -7.69 -34.97
C GLU B 376 53.82 -8.76 -36.03
N VAL B 377 53.69 -10.00 -35.59
CA VAL B 377 53.39 -11.11 -36.50
C VAL B 377 52.07 -10.87 -37.24
N GLU B 378 51.08 -10.34 -36.53
CA GLU B 378 49.77 -10.07 -37.09
C GLU B 378 49.81 -9.15 -38.32
N LEU B 379 50.72 -8.19 -38.33
CA LEU B 379 50.81 -7.27 -39.47
C LEU B 379 51.19 -8.00 -40.75
N ALA B 380 52.13 -8.93 -40.65
CA ALA B 380 52.56 -9.69 -41.82
C ALA B 380 51.47 -10.69 -42.21
N LYS B 381 50.88 -11.32 -41.20
CA LYS B 381 49.84 -12.30 -41.44
C LYS B 381 48.59 -11.70 -42.09
N GLU B 382 48.19 -10.50 -41.65
CA GLU B 382 47.00 -9.89 -42.23
C GLU B 382 47.25 -9.44 -43.67
N GLU B 383 48.52 -9.29 -44.03
CA GLU B 383 48.87 -8.87 -45.37
C GLU B 383 49.17 -10.09 -46.26
N LYS B 384 48.72 -11.24 -45.79
CA LYS B 384 48.86 -12.50 -46.49
C LYS B 384 50.25 -13.06 -46.75
N CYS B 385 51.19 -12.77 -45.86
CA CYS B 385 52.52 -13.32 -46.02
C CYS B 385 52.38 -14.79 -45.63
N GLU B 386 53.08 -15.68 -46.33
CA GLU B 386 53.00 -17.09 -46.02
C GLU B 386 54.17 -17.46 -45.13
N PHE B 387 53.90 -18.28 -44.12
CA PHE B 387 54.95 -18.69 -43.21
C PHE B 387 55.31 -20.16 -43.39
N LEU B 388 56.60 -20.43 -43.50
CA LEU B 388 57.10 -21.78 -43.68
C LEU B 388 58.05 -22.14 -42.55
N PRO B 389 57.59 -22.95 -41.58
CA PRO B 389 58.38 -23.37 -40.43
C PRO B 389 59.31 -24.57 -40.66
N PHE B 390 60.21 -24.79 -39.70
CA PHE B 390 61.17 -25.89 -39.70
C PHE B 390 61.94 -25.96 -41.01
N LEU B 391 62.61 -24.85 -41.32
CA LEU B 391 63.35 -24.72 -42.56
C LEU B 391 64.74 -24.10 -42.40
N SER B 392 65.75 -24.74 -42.99
CA SER B 392 67.12 -24.25 -42.94
C SER B 392 67.68 -24.18 -44.36
N PRO B 393 68.11 -22.99 -44.81
CA PRO B 393 68.66 -22.78 -46.15
C PRO B 393 69.96 -23.54 -46.39
N ARG B 394 70.11 -24.05 -47.61
CA ARG B 394 71.29 -24.82 -47.98
C ARG B 394 71.97 -24.29 -49.25
N LYS B 395 71.16 -23.93 -50.24
CA LYS B 395 71.68 -23.44 -51.51
C LYS B 395 70.80 -22.37 -52.12
N VAL B 396 71.43 -21.45 -52.83
CA VAL B 396 70.72 -20.41 -53.54
C VAL B 396 70.97 -20.74 -54.99
N ILE B 397 69.93 -21.25 -55.64
CA ILE B 397 70.06 -21.61 -57.04
C ILE B 397 70.12 -20.31 -57.83
N VAL B 398 71.21 -20.12 -58.53
CA VAL B 398 71.40 -18.93 -59.34
C VAL B 398 71.58 -19.33 -60.79
N LYS B 399 70.70 -18.85 -61.65
CA LYS B 399 70.76 -19.15 -63.07
C LYS B 399 70.59 -17.86 -63.84
N GLY B 400 71.43 -17.68 -64.86
CA GLY B 400 71.34 -16.48 -65.67
C GLY B 400 71.62 -15.23 -64.86
N GLY B 401 72.50 -15.36 -63.86
CA GLY B 401 72.85 -14.23 -63.04
C GLY B 401 71.75 -13.77 -62.10
N ARG B 402 70.77 -14.63 -61.84
CA ARG B 402 69.67 -14.29 -60.96
C ARG B 402 69.26 -15.45 -60.07
N ILE B 403 68.82 -15.12 -58.86
CA ILE B 403 68.35 -16.15 -57.94
C ILE B 403 67.04 -16.65 -58.53
N VAL B 404 66.86 -17.96 -58.59
CA VAL B 404 65.63 -18.52 -59.14
C VAL B 404 64.95 -19.38 -58.10
N ALA B 405 65.70 -19.73 -57.07
CA ALA B 405 65.16 -20.58 -56.03
C ALA B 405 66.13 -20.75 -54.89
N VAL B 406 65.61 -21.22 -53.77
CA VAL B 406 66.44 -21.48 -52.60
C VAL B 406 66.13 -22.89 -52.15
N GLN B 407 67.17 -23.69 -51.97
CA GLN B 407 67.01 -25.06 -51.54
C GLN B 407 67.21 -25.14 -50.03
N PHE B 408 66.26 -25.74 -49.34
CA PHE B 408 66.37 -25.87 -47.89
C PHE B 408 66.35 -27.34 -47.44
N VAL B 409 66.69 -27.54 -46.17
CA VAL B 409 66.65 -28.88 -45.56
C VAL B 409 65.70 -28.74 -44.38
N ARG B 410 64.95 -29.80 -44.14
CA ARG B 410 63.99 -29.83 -43.05
C ARG B 410 64.68 -29.89 -41.69
N THR B 411 64.12 -29.19 -40.71
CA THR B 411 64.67 -29.23 -39.36
C THR B 411 63.72 -29.88 -38.34
N GLU B 412 64.27 -30.35 -37.23
CA GLU B 412 63.44 -30.93 -36.18
C GLU B 412 64.11 -30.87 -34.82
N GLN B 413 63.30 -31.16 -33.80
CA GLN B 413 63.73 -31.11 -32.41
C GLN B 413 63.65 -32.49 -31.76
N ASP B 414 64.58 -32.84 -30.88
CA ASP B 414 64.54 -34.18 -30.25
C ASP B 414 64.29 -34.15 -28.74
N GLU B 415 64.61 -35.26 -28.08
CA GLU B 415 64.42 -35.44 -26.64
C GLU B 415 64.78 -34.21 -25.81
N THR B 416 66.04 -33.78 -25.87
CA THR B 416 66.43 -32.63 -25.08
C THR B 416 66.37 -31.34 -25.91
N GLY B 417 65.30 -31.17 -26.70
CA GLY B 417 65.24 -29.98 -27.51
C GLY B 417 66.18 -30.08 -28.70
N LYS B 418 67.49 -30.16 -28.50
CA LYS B 418 68.47 -30.26 -29.62
C LYS B 418 67.91 -30.15 -31.06
N TRP B 419 68.33 -29.13 -31.81
CA TRP B 419 67.85 -28.91 -33.21
C TRP B 419 68.71 -29.56 -34.30
N ASN B 420 68.10 -30.52 -35.00
CA ASN B 420 68.77 -31.25 -36.06
C ASN B 420 68.25 -30.91 -37.45
N GLU B 421 69.06 -31.20 -38.47
CA GLU B 421 68.67 -30.92 -39.84
C GLU B 421 68.60 -32.24 -40.61
N ASP B 422 67.50 -32.48 -41.32
CA ASP B 422 67.33 -33.72 -42.08
C ASP B 422 67.73 -33.52 -43.53
N GLU B 423 68.91 -34.03 -43.87
CA GLU B 423 69.48 -33.92 -45.22
C GLU B 423 68.68 -34.58 -46.35
N ASP B 424 67.99 -35.67 -46.03
CA ASP B 424 67.21 -36.40 -47.04
C ASP B 424 65.86 -35.76 -47.30
N GLN B 425 65.50 -34.79 -46.47
CA GLN B 425 64.22 -34.10 -46.58
C GLN B 425 64.49 -32.65 -47.00
N ILE B 426 64.36 -32.38 -48.29
CA ILE B 426 64.64 -31.04 -48.82
C ILE B 426 63.44 -30.34 -49.46
N VAL B 427 63.60 -29.05 -49.69
CA VAL B 427 62.57 -28.22 -50.31
C VAL B 427 63.22 -27.28 -51.33
N HIS B 428 62.62 -27.22 -52.51
CA HIS B 428 63.11 -26.35 -53.57
C HIS B 428 62.05 -25.26 -53.77
N LEU B 429 62.25 -24.15 -53.07
CA LEU B 429 61.32 -23.03 -53.13
C LEU B 429 61.70 -21.96 -54.15
N LYS B 430 60.85 -21.78 -55.15
CA LYS B 430 61.08 -20.78 -56.18
C LYS B 430 61.00 -19.40 -55.56
N ALA B 431 61.90 -18.51 -56.00
CA ALA B 431 61.93 -17.15 -55.48
C ALA B 431 62.79 -16.28 -56.38
N ASP B 432 62.50 -14.99 -56.40
CA ASP B 432 63.24 -14.05 -57.22
C ASP B 432 64.09 -13.14 -56.34
N VAL B 433 63.69 -13.02 -55.08
CA VAL B 433 64.42 -12.18 -54.13
C VAL B 433 64.57 -12.90 -52.79
N VAL B 434 65.74 -12.75 -52.18
CA VAL B 434 66.00 -13.35 -50.88
C VAL B 434 66.54 -12.29 -49.95
N ILE B 435 65.91 -12.16 -48.78
CA ILE B 435 66.34 -11.18 -47.79
C ILE B 435 66.65 -11.89 -46.49
N SER B 436 67.91 -11.86 -46.07
CA SER B 436 68.27 -12.50 -44.81
C SER B 436 68.01 -11.52 -43.68
N ALA B 437 67.26 -11.97 -42.68
CA ALA B 437 66.92 -11.13 -41.55
C ALA B 437 67.19 -11.90 -40.25
N PHE B 438 68.40 -12.46 -40.15
CA PHE B 438 68.80 -13.23 -38.99
C PHE B 438 69.11 -12.37 -37.77
N GLY B 439 69.32 -11.08 -38.01
CA GLY B 439 69.64 -10.19 -36.91
C GLY B 439 70.90 -9.39 -37.20
N SER B 440 71.49 -8.81 -36.16
CA SER B 440 72.70 -8.01 -36.33
C SER B 440 73.77 -8.32 -35.30
N VAL B 441 74.98 -7.85 -35.58
CA VAL B 441 76.12 -8.06 -34.69
C VAL B 441 77.14 -6.94 -34.87
N LEU B 442 78.20 -6.98 -34.06
CA LEU B 442 79.28 -6.02 -34.13
C LEU B 442 80.50 -6.85 -34.52
N ARG B 443 81.03 -6.62 -35.71
CA ARG B 443 82.18 -7.40 -36.15
C ARG B 443 83.36 -6.58 -36.67
N ASP B 444 83.08 -5.37 -37.16
CA ASP B 444 84.13 -4.51 -37.69
C ASP B 444 85.32 -4.44 -36.73
N PRO B 445 86.47 -5.02 -37.11
CA PRO B 445 87.65 -5.00 -36.25
C PRO B 445 88.11 -3.58 -35.92
N LYS B 446 87.93 -2.67 -36.88
CA LYS B 446 88.34 -1.28 -36.71
C LYS B 446 87.53 -0.57 -35.64
N VAL B 447 86.26 -0.94 -35.52
CA VAL B 447 85.38 -0.33 -34.52
C VAL B 447 85.73 -0.89 -33.13
N LYS B 448 85.95 -2.20 -33.08
CA LYS B 448 86.30 -2.85 -31.82
C LYS B 448 87.62 -2.30 -31.29
N GLU B 449 88.58 -2.11 -32.19
CA GLU B 449 89.88 -1.59 -31.80
C GLU B 449 89.78 -0.17 -31.28
N ALA B 450 88.80 0.58 -31.80
CA ALA B 450 88.59 1.97 -31.38
C ALA B 450 88.14 2.02 -29.93
N LEU B 451 87.67 0.90 -29.41
CA LEU B 451 87.18 0.83 -28.03
C LEU B 451 88.25 0.35 -27.06
N SER B 452 89.49 0.23 -27.53
CA SER B 452 90.59 -0.20 -26.67
C SER B 452 90.72 0.82 -25.55
N PRO B 453 91.01 0.35 -24.32
CA PRO B 453 91.23 -1.04 -23.94
C PRO B 453 90.10 -1.65 -23.10
N ILE B 454 88.85 -1.25 -23.35
CA ILE B 454 87.76 -1.81 -22.55
C ILE B 454 87.62 -3.30 -22.75
N LYS B 455 87.19 -4.00 -21.71
CA LYS B 455 87.01 -5.45 -21.74
C LYS B 455 85.76 -5.85 -22.53
N PHE B 456 85.89 -6.93 -23.29
CA PHE B 456 84.77 -7.48 -24.06
C PHE B 456 84.46 -8.85 -23.46
N ASN B 457 83.19 -9.24 -23.48
CA ASN B 457 82.78 -10.53 -22.91
C ASN B 457 82.81 -11.65 -23.95
N ARG B 458 82.33 -12.84 -23.55
CA ARG B 458 82.31 -14.01 -24.43
C ARG B 458 81.62 -13.73 -25.75
N TRP B 459 80.58 -12.91 -25.68
CA TRP B 459 79.80 -12.56 -26.86
C TRP B 459 80.48 -11.52 -27.72
N ASP B 460 81.71 -11.19 -27.35
CA ASP B 460 82.50 -10.21 -28.09
C ASP B 460 81.82 -8.85 -28.12
N LEU B 461 81.19 -8.47 -27.01
CA LEU B 461 80.52 -7.18 -26.90
C LEU B 461 81.09 -6.47 -25.69
N PRO B 462 81.03 -5.13 -25.67
CA PRO B 462 81.56 -4.37 -24.53
C PRO B 462 80.91 -4.84 -23.24
N GLU B 463 81.73 -5.15 -22.24
CA GLU B 463 81.22 -5.61 -20.96
C GLU B 463 80.92 -4.42 -20.06
N VAL B 464 79.74 -4.42 -19.44
CA VAL B 464 79.38 -3.32 -18.56
C VAL B 464 78.71 -3.83 -17.28
N ASP B 465 78.77 -3.01 -16.24
CA ASP B 465 78.14 -3.34 -14.98
C ASP B 465 76.66 -3.12 -15.27
N PRO B 466 75.80 -4.12 -15.05
CA PRO B 466 74.36 -4.05 -15.30
C PRO B 466 73.63 -2.92 -14.56
N GLU B 467 74.23 -2.44 -13.48
CA GLU B 467 73.60 -1.37 -12.70
C GLU B 467 74.08 0.02 -13.06
N THR B 468 75.37 0.17 -13.33
CA THR B 468 75.93 1.46 -13.66
C THR B 468 76.16 1.73 -15.13
N MET B 469 76.16 0.66 -15.93
CA MET B 469 76.39 0.75 -17.37
C MET B 469 77.83 1.16 -17.66
N GLN B 470 78.69 1.03 -16.66
CA GLN B 470 80.10 1.41 -16.78
C GLN B 470 80.94 0.25 -17.32
N THR B 471 81.86 0.56 -18.25
CA THR B 471 82.73 -0.46 -18.83
C THR B 471 83.92 -0.63 -17.88
N SER B 472 84.93 -1.39 -18.32
CA SER B 472 86.11 -1.61 -17.48
C SER B 472 86.90 -0.32 -17.29
N GLU B 473 86.67 0.65 -18.17
CA GLU B 473 87.31 1.95 -18.06
C GLU B 473 86.26 2.84 -17.38
N PRO B 474 86.57 3.37 -16.19
CA PRO B 474 85.64 4.22 -15.43
C PRO B 474 85.01 5.43 -16.13
N TRP B 475 85.67 5.99 -17.12
CA TRP B 475 85.11 7.15 -17.82
C TRP B 475 84.28 6.76 -19.05
N VAL B 476 84.21 5.47 -19.33
CA VAL B 476 83.46 5.01 -20.50
C VAL B 476 82.28 4.12 -20.11
N PHE B 477 81.11 4.47 -20.65
CA PHE B 477 79.87 3.74 -20.38
C PHE B 477 79.29 3.26 -21.71
N ALA B 478 78.33 2.34 -21.62
CA ALA B 478 77.71 1.81 -22.83
C ALA B 478 76.28 1.38 -22.57
N GLY B 479 75.47 1.40 -23.62
CA GLY B 479 74.08 1.01 -23.47
C GLY B 479 73.40 0.78 -24.80
N GLY B 480 72.23 0.14 -24.76
CA GLY B 480 71.50 -0.14 -25.99
C GLY B 480 71.87 -1.49 -26.56
N ASP B 481 71.58 -1.69 -27.85
CA ASP B 481 71.86 -2.96 -28.52
C ASP B 481 73.31 -3.42 -28.37
N ILE B 482 74.25 -2.48 -28.33
CA ILE B 482 75.67 -2.83 -28.23
C ILE B 482 76.00 -3.66 -27.00
N VAL B 483 75.21 -3.51 -25.93
CA VAL B 483 75.44 -4.28 -24.70
C VAL B 483 74.94 -5.72 -24.84
N GLY B 484 74.04 -5.93 -25.78
CA GLY B 484 73.51 -7.26 -26.06
C GLY B 484 72.58 -7.87 -25.02
N MET B 485 71.98 -7.04 -24.17
CA MET B 485 71.06 -7.55 -23.14
C MET B 485 69.62 -7.58 -23.63
N ALA B 486 69.24 -6.58 -24.40
CA ALA B 486 67.88 -6.50 -24.92
C ALA B 486 67.86 -5.94 -26.33
N ASN B 487 66.69 -6.02 -26.96
CA ASN B 487 66.53 -5.52 -28.32
C ASN B 487 65.22 -4.74 -28.49
N THR B 488 65.03 -3.73 -27.66
CA THR B 488 63.83 -2.89 -27.78
C THR B 488 64.23 -1.43 -27.62
N THR B 489 63.44 -0.56 -28.22
CA THR B 489 63.71 0.87 -28.15
C THR B 489 63.65 1.34 -26.70
N VAL B 490 62.62 0.91 -25.97
CA VAL B 490 62.46 1.34 -24.59
C VAL B 490 63.59 0.86 -23.67
N GLU B 491 64.10 -0.34 -23.89
CA GLU B 491 65.20 -0.82 -23.05
C GLU B 491 66.48 -0.07 -23.37
N SER B 492 66.63 0.33 -24.63
CA SER B 492 67.82 1.08 -25.03
C SER B 492 67.72 2.47 -24.41
N VAL B 493 66.52 3.04 -24.42
CA VAL B 493 66.30 4.34 -23.81
C VAL B 493 66.62 4.23 -22.32
N ASN B 494 66.19 3.15 -21.70
CA ASN B 494 66.44 2.97 -20.28
C ASN B 494 67.93 2.82 -19.98
N ASP B 495 68.66 2.16 -20.88
CA ASP B 495 70.09 1.99 -20.68
C ASP B 495 70.78 3.35 -20.65
N GLY B 496 70.37 4.23 -21.55
CA GLY B 496 70.95 5.56 -21.59
C GLY B 496 70.59 6.37 -20.35
N LYS B 497 69.37 6.15 -19.88
CA LYS B 497 68.84 6.82 -18.70
C LYS B 497 69.65 6.37 -17.48
N GLN B 498 69.79 5.06 -17.35
CA GLN B 498 70.54 4.46 -16.25
C GLN B 498 71.98 4.96 -16.26
N ALA B 499 72.59 4.97 -17.43
CA ALA B 499 73.97 5.42 -17.56
C ALA B 499 74.16 6.88 -17.18
N SER B 500 73.20 7.73 -17.55
CA SER B 500 73.32 9.16 -17.27
C SER B 500 73.58 9.46 -15.80
N TRP B 501 72.92 8.75 -14.90
CA TRP B 501 73.13 9.02 -13.49
C TRP B 501 74.54 8.69 -13.03
N TYR B 502 75.06 7.55 -13.48
CA TYR B 502 76.40 7.16 -13.08
C TYR B 502 77.50 7.92 -13.81
N ILE B 503 77.19 8.45 -14.98
CA ILE B 503 78.16 9.26 -15.72
C ILE B 503 78.27 10.54 -14.90
N HIS B 504 77.11 11.03 -14.46
CA HIS B 504 77.01 12.24 -13.64
C HIS B 504 77.83 12.04 -12.36
N LYS B 505 77.61 10.90 -11.70
CA LYS B 505 78.33 10.59 -10.47
C LYS B 505 79.84 10.59 -10.72
N TYR B 506 80.24 9.92 -11.79
CA TYR B 506 81.67 9.84 -12.15
C TYR B 506 82.29 11.20 -12.40
N ILE B 507 81.64 12.00 -13.25
CA ILE B 507 82.16 13.33 -13.58
C ILE B 507 82.27 14.21 -12.34
N GLN B 508 81.21 14.24 -11.54
CA GLN B 508 81.24 15.06 -10.34
C GLN B 508 82.41 14.66 -9.44
N ALA B 509 82.63 13.35 -9.29
CA ALA B 509 83.73 12.85 -8.47
C ALA B 509 85.08 13.30 -9.02
N GLN B 510 85.21 13.33 -10.33
CA GLN B 510 86.47 13.76 -10.96
C GLN B 510 86.75 15.23 -10.62
N TYR B 511 85.69 15.99 -10.36
CA TYR B 511 85.85 17.40 -10.01
C TYR B 511 85.77 17.60 -8.50
N GLY B 512 85.87 16.50 -7.75
CA GLY B 512 85.83 16.58 -6.30
C GLY B 512 84.50 16.88 -5.66
N ALA B 513 83.41 16.52 -6.34
CA ALA B 513 82.08 16.76 -5.81
C ALA B 513 81.33 15.44 -5.62
N SER B 514 80.49 15.39 -4.58
CA SER B 514 79.72 14.20 -4.29
C SER B 514 78.30 14.37 -4.84
N VAL B 515 77.56 13.27 -4.90
CA VAL B 515 76.19 13.29 -5.37
C VAL B 515 75.33 12.51 -4.39
N SER B 516 74.03 12.77 -4.39
CA SER B 516 73.11 12.08 -3.48
C SER B 516 73.20 10.57 -3.63
N ALA B 517 73.06 9.87 -2.51
CA ALA B 517 73.11 8.41 -2.51
C ALA B 517 71.92 7.90 -3.29
N LYS B 518 70.82 8.65 -3.23
CA LYS B 518 69.60 8.28 -3.94
C LYS B 518 69.54 9.00 -5.29
N PRO B 519 69.42 8.23 -6.38
CA PRO B 519 69.36 8.79 -7.74
C PRO B 519 68.32 9.90 -7.86
N GLU B 520 68.69 10.99 -8.52
CA GLU B 520 67.76 12.11 -8.69
C GLU B 520 67.73 12.67 -10.10
N LEU B 521 67.32 11.87 -11.07
CA LEU B 521 67.24 12.36 -12.45
C LEU B 521 66.07 13.33 -12.53
N PRO B 522 66.28 14.48 -13.18
CA PRO B 522 65.22 15.50 -13.32
C PRO B 522 64.05 15.08 -14.21
N LEU B 523 62.90 15.72 -13.98
CA LEU B 523 61.71 15.46 -14.77
C LEU B 523 61.84 16.25 -16.08
N PHE B 524 60.81 16.17 -16.91
CA PHE B 524 60.75 16.87 -18.19
C PHE B 524 59.98 18.18 -18.00
N TYR B 525 60.54 19.29 -18.48
CA TYR B 525 59.89 20.59 -18.33
C TYR B 525 59.71 21.37 -19.62
N THR B 526 58.70 22.25 -19.63
CA THR B 526 58.41 23.12 -20.78
C THR B 526 57.95 24.46 -20.21
N PRO B 527 57.80 25.49 -21.07
CA PRO B 527 57.36 26.80 -20.60
C PRO B 527 56.01 26.76 -19.88
N VAL B 528 55.20 25.76 -20.20
CA VAL B 528 53.89 25.63 -19.58
C VAL B 528 54.02 25.53 -18.06
N ASP B 529 55.10 24.89 -17.62
CA ASP B 529 55.35 24.70 -16.18
C ASP B 529 55.62 26.00 -15.43
N LEU B 530 55.93 27.06 -16.15
CA LEU B 530 56.21 28.35 -15.52
C LEU B 530 54.95 29.18 -15.32
N VAL B 531 53.83 28.73 -15.87
CA VAL B 531 52.56 29.45 -15.75
C VAL B 531 52.10 29.56 -14.30
N ASP B 532 51.74 30.78 -13.91
CA ASP B 532 51.28 31.09 -12.56
C ASP B 532 49.79 30.79 -12.42
N ILE B 533 49.43 29.86 -11.54
CA ILE B 533 48.02 29.55 -11.33
C ILE B 533 47.55 29.92 -9.92
N SER B 534 48.21 30.89 -9.31
CA SER B 534 47.82 31.33 -7.98
C SER B 534 46.61 32.26 -8.13
N VAL B 535 45.87 32.45 -7.05
CA VAL B 535 44.71 33.32 -7.07
C VAL B 535 44.46 33.88 -5.68
N GLU B 536 43.96 35.10 -5.62
CA GLU B 536 43.65 35.73 -4.34
C GLU B 536 42.13 35.85 -4.23
N MET B 537 41.60 35.51 -3.06
CA MET B 537 40.16 35.58 -2.82
C MET B 537 39.89 35.90 -1.36
N ALA B 538 39.07 36.92 -1.12
CA ALA B 538 38.72 37.34 0.23
C ALA B 538 39.96 37.64 1.07
N GLY B 539 40.97 38.22 0.44
CA GLY B 539 42.19 38.57 1.15
C GLY B 539 43.13 37.40 1.38
N LEU B 540 42.74 36.21 0.93
CA LEU B 540 43.55 35.01 1.10
C LEU B 540 44.30 34.68 -0.18
N LYS B 541 45.55 34.25 -0.05
CA LYS B 541 46.35 33.89 -1.20
C LYS B 541 46.43 32.38 -1.35
N PHE B 542 45.95 31.86 -2.48
CA PHE B 542 45.97 30.43 -2.77
C PHE B 542 47.07 30.16 -3.77
N ILE B 543 47.93 29.18 -3.51
CA ILE B 543 49.03 28.87 -4.44
C ILE B 543 48.49 28.28 -5.74
N ASN B 544 47.32 27.64 -5.65
CA ASN B 544 46.62 27.11 -6.82
C ASN B 544 45.16 27.07 -6.38
N PRO B 545 44.22 27.11 -7.33
CA PRO B 545 42.79 27.10 -7.01
C PRO B 545 42.12 25.81 -6.55
N PHE B 546 42.88 24.72 -6.47
CA PHE B 546 42.28 23.45 -6.07
C PHE B 546 42.39 23.10 -4.60
N GLY B 547 41.28 22.65 -4.03
CA GLY B 547 41.26 22.28 -2.63
C GLY B 547 40.32 21.14 -2.34
N LEU B 548 40.51 20.53 -1.17
CA LEU B 548 39.64 19.43 -0.76
C LEU B 548 38.41 19.97 -0.06
N ALA B 549 37.24 19.52 -0.50
CA ALA B 549 35.99 19.95 0.11
C ALA B 549 35.90 19.29 1.49
N SER B 550 35.03 19.82 2.33
CA SER B 550 34.78 19.23 3.66
C SER B 550 34.06 17.95 3.32
N ALA B 551 34.72 16.80 3.49
CA ALA B 551 34.09 15.52 3.12
C ALA B 551 34.95 14.32 3.52
N ALA B 552 34.66 13.15 2.95
CA ALA B 552 35.41 11.92 3.27
C ALA B 552 36.92 12.03 3.08
N PRO B 553 37.39 12.80 2.06
CA PRO B 553 38.82 12.93 1.84
C PRO B 553 39.49 13.75 2.95
N THR B 554 38.67 14.42 3.77
CA THR B 554 39.22 15.20 4.88
C THR B 554 38.70 14.65 6.20
N THR B 555 38.50 13.33 6.24
CA THR B 555 38.03 12.63 7.43
C THR B 555 39.00 12.82 8.59
N SER B 556 40.30 12.84 8.29
CA SER B 556 41.33 13.03 9.31
C SER B 556 42.32 14.09 8.87
N SER B 557 42.89 14.82 9.83
CA SER B 557 43.86 15.85 9.50
C SER B 557 45.13 15.26 8.89
N SER B 558 45.43 14.00 9.20
CA SER B 558 46.61 13.33 8.66
C SER B 558 46.46 13.23 7.14
N MET B 559 45.21 13.14 6.69
CA MET B 559 44.92 13.05 5.27
C MET B 559 45.15 14.40 4.61
N ILE B 560 44.74 15.47 5.29
CA ILE B 560 44.95 16.82 4.75
C ILE B 560 46.45 17.06 4.62
N ARG B 561 47.22 16.60 5.60
CA ARG B 561 48.67 16.76 5.56
C ARG B 561 49.23 16.16 4.28
N ARG B 562 48.84 14.93 3.98
CA ARG B 562 49.31 14.25 2.79
C ARG B 562 48.83 14.96 1.53
N ALA B 563 47.64 15.55 1.59
CA ALA B 563 47.11 16.26 0.44
C ALA B 563 47.97 17.51 0.19
N PHE B 564 48.37 18.19 1.25
CA PHE B 564 49.21 19.37 1.09
C PHE B 564 50.59 18.96 0.58
N GLU B 565 51.08 17.81 1.06
CA GLU B 565 52.36 17.32 0.61
C GLU B 565 52.30 17.00 -0.89
N ALA B 566 51.11 16.59 -1.35
CA ALA B 566 50.90 16.26 -2.75
C ALA B 566 50.81 17.53 -3.60
N GLY B 567 50.43 18.64 -2.97
CA GLY B 567 50.35 19.89 -3.69
C GLY B 567 49.00 20.62 -3.74
N TRP B 568 48.00 20.11 -3.02
CA TRP B 568 46.70 20.77 -3.00
C TRP B 568 46.82 22.19 -2.43
N GLY B 569 46.17 23.14 -3.09
CA GLY B 569 46.24 24.52 -2.66
C GLY B 569 45.58 24.82 -1.32
N PHE B 570 44.47 24.15 -1.04
CA PHE B 570 43.79 24.37 0.22
C PHE B 570 42.96 23.16 0.61
N ALA B 571 42.41 23.18 1.81
CA ALA B 571 41.60 22.08 2.28
C ALA B 571 40.65 22.53 3.37
N LEU B 572 39.49 21.88 3.40
CA LEU B 572 38.46 22.12 4.39
C LEU B 572 38.55 20.98 5.37
N THR B 573 38.29 21.25 6.64
CA THR B 573 38.29 20.17 7.62
C THR B 573 36.91 19.56 7.45
N LYS B 574 36.74 18.34 7.92
CA LYS B 574 35.42 17.71 7.88
C LYS B 574 34.65 18.64 8.83
N THR B 575 33.36 18.84 8.59
CA THR B 575 32.58 19.72 9.46
C THR B 575 32.60 19.19 10.90
N PHE B 576 32.93 20.05 11.85
CA PHE B 576 32.93 19.63 13.24
C PHE B 576 32.07 20.55 14.09
N SER B 577 31.69 20.09 15.28
CA SER B 577 30.84 20.86 16.16
C SER B 577 31.29 20.76 17.62
N LEU B 578 30.54 21.43 18.50
CA LEU B 578 30.83 21.41 19.92
C LEU B 578 30.58 20.01 20.46
N ASP B 579 31.16 19.72 21.62
CA ASP B 579 31.00 18.40 22.23
C ASP B 579 29.55 17.98 22.41
N LYS B 580 28.68 18.91 22.78
CA LYS B 580 27.27 18.57 23.02
C LYS B 580 26.54 18.12 21.76
N ASP B 581 27.12 18.39 20.59
CA ASP B 581 26.49 17.99 19.34
C ASP B 581 27.14 16.77 18.71
N ILE B 582 27.87 16.02 19.54
CA ILE B 582 28.55 14.81 19.09
C ILE B 582 27.57 13.87 18.37
N VAL B 583 28.05 13.24 17.30
CA VAL B 583 27.22 12.33 16.53
C VAL B 583 27.88 10.96 16.34
N THR B 584 27.11 10.01 15.83
CA THR B 584 27.59 8.67 15.55
C THR B 584 27.08 8.26 14.19
N ASN B 585 27.99 7.99 13.26
CA ASN B 585 27.61 7.58 11.91
C ASN B 585 27.03 6.17 11.88
N VAL B 586 26.28 5.90 10.82
CA VAL B 586 25.71 4.57 10.62
C VAL B 586 26.49 4.00 9.43
N SER B 587 26.26 2.73 9.14
CA SER B 587 26.91 2.07 8.03
C SER B 587 25.98 0.98 7.50
N PRO B 588 25.94 0.77 6.18
CA PRO B 588 26.69 1.48 5.14
C PRO B 588 26.20 2.93 5.01
N ARG B 589 27.03 3.82 4.49
CA ARG B 589 26.61 5.21 4.35
C ARG B 589 27.05 5.96 3.09
N ILE B 590 27.92 5.35 2.29
CA ILE B 590 28.37 5.98 1.06
C ILE B 590 28.26 4.94 -0.05
N VAL B 591 27.46 5.24 -1.07
CA VAL B 591 27.27 4.30 -2.17
C VAL B 591 27.57 4.92 -3.53
N ARG B 592 27.81 4.07 -4.52
CA ARG B 592 28.10 4.54 -5.87
C ARG B 592 26.83 5.03 -6.54
N GLY B 593 27.00 5.92 -7.52
CA GLY B 593 25.85 6.44 -8.23
C GLY B 593 25.35 5.47 -9.28
N THR B 594 24.06 5.56 -9.58
CA THR B 594 23.41 4.72 -10.57
C THR B 594 23.04 5.63 -11.73
N THR B 595 23.57 6.86 -11.66
CA THR B 595 23.31 7.90 -12.64
C THR B 595 23.83 7.66 -14.06
N SER B 596 24.69 6.66 -14.25
CA SER B 596 25.18 6.38 -15.59
C SER B 596 25.19 4.88 -15.91
N GLY B 597 24.24 4.17 -15.31
CA GLY B 597 24.11 2.75 -15.57
C GLY B 597 25.04 1.83 -14.79
N PRO B 598 24.98 0.52 -15.10
CA PRO B 598 25.79 -0.50 -14.44
C PRO B 598 27.25 -0.52 -14.91
N MET B 599 27.94 0.60 -14.69
CA MET B 599 29.35 0.73 -15.02
C MET B 599 30.05 0.83 -13.69
N TYR B 600 30.91 -0.14 -13.40
CA TYR B 600 31.62 -0.18 -12.13
C TYR B 600 33.10 0.15 -12.27
N GLY B 601 33.71 0.50 -11.14
CA GLY B 601 35.11 0.83 -11.16
C GLY B 601 35.40 2.31 -11.24
N PRO B 602 36.39 2.70 -12.04
CA PRO B 602 36.77 4.11 -12.20
C PRO B 602 35.69 5.03 -12.75
N GLY B 603 35.79 6.30 -12.37
CA GLY B 603 34.87 7.30 -12.87
C GLY B 603 33.40 7.18 -12.57
N GLN B 604 33.05 6.87 -11.33
CA GLN B 604 31.64 6.80 -10.97
C GLN B 604 31.09 8.20 -11.22
N SER B 605 29.92 8.29 -11.87
CA SER B 605 29.33 9.58 -12.20
C SER B 605 28.72 10.32 -11.01
N SER B 606 28.64 9.65 -9.87
CA SER B 606 28.11 10.27 -8.66
C SER B 606 28.24 9.29 -7.50
N PHE B 607 27.97 9.81 -6.31
CA PHE B 607 27.96 9.03 -5.08
C PHE B 607 26.80 9.59 -4.28
N LEU B 608 26.29 8.81 -3.35
CA LEU B 608 25.23 9.29 -2.47
C LEU B 608 25.72 8.95 -1.08
N ASN B 609 25.55 9.87 -0.14
CA ASN B 609 25.99 9.61 1.22
C ASN B 609 24.96 10.04 2.25
N ILE B 610 24.95 9.34 3.37
CA ILE B 610 24.06 9.67 4.48
C ILE B 610 24.98 9.83 5.68
N GLU B 611 26.16 10.40 5.42
CA GLU B 611 27.14 10.64 6.47
C GLU B 611 26.78 11.90 7.23
N LEU B 612 27.21 11.97 8.48
CA LEU B 612 26.94 13.13 9.33
C LEU B 612 28.21 13.97 9.43
N ILE B 613 28.23 14.89 10.38
CA ILE B 613 29.41 15.72 10.58
C ILE B 613 30.53 14.84 11.12
N SER B 614 31.71 15.41 11.29
CA SER B 614 32.84 14.65 11.80
C SER B 614 32.55 13.99 13.15
N GLU B 615 33.03 12.77 13.31
CA GLU B 615 32.86 12.06 14.56
C GLU B 615 34.00 12.45 15.49
N LYS B 616 34.96 13.21 14.96
CA LYS B 616 36.09 13.65 15.75
C LYS B 616 35.76 14.98 16.43
N THR B 617 36.29 15.17 17.63
CA THR B 617 36.03 16.35 18.44
C THR B 617 36.60 17.67 17.91
N ALA B 618 36.02 18.77 18.41
CA ALA B 618 36.47 20.10 18.03
C ALA B 618 37.90 20.29 18.51
N ALA B 619 38.22 19.66 19.65
CA ALA B 619 39.57 19.74 20.21
C ALA B 619 40.56 19.13 19.23
N TYR B 620 40.19 17.99 18.66
CA TYR B 620 41.04 17.30 17.69
C TYR B 620 41.27 18.19 16.47
N TRP B 621 40.19 18.72 15.93
CA TRP B 621 40.28 19.56 14.75
C TRP B 621 41.01 20.88 14.96
N CYS B 622 40.79 21.52 16.09
CA CYS B 622 41.47 22.78 16.36
C CYS B 622 42.97 22.57 16.52
N GLN B 623 43.35 21.52 17.24
CA GLN B 623 44.78 21.27 17.42
C GLN B 623 45.37 20.90 16.06
N SER B 624 44.61 20.14 15.28
CA SER B 624 45.04 19.72 13.95
C SER B 624 45.27 20.93 13.05
N VAL B 625 44.36 21.89 13.11
CA VAL B 625 44.50 23.08 12.29
C VAL B 625 45.77 23.84 12.68
N THR B 626 46.04 23.94 13.97
CA THR B 626 47.24 24.62 14.44
C THR B 626 48.48 23.92 13.86
N GLU B 627 48.47 22.59 13.91
CA GLU B 627 49.58 21.80 13.39
C GLU B 627 49.75 21.98 11.89
N LEU B 628 48.65 21.87 11.15
CA LEU B 628 48.68 22.02 9.70
C LEU B 628 49.15 23.39 9.25
N LYS B 629 48.69 24.45 9.90
CA LYS B 629 49.11 25.80 9.53
C LYS B 629 50.56 26.05 9.91
N ALA B 630 51.04 25.37 10.94
CA ALA B 630 52.42 25.53 11.37
C ALA B 630 53.35 24.91 10.34
N ASP B 631 52.96 23.75 9.81
CA ASP B 631 53.78 23.05 8.82
C ASP B 631 53.56 23.44 7.37
N PHE B 632 52.37 23.98 7.07
CA PHE B 632 52.04 24.40 5.71
C PHE B 632 51.44 25.79 5.74
N PRO B 633 52.26 26.77 6.12
CA PRO B 633 51.83 28.17 6.20
C PRO B 633 51.27 28.78 4.91
N ASP B 634 51.66 28.24 3.75
CA ASP B 634 51.19 28.74 2.47
C ASP B 634 49.95 28.04 1.94
N ASN B 635 49.60 26.93 2.56
CA ASN B 635 48.41 26.19 2.12
C ASN B 635 47.25 26.67 2.99
N ILE B 636 46.15 27.03 2.34
CA ILE B 636 45.00 27.54 3.07
C ILE B 636 44.19 26.45 3.74
N VAL B 637 43.91 26.65 5.03
CA VAL B 637 43.13 25.70 5.81
C VAL B 637 41.86 26.40 6.24
N ILE B 638 40.72 25.85 5.84
CA ILE B 638 39.44 26.41 6.19
C ILE B 638 38.72 25.44 7.12
N ALA B 639 38.31 25.94 8.30
CA ALA B 639 37.62 25.11 9.26
C ALA B 639 36.12 25.12 9.01
N SER B 640 35.55 23.95 8.73
CA SER B 640 34.12 23.83 8.49
C SER B 640 33.47 23.53 9.84
N ILE B 641 32.49 24.34 10.22
CA ILE B 641 31.83 24.17 11.51
C ILE B 641 30.31 24.20 11.38
N MET B 642 29.63 23.63 12.38
CA MET B 642 28.18 23.62 12.38
C MET B 642 27.63 23.63 13.79
N CYS B 643 26.57 24.41 13.98
CA CYS B 643 25.89 24.52 15.27
C CYS B 643 24.40 24.53 15.00
N SER B 644 23.60 24.31 16.04
CA SER B 644 22.17 24.36 15.88
C SER B 644 21.86 25.86 15.83
N TYR B 645 20.60 26.23 15.60
CA TYR B 645 20.24 27.63 15.51
C TYR B 645 20.33 28.29 16.89
N ASN B 646 21.56 28.57 17.31
CA ASN B 646 21.82 29.19 18.62
C ASN B 646 23.00 30.15 18.51
N LYS B 647 22.77 31.41 18.87
CA LYS B 647 23.79 32.44 18.80
C LYS B 647 25.07 32.14 19.59
N ASN B 648 24.91 31.81 20.87
CA ASN B 648 26.07 31.52 21.70
C ASN B 648 26.93 30.40 21.14
N ASP B 649 26.27 29.34 20.65
CA ASP B 649 27.00 28.20 20.08
C ASP B 649 27.83 28.59 18.87
N TRP B 650 27.21 29.26 17.89
CA TRP B 650 27.94 29.67 16.71
C TRP B 650 29.12 30.59 17.03
N MET B 651 28.93 31.50 17.99
CA MET B 651 30.00 32.41 18.37
C MET B 651 31.12 31.67 19.08
N GLU B 652 30.75 30.71 19.93
CA GLU B 652 31.73 29.93 20.67
C GLU B 652 32.59 29.07 19.74
N LEU B 653 31.93 28.29 18.88
CA LEU B 653 32.64 27.42 17.97
C LEU B 653 33.49 28.17 16.95
N SER B 654 32.95 29.25 16.40
CA SER B 654 33.68 30.03 15.41
C SER B 654 34.95 30.62 16.04
N ARG B 655 34.81 31.12 17.26
CA ARG B 655 35.95 31.70 17.96
C ARG B 655 37.01 30.64 18.27
N LYS B 656 36.56 29.44 18.60
CA LYS B 656 37.48 28.35 18.89
C LYS B 656 38.28 28.01 17.64
N ALA B 657 37.59 27.93 16.51
CA ALA B 657 38.23 27.60 15.24
C ALA B 657 39.21 28.71 14.82
N GLU B 658 38.81 29.95 15.02
CA GLU B 658 39.67 31.08 14.66
C GLU B 658 40.94 31.06 15.52
N ALA B 659 40.77 30.78 16.80
CA ALA B 659 41.88 30.74 17.74
C ALA B 659 42.90 29.68 17.36
N SER B 660 42.46 28.64 16.66
CA SER B 660 43.35 27.55 16.26
C SER B 660 44.29 27.96 15.13
N GLY B 661 44.00 29.08 14.47
CA GLY B 661 44.86 29.54 13.40
C GLY B 661 44.30 29.33 12.01
N ALA B 662 43.03 28.93 11.92
CA ALA B 662 42.41 28.70 10.61
C ALA B 662 42.44 29.99 9.79
N ASP B 663 42.68 29.85 8.48
CA ASP B 663 42.73 31.00 7.59
C ASP B 663 41.34 31.57 7.41
N ALA B 664 40.35 30.69 7.44
CA ALA B 664 38.96 31.10 7.27
C ALA B 664 38.05 30.01 7.81
N LEU B 665 36.76 30.31 7.85
CA LEU B 665 35.78 29.35 8.32
C LEU B 665 34.76 29.12 7.22
N GLU B 666 34.14 27.94 7.24
CA GLU B 666 33.09 27.63 6.29
C GLU B 666 31.93 27.17 7.16
N LEU B 667 30.78 27.83 7.01
CA LEU B 667 29.62 27.50 7.82
C LEU B 667 28.73 26.49 7.11
N ASN B 668 28.60 25.31 7.71
CA ASN B 668 27.76 24.27 7.15
C ASN B 668 26.33 24.56 7.59
N LEU B 669 25.46 24.85 6.62
CA LEU B 669 24.07 25.19 6.95
C LEU B 669 23.09 24.02 6.79
N SER B 670 23.55 22.81 7.09
CA SER B 670 22.71 21.61 6.96
C SER B 670 21.90 21.24 8.20
N CYS B 671 22.15 21.92 9.32
CA CYS B 671 21.43 21.61 10.55
C CYS B 671 19.96 22.01 10.48
N PRO B 672 19.06 21.09 10.89
CA PRO B 672 17.63 21.38 10.87
C PRO B 672 17.36 22.40 11.95
N HIS B 673 16.50 23.38 11.68
CA HIS B 673 16.23 24.39 12.69
C HIS B 673 15.09 24.01 13.63
N MET B 680 9.38 26.16 4.32
CA MET B 680 10.63 26.50 3.67
C MET B 680 11.70 25.45 3.94
N GLY B 681 11.33 24.19 3.89
CA GLY B 681 12.29 23.12 4.14
C GLY B 681 12.47 22.84 5.61
N LEU B 682 13.56 22.15 5.95
CA LEU B 682 13.83 21.80 7.34
C LEU B 682 15.22 22.25 7.81
N ALA B 683 16.08 22.62 6.87
CA ALA B 683 17.43 23.05 7.20
C ALA B 683 17.57 24.57 7.25
N CYS B 684 18.53 25.05 8.04
CA CYS B 684 18.78 26.48 8.17
C CYS B 684 19.18 27.09 6.84
N GLY B 685 19.96 26.34 6.06
CA GLY B 685 20.42 26.83 4.76
C GLY B 685 19.32 27.01 3.74
N GLN B 686 18.10 26.60 4.07
CA GLN B 686 16.97 26.73 3.15
C GLN B 686 16.12 27.96 3.47
N ASP B 687 16.49 28.69 4.52
CA ASP B 687 15.76 29.88 4.94
C ASP B 687 16.68 31.10 4.99
N PRO B 688 16.45 32.10 4.13
CA PRO B 688 17.26 33.32 4.07
C PRO B 688 17.40 34.01 5.43
N GLU B 689 16.32 34.02 6.19
CA GLU B 689 16.31 34.67 7.50
C GLU B 689 17.31 34.02 8.45
N LEU B 690 17.25 32.69 8.54
CA LEU B 690 18.15 31.95 9.43
C LEU B 690 19.60 32.09 8.99
N VAL B 691 19.83 32.02 7.68
CA VAL B 691 21.19 32.16 7.14
C VAL B 691 21.76 33.54 7.48
N ARG B 692 20.96 34.57 7.29
CA ARG B 692 21.41 35.94 7.56
C ARG B 692 21.82 36.08 9.03
N ASN B 693 20.99 35.56 9.93
CA ASN B 693 21.28 35.64 11.36
C ASN B 693 22.52 34.86 11.75
N ILE B 694 22.65 33.64 11.24
CA ILE B 694 23.82 32.82 11.55
C ILE B 694 25.10 33.54 11.14
N CYS B 695 25.10 34.11 9.94
CA CYS B 695 26.27 34.83 9.47
C CYS B 695 26.56 36.06 10.32
N ARG B 696 25.50 36.71 10.80
CA ARG B 696 25.67 37.89 11.63
C ARG B 696 26.35 37.51 12.95
N TRP B 697 25.92 36.40 13.52
CA TRP B 697 26.50 35.93 14.78
C TRP B 697 27.99 35.64 14.61
N VAL B 698 28.34 34.92 13.55
CA VAL B 698 29.73 34.59 13.29
C VAL B 698 30.55 35.82 12.96
N ARG B 699 29.98 36.73 12.18
CA ARG B 699 30.67 37.95 11.80
C ARG B 699 31.11 38.80 12.99
N GLN B 700 30.25 38.88 14.00
CA GLN B 700 30.58 39.67 15.19
C GLN B 700 31.46 38.89 16.16
N ALA B 701 31.65 37.61 15.89
CA ALA B 701 32.46 36.75 16.75
C ALA B 701 33.92 36.62 16.31
N VAL B 702 34.16 36.62 15.00
CA VAL B 702 35.52 36.48 14.49
C VAL B 702 35.93 37.57 13.51
N GLN B 703 37.25 37.70 13.33
CA GLN B 703 37.81 38.70 12.42
C GLN B 703 38.24 38.08 11.09
N ILE B 704 38.53 36.78 11.11
CA ILE B 704 38.95 36.10 9.89
C ILE B 704 37.76 35.95 8.94
N PRO B 705 38.05 35.71 7.66
CA PRO B 705 36.99 35.55 6.66
C PRO B 705 36.19 34.27 6.89
N PHE B 706 34.93 34.28 6.49
CA PHE B 706 34.13 33.07 6.61
C PHE B 706 33.18 33.00 5.44
N PHE B 707 32.89 31.78 5.01
CA PHE B 707 32.03 31.55 3.87
C PHE B 707 30.85 30.67 4.25
N ALA B 708 29.67 30.99 3.74
CA ALA B 708 28.48 30.21 4.04
C ALA B 708 28.35 29.13 2.96
N LYS B 709 28.26 27.87 3.36
CA LYS B 709 28.11 26.81 2.39
C LYS B 709 26.63 26.61 2.11
N LEU B 710 26.23 26.93 0.89
CA LEU B 710 24.83 26.86 0.47
C LEU B 710 24.38 25.49 -0.01
N THR B 711 23.11 25.20 0.23
CA THR B 711 22.53 23.94 -0.25
C THR B 711 21.84 24.26 -1.56
N PRO B 712 21.90 23.33 -2.52
CA PRO B 712 21.27 23.54 -3.82
C PRO B 712 19.78 23.20 -3.76
N ASN B 713 19.38 22.61 -2.63
CA ASN B 713 18.01 22.18 -2.42
C ASN B 713 17.09 23.31 -1.99
N VAL B 714 17.04 24.34 -2.82
CA VAL B 714 16.21 25.52 -2.55
C VAL B 714 15.65 26.07 -3.85
N THR B 715 14.52 26.77 -3.74
CA THR B 715 13.88 27.35 -4.91
C THR B 715 14.75 28.46 -5.51
N ASP B 716 15.29 29.32 -4.65
CA ASP B 716 16.10 30.45 -5.09
C ASP B 716 17.40 30.53 -4.29
N ILE B 717 18.46 29.92 -4.80
CA ILE B 717 19.74 29.93 -4.10
C ILE B 717 20.33 31.34 -3.99
N VAL B 718 19.97 32.22 -4.92
CA VAL B 718 20.49 33.59 -4.87
C VAL B 718 19.99 34.29 -3.62
N SER B 719 18.74 34.03 -3.23
CA SER B 719 18.18 34.65 -2.04
C SER B 719 18.98 34.25 -0.79
N ILE B 720 19.49 33.02 -0.78
CA ILE B 720 20.27 32.55 0.35
C ILE B 720 21.66 33.16 0.32
N ALA B 721 22.25 33.24 -0.87
CA ALA B 721 23.57 33.83 -1.01
C ALA B 721 23.51 35.29 -0.58
N ARG B 722 22.47 35.98 -1.03
CA ARG B 722 22.30 37.40 -0.69
C ARG B 722 22.15 37.56 0.82
N ALA B 723 21.41 36.65 1.44
CA ALA B 723 21.21 36.71 2.89
C ALA B 723 22.53 36.56 3.61
N ALA B 724 23.37 35.65 3.13
CA ALA B 724 24.68 35.42 3.73
C ALA B 724 25.53 36.68 3.61
N LYS B 725 25.48 37.31 2.44
CA LYS B 725 26.25 38.53 2.20
C LYS B 725 25.77 39.65 3.13
N GLU B 726 24.45 39.79 3.26
CA GLU B 726 23.88 40.82 4.13
C GLU B 726 24.25 40.54 5.57
N GLY B 727 24.47 39.27 5.87
CA GLY B 727 24.83 38.87 7.22
C GLY B 727 26.30 39.07 7.54
N GLY B 728 27.10 39.41 6.52
CA GLY B 728 28.52 39.65 6.76
C GLY B 728 29.47 38.60 6.22
N ALA B 729 28.96 37.59 5.54
CA ALA B 729 29.82 36.56 5.00
C ALA B 729 30.78 37.17 3.97
N ASP B 730 31.98 36.61 3.89
CA ASP B 730 32.99 37.09 2.95
C ASP B 730 32.85 36.40 1.59
N GLY B 731 31.95 35.43 1.53
CA GLY B 731 31.73 34.71 0.29
C GLY B 731 30.84 33.52 0.57
N VAL B 732 30.57 32.74 -0.47
CA VAL B 732 29.75 31.55 -0.33
C VAL B 732 30.35 30.37 -1.07
N THR B 733 30.07 29.18 -0.54
CA THR B 733 30.53 27.94 -1.14
C THR B 733 29.29 27.34 -1.77
N ALA B 734 29.34 27.19 -3.09
CA ALA B 734 28.22 26.63 -3.85
C ALA B 734 28.70 25.45 -4.67
N THR B 735 28.11 24.27 -4.40
CA THR B 735 27.07 24.11 -3.38
C THR B 735 27.27 22.79 -2.64
N ASN B 736 26.42 22.52 -1.65
CA ASN B 736 26.51 21.24 -0.94
C ASN B 736 25.86 20.20 -1.85
N THR B 737 25.66 18.98 -1.34
CA THR B 737 25.07 17.91 -2.15
C THR B 737 23.58 18.09 -2.43
N VAL B 738 23.12 17.40 -3.47
CA VAL B 738 21.72 17.44 -3.89
C VAL B 738 20.96 16.32 -3.20
N SER B 739 19.81 16.64 -2.61
CA SER B 739 19.03 15.63 -1.92
C SER B 739 18.45 14.61 -2.90
N GLY B 740 18.61 13.33 -2.57
CA GLY B 740 18.08 12.29 -3.44
C GLY B 740 18.08 10.90 -2.87
N LEU B 741 17.57 9.96 -3.67
CA LEU B 741 17.52 8.53 -3.34
C LEU B 741 18.20 7.91 -4.54
N MET B 742 19.31 7.20 -4.31
CA MET B 742 20.04 6.63 -5.44
C MET B 742 19.36 5.45 -6.11
N GLY B 743 18.54 4.71 -5.38
CA GLY B 743 17.87 3.59 -6.00
C GLY B 743 17.44 2.49 -5.05
N LEU B 744 16.71 1.53 -5.61
CA LEU B 744 16.20 0.41 -4.85
C LEU B 744 16.53 -0.89 -5.58
N LYS B 745 16.65 -1.98 -4.82
CA LYS B 745 16.89 -3.28 -5.43
C LYS B 745 15.53 -3.74 -5.94
N ALA B 746 15.51 -4.81 -6.73
CA ALA B 746 14.26 -5.32 -7.30
C ALA B 746 13.22 -5.74 -6.26
N ASP B 747 13.67 -6.04 -5.04
CA ASP B 747 12.74 -6.44 -3.99
C ASP B 747 12.20 -5.25 -3.21
N GLY B 748 12.60 -4.04 -3.64
CA GLY B 748 12.12 -2.84 -2.98
C GLY B 748 12.99 -2.27 -1.89
N THR B 749 14.02 -3.00 -1.46
CA THR B 749 14.91 -2.51 -0.41
C THR B 749 15.86 -1.48 -0.98
N PRO B 750 16.23 -0.48 -0.18
CA PRO B 750 17.13 0.59 -0.63
C PRO B 750 18.62 0.28 -0.50
N TRP B 751 19.42 1.19 -1.03
CA TRP B 751 20.87 1.10 -0.93
C TRP B 751 21.33 2.56 -0.89
N PRO B 752 22.00 2.94 0.21
CA PRO B 752 22.34 2.08 1.35
C PRO B 752 21.17 1.57 2.18
N ALA B 753 21.35 0.37 2.74
CA ALA B 753 20.35 -0.27 3.59
C ALA B 753 21.02 -0.43 4.95
N VAL B 754 20.41 0.15 5.99
CA VAL B 754 20.98 0.07 7.32
C VAL B 754 20.23 -0.81 8.30
N GLY B 755 20.97 -1.67 9.00
CA GLY B 755 20.36 -2.55 9.98
C GLY B 755 19.51 -3.68 9.44
N ALA B 756 18.99 -4.49 10.35
CA ALA B 756 18.14 -5.62 9.98
C ALA B 756 16.89 -5.15 9.25
N GLY B 757 16.45 -3.93 9.57
CA GLY B 757 15.26 -3.39 8.93
C GLY B 757 15.53 -2.90 7.52
N LYS B 758 16.79 -2.91 7.11
CA LYS B 758 17.18 -2.47 5.76
C LYS B 758 16.60 -1.09 5.47
N ARG B 759 16.75 -0.19 6.45
CA ARG B 759 16.24 1.16 6.32
C ARG B 759 17.22 2.13 5.70
N THR B 760 16.70 3.28 5.27
CA THR B 760 17.53 4.30 4.69
C THR B 760 16.83 5.64 4.87
N THR B 761 17.50 6.71 4.46
CA THR B 761 16.91 8.05 4.54
C THR B 761 17.47 8.78 3.33
N TYR B 762 16.89 9.93 3.01
CA TYR B 762 17.38 10.68 1.86
C TYR B 762 18.84 11.06 2.07
N GLY B 763 19.64 10.91 1.03
CA GLY B 763 21.05 11.25 1.13
C GLY B 763 21.45 12.37 0.21
N GLY B 764 22.74 12.70 0.21
CA GLY B 764 23.22 13.77 -0.64
C GLY B 764 23.97 13.20 -1.83
N VAL B 765 23.59 13.66 -3.02
CA VAL B 765 24.21 13.22 -4.26
C VAL B 765 25.36 14.17 -4.59
N SER B 766 26.51 13.58 -4.93
CA SER B 766 27.70 14.35 -5.27
C SER B 766 28.27 13.83 -6.59
N GLY B 767 29.28 14.52 -7.12
CA GLY B 767 29.88 14.05 -8.36
C GLY B 767 29.46 14.77 -9.61
N THR B 768 29.94 14.27 -10.74
CA THR B 768 29.64 14.89 -12.03
C THR B 768 28.15 14.98 -12.35
N ALA B 769 27.35 14.08 -11.78
CA ALA B 769 25.91 14.09 -12.04
C ALA B 769 25.25 15.39 -11.58
N ILE B 770 25.83 16.05 -10.59
CA ILE B 770 25.25 17.30 -10.09
C ILE B 770 25.97 18.54 -10.61
N ARG B 771 26.97 18.37 -11.47
CA ARG B 771 27.69 19.52 -11.96
C ARG B 771 26.79 20.56 -12.64
N PRO B 772 25.80 20.13 -13.43
CA PRO B 772 24.93 21.12 -14.07
C PRO B 772 24.21 22.00 -13.06
N ILE B 773 23.87 21.41 -11.91
CA ILE B 773 23.18 22.13 -10.85
C ILE B 773 24.13 23.12 -10.18
N ALA B 774 25.35 22.67 -9.91
CA ALA B 774 26.35 23.52 -9.28
C ALA B 774 26.77 24.65 -10.21
N LEU B 775 26.92 24.35 -11.50
CA LEU B 775 27.30 25.38 -12.47
C LEU B 775 26.24 26.46 -12.55
N ARG B 776 24.97 26.06 -12.53
CA ARG B 776 23.89 27.04 -12.58
C ARG B 776 23.95 27.90 -11.32
N ALA B 777 24.15 27.25 -10.17
CA ALA B 777 24.22 27.97 -8.90
C ALA B 777 25.33 29.02 -8.89
N VAL B 778 26.53 28.62 -9.30
CA VAL B 778 27.66 29.53 -9.32
C VAL B 778 27.40 30.71 -10.26
N THR B 779 26.96 30.41 -11.48
CA THR B 779 26.71 31.46 -12.45
C THR B 779 25.60 32.42 -12.02
N THR B 780 24.52 31.89 -11.47
CA THR B 780 23.41 32.76 -11.07
C THR B 780 23.83 33.65 -9.90
N ILE B 781 24.61 33.10 -8.98
CA ILE B 781 25.07 33.89 -7.85
C ILE B 781 26.05 34.95 -8.33
N ALA B 782 26.97 34.55 -9.21
CA ALA B 782 27.97 35.47 -9.75
C ALA B 782 27.34 36.62 -10.51
N ARG B 783 26.24 36.36 -11.20
CA ARG B 783 25.55 37.40 -11.96
C ARG B 783 24.75 38.34 -11.04
N ALA B 784 24.15 37.76 -10.01
CA ALA B 784 23.35 38.54 -9.07
C ALA B 784 24.20 39.33 -8.07
N LEU B 785 25.34 38.78 -7.69
CA LEU B 785 26.22 39.41 -6.73
C LEU B 785 27.63 39.55 -7.28
N PRO B 786 27.83 40.44 -8.26
CA PRO B 786 29.13 40.67 -8.90
C PRO B 786 30.25 40.93 -7.90
N GLY B 787 31.35 40.20 -8.04
CA GLY B 787 32.48 40.38 -7.16
C GLY B 787 32.46 39.62 -5.85
N PHE B 788 31.31 39.10 -5.47
CA PHE B 788 31.18 38.34 -4.23
C PHE B 788 31.89 36.98 -4.39
N PRO B 789 32.92 36.73 -3.57
CA PRO B 789 33.68 35.47 -3.65
C PRO B 789 32.84 34.20 -3.61
N ILE B 790 33.12 33.29 -4.54
CA ILE B 790 32.43 32.02 -4.62
C ILE B 790 33.43 30.88 -4.66
N LEU B 791 33.26 29.91 -3.77
CA LEU B 791 34.10 28.72 -3.75
C LEU B 791 33.21 27.67 -4.39
N ALA B 792 33.63 27.12 -5.52
CA ALA B 792 32.80 26.13 -6.20
C ALA B 792 33.00 24.70 -5.75
N THR B 793 31.92 23.93 -5.77
CA THR B 793 31.97 22.51 -5.43
C THR B 793 30.79 21.83 -6.12
N GLY B 794 31.05 20.70 -6.75
CA GLY B 794 30.01 19.98 -7.45
C GLY B 794 30.46 19.41 -8.77
N GLY B 795 31.08 18.24 -8.74
CA GLY B 795 31.51 17.60 -9.97
C GLY B 795 32.81 18.07 -10.60
N ILE B 796 33.66 18.74 -9.84
CA ILE B 796 34.95 19.19 -10.39
C ILE B 796 35.89 17.99 -10.36
N ASP B 797 36.33 17.55 -11.54
CA ASP B 797 37.21 16.39 -11.63
C ASP B 797 38.33 16.53 -12.66
N SER B 798 38.67 17.76 -13.00
CA SER B 798 39.73 18.00 -13.99
C SER B 798 40.02 19.49 -14.10
N ALA B 799 41.12 19.83 -14.74
CA ALA B 799 41.46 21.23 -14.91
C ALA B 799 40.40 21.86 -15.82
N GLU B 800 39.96 21.10 -16.83
CA GLU B 800 38.95 21.59 -17.76
C GLU B 800 37.65 21.95 -17.04
N SER B 801 37.13 21.03 -16.23
CA SER B 801 35.90 21.30 -15.51
C SER B 801 36.11 22.42 -14.50
N GLY B 802 37.30 22.47 -13.91
CA GLY B 802 37.61 23.52 -12.96
C GLY B 802 37.55 24.87 -13.64
N LEU B 803 38.11 24.95 -14.85
CA LEU B 803 38.12 26.19 -15.61
C LEU B 803 36.69 26.63 -15.94
N GLN B 804 35.80 25.67 -16.12
CA GLN B 804 34.41 26.00 -16.41
C GLN B 804 33.82 26.76 -15.22
N PHE B 805 34.14 26.31 -14.02
CA PHE B 805 33.64 26.98 -12.82
C PHE B 805 34.30 28.35 -12.64
N LEU B 806 35.58 28.46 -12.97
CA LEU B 806 36.26 29.75 -12.84
C LEU B 806 35.58 30.72 -13.81
N HIS B 807 35.36 30.27 -15.04
CA HIS B 807 34.70 31.08 -16.06
C HIS B 807 33.29 31.47 -15.60
N SER B 808 32.70 30.65 -14.75
CA SER B 808 31.35 30.89 -14.25
C SER B 808 31.29 31.88 -13.07
N GLY B 809 32.46 32.28 -12.57
CA GLY B 809 32.48 33.22 -11.46
C GLY B 809 33.12 32.77 -10.16
N ALA B 810 33.54 31.52 -10.08
CA ALA B 810 34.17 31.03 -8.86
C ALA B 810 35.65 31.40 -8.87
N SER B 811 36.24 31.55 -7.68
CA SER B 811 37.66 31.90 -7.56
C SER B 811 38.50 30.68 -7.20
N VAL B 812 37.92 29.79 -6.40
CA VAL B 812 38.61 28.55 -6.01
C VAL B 812 37.70 27.36 -6.27
N LEU B 813 38.30 26.18 -6.30
CA LEU B 813 37.58 24.96 -6.64
C LEU B 813 37.73 23.82 -5.63
N GLN B 814 36.62 23.43 -5.00
CA GLN B 814 36.63 22.35 -4.02
C GLN B 814 36.33 21.01 -4.69
N VAL B 815 37.00 19.97 -4.24
CA VAL B 815 36.84 18.64 -4.81
C VAL B 815 36.64 17.54 -3.76
N CYS B 816 35.73 16.62 -4.03
CA CYS B 816 35.50 15.48 -3.14
C CYS B 816 35.41 14.19 -3.94
N SER B 817 34.31 14.04 -4.68
CA SER B 817 34.07 12.82 -5.46
C SER B 817 35.21 12.38 -6.37
N ALA B 818 35.90 13.33 -7.00
CA ALA B 818 37.00 12.97 -7.89
C ALA B 818 38.13 12.27 -7.14
N VAL B 819 38.30 12.62 -5.87
CA VAL B 819 39.32 11.99 -5.04
C VAL B 819 38.79 10.63 -4.58
N GLN B 820 37.50 10.57 -4.25
CA GLN B 820 36.91 9.30 -3.84
C GLN B 820 37.06 8.30 -4.98
N ASN B 821 36.98 8.79 -6.21
CA ASN B 821 37.13 7.94 -7.39
C ASN B 821 38.59 7.61 -7.66
N GLN B 822 39.51 8.28 -7.00
CA GLN B 822 40.92 8.07 -7.28
C GLN B 822 41.77 8.22 -6.01
N ASP B 823 42.53 9.30 -5.94
CA ASP B 823 43.39 9.56 -4.78
C ASP B 823 43.89 11.01 -4.84
N PHE B 824 44.68 11.41 -3.85
CA PHE B 824 45.19 12.78 -3.78
C PHE B 824 46.09 13.21 -4.93
N THR B 825 46.73 12.27 -5.62
CA THR B 825 47.65 12.66 -6.69
C THR B 825 47.01 13.38 -7.88
N VAL B 826 45.68 13.37 -7.97
CA VAL B 826 45.02 14.04 -9.09
C VAL B 826 45.39 15.52 -9.11
N ILE B 827 45.85 16.03 -7.97
CA ILE B 827 46.26 17.42 -7.88
C ILE B 827 47.32 17.76 -8.93
N GLN B 828 48.23 16.82 -9.18
CA GLN B 828 49.29 17.05 -10.18
C GLN B 828 48.66 17.24 -11.55
N ASP B 829 47.64 16.44 -11.83
CA ASP B 829 46.95 16.52 -13.11
C ASP B 829 46.20 17.84 -13.25
N TYR B 830 45.53 18.26 -12.18
CA TYR B 830 44.77 19.50 -12.22
C TYR B 830 45.66 20.71 -12.43
N CYS B 831 46.81 20.74 -11.75
CA CYS B 831 47.72 21.86 -11.89
C CYS B 831 48.38 21.92 -13.26
N THR B 832 48.92 20.82 -13.76
CA THR B 832 49.55 20.86 -15.07
C THR B 832 48.49 21.15 -16.13
N GLY B 833 47.28 20.63 -15.91
CA GLY B 833 46.20 20.85 -16.85
C GLY B 833 45.77 22.30 -16.93
N LEU B 834 45.65 22.96 -15.78
CA LEU B 834 45.25 24.35 -15.78
C LEU B 834 46.32 25.23 -16.39
N LYS B 835 47.58 24.92 -16.08
CA LYS B 835 48.69 25.68 -16.65
C LYS B 835 48.66 25.60 -18.16
N ALA B 836 48.40 24.40 -18.68
CA ALA B 836 48.36 24.20 -20.13
C ALA B 836 47.19 24.95 -20.77
N LEU B 837 46.03 24.90 -20.13
CA LEU B 837 44.86 25.59 -20.67
C LEU B 837 45.12 27.09 -20.76
N LEU B 838 45.74 27.67 -19.73
CA LEU B 838 46.03 29.09 -19.74
C LEU B 838 47.12 29.42 -20.76
N TYR B 839 48.16 28.59 -20.80
CA TYR B 839 49.25 28.79 -21.74
C TYR B 839 48.78 28.79 -23.19
N LEU B 840 47.96 27.81 -23.54
CA LEU B 840 47.47 27.68 -24.91
C LEU B 840 46.67 28.88 -25.39
N LYS B 841 46.09 29.64 -24.47
CA LYS B 841 45.29 30.80 -24.84
C LYS B 841 46.17 31.91 -25.43
N SER B 842 47.48 31.80 -25.25
CA SER B 842 48.41 32.80 -25.75
C SER B 842 49.01 32.40 -27.10
N ILE B 843 48.71 31.18 -27.55
CA ILE B 843 49.24 30.68 -28.81
C ILE B 843 48.27 30.92 -29.96
N GLU B 844 48.56 31.94 -30.76
CA GLU B 844 47.72 32.31 -31.89
C GLU B 844 47.46 31.20 -32.90
N GLU B 845 48.46 30.38 -33.20
CA GLU B 845 48.26 29.33 -34.19
C GLU B 845 47.43 28.15 -33.72
N LEU B 846 47.02 28.15 -32.45
CA LEU B 846 46.21 27.06 -31.92
C LEU B 846 44.82 27.54 -31.48
N GLN B 847 44.38 28.66 -32.03
CA GLN B 847 43.08 29.20 -31.65
C GLN B 847 41.90 28.33 -32.10
N GLY B 848 42.14 27.43 -33.05
CA GLY B 848 41.07 26.55 -33.51
C GLY B 848 40.82 25.37 -32.58
N TRP B 849 41.70 25.19 -31.61
CA TRP B 849 41.57 24.10 -30.65
C TRP B 849 40.55 24.46 -29.57
N ASP B 850 39.98 23.45 -28.93
CA ASP B 850 39.06 23.66 -27.82
C ASP B 850 39.89 23.20 -26.63
N GLY B 851 40.55 24.15 -25.97
CA GLY B 851 41.39 23.78 -24.85
C GLY B 851 42.57 23.00 -25.38
N GLN B 852 42.81 21.82 -24.81
CA GLN B 852 43.92 20.99 -25.25
C GLN B 852 43.54 20.03 -26.37
N SER B 853 42.31 20.16 -26.88
CA SER B 853 41.83 19.30 -27.96
C SER B 853 42.00 19.94 -29.34
N PRO B 854 42.81 19.32 -30.21
CA PRO B 854 42.99 19.88 -31.55
C PRO B 854 41.67 19.80 -32.31
N GLY B 855 41.51 20.63 -33.33
CA GLY B 855 40.27 20.57 -34.11
C GLY B 855 40.16 19.15 -34.65
N THR B 856 38.97 18.57 -34.58
CA THR B 856 38.76 17.21 -35.07
C THR B 856 38.87 17.10 -36.59
N GLU B 857 39.80 16.28 -37.05
CA GLU B 857 40.02 16.06 -38.48
C GLU B 857 39.23 14.84 -38.93
N SER B 858 38.79 14.84 -40.18
CA SER B 858 38.04 13.70 -40.71
C SER B 858 38.89 12.45 -40.55
N HIS B 859 38.33 11.43 -39.92
CA HIS B 859 39.06 10.20 -39.69
C HIS B 859 38.17 8.98 -39.59
N GLN B 860 38.81 7.82 -39.52
CA GLN B 860 38.15 6.53 -39.37
C GLN B 860 39.09 5.77 -38.46
N LYS B 861 38.60 5.35 -37.30
CA LYS B 861 39.41 4.63 -36.33
C LYS B 861 40.62 5.44 -35.88
N GLY B 862 40.46 6.76 -35.85
CA GLY B 862 41.53 7.63 -35.41
C GLY B 862 42.59 7.94 -36.45
N LYS B 863 42.48 7.32 -37.62
CA LYS B 863 43.44 7.55 -38.70
C LYS B 863 42.86 8.51 -39.73
N PRO B 864 43.65 9.52 -40.13
CA PRO B 864 43.24 10.52 -41.11
C PRO B 864 42.71 9.91 -42.40
N VAL B 865 41.58 10.44 -42.87
CA VAL B 865 40.98 9.96 -44.10
C VAL B 865 41.73 10.56 -45.29
N PRO B 866 42.11 9.72 -46.26
CA PRO B 866 42.84 10.22 -47.43
C PRO B 866 42.03 11.27 -48.17
N ARG B 867 42.68 12.38 -48.48
CA ARG B 867 42.05 13.49 -49.17
C ARG B 867 42.21 13.37 -50.68
N ILE B 868 41.75 12.26 -51.23
CA ILE B 868 41.85 12.00 -52.65
C ILE B 868 40.60 12.48 -53.39
N ALA B 869 40.81 13.17 -54.50
CA ALA B 869 39.71 13.69 -55.29
C ALA B 869 38.71 12.62 -55.70
N GLU B 870 39.19 11.41 -56.01
CA GLU B 870 38.24 10.36 -56.40
C GLU B 870 37.69 9.56 -55.22
N LEU B 871 37.59 10.22 -54.08
CA LEU B 871 37.06 9.57 -52.88
C LEU B 871 35.97 10.46 -52.28
N MET B 872 36.28 11.74 -52.14
CA MET B 872 35.36 12.71 -51.57
C MET B 872 34.04 12.82 -52.35
N GLY B 873 32.94 12.51 -51.67
CA GLY B 873 31.64 12.59 -52.28
C GLY B 873 31.26 11.40 -53.16
N LYS B 874 31.97 10.30 -53.02
CA LYS B 874 31.69 9.10 -53.81
C LYS B 874 30.68 8.20 -53.12
N LYS B 875 30.29 8.56 -51.90
CA LYS B 875 29.34 7.77 -51.15
C LYS B 875 29.85 6.33 -51.03
N LEU B 876 31.10 6.20 -50.59
CA LEU B 876 31.73 4.90 -50.42
C LEU B 876 32.00 4.62 -48.94
N PRO B 877 31.05 3.98 -48.25
CA PRO B 877 31.25 3.67 -46.83
C PRO B 877 32.36 2.64 -46.66
N ASN B 878 32.83 2.48 -45.43
CA ASN B 878 33.93 1.57 -45.15
C ASN B 878 33.55 0.12 -44.90
N PHE B 879 32.78 -0.45 -45.81
CA PHE B 879 32.38 -1.85 -45.69
C PHE B 879 31.93 -2.43 -47.02
N GLY B 880 31.83 -3.75 -47.08
CA GLY B 880 31.40 -4.44 -48.28
C GLY B 880 32.10 -4.05 -49.57
N PRO B 881 31.38 -4.05 -50.70
CA PRO B 881 31.96 -3.70 -52.00
C PRO B 881 32.51 -2.28 -52.06
N TYR B 882 31.94 -1.40 -51.24
CA TYR B 882 32.37 -0.01 -51.20
C TYR B 882 33.81 0.08 -50.67
N LEU B 883 34.09 -0.70 -49.64
CA LEU B 883 35.42 -0.72 -49.05
C LEU B 883 36.43 -1.20 -50.09
N GLU B 884 36.03 -2.19 -50.88
CA GLU B 884 36.90 -2.73 -51.93
C GLU B 884 37.23 -1.62 -52.93
N GLN B 885 36.23 -0.80 -53.26
CA GLN B 885 36.43 0.30 -54.20
C GLN B 885 37.39 1.32 -53.60
N ARG B 886 37.19 1.63 -52.33
CA ARG B 886 38.05 2.61 -51.66
C ARG B 886 39.51 2.16 -51.72
N LYS B 887 39.74 0.89 -51.41
CA LYS B 887 41.09 0.34 -51.44
C LYS B 887 41.72 0.44 -52.82
N LYS B 888 40.91 0.17 -53.85
CA LYS B 888 41.38 0.25 -55.22
C LYS B 888 41.79 1.68 -55.55
N ILE B 889 40.96 2.63 -55.15
CA ILE B 889 41.23 4.04 -55.40
C ILE B 889 42.49 4.50 -54.66
N ILE B 890 42.64 4.06 -53.42
CA ILE B 890 43.80 4.43 -52.63
C ILE B 890 45.08 3.83 -53.23
N ALA B 891 45.01 2.58 -53.65
CA ALA B 891 46.16 1.91 -54.25
C ALA B 891 46.60 2.65 -55.50
N GLU B 892 45.64 3.08 -56.31
CA GLU B 892 45.93 3.80 -57.54
C GLU B 892 46.59 5.14 -57.23
N GLU B 893 46.14 5.77 -56.14
CA GLU B 893 46.69 7.06 -55.72
C GLU B 893 48.15 6.87 -55.30
N LYS B 894 48.43 5.77 -54.60
CA LYS B 894 49.79 5.50 -54.16
C LYS B 894 50.71 5.32 -55.35
N MET B 895 50.21 4.68 -56.41
CA MET B 895 51.01 4.47 -57.61
C MET B 895 51.21 5.79 -58.34
N ARG B 896 50.21 6.66 -58.27
CA ARG B 896 50.28 7.97 -58.90
C ARG B 896 51.36 8.77 -58.19
N LEU B 897 51.35 8.71 -56.87
CA LEU B 897 52.33 9.43 -56.05
C LEU B 897 53.73 8.94 -56.37
N LYS B 898 53.85 7.64 -56.66
CA LYS B 898 55.13 7.04 -56.99
C LYS B 898 55.61 7.61 -58.32
N GLU B 899 54.65 7.91 -59.20
CA GLU B 899 54.92 8.47 -60.51
C GLU B 899 55.40 9.91 -60.36
N GLN B 900 55.20 10.47 -59.17
CA GLN B 900 55.61 11.83 -58.88
C GLN B 900 56.69 11.82 -57.79
N ASN B 901 57.95 11.78 -58.21
CA ASN B 901 59.07 11.77 -57.29
C ASN B 901 59.21 13.13 -56.61
N GLU B 908 60.77 22.63 -41.54
CA GLU B 908 61.55 22.71 -40.30
C GLU B 908 60.63 22.88 -39.08
N ARG B 909 61.03 22.32 -37.95
CA ARG B 909 60.19 22.42 -36.78
C ARG B 909 60.56 23.62 -35.91
N LYS B 910 59.63 24.57 -35.84
CA LYS B 910 59.85 25.78 -35.07
C LYS B 910 58.76 25.92 -34.01
N PRO B 911 59.14 26.16 -32.75
CA PRO B 911 58.19 26.30 -31.63
C PRO B 911 57.28 27.52 -31.74
N PHE B 912 56.04 27.37 -31.30
CA PHE B 912 55.09 28.48 -31.30
C PHE B 912 55.47 29.33 -30.10
N ILE B 913 55.39 30.65 -30.26
CA ILE B 913 55.74 31.57 -29.19
C ILE B 913 54.51 32.37 -28.78
N PRO B 914 54.26 32.50 -27.47
CA PRO B 914 53.10 33.27 -27.00
C PRO B 914 53.10 34.64 -27.66
N LYS B 915 51.97 35.05 -28.20
CA LYS B 915 51.84 36.35 -28.85
C LYS B 915 50.90 37.27 -28.10
N LYS B 916 50.68 36.94 -26.82
CA LYS B 916 49.85 37.72 -25.93
C LYS B 916 50.17 37.23 -24.53
N PRO B 917 49.97 38.08 -23.50
CA PRO B 917 50.27 37.67 -22.14
C PRO B 917 49.46 36.43 -21.77
N ILE B 918 50.07 35.53 -21.00
CA ILE B 918 49.35 34.34 -20.58
C ILE B 918 48.42 34.81 -19.47
N PRO B 919 47.12 34.51 -19.61
CA PRO B 919 46.12 34.92 -18.61
C PRO B 919 46.35 34.34 -17.22
N ALA B 920 46.11 35.16 -16.20
CA ALA B 920 46.22 34.73 -14.81
C ALA B 920 44.81 34.29 -14.46
N ILE B 921 44.66 33.57 -13.35
CA ILE B 921 43.32 33.12 -12.95
C ILE B 921 42.35 34.29 -12.84
N LYS B 922 42.81 35.38 -12.25
CA LYS B 922 41.95 36.56 -12.08
C LYS B 922 41.42 37.08 -13.42
N ASP B 923 42.14 36.80 -14.50
CA ASP B 923 41.73 37.27 -15.83
C ASP B 923 40.66 36.42 -16.50
N VAL B 924 40.44 35.20 -16.01
CA VAL B 924 39.44 34.34 -16.61
C VAL B 924 38.15 34.24 -15.80
N ILE B 925 38.21 34.58 -14.52
CA ILE B 925 37.04 34.49 -13.65
C ILE B 925 35.85 35.29 -14.17
N GLY B 926 34.71 34.62 -14.29
CA GLY B 926 33.48 35.25 -14.75
C GLY B 926 33.36 35.58 -16.23
N LYS B 927 34.35 35.18 -17.02
CA LYS B 927 34.32 35.47 -18.45
C LYS B 927 33.16 34.86 -19.23
N ALA B 928 32.57 33.79 -18.70
CA ALA B 928 31.45 33.14 -19.38
C ALA B 928 30.11 33.83 -19.14
N LEU B 929 30.04 34.63 -18.10
CA LEU B 929 28.79 35.31 -17.74
C LEU B 929 28.20 36.18 -18.86
N GLN B 930 29.07 36.73 -19.71
CA GLN B 930 28.63 37.58 -20.80
C GLN B 930 27.72 36.86 -21.79
N TYR B 931 27.80 35.53 -21.82
CA TYR B 931 26.99 34.75 -22.75
C TYR B 931 25.66 34.28 -22.18
N LEU B 932 25.50 34.38 -20.86
CA LEU B 932 24.27 33.96 -20.20
C LEU B 932 23.24 35.07 -20.09
N GLY B 933 21.97 34.70 -20.23
CA GLY B 933 20.89 35.67 -20.12
C GLY B 933 19.55 34.96 -20.14
N THR B 934 18.50 35.72 -20.43
CA THR B 934 17.15 35.17 -20.49
C THR B 934 16.94 34.49 -21.84
N PHE B 935 15.85 33.74 -21.97
CA PHE B 935 15.55 33.07 -23.22
C PHE B 935 15.27 34.13 -24.27
N GLY B 936 14.65 35.23 -23.83
CA GLY B 936 14.31 36.30 -24.74
C GLY B 936 15.51 36.95 -25.40
N GLU B 937 16.67 36.83 -24.76
CA GLU B 937 17.90 37.42 -25.29
C GLU B 937 18.54 36.52 -26.34
N LEU B 938 17.92 35.36 -26.58
CA LEU B 938 18.42 34.43 -27.58
C LEU B 938 17.77 34.70 -28.92
N SER B 939 18.55 34.66 -29.99
CA SER B 939 18.03 34.91 -31.32
C SER B 939 17.28 33.71 -31.90
N ASN B 940 16.04 33.92 -32.32
CA ASN B 940 15.25 32.84 -32.92
C ASN B 940 15.26 32.99 -34.43
N ILE B 941 16.12 33.88 -34.91
CA ILE B 941 16.25 34.16 -36.32
C ILE B 941 17.54 33.51 -36.85
N GLU B 942 18.56 33.43 -36.00
CA GLU B 942 19.82 32.82 -36.37
C GLU B 942 19.72 31.32 -36.05
N GLN B 943 19.01 30.60 -36.92
CA GLN B 943 18.80 29.17 -36.76
C GLN B 943 19.94 28.36 -37.39
N VAL B 944 20.03 27.09 -37.01
CA VAL B 944 21.06 26.21 -37.56
C VAL B 944 20.44 24.89 -38.02
N VAL B 945 21.23 24.12 -38.77
CA VAL B 945 20.82 22.81 -39.25
C VAL B 945 22.02 21.89 -39.08
N ALA B 946 21.75 20.59 -39.00
CA ALA B 946 22.83 19.63 -38.84
C ALA B 946 23.44 19.25 -40.18
N VAL B 947 24.76 19.05 -40.20
CA VAL B 947 25.46 18.65 -41.40
C VAL B 947 26.40 17.50 -41.01
N ILE B 948 26.31 16.41 -41.75
CA ILE B 948 27.10 15.22 -41.46
C ILE B 948 28.30 15.03 -42.38
N ASP B 949 29.45 14.72 -41.79
CA ASP B 949 30.66 14.46 -42.55
C ASP B 949 30.65 12.96 -42.83
N GLU B 950 30.24 12.59 -44.03
CA GLU B 950 30.16 11.18 -44.39
C GLU B 950 31.46 10.40 -44.22
N GLU B 951 32.60 11.07 -44.32
CA GLU B 951 33.88 10.39 -44.17
C GLU B 951 34.16 9.94 -42.74
N MET B 952 33.46 10.52 -41.78
CA MET B 952 33.66 10.17 -40.36
C MET B 952 32.58 9.24 -39.84
N CYS B 953 31.50 9.11 -40.59
CA CYS B 953 30.36 8.30 -40.21
C CYS B 953 30.66 6.80 -40.10
N ILE B 954 30.12 6.15 -39.08
CA ILE B 954 30.31 4.70 -38.93
C ILE B 954 29.01 3.93 -39.17
N ASN B 955 28.09 4.62 -39.84
CA ASN B 955 26.83 4.04 -40.31
C ASN B 955 25.85 3.37 -39.35
N CYS B 956 25.83 3.80 -38.09
CA CYS B 956 24.95 3.22 -37.07
C CYS B 956 23.47 3.62 -37.17
N GLY B 957 23.20 4.77 -37.77
CA GLY B 957 21.83 5.23 -37.90
C GLY B 957 21.21 5.83 -36.66
N LYS B 958 22.02 6.14 -35.65
CA LYS B 958 21.47 6.72 -34.42
C LYS B 958 20.88 8.10 -34.66
N CYS B 959 21.52 8.88 -35.52
CA CYS B 959 21.02 10.21 -35.84
C CYS B 959 19.61 10.08 -36.43
N TYR B 960 19.49 9.10 -37.32
CA TYR B 960 18.25 8.79 -38.00
C TYR B 960 17.16 8.35 -37.02
N MET B 961 17.49 7.45 -36.10
CA MET B 961 16.52 6.97 -35.14
C MET B 961 16.08 8.05 -34.15
N THR B 962 17.02 8.91 -33.77
CA THR B 962 16.69 9.98 -32.83
C THR B 962 15.82 11.02 -33.53
N CYS B 963 16.10 11.33 -34.79
CA CYS B 963 15.27 12.31 -35.47
C CYS B 963 13.89 11.70 -35.77
N ASN B 964 13.85 10.40 -35.99
CA ASN B 964 12.57 9.75 -36.30
C ASN B 964 11.61 9.68 -35.13
N ASP B 965 12.10 9.21 -33.98
CA ASP B 965 11.24 9.04 -32.81
C ASP B 965 11.36 10.13 -31.75
N SER B 966 12.25 11.10 -31.98
CA SER B 966 12.43 12.20 -31.03
C SER B 966 12.62 13.51 -31.77
N GLY B 967 12.39 13.50 -33.08
CA GLY B 967 12.60 14.72 -33.84
C GLY B 967 11.63 15.08 -34.93
N TYR B 968 12.16 15.36 -36.11
CA TYR B 968 11.36 15.79 -37.24
C TYR B 968 11.42 14.95 -38.50
N GLN B 969 11.85 13.70 -38.36
CA GLN B 969 11.93 12.78 -39.51
C GLN B 969 12.62 13.49 -40.69
N ALA B 970 13.71 14.18 -40.41
CA ALA B 970 14.43 14.93 -41.43
C ALA B 970 15.67 14.27 -42.03
N ILE B 971 16.00 13.07 -41.57
CA ILE B 971 17.18 12.38 -42.09
C ILE B 971 16.88 11.18 -42.96
N GLN B 972 17.55 11.11 -44.11
CA GLN B 972 17.39 9.99 -45.02
C GLN B 972 18.53 9.03 -44.69
N PHE B 973 18.21 7.75 -44.50
CA PHE B 973 19.23 6.76 -44.19
C PHE B 973 19.26 5.78 -45.37
N ASP B 974 20.33 5.84 -46.16
CA ASP B 974 20.43 5.00 -47.34
C ASP B 974 20.40 3.50 -47.02
N PRO B 975 19.53 2.75 -47.70
CA PRO B 975 19.40 1.31 -47.48
C PRO B 975 20.58 0.47 -47.95
N GLU B 976 21.43 1.01 -48.82
CA GLU B 976 22.57 0.26 -49.31
C GLU B 976 23.90 0.65 -48.68
N THR B 977 24.11 1.94 -48.49
CA THR B 977 25.36 2.44 -47.92
C THR B 977 25.27 2.76 -46.43
N HIS B 978 24.04 2.79 -45.90
CA HIS B 978 23.83 3.14 -44.50
C HIS B 978 24.48 4.48 -44.19
N LEU B 979 24.37 5.41 -45.14
CA LEU B 979 24.89 6.75 -44.97
C LEU B 979 23.70 7.69 -44.77
N PRO B 980 23.76 8.54 -43.75
CA PRO B 980 22.68 9.48 -43.45
C PRO B 980 22.84 10.81 -44.19
N THR B 981 21.72 11.44 -44.50
CA THR B 981 21.73 12.73 -45.16
C THR B 981 20.65 13.60 -44.50
N VAL B 982 21.07 14.74 -43.97
CA VAL B 982 20.14 15.66 -43.32
C VAL B 982 19.44 16.45 -44.42
N THR B 983 18.12 16.43 -44.43
CA THR B 983 17.35 17.14 -45.46
C THR B 983 16.95 18.53 -44.98
N ASP B 984 16.27 19.26 -45.85
CA ASP B 984 15.87 20.63 -45.54
C ASP B 984 14.79 20.79 -44.47
N THR B 985 14.21 19.69 -44.00
CA THR B 985 13.18 19.78 -42.97
C THR B 985 13.78 19.85 -41.58
N CYS B 986 15.11 19.82 -41.50
CA CYS B 986 15.83 19.90 -40.24
C CYS B 986 15.48 21.20 -39.53
N THR B 987 15.31 21.13 -38.21
CA THR B 987 14.98 22.31 -37.40
C THR B 987 16.15 22.71 -36.51
N GLY B 988 17.23 21.94 -36.59
CA GLY B 988 18.40 22.23 -35.79
C GLY B 988 18.24 21.97 -34.29
N CYS B 989 17.30 21.11 -33.90
CA CYS B 989 17.11 20.82 -32.48
C CYS B 989 18.42 20.34 -31.83
N THR B 990 19.28 19.71 -32.65
CA THR B 990 20.61 19.21 -32.25
C THR B 990 20.68 17.82 -31.57
N LEU B 991 19.56 17.10 -31.52
CA LEU B 991 19.56 15.78 -30.92
C LEU B 991 20.47 14.76 -31.63
N CYS B 992 20.49 14.80 -32.97
CA CYS B 992 21.34 13.87 -33.71
C CYS B 992 22.80 14.02 -33.35
N LEU B 993 23.28 15.25 -33.33
CA LEU B 993 24.66 15.54 -32.98
C LEU B 993 24.94 15.02 -31.59
N SER B 994 23.96 15.19 -30.70
CA SER B 994 24.08 14.78 -29.31
C SER B 994 24.14 13.28 -29.07
N VAL B 995 23.64 12.47 -30.00
CA VAL B 995 23.67 11.02 -29.83
C VAL B 995 24.70 10.33 -30.72
N CYS B 996 25.33 11.07 -31.63
CA CYS B 996 26.32 10.50 -32.55
C CYS B 996 27.55 10.01 -31.78
N PRO B 997 27.97 8.76 -32.04
CA PRO B 997 29.15 8.20 -31.36
C PRO B 997 30.49 8.80 -31.78
N ILE B 998 30.51 9.44 -32.94
CA ILE B 998 31.74 10.02 -33.46
C ILE B 998 31.82 11.52 -33.20
N ILE B 999 32.82 11.90 -32.41
CA ILE B 999 33.00 13.31 -32.07
C ILE B 999 33.16 14.17 -33.32
N ASP B 1000 32.31 15.18 -33.44
CA ASP B 1000 32.36 16.12 -34.55
C ASP B 1000 32.03 15.56 -35.93
N CYS B 1001 31.39 14.39 -35.98
CA CYS B 1001 30.99 13.83 -37.26
C CYS B 1001 29.86 14.73 -37.76
N ILE B 1002 28.99 15.11 -36.83
CA ILE B 1002 27.89 16.00 -37.13
C ILE B 1002 28.22 17.36 -36.52
N ARG B 1003 27.92 18.41 -37.26
CA ARG B 1003 28.16 19.77 -36.81
C ARG B 1003 26.94 20.61 -37.14
N MET B 1004 26.69 21.63 -36.32
CA MET B 1004 25.56 22.51 -36.57
C MET B 1004 26.08 23.72 -37.33
N VAL B 1005 25.44 24.05 -38.44
CA VAL B 1005 25.85 25.19 -39.25
C VAL B 1005 24.70 26.15 -39.49
N SER B 1006 25.02 27.41 -39.75
CA SER B 1006 24.00 28.42 -39.99
C SER B 1006 23.08 28.00 -41.12
N ARG B 1007 21.78 28.10 -40.88
CA ARG B 1007 20.81 27.73 -41.90
C ARG B 1007 20.90 28.77 -43.01
N THR B 1008 20.87 28.30 -44.26
CA THR B 1008 20.96 29.21 -45.40
C THR B 1008 19.62 29.27 -46.14
N THR B 1009 18.83 28.21 -46.02
CA THR B 1009 17.53 28.16 -46.68
C THR B 1009 16.46 28.75 -45.77
N PRO B 1010 15.35 29.23 -46.37
CA PRO B 1010 14.25 29.82 -45.60
C PRO B 1010 13.79 28.92 -44.45
N TYR B 1011 13.56 29.53 -43.29
CA TYR B 1011 13.11 28.80 -42.12
C TYR B 1011 11.70 29.20 -41.69
N GLU B 1012 10.87 28.20 -41.42
CA GLU B 1012 9.50 28.46 -40.99
C GLU B 1012 9.07 27.33 -40.05
N PRO B 1013 8.74 27.68 -38.79
CA PRO B 1013 8.31 26.71 -37.78
C PRO B 1013 7.13 25.87 -38.24
N LYS B 1014 7.16 24.58 -37.90
CA LYS B 1014 6.09 23.66 -38.25
C LYS B 1014 4.95 23.91 -37.27
N ARG B 1015 3.82 24.41 -37.76
CA ARG B 1015 2.68 24.72 -36.91
C ARG B 1015 1.58 23.65 -36.88
N GLY B 1016 1.73 22.61 -37.70
CA GLY B 1016 0.73 21.55 -37.74
C GLY B 1016 -0.51 21.97 -38.51
N LEU B 1017 -1.11 23.08 -38.10
CA LEU B 1017 -2.29 23.63 -38.77
C LEU B 1017 -2.07 25.13 -38.92
N PRO B 1018 -2.53 25.70 -40.04
CA PRO B 1018 -2.35 27.13 -40.29
C PRO B 1018 -3.31 28.00 -39.47
N ALA C 2 -59.27 -34.52 -7.62
CA ALA C 2 -58.36 -34.08 -6.59
C ALA C 2 -58.73 -32.68 -6.23
N PRO C 3 -58.34 -32.20 -5.03
CA PRO C 3 -58.66 -30.83 -4.66
C PRO C 3 -57.50 -29.95 -5.09
N VAL C 4 -57.64 -28.64 -5.00
CA VAL C 4 -56.54 -27.75 -5.39
C VAL C 4 -55.67 -27.72 -4.18
N LEU C 5 -54.58 -28.47 -4.28
CA LEU C 5 -53.66 -28.59 -3.19
C LEU C 5 -53.00 -27.29 -2.76
N SER C 6 -52.67 -26.42 -3.72
CA SER C 6 -52.01 -25.16 -3.40
C SER C 6 -52.92 -24.02 -2.96
N LYS C 7 -54.13 -24.36 -2.55
CA LYS C 7 -55.08 -23.35 -2.10
C LYS C 7 -55.58 -23.64 -0.69
N ASP C 8 -55.78 -22.58 0.09
CA ASP C 8 -56.28 -22.72 1.45
C ASP C 8 -57.77 -23.03 1.40
N VAL C 9 -58.20 -23.99 2.20
CA VAL C 9 -59.62 -24.32 2.26
C VAL C 9 -60.29 -23.22 3.08
N ALA C 10 -61.62 -23.19 3.05
CA ALA C 10 -62.38 -22.18 3.78
C ALA C 10 -61.90 -21.96 5.21
N ASP C 11 -61.71 -23.03 5.97
CA ASP C 11 -61.28 -22.92 7.35
C ASP C 11 -59.95 -22.20 7.53
N ILE C 12 -59.00 -22.48 6.65
CA ILE C 12 -57.70 -21.83 6.74
C ILE C 12 -57.79 -20.38 6.29
N GLU C 13 -58.59 -20.14 5.27
CA GLU C 13 -58.75 -18.77 4.77
C GLU C 13 -59.31 -17.93 5.91
N SER C 14 -60.19 -18.54 6.69
CA SER C 14 -60.81 -17.86 7.82
C SER C 14 -59.79 -17.58 8.92
N ILE C 15 -58.94 -18.56 9.21
CA ILE C 15 -57.95 -18.35 10.26
C ILE C 15 -56.93 -17.30 9.85
N LEU C 16 -56.73 -17.14 8.54
CA LEU C 16 -55.79 -16.16 7.99
C LEU C 16 -56.41 -14.77 7.79
N ALA C 17 -57.65 -14.60 8.23
CA ALA C 17 -58.36 -13.32 8.06
C ALA C 17 -57.58 -12.07 8.46
N LEU C 18 -56.86 -12.13 9.58
CA LEU C 18 -56.10 -10.96 10.04
C LEU C 18 -54.62 -10.98 9.67
N ASN C 19 -54.23 -11.91 8.81
CA ASN C 19 -52.84 -12.01 8.39
C ASN C 19 -52.53 -10.79 7.51
N PRO C 20 -51.37 -10.15 7.73
CA PRO C 20 -51.03 -8.97 6.92
C PRO C 20 -50.94 -9.22 5.41
N ARG C 21 -51.51 -8.30 4.66
CA ARG C 21 -51.51 -8.35 3.20
C ARG C 21 -51.43 -6.88 2.76
N THR C 22 -50.47 -6.56 1.90
CA THR C 22 -50.33 -5.19 1.44
C THR C 22 -51.55 -4.78 0.61
N GLN C 23 -52.05 -3.59 0.86
CA GLN C 23 -53.21 -3.07 0.15
C GLN C 23 -52.82 -2.41 -1.16
N SER C 24 -53.68 -2.56 -2.17
CA SER C 24 -53.44 -1.99 -3.49
C SER C 24 -54.08 -0.62 -3.64
N HIS C 25 -54.81 -0.18 -2.62
CA HIS C 25 -55.46 1.12 -2.65
C HIS C 25 -55.43 1.76 -1.27
N ALA C 26 -55.69 3.07 -1.23
CA ALA C 26 -55.72 3.78 0.03
C ALA C 26 -57.00 3.34 0.73
N ALA C 27 -57.00 3.37 2.05
CA ALA C 27 -58.16 2.93 2.81
C ALA C 27 -59.21 4.02 2.94
N LEU C 28 -60.45 3.61 3.21
CA LEU C 28 -61.54 4.57 3.40
C LEU C 28 -62.23 4.26 4.72
N HIS C 29 -62.11 5.19 5.66
CA HIS C 29 -62.73 5.06 6.98
C HIS C 29 -63.09 6.47 7.42
N SER C 30 -64.37 6.72 7.66
CA SER C 30 -64.79 8.06 8.04
C SER C 30 -64.21 8.48 9.39
N THR C 31 -64.10 9.79 9.58
CA THR C 31 -63.57 10.33 10.83
C THR C 31 -64.47 9.92 11.99
N LEU C 32 -65.77 9.87 11.77
CA LEU C 32 -66.69 9.47 12.81
C LEU C 32 -66.44 8.00 13.18
N ALA C 33 -66.28 7.17 12.16
CA ALA C 33 -66.04 5.73 12.38
C ALA C 33 -64.75 5.55 13.17
N LYS C 34 -63.73 6.33 12.84
CA LYS C 34 -62.46 6.25 13.52
C LYS C 34 -62.58 6.65 14.99
N LYS C 35 -63.32 7.72 15.26
CA LYS C 35 -63.51 8.17 16.64
C LYS C 35 -64.16 7.06 17.47
N LEU C 36 -65.11 6.36 16.87
CA LEU C 36 -65.82 5.27 17.54
C LEU C 36 -64.94 4.05 17.78
N ASP C 37 -64.03 3.77 16.83
CA ASP C 37 -63.16 2.60 16.93
C ASP C 37 -61.95 2.78 17.84
N LYS C 38 -61.49 4.02 18.00
CA LYS C 38 -60.33 4.33 18.82
C LYS C 38 -60.39 3.79 20.25
N LYS C 39 -61.55 3.95 20.87
CA LYS C 39 -61.75 3.53 22.25
C LYS C 39 -61.52 2.03 22.49
N HIS C 40 -61.76 1.23 21.47
CA HIS C 40 -61.60 -0.22 21.63
C HIS C 40 -60.18 -0.68 21.89
N TRP C 41 -59.21 0.03 21.31
CA TRP C 41 -57.81 -0.36 21.42
C TRP C 41 -56.95 0.43 22.40
N LYS C 42 -57.55 1.43 23.04
CA LYS C 42 -56.86 2.32 23.97
C LYS C 42 -56.02 1.63 25.04
N ARG C 43 -54.72 1.95 25.06
CA ARG C 43 -53.78 1.37 26.03
C ARG C 43 -53.43 2.32 27.17
N ASN C 44 -53.09 3.55 26.81
CA ASN C 44 -52.68 4.56 27.77
C ASN C 44 -53.85 5.37 28.35
N PRO C 45 -53.55 6.30 29.27
CA PRO C 45 -54.59 7.12 29.87
C PRO C 45 -55.36 7.94 28.84
N ASP C 46 -56.66 8.09 29.06
CA ASP C 46 -57.53 8.87 28.19
C ASP C 46 -57.52 10.30 28.72
N LYS C 47 -57.01 11.24 27.93
CA LYS C 47 -56.94 12.63 28.37
C LYS C 47 -58.31 13.22 28.64
N ASN C 48 -59.34 12.59 28.09
CA ASN C 48 -60.70 13.08 28.28
C ASN C 48 -61.36 12.46 29.52
N CYS C 49 -60.64 11.56 30.18
CA CYS C 49 -61.14 10.91 31.38
C CYS C 49 -60.73 11.77 32.57
N PHE C 50 -61.70 12.29 33.31
CA PHE C 50 -61.41 13.18 34.43
C PHE C 50 -61.46 12.62 35.84
N HIS C 51 -62.00 11.42 36.00
CA HIS C 51 -62.09 10.82 37.33
C HIS C 51 -61.19 9.60 37.51
N CYS C 52 -60.40 9.65 38.57
CA CYS C 52 -59.48 8.57 38.90
C CYS C 52 -60.21 7.27 39.21
N GLU C 53 -59.62 6.17 38.77
CA GLU C 53 -60.17 4.85 38.98
C GLU C 53 -60.21 4.60 40.49
N LYS C 54 -61.02 3.65 40.92
CA LYS C 54 -61.12 3.32 42.34
C LYS C 54 -59.80 2.73 42.81
N LEU C 55 -59.26 3.28 43.89
CA LEU C 55 -58.00 2.79 44.44
C LEU C 55 -58.08 2.48 45.92
N GLU C 56 -59.29 2.39 46.45
CA GLU C 56 -59.44 2.08 47.87
C GLU C 56 -58.80 0.76 48.23
N ASN C 57 -57.95 0.79 49.25
CA ASN C 57 -57.23 -0.38 49.75
C ASN C 57 -56.38 -1.06 48.68
N ASN C 58 -55.98 -0.30 47.66
CA ASN C 58 -55.15 -0.88 46.60
C ASN C 58 -53.71 -0.41 46.77
N PHE C 59 -52.86 -1.29 47.26
CA PHE C 59 -51.47 -0.93 47.47
C PHE C 59 -50.51 -1.59 46.49
N ASP C 60 -51.02 -1.92 45.30
CA ASP C 60 -50.19 -2.53 44.28
C ASP C 60 -49.14 -1.52 43.82
N ASP C 61 -47.99 -2.02 43.40
CA ASP C 61 -46.88 -1.20 42.94
C ASP C 61 -47.28 -0.26 41.80
N ILE C 62 -47.05 1.04 41.98
CA ILE C 62 -47.40 2.01 40.94
C ILE C 62 -46.18 2.66 40.30
N LYS C 63 -44.98 2.26 40.73
CA LYS C 63 -43.77 2.84 40.15
C LYS C 63 -43.69 2.56 38.65
N HIS C 64 -43.31 3.59 37.89
CA HIS C 64 -43.18 3.43 36.44
C HIS C 64 -41.83 2.82 36.11
N THR C 65 -40.92 2.81 37.09
CA THR C 65 -39.58 2.30 36.89
C THR C 65 -39.34 0.83 37.16
N THR C 66 -40.32 0.14 37.73
CA THR C 66 -40.18 -1.28 38.01
C THR C 66 -39.92 -2.06 36.72
N LEU C 67 -38.96 -2.98 36.79
CA LEU C 67 -38.59 -3.78 35.62
C LEU C 67 -38.65 -5.27 35.91
N GLY C 68 -39.02 -6.04 34.88
CA GLY C 68 -39.04 -7.48 34.96
C GLY C 68 -37.75 -7.90 34.26
N GLU C 69 -37.42 -9.19 34.22
CA GLU C 69 -36.18 -9.60 33.58
C GLU C 69 -36.06 -9.20 32.12
N ARG C 70 -37.12 -9.44 31.34
CA ARG C 70 -37.11 -9.09 29.92
C ARG C 70 -36.76 -7.61 29.75
N GLY C 71 -37.49 -6.76 30.48
CA GLY C 71 -37.25 -5.33 30.39
C GLY C 71 -35.89 -4.90 30.92
N ALA C 72 -35.45 -5.54 32.00
CA ALA C 72 -34.15 -5.23 32.59
C ALA C 72 -33.01 -5.55 31.64
N LEU C 73 -33.09 -6.71 30.98
CA LEU C 73 -32.04 -7.09 30.05
C LEU C 73 -31.97 -6.11 28.90
N ARG C 74 -33.12 -5.69 28.37
CA ARG C 74 -33.13 -4.74 27.26
C ARG C 74 -32.49 -3.41 27.68
N GLU C 75 -32.90 -2.87 28.82
CA GLU C 75 -32.37 -1.59 29.26
C GLU C 75 -30.89 -1.68 29.62
N ALA C 76 -30.49 -2.78 30.24
CA ALA C 76 -29.09 -2.96 30.61
C ALA C 76 -28.21 -3.03 29.38
N MET C 77 -28.72 -3.67 28.33
CA MET C 77 -27.95 -3.78 27.09
C MET C 77 -27.83 -2.42 26.40
N ARG C 78 -28.80 -1.55 26.64
CA ARG C 78 -28.83 -0.21 26.06
C ARG C 78 -27.80 0.73 26.67
N CYS C 79 -27.55 0.58 27.97
CA CYS C 79 -26.58 1.41 28.70
C CYS C 79 -25.22 1.39 28.00
N LEU C 80 -24.63 2.57 27.81
CA LEU C 80 -23.34 2.67 27.14
C LEU C 80 -22.18 2.18 28.02
N LYS C 81 -22.44 2.01 29.32
CA LYS C 81 -21.42 1.52 30.25
C LYS C 81 -20.18 2.40 30.12
N CYS C 82 -20.42 3.70 30.31
CA CYS C 82 -19.45 4.77 30.18
C CYS C 82 -18.24 4.84 31.11
N ALA C 83 -17.16 5.40 30.57
CA ALA C 83 -15.94 5.59 31.33
C ALA C 83 -16.17 6.80 32.24
N ASP C 84 -15.60 6.75 33.45
CA ASP C 84 -15.72 7.86 34.40
C ASP C 84 -17.17 8.37 34.37
N ALA C 85 -18.10 7.42 34.37
CA ALA C 85 -19.53 7.69 34.27
C ALA C 85 -20.10 8.82 35.11
N PRO C 86 -20.80 9.75 34.45
CA PRO C 86 -21.43 10.91 35.11
C PRO C 86 -22.57 10.50 36.04
N CYS C 87 -23.20 9.37 35.73
CA CYS C 87 -24.29 8.89 36.59
C CYS C 87 -23.73 8.53 37.96
N GLN C 88 -22.57 7.87 37.97
CA GLN C 88 -21.93 7.50 39.24
C GLN C 88 -21.52 8.76 39.99
N LYS C 89 -20.99 9.73 39.27
CA LYS C 89 -20.59 10.98 39.89
C LYS C 89 -21.80 11.67 40.50
N SER C 90 -22.96 11.43 39.91
CA SER C 90 -24.21 12.04 40.35
C SER C 90 -24.98 11.20 41.37
N CYS C 91 -24.39 10.09 41.79
CA CYS C 91 -25.00 9.21 42.78
C CYS C 91 -24.38 9.53 44.14
N PRO C 92 -25.19 9.90 45.13
CA PRO C 92 -24.63 10.22 46.45
C PRO C 92 -23.79 9.11 47.10
N THR C 93 -24.05 7.85 46.77
CA THR C 93 -23.27 6.76 47.34
C THR C 93 -22.18 6.26 46.39
N HIS C 94 -22.01 6.98 45.28
CA HIS C 94 -20.99 6.65 44.30
C HIS C 94 -21.06 5.23 43.75
N LEU C 95 -22.27 4.72 43.52
CA LEU C 95 -22.40 3.36 42.99
C LEU C 95 -21.72 3.21 41.64
N ASP C 96 -21.05 2.09 41.43
CA ASP C 96 -20.40 1.84 40.16
C ASP C 96 -21.49 1.31 39.23
N ILE C 97 -22.28 2.24 38.71
CA ILE C 97 -23.39 1.96 37.82
C ILE C 97 -22.94 1.21 36.56
N LYS C 98 -21.85 1.68 35.96
CA LYS C 98 -21.31 1.04 34.76
C LYS C 98 -21.14 -0.46 35.02
N SER C 99 -20.50 -0.78 36.13
CA SER C 99 -20.27 -2.19 36.46
C SER C 99 -21.51 -3.00 36.78
N PHE C 100 -22.41 -2.48 37.63
CA PHE C 100 -23.58 -3.28 37.96
C PHE C 100 -24.53 -3.45 36.78
N ILE C 101 -24.63 -2.44 35.93
CA ILE C 101 -25.50 -2.57 34.76
C ILE C 101 -24.86 -3.53 33.76
N THR C 102 -23.53 -3.53 33.68
CA THR C 102 -22.86 -4.46 32.78
C THR C 102 -23.16 -5.87 33.23
N SER C 103 -23.13 -6.09 34.55
CA SER C 103 -23.42 -7.41 35.09
C SER C 103 -24.85 -7.83 34.75
N ILE C 104 -25.80 -6.91 34.86
CA ILE C 104 -27.17 -7.24 34.52
C ILE C 104 -27.27 -7.63 33.06
N SER C 105 -26.59 -6.89 32.18
CA SER C 105 -26.64 -7.19 30.75
C SER C 105 -26.06 -8.58 30.48
N ASN C 106 -25.15 -9.03 31.33
CA ASN C 106 -24.53 -10.33 31.17
C ASN C 106 -25.25 -11.41 31.97
N LYS C 107 -26.43 -11.09 32.48
CA LYS C 107 -27.26 -12.00 33.27
C LYS C 107 -26.67 -12.37 34.62
N ASN C 108 -25.69 -11.60 35.07
CA ASN C 108 -25.06 -11.85 36.36
C ASN C 108 -25.67 -10.94 37.42
N TYR C 109 -26.88 -11.31 37.85
CA TYR C 109 -27.61 -10.52 38.83
C TYR C 109 -26.92 -10.49 40.18
N TYR C 110 -26.23 -11.57 40.54
CA TYR C 110 -25.53 -11.60 41.81
C TYR C 110 -24.43 -10.54 41.80
N GLY C 111 -23.61 -10.56 40.76
CA GLY C 111 -22.51 -9.60 40.67
C GLY C 111 -23.01 -8.18 40.69
N ALA C 112 -24.15 -7.95 40.05
CA ALA C 112 -24.75 -6.61 40.03
C ALA C 112 -25.15 -6.21 41.44
N ALA C 113 -25.86 -7.10 42.13
CA ALA C 113 -26.31 -6.83 43.49
C ALA C 113 -25.13 -6.61 44.45
N LYS C 114 -24.08 -7.42 44.29
CA LYS C 114 -22.90 -7.29 45.14
C LYS C 114 -22.27 -5.91 44.96
N MET C 115 -22.21 -5.44 43.72
CA MET C 115 -21.65 -4.13 43.41
C MET C 115 -22.51 -3.04 44.04
N ILE C 116 -23.82 -3.19 43.89
CA ILE C 116 -24.77 -2.23 44.44
C ILE C 116 -24.65 -2.14 45.95
N PHE C 117 -24.79 -3.27 46.64
CA PHE C 117 -24.71 -3.27 48.09
C PHE C 117 -23.34 -2.91 48.66
N SER C 118 -22.27 -3.09 47.87
CA SER C 118 -20.94 -2.74 48.35
C SER C 118 -20.88 -1.26 48.68
N ASP C 119 -21.55 -0.44 47.88
CA ASP C 119 -21.54 1.00 48.14
C ASP C 119 -22.82 1.54 48.76
N ASN C 120 -23.88 0.73 48.78
CA ASN C 120 -25.14 1.18 49.35
C ASN C 120 -25.88 0.01 50.01
N PRO C 121 -25.79 -0.11 51.35
CA PRO C 121 -26.47 -1.19 52.06
C PRO C 121 -27.99 -1.21 51.98
N LEU C 122 -28.58 -0.15 51.42
CA LEU C 122 -30.02 -0.08 51.22
C LEU C 122 -30.24 0.01 49.72
N GLY C 123 -29.50 -0.80 48.98
CA GLY C 123 -29.57 -0.80 47.52
C GLY C 123 -30.94 -1.03 46.91
N LEU C 124 -31.74 -1.91 47.50
CA LEU C 124 -33.06 -2.18 46.95
C LEU C 124 -34.00 -1.02 47.23
N THR C 125 -34.03 -0.54 48.46
CA THR C 125 -34.89 0.59 48.82
C THR C 125 -34.59 1.77 47.90
N CYS C 126 -33.32 2.08 47.74
CA CYS C 126 -32.92 3.20 46.90
C CYS C 126 -33.28 3.01 45.42
N GLY C 127 -33.15 1.80 44.91
CA GLY C 127 -33.50 1.58 43.52
C GLY C 127 -34.96 1.94 43.32
N MET C 128 -35.77 1.65 44.34
CA MET C 128 -37.20 1.94 44.27
C MET C 128 -37.61 3.38 44.54
N VAL C 129 -36.92 4.07 45.43
CA VAL C 129 -37.32 5.43 45.79
C VAL C 129 -36.43 6.61 45.44
N CYS C 130 -35.20 6.35 45.00
CA CYS C 130 -34.33 7.47 44.65
C CYS C 130 -34.95 8.40 43.61
N PRO C 131 -34.86 9.71 43.83
CA PRO C 131 -35.41 10.69 42.88
C PRO C 131 -34.33 10.81 41.80
N THR C 132 -34.13 9.73 41.06
CA THR C 132 -33.09 9.67 40.04
C THR C 132 -32.97 10.83 39.06
N SER C 133 -34.09 11.46 38.68
CA SER C 133 -34.01 12.56 37.73
C SER C 133 -33.18 13.72 38.31
N ASP C 134 -33.07 13.75 39.63
CA ASP C 134 -32.30 14.80 40.30
C ASP C 134 -30.98 14.25 40.82
N LEU C 135 -30.70 12.98 40.49
CA LEU C 135 -29.48 12.34 40.93
C LEU C 135 -28.76 11.65 39.75
N CYS C 136 -28.48 10.36 39.87
CA CYS C 136 -27.76 9.62 38.83
C CYS C 136 -28.28 9.81 37.40
N VAL C 137 -29.57 9.57 37.19
CA VAL C 137 -30.16 9.69 35.86
C VAL C 137 -30.02 11.10 35.31
N GLY C 138 -30.00 12.09 36.20
CA GLY C 138 -29.88 13.47 35.75
C GLY C 138 -28.56 13.72 35.03
N GLY C 139 -27.57 12.85 35.23
CA GLY C 139 -26.30 13.04 34.58
C GLY C 139 -26.00 12.01 33.50
N CYS C 140 -26.99 11.18 33.18
CA CYS C 140 -26.80 10.13 32.18
C CYS C 140 -26.52 10.67 30.77
N ASN C 141 -25.43 10.16 30.17
CA ASN C 141 -25.04 10.59 28.81
C ASN C 141 -26.09 10.28 27.76
N LEU C 142 -26.89 9.22 27.97
CA LEU C 142 -27.91 8.87 27.00
C LEU C 142 -29.06 9.87 26.97
N TYR C 143 -29.02 10.87 27.84
CA TYR C 143 -30.04 11.90 27.81
C TYR C 143 -29.86 12.61 26.48
N ALA C 144 -28.65 12.52 25.94
CA ALA C 144 -28.31 13.15 24.67
C ALA C 144 -28.80 12.37 23.44
N THR C 145 -29.65 11.38 23.66
CA THR C 145 -30.21 10.62 22.54
C THR C 145 -31.73 10.74 22.64
N GLU C 146 -32.40 10.53 21.52
CA GLU C 146 -33.84 10.64 21.48
C GLU C 146 -34.52 9.66 22.44
N GLU C 147 -34.01 8.43 22.51
CA GLU C 147 -34.59 7.41 23.39
C GLU C 147 -34.43 7.76 24.87
N GLY C 148 -33.48 8.64 25.19
CA GLY C 148 -33.32 9.08 26.56
C GLY C 148 -32.44 8.31 27.53
N SER C 149 -32.34 8.87 28.74
CA SER C 149 -31.51 8.29 29.80
C SER C 149 -31.96 6.91 30.23
N ILE C 150 -31.03 6.19 30.86
CA ILE C 150 -31.25 4.84 31.35
C ILE C 150 -32.06 4.83 32.64
N ASN C 151 -32.89 3.80 32.80
CA ASN C 151 -33.68 3.63 34.01
C ASN C 151 -32.78 2.94 35.03
N ILE C 152 -31.85 3.72 35.58
CA ILE C 152 -30.89 3.21 36.55
C ILE C 152 -31.55 2.64 37.80
N GLY C 153 -32.52 3.36 38.35
CA GLY C 153 -33.21 2.88 39.55
C GLY C 153 -33.88 1.54 39.35
N GLY C 154 -34.60 1.40 38.24
CA GLY C 154 -35.29 0.16 37.95
C GLY C 154 -34.33 -1.01 37.80
N LEU C 155 -33.17 -0.75 37.20
CA LEU C 155 -32.18 -1.80 37.02
C LEU C 155 -31.60 -2.20 38.37
N GLN C 156 -31.35 -1.21 39.22
CA GLN C 156 -30.81 -1.46 40.55
C GLN C 156 -31.82 -2.29 41.33
N GLN C 157 -33.08 -1.91 41.20
CA GLN C 157 -34.17 -2.61 41.87
C GLN C 157 -34.25 -4.06 41.41
N PHE C 158 -34.20 -4.27 40.10
CA PHE C 158 -34.28 -5.62 39.56
C PHE C 158 -33.17 -6.54 40.06
N ALA C 159 -31.92 -6.10 39.92
CA ALA C 159 -30.80 -6.93 40.35
C ALA C 159 -30.92 -7.23 41.84
N SER C 160 -31.27 -6.23 42.63
CA SER C 160 -31.40 -6.40 44.07
C SER C 160 -32.55 -7.33 44.43
N GLU C 161 -33.62 -7.30 43.65
CA GLU C 161 -34.77 -8.16 43.88
C GLU C 161 -34.41 -9.62 43.62
N VAL C 162 -33.65 -9.86 42.56
CA VAL C 162 -33.25 -11.23 42.25
C VAL C 162 -32.34 -11.73 43.38
N PHE C 163 -31.41 -10.89 43.82
CA PHE C 163 -30.51 -11.28 44.90
C PHE C 163 -31.32 -11.62 46.15
N LYS C 164 -32.33 -10.79 46.43
CA LYS C 164 -33.19 -11.02 47.59
C LYS C 164 -33.85 -12.40 47.47
N ALA C 165 -34.28 -12.74 46.26
CA ALA C 165 -34.94 -14.03 46.02
C ALA C 165 -33.99 -15.21 46.18
N MET C 166 -32.69 -14.99 45.99
CA MET C 166 -31.72 -16.06 46.13
C MET C 166 -31.55 -16.40 47.60
N ASN C 167 -31.93 -15.48 48.48
CA ASN C 167 -31.82 -15.75 49.91
C ASN C 167 -30.41 -16.14 50.32
N ILE C 168 -29.45 -15.29 50.04
CA ILE C 168 -28.07 -15.58 50.39
C ILE C 168 -27.76 -14.57 51.48
N PRO C 169 -27.13 -15.01 52.58
CA PRO C 169 -26.80 -14.08 53.66
C PRO C 169 -25.53 -13.29 53.40
N GLN C 170 -25.36 -12.19 54.13
CA GLN C 170 -24.16 -11.39 54.01
C GLN C 170 -23.18 -12.03 54.99
N ILE C 171 -21.89 -12.00 54.67
CA ILE C 171 -20.91 -12.56 55.59
C ILE C 171 -19.82 -11.57 55.91
N ARG C 172 -19.10 -11.88 56.98
CA ARG C 172 -17.99 -11.07 57.45
C ARG C 172 -16.93 -11.12 56.34
N ASN C 173 -16.20 -10.03 56.16
CA ASN C 173 -15.16 -9.99 55.13
C ASN C 173 -14.19 -11.15 55.31
N PRO C 174 -14.04 -12.00 54.28
CA PRO C 174 -13.14 -13.16 54.28
C PRO C 174 -11.68 -12.85 54.59
N CYS C 175 -11.25 -11.63 54.27
CA CYS C 175 -9.87 -11.22 54.50
C CYS C 175 -9.60 -10.71 55.91
N LEU C 176 -10.64 -10.56 56.71
CA LEU C 176 -10.47 -10.08 58.08
C LEU C 176 -9.95 -11.19 58.97
N PRO C 177 -9.15 -10.84 59.99
CA PRO C 177 -8.62 -11.86 60.88
C PRO C 177 -9.81 -12.52 61.59
N SER C 178 -9.60 -13.70 62.17
CA SER C 178 -10.68 -14.36 62.88
C SER C 178 -11.17 -13.43 63.98
N GLN C 179 -12.44 -13.56 64.35
CA GLN C 179 -13.02 -12.72 65.38
C GLN C 179 -12.22 -12.68 66.68
N GLU C 180 -11.61 -13.79 67.06
CA GLU C 180 -10.82 -13.82 68.28
C GLU C 180 -9.43 -13.22 68.14
N LYS C 181 -8.98 -13.01 66.90
CA LYS C 181 -7.67 -12.42 66.66
C LYS C 181 -7.75 -10.93 66.42
N MET C 182 -8.96 -10.37 66.47
CA MET C 182 -9.16 -8.95 66.25
C MET C 182 -8.65 -8.14 67.44
N PRO C 183 -8.01 -7.00 67.17
CA PRO C 183 -7.50 -6.14 68.25
C PRO C 183 -8.65 -5.73 69.18
N GLU C 184 -8.33 -5.47 70.44
CA GLU C 184 -9.31 -5.07 71.45
C GLU C 184 -10.19 -3.90 71.00
N ALA C 185 -9.61 -2.98 70.26
CA ALA C 185 -10.33 -1.79 69.78
C ALA C 185 -11.63 -2.12 69.06
N TYR C 186 -11.68 -3.25 68.38
CA TYR C 186 -12.88 -3.61 67.65
C TYR C 186 -14.02 -4.10 68.52
N SER C 187 -13.77 -4.25 69.82
CA SER C 187 -14.79 -4.68 70.75
C SER C 187 -15.42 -3.46 71.43
N ALA C 188 -14.96 -2.27 71.05
CA ALA C 188 -15.46 -1.03 71.62
C ALA C 188 -16.97 -0.94 71.47
N LYS C 189 -17.65 -0.62 72.57
CA LYS C 189 -19.10 -0.50 72.54
C LYS C 189 -19.53 0.72 71.72
N ILE C 190 -20.30 0.46 70.66
CA ILE C 190 -20.78 1.52 69.79
C ILE C 190 -22.30 1.61 69.84
N ALA C 191 -22.81 2.83 69.92
CA ALA C 191 -24.25 3.06 69.97
C ALA C 191 -24.70 3.96 68.83
N LEU C 192 -25.87 3.63 68.27
CA LEU C 192 -26.46 4.42 67.21
C LEU C 192 -27.89 4.68 67.65
N LEU C 193 -28.37 5.89 67.41
CA LEU C 193 -29.72 6.26 67.81
C LEU C 193 -30.60 6.40 66.58
N GLY C 194 -31.68 5.63 66.55
CA GLY C 194 -32.60 5.65 65.42
C GLY C 194 -32.27 4.56 64.43
N ALA C 195 -33.24 3.72 64.09
CA ALA C 195 -33.00 2.63 63.14
C ALA C 195 -33.50 2.96 61.74
N GLY C 196 -33.04 4.10 61.22
CA GLY C 196 -33.41 4.51 59.88
C GLY C 196 -32.25 4.30 58.92
N PRO C 197 -32.39 4.73 57.66
CA PRO C 197 -31.34 4.59 56.64
C PRO C 197 -29.93 4.99 57.09
N ALA C 198 -29.83 6.14 57.75
CA ALA C 198 -28.52 6.63 58.20
C ALA C 198 -27.82 5.66 59.15
N SER C 199 -28.51 5.27 60.22
CA SER C 199 -27.91 4.36 61.19
C SER C 199 -27.70 2.96 60.63
N ILE C 200 -28.64 2.49 59.83
CA ILE C 200 -28.50 1.16 59.24
C ILE C 200 -27.24 1.12 58.38
N SER C 201 -27.01 2.19 57.63
CA SER C 201 -25.83 2.27 56.79
C SER C 201 -24.56 2.35 57.64
N CYS C 202 -24.57 3.26 58.61
CA CYS C 202 -23.41 3.43 59.48
C CYS C 202 -23.05 2.13 60.20
N ALA C 203 -24.04 1.49 60.81
CA ALA C 203 -23.81 0.25 61.54
C ALA C 203 -23.30 -0.85 60.61
N SER C 204 -23.81 -0.88 59.39
CA SER C 204 -23.39 -1.88 58.42
C SER C 204 -21.90 -1.74 58.09
N PHE C 205 -21.47 -0.52 57.77
CA PHE C 205 -20.06 -0.33 57.43
C PHE C 205 -19.15 -0.57 58.63
N LEU C 206 -19.59 -0.19 59.82
CA LEU C 206 -18.77 -0.41 61.01
C LEU C 206 -18.59 -1.92 61.20
N ALA C 207 -19.68 -2.67 60.98
CA ALA C 207 -19.64 -4.12 61.13
C ALA C 207 -18.68 -4.72 60.09
N ARG C 208 -18.69 -4.17 58.89
CA ARG C 208 -17.81 -4.65 57.83
C ARG C 208 -16.36 -4.50 58.24
N LEU C 209 -16.06 -3.39 58.92
CA LEU C 209 -14.71 -3.11 59.38
C LEU C 209 -14.26 -4.05 60.49
N GLY C 210 -15.20 -4.78 61.09
CA GLY C 210 -14.84 -5.72 62.14
C GLY C 210 -15.35 -5.43 63.53
N TYR C 211 -16.04 -4.30 63.73
CA TYR C 211 -16.56 -4.00 65.06
C TYR C 211 -17.62 -5.02 65.45
N SER C 212 -17.45 -5.58 66.64
CA SER C 212 -18.33 -6.64 67.14
C SER C 212 -19.37 -6.29 68.19
N ASP C 213 -19.43 -5.04 68.63
CA ASP C 213 -20.40 -4.64 69.62
C ASP C 213 -21.09 -3.36 69.17
N ILE C 214 -22.04 -3.52 68.25
CA ILE C 214 -22.77 -2.40 67.68
C ILE C 214 -24.26 -2.53 68.01
N THR C 215 -24.83 -1.50 68.62
CA THR C 215 -26.23 -1.53 68.98
C THR C 215 -26.98 -0.29 68.52
N ILE C 216 -28.11 -0.50 67.83
CA ILE C 216 -28.94 0.59 67.36
C ILE C 216 -30.13 0.67 68.33
N PHE C 217 -30.33 1.83 68.93
CA PHE C 217 -31.47 2.02 69.83
C PHE C 217 -32.55 2.77 69.08
N GLU C 218 -33.70 2.11 68.90
CA GLU C 218 -34.82 2.68 68.18
C GLU C 218 -35.99 3.01 69.10
N LYS C 219 -36.54 4.21 68.95
CA LYS C 219 -37.65 4.67 69.77
C LYS C 219 -38.92 3.85 69.57
N GLN C 220 -39.29 3.63 68.31
CA GLN C 220 -40.50 2.90 67.98
C GLN C 220 -40.35 1.39 68.13
N GLU C 221 -41.44 0.66 67.88
CA GLU C 221 -41.42 -0.79 67.98
C GLU C 221 -41.11 -1.41 66.62
N TYR C 222 -41.02 -0.56 65.60
CA TYR C 222 -40.71 -1.02 64.25
C TYR C 222 -39.37 -0.41 63.85
N VAL C 223 -38.74 -1.00 62.84
CA VAL C 223 -37.45 -0.50 62.37
C VAL C 223 -37.52 -0.10 60.91
N GLY C 224 -36.55 0.70 60.47
CA GLY C 224 -36.52 1.15 59.09
C GLY C 224 -36.74 2.64 58.90
N GLY C 225 -37.12 3.34 59.96
CA GLY C 225 -37.35 4.78 59.84
C GLY C 225 -38.50 5.12 58.91
N LEU C 226 -38.36 6.23 58.19
CA LEU C 226 -39.39 6.68 57.26
C LEU C 226 -39.69 5.64 56.17
N SER C 227 -38.69 4.85 55.81
CA SER C 227 -38.89 3.82 54.78
C SER C 227 -40.04 2.91 55.20
N THR C 228 -40.20 2.76 56.52
CA THR C 228 -41.25 1.92 57.06
C THR C 228 -42.49 2.69 57.50
N SER C 229 -42.29 3.74 58.28
CA SER C 229 -43.41 4.52 58.80
C SER C 229 -44.16 5.45 57.86
N GLU C 230 -43.53 5.92 56.79
CA GLU C 230 -44.23 6.86 55.92
C GLU C 230 -44.25 6.62 54.41
N ILE C 231 -43.15 6.17 53.82
CA ILE C 231 -43.16 5.93 52.38
C ILE C 231 -44.21 4.85 52.11
N PRO C 232 -45.15 5.13 51.20
CA PRO C 232 -46.22 4.19 50.86
C PRO C 232 -45.79 2.81 50.38
N GLN C 233 -46.58 1.82 50.77
CA GLN C 233 -46.34 0.43 50.39
C GLN C 233 -46.41 0.28 48.87
N PHE C 234 -47.18 1.15 48.21
CA PHE C 234 -47.29 1.07 46.75
C PHE C 234 -46.09 1.67 46.03
N ARG C 235 -45.11 2.16 46.80
CA ARG C 235 -43.88 2.67 46.22
C ARG C 235 -42.73 1.85 46.78
N LEU C 236 -42.79 1.52 48.07
CA LEU C 236 -41.76 0.75 48.74
C LEU C 236 -42.33 -0.35 49.63
N PRO C 237 -42.35 -1.60 49.14
CA PRO C 237 -42.87 -2.74 49.91
C PRO C 237 -42.07 -2.91 51.20
N TYR C 238 -42.78 -3.13 52.31
CA TYR C 238 -42.09 -3.29 53.59
C TYR C 238 -41.11 -4.45 53.61
N ASP C 239 -41.37 -5.50 52.84
CA ASP C 239 -40.47 -6.65 52.82
C ASP C 239 -39.07 -6.27 52.34
N VAL C 240 -38.97 -5.20 51.57
CA VAL C 240 -37.67 -4.73 51.08
C VAL C 240 -36.86 -4.20 52.26
N VAL C 241 -37.51 -3.41 53.10
CA VAL C 241 -36.86 -2.83 54.28
C VAL C 241 -36.37 -3.95 55.20
N ASN C 242 -37.25 -4.91 55.46
CA ASN C 242 -36.92 -6.04 56.31
C ASN C 242 -35.70 -6.79 55.76
N PHE C 243 -35.66 -6.95 54.45
CA PHE C 243 -34.56 -7.64 53.77
C PHE C 243 -33.20 -6.97 54.05
N GLU C 244 -33.14 -5.66 53.84
CA GLU C 244 -31.89 -4.94 54.05
C GLU C 244 -31.45 -4.95 55.52
N ILE C 245 -32.42 -4.93 56.42
CA ILE C 245 -32.11 -4.95 57.85
C ILE C 245 -31.58 -6.32 58.27
N GLU C 246 -32.16 -7.38 57.71
CA GLU C 246 -31.68 -8.72 58.03
C GLU C 246 -30.26 -8.90 57.50
N LEU C 247 -29.95 -8.31 56.36
CA LEU C 247 -28.60 -8.40 55.82
C LEU C 247 -27.63 -7.77 56.81
N MET C 248 -28.03 -6.63 57.36
CA MET C 248 -27.20 -5.95 58.36
C MET C 248 -27.04 -6.82 59.59
N LYS C 249 -28.13 -7.44 60.03
CA LYS C 249 -28.07 -8.29 61.21
C LYS C 249 -27.15 -9.49 61.01
N ASP C 250 -26.94 -9.88 59.76
CA ASP C 250 -26.05 -11.00 59.46
C ASP C 250 -24.64 -10.68 59.96
N LEU C 251 -24.33 -9.39 60.06
CA LEU C 251 -23.01 -8.96 60.51
C LEU C 251 -22.93 -8.76 62.03
N GLY C 252 -24.00 -9.12 62.74
CA GLY C 252 -23.98 -9.02 64.19
C GLY C 252 -24.53 -7.75 64.81
N VAL C 253 -24.95 -6.80 63.99
CA VAL C 253 -25.51 -5.55 64.51
C VAL C 253 -26.78 -5.86 65.29
N LYS C 254 -26.88 -5.28 66.49
CA LYS C 254 -28.03 -5.50 67.35
C LYS C 254 -28.97 -4.30 67.29
N ILE C 255 -30.27 -4.57 67.41
CA ILE C 255 -31.27 -3.51 67.40
C ILE C 255 -32.19 -3.68 68.61
N ILE C 256 -32.34 -2.61 69.38
CA ILE C 256 -33.21 -2.65 70.55
C ILE C 256 -34.27 -1.57 70.39
N CYS C 257 -35.52 -2.01 70.26
CA CYS C 257 -36.63 -1.10 70.09
C CYS C 257 -37.20 -0.66 71.43
N GLY C 258 -37.97 0.43 71.42
CA GLY C 258 -38.56 0.93 72.64
C GLY C 258 -37.56 1.70 73.49
N LYS C 259 -36.47 2.12 72.86
CA LYS C 259 -35.42 2.88 73.55
C LYS C 259 -35.26 4.24 72.88
N SER C 260 -35.46 5.30 73.64
CA SER C 260 -35.36 6.65 73.09
C SER C 260 -34.24 7.52 73.62
N LEU C 261 -33.69 8.32 72.71
CA LEU C 261 -32.65 9.28 73.06
C LEU C 261 -33.50 10.42 73.60
N SER C 262 -33.52 10.59 74.92
CA SER C 262 -34.31 11.62 75.55
C SER C 262 -33.94 11.75 77.00
N GLU C 263 -34.21 12.91 77.58
CA GLU C 263 -33.89 13.15 78.97
C GLU C 263 -34.54 12.07 79.84
N ASN C 264 -33.80 11.56 80.81
CA ASN C 264 -34.30 10.51 81.71
C ASN C 264 -34.47 9.14 81.06
N GLU C 265 -33.92 9.03 79.85
CA GLU C 265 -33.93 7.80 79.08
C GLU C 265 -32.49 7.66 78.58
N ILE C 266 -32.27 7.57 77.27
CA ILE C 266 -30.90 7.48 76.77
C ILE C 266 -30.37 8.87 76.45
N THR C 267 -29.20 9.20 76.98
CA THR C 267 -28.59 10.49 76.70
C THR C 267 -27.12 10.24 76.40
N LEU C 268 -26.45 11.23 75.82
CA LEU C 268 -25.04 11.08 75.52
C LEU C 268 -24.28 10.84 76.83
N ASN C 269 -24.73 11.48 77.91
CA ASN C 269 -24.07 11.29 79.19
C ASN C 269 -24.25 9.87 79.74
N THR C 270 -25.44 9.32 79.63
CA THR C 270 -25.66 7.96 80.14
C THR C 270 -24.88 6.96 79.29
N LEU C 271 -24.80 7.21 77.99
CA LEU C 271 -24.06 6.31 77.11
C LEU C 271 -22.58 6.31 77.50
N LYS C 272 -22.04 7.51 77.72
CA LYS C 272 -20.64 7.65 78.11
C LYS C 272 -20.41 6.96 79.44
N GLU C 273 -21.33 7.16 80.37
CA GLU C 273 -21.26 6.58 81.70
C GLU C 273 -21.27 5.05 81.61
N GLU C 274 -22.02 4.51 80.66
CA GLU C 274 -22.15 3.08 80.47
C GLU C 274 -20.98 2.43 79.72
N GLY C 275 -20.02 3.24 79.31
CA GLY C 275 -18.87 2.69 78.62
C GLY C 275 -18.87 2.72 77.10
N TYR C 276 -19.87 3.35 76.49
CA TYR C 276 -19.89 3.42 75.04
C TYR C 276 -18.76 4.32 74.58
N LYS C 277 -18.05 3.89 73.54
CA LYS C 277 -16.90 4.64 73.02
C LYS C 277 -17.22 5.59 71.88
N ALA C 278 -18.33 5.34 71.19
CA ALA C 278 -18.74 6.20 70.08
C ALA C 278 -20.24 6.13 69.91
N ALA C 279 -20.83 7.20 69.41
CA ALA C 279 -22.26 7.26 69.19
C ALA C 279 -22.57 7.96 67.88
N PHE C 280 -23.55 7.43 67.16
CA PHE C 280 -23.99 8.02 65.90
C PHE C 280 -25.44 8.42 66.07
N ILE C 281 -25.75 9.69 65.80
CA ILE C 281 -27.11 10.20 65.92
C ILE C 281 -27.81 10.16 64.56
N GLY C 282 -28.81 9.29 64.45
CA GLY C 282 -29.54 9.19 63.20
C GLY C 282 -31.05 9.13 63.44
N ILE C 283 -31.54 10.02 64.31
CA ILE C 283 -32.95 10.03 64.66
C ILE C 283 -33.85 10.81 63.71
N GLY C 284 -33.27 11.36 62.64
CA GLY C 284 -34.04 12.12 61.68
C GLY C 284 -34.74 13.33 62.29
N LEU C 285 -35.86 13.73 61.68
CA LEU C 285 -36.65 14.88 62.15
C LEU C 285 -37.99 14.28 62.58
N PRO C 286 -38.09 13.91 63.87
CA PRO C 286 -39.28 13.29 64.47
C PRO C 286 -40.61 14.02 64.56
N GLU C 287 -40.62 15.34 64.44
CA GLU C 287 -41.88 16.07 64.55
C GLU C 287 -42.33 16.78 63.29
N PRO C 288 -43.65 16.96 63.13
CA PRO C 288 -44.19 17.64 61.97
C PRO C 288 -44.05 19.15 62.04
N LYS C 289 -43.88 19.77 60.88
CA LYS C 289 -43.78 21.22 60.78
C LYS C 289 -45.24 21.65 60.87
N THR C 290 -45.58 22.44 61.88
CA THR C 290 -46.95 22.88 62.07
C THR C 290 -47.26 24.33 61.74
N ASP C 291 -48.56 24.60 61.61
CA ASP C 291 -49.05 25.94 61.31
C ASP C 291 -50.03 26.32 62.42
N ASP C 292 -49.89 27.54 62.94
CA ASP C 292 -50.75 28.04 64.01
C ASP C 292 -52.25 27.89 63.79
N ILE C 293 -52.70 28.11 62.56
CA ILE C 293 -54.13 28.04 62.29
C ILE C 293 -54.77 26.67 62.46
N PHE C 294 -53.95 25.62 62.59
CA PHE C 294 -54.48 24.28 62.76
C PHE C 294 -54.49 23.84 64.22
N GLN C 295 -54.08 24.73 65.11
CA GLN C 295 -54.04 24.40 66.53
C GLN C 295 -55.39 23.94 67.08
N GLY C 296 -55.35 22.85 67.84
CA GLY C 296 -56.57 22.32 68.43
C GLY C 296 -57.38 21.36 67.58
N LEU C 297 -57.15 21.35 66.28
CA LEU C 297 -57.89 20.45 65.39
C LEU C 297 -57.50 19.00 65.66
N THR C 298 -58.51 18.13 65.70
CA THR C 298 -58.28 16.71 65.96
C THR C 298 -58.55 15.83 64.75
N GLN C 299 -58.14 14.57 64.84
CA GLN C 299 -58.35 13.62 63.77
C GLN C 299 -59.84 13.34 63.58
N ASP C 300 -60.58 13.35 64.68
CA ASP C 300 -62.02 13.11 64.61
C ASP C 300 -62.69 14.21 63.79
N GLN C 301 -62.14 15.42 63.86
CA GLN C 301 -62.70 16.54 63.10
C GLN C 301 -62.25 16.44 61.65
N GLY C 302 -61.22 15.64 61.40
CA GLY C 302 -60.73 15.46 60.05
C GLY C 302 -59.36 16.05 59.77
N PHE C 303 -58.64 16.46 60.81
CA PHE C 303 -57.31 17.02 60.62
C PHE C 303 -56.18 16.07 60.99
N TYR C 304 -55.17 16.03 60.13
CA TYR C 304 -53.99 15.19 60.35
C TYR C 304 -52.76 15.92 59.87
N THR C 305 -51.61 15.58 60.45
CA THR C 305 -50.35 16.12 59.98
C THR C 305 -49.85 14.87 59.28
N SER C 306 -48.87 15.00 58.39
CA SER C 306 -48.35 13.83 57.70
C SER C 306 -47.81 12.81 58.69
N LYS C 307 -47.29 13.29 59.82
CA LYS C 307 -46.75 12.41 60.86
C LYS C 307 -47.81 11.56 61.54
N ASP C 308 -49.06 12.00 61.46
CA ASP C 308 -50.17 11.25 62.04
C ASP C 308 -50.75 10.31 60.99
N PHE C 309 -51.03 10.87 59.83
CA PHE C 309 -51.64 10.16 58.71
C PHE C 309 -50.86 9.02 58.06
N LEU C 310 -49.67 9.32 57.53
CA LEU C 310 -48.91 8.28 56.84
C LEU C 310 -48.61 7.04 57.68
N PRO C 311 -48.25 7.21 58.96
CA PRO C 311 -47.97 6.00 59.74
C PRO C 311 -49.22 5.14 59.92
N LEU C 312 -50.39 5.78 59.96
CA LEU C 312 -51.65 5.05 60.10
C LEU C 312 -51.89 4.19 58.88
N VAL C 313 -51.65 4.75 57.70
CA VAL C 313 -51.86 4.00 56.47
C VAL C 313 -50.82 2.90 56.35
N ALA C 314 -49.58 3.20 56.75
CA ALA C 314 -48.50 2.23 56.69
C ALA C 314 -48.80 1.01 57.57
N LYS C 315 -49.19 1.26 58.81
CA LYS C 315 -49.50 0.17 59.75
C LYS C 315 -50.62 -0.72 59.24
N SER C 316 -51.52 -0.14 58.46
CA SER C 316 -52.65 -0.88 57.89
C SER C 316 -52.29 -1.67 56.65
N SER C 317 -51.34 -1.14 55.87
CA SER C 317 -50.94 -1.76 54.60
C SER C 317 -49.65 -2.56 54.59
N LYS C 318 -48.85 -2.44 55.65
CA LYS C 318 -47.58 -3.16 55.70
C LYS C 318 -47.58 -4.31 56.69
N ALA C 319 -47.84 -5.51 56.19
CA ALA C 319 -47.86 -6.70 57.04
C ALA C 319 -46.45 -6.96 57.55
N GLY C 320 -46.30 -7.03 58.86
CA GLY C 320 -44.99 -7.27 59.43
C GLY C 320 -44.44 -6.04 60.14
N MET C 321 -44.84 -4.86 59.67
CA MET C 321 -44.38 -3.62 60.29
C MET C 321 -44.98 -3.56 61.67
N CYS C 322 -46.30 -3.61 61.64
CA CYS C 322 -47.17 -3.56 62.80
C CYS C 322 -48.03 -4.78 62.75
N ALA C 323 -48.42 -5.24 63.91
CA ALA C 323 -49.28 -6.42 63.99
C ALA C 323 -50.64 -5.99 64.50
N CYS C 324 -50.67 -4.84 65.17
CA CYS C 324 -51.89 -4.29 65.76
C CYS C 324 -53.21 -4.83 65.15
N HIS C 325 -53.82 -4.08 64.25
CA HIS C 325 -55.08 -4.43 63.60
C HIS C 325 -55.56 -3.03 63.20
N SER C 326 -54.76 -2.37 62.37
CA SER C 326 -55.04 -1.06 61.89
C SER C 326 -56.15 -0.93 60.89
N PRO C 327 -57.21 -0.19 61.24
CA PRO C 327 -58.30 -0.02 60.29
C PRO C 327 -57.88 1.10 59.36
N LEU C 328 -57.72 0.82 58.07
CA LEU C 328 -57.30 1.87 57.16
C LEU C 328 -58.08 3.11 57.59
N PRO C 329 -57.39 4.25 57.76
CA PRO C 329 -58.12 5.46 58.17
C PRO C 329 -59.30 5.66 57.24
N SER C 330 -60.48 5.89 57.79
CA SER C 330 -61.64 6.09 56.94
C SER C 330 -61.72 7.56 56.53
N ILE C 331 -61.20 7.83 55.34
CA ILE C 331 -61.20 9.17 54.81
C ILE C 331 -62.27 9.29 53.75
N ARG C 332 -63.28 10.10 54.05
CA ARG C 332 -64.37 10.29 53.11
C ARG C 332 -64.63 11.72 52.73
N GLY C 333 -64.99 11.91 51.47
CA GLY C 333 -65.27 13.24 50.97
C GLY C 333 -64.06 13.83 50.26
N ALA C 334 -63.98 15.15 50.29
CA ALA C 334 -62.86 15.85 49.65
C ALA C 334 -61.72 16.00 50.64
N VAL C 335 -60.50 15.80 50.16
CA VAL C 335 -59.32 15.91 51.00
C VAL C 335 -58.41 17.03 50.51
N ILE C 336 -57.91 17.82 51.46
CA ILE C 336 -56.99 18.90 51.14
C ILE C 336 -55.63 18.53 51.73
N VAL C 337 -54.62 18.49 50.86
CA VAL C 337 -53.26 18.20 51.30
C VAL C 337 -52.45 19.46 51.08
N LEU C 338 -51.81 19.94 52.15
CA LEU C 338 -51.02 21.17 52.07
C LEU C 338 -49.53 20.84 52.01
N GLY C 339 -48.88 21.24 50.93
CA GLY C 339 -47.45 20.99 50.78
C GLY C 339 -47.09 20.71 49.34
N ALA C 340 -45.79 20.76 49.03
CA ALA C 340 -45.33 20.53 47.66
C ALA C 340 -44.12 19.61 47.56
N GLY C 341 -43.84 18.86 48.63
CA GLY C 341 -42.71 17.95 48.62
C GLY C 341 -43.18 16.51 48.55
N ASP C 342 -42.27 15.55 48.71
CA ASP C 342 -42.66 14.14 48.64
C ASP C 342 -43.73 13.81 49.66
N THR C 343 -43.63 14.41 50.84
CA THR C 343 -44.60 14.18 51.89
C THR C 343 -46.03 14.46 51.41
N ALA C 344 -46.21 15.63 50.79
CA ALA C 344 -47.52 16.02 50.31
C ALA C 344 -48.07 15.06 49.25
N PHE C 345 -47.23 14.72 48.27
CA PHE C 345 -47.70 13.84 47.21
C PHE C 345 -48.01 12.43 47.71
N ASP C 346 -47.26 11.94 48.70
CA ASP C 346 -47.55 10.62 49.24
C ASP C 346 -48.83 10.66 50.07
N CYS C 347 -49.13 11.79 50.69
CA CYS C 347 -50.36 11.93 51.47
C CYS C 347 -51.54 11.92 50.53
N ALA C 348 -51.38 12.58 49.39
CA ALA C 348 -52.42 12.68 48.38
C ALA C 348 -52.77 11.30 47.82
N THR C 349 -51.77 10.58 47.35
CA THR C 349 -52.01 9.25 46.80
C THR C 349 -52.50 8.27 47.88
N SER C 350 -51.99 8.41 49.09
CA SER C 350 -52.40 7.53 50.18
C SER C 350 -53.86 7.80 50.55
N ALA C 351 -54.28 9.06 50.47
CA ALA C 351 -55.65 9.42 50.80
C ALA C 351 -56.63 8.65 49.91
N LEU C 352 -56.26 8.48 48.64
CA LEU C 352 -57.11 7.74 47.70
C LEU C 352 -57.27 6.28 48.14
N ARG C 353 -56.24 5.70 48.73
CA ARG C 353 -56.32 4.32 49.20
C ARG C 353 -57.24 4.21 50.41
N CYS C 354 -57.49 5.35 51.07
CA CYS C 354 -58.36 5.37 52.24
C CYS C 354 -59.82 5.58 51.88
N GLY C 355 -60.06 5.82 50.59
CA GLY C 355 -61.43 6.01 50.14
C GLY C 355 -61.80 7.44 49.80
N ALA C 356 -60.82 8.32 49.73
CA ALA C 356 -61.08 9.72 49.40
C ALA C 356 -61.78 9.84 48.07
N ARG C 357 -62.80 10.70 48.01
CA ARG C 357 -63.54 10.92 46.78
C ARG C 357 -62.77 11.82 45.82
N ARG C 358 -62.11 12.82 46.39
CA ARG C 358 -61.34 13.77 45.61
C ARG C 358 -60.20 14.31 46.47
N VAL C 359 -59.08 14.64 45.83
CA VAL C 359 -57.92 15.16 46.55
C VAL C 359 -57.37 16.43 45.93
N PHE C 360 -57.16 17.45 46.78
CA PHE C 360 -56.61 18.71 46.32
C PHE C 360 -55.24 18.95 46.94
N LEU C 361 -54.23 19.14 46.11
CA LEU C 361 -52.89 19.45 46.59
C LEU C 361 -52.80 20.97 46.50
N VAL C 362 -52.66 21.61 47.66
CA VAL C 362 -52.60 23.07 47.72
C VAL C 362 -51.18 23.56 47.98
N PHE C 363 -50.68 24.40 47.08
CA PHE C 363 -49.33 24.95 47.18
C PHE C 363 -49.34 26.43 47.53
N ARG C 364 -48.37 26.85 48.34
CA ARG C 364 -48.25 28.25 48.73
C ARG C 364 -47.69 29.02 47.54
N LYS C 365 -46.92 28.33 46.70
CA LYS C 365 -46.31 28.95 45.53
C LYS C 365 -46.90 28.38 44.24
N GLY C 366 -46.17 28.51 43.15
CA GLY C 366 -46.66 28.02 41.87
C GLY C 366 -46.27 26.58 41.55
N PHE C 367 -46.80 26.08 40.44
CA PHE C 367 -46.51 24.72 40.00
C PHE C 367 -45.01 24.62 39.72
N VAL C 368 -44.45 25.70 39.19
CA VAL C 368 -43.03 25.75 38.87
C VAL C 368 -42.17 25.58 40.11
N ASN C 369 -42.73 25.89 41.27
CA ASN C 369 -41.99 25.77 42.53
C ASN C 369 -42.14 24.45 43.26
N ILE C 370 -42.84 23.48 42.68
CA ILE C 370 -43.01 22.18 43.32
C ILE C 370 -41.63 21.63 43.68
N ARG C 371 -41.49 21.08 44.88
CA ARG C 371 -40.21 20.56 45.33
C ARG C 371 -39.96 19.10 44.97
N ALA C 372 -41.03 18.31 44.91
CA ALA C 372 -40.90 16.90 44.57
C ALA C 372 -40.47 16.77 43.11
N VAL C 373 -39.70 15.73 42.81
CA VAL C 373 -39.26 15.53 41.43
C VAL C 373 -40.47 15.19 40.56
N PRO C 374 -40.38 15.47 39.26
CA PRO C 374 -41.47 15.21 38.30
C PRO C 374 -42.06 13.81 38.39
N GLU C 375 -41.21 12.82 38.61
CA GLU C 375 -41.65 11.44 38.68
C GLU C 375 -42.60 11.20 39.86
N GLU C 376 -42.36 11.90 40.97
CA GLU C 376 -43.21 11.76 42.14
C GLU C 376 -44.54 12.48 41.86
N VAL C 377 -44.44 13.67 41.29
CA VAL C 377 -45.63 14.47 40.96
C VAL C 377 -46.54 13.70 40.00
N GLU C 378 -45.92 12.99 39.06
CA GLU C 378 -46.65 12.21 38.07
C GLU C 378 -47.60 11.17 38.66
N LEU C 379 -47.21 10.57 39.79
CA LEU C 379 -48.06 9.56 40.41
C LEU C 379 -49.37 10.17 40.90
N ALA C 380 -49.30 11.35 41.49
CA ALA C 380 -50.50 12.03 41.99
C ALA C 380 -51.33 12.54 40.83
N LYS C 381 -50.65 13.09 39.83
CA LYS C 381 -51.32 13.63 38.66
C LYS C 381 -52.05 12.56 37.84
N GLU C 382 -51.43 11.39 37.68
CA GLU C 382 -52.07 10.32 36.91
C GLU C 382 -53.28 9.75 37.65
N GLU C 383 -53.33 9.96 38.96
CA GLU C 383 -54.43 9.47 39.77
C GLU C 383 -55.49 10.55 39.96
N LYS C 384 -55.41 11.56 39.11
CA LYS C 384 -56.37 12.66 39.08
C LYS C 384 -56.45 13.60 40.29
N CYS C 385 -55.34 13.78 40.99
CA CYS C 385 -55.36 14.71 42.13
C CYS C 385 -55.36 16.10 41.49
N GLU C 386 -56.08 17.03 42.09
CA GLU C 386 -56.13 18.38 41.55
C GLU C 386 -55.10 19.24 42.28
N PHE C 387 -54.42 20.12 41.54
CA PHE C 387 -53.42 20.99 42.13
C PHE C 387 -53.88 22.43 42.15
N LEU C 388 -53.78 23.07 43.31
CA LEU C 388 -54.20 24.47 43.48
C LEU C 388 -53.01 25.30 43.95
N PRO C 389 -52.39 26.07 43.03
CA PRO C 389 -51.23 26.91 43.33
C PRO C 389 -51.54 28.27 43.95
N PHE C 390 -50.48 28.94 44.41
CA PHE C 390 -50.56 30.26 45.04
C PHE C 390 -51.65 30.34 46.08
N LEU C 391 -51.52 29.48 47.09
CA LEU C 391 -52.51 29.39 48.14
C LEU C 391 -51.94 29.29 49.55
N SER C 392 -52.45 30.12 50.45
CA SER C 392 -52.02 30.13 51.84
C SER C 392 -53.23 30.00 52.76
N PRO C 393 -53.24 28.97 53.62
CA PRO C 393 -54.35 28.71 54.55
C PRO C 393 -54.52 29.82 55.58
N ARG C 394 -55.76 30.14 55.90
CA ARG C 394 -56.06 31.17 56.89
C ARG C 394 -57.00 30.69 57.97
N LYS C 395 -58.02 29.93 57.58
CA LYS C 395 -58.98 29.43 58.55
C LYS C 395 -59.55 28.06 58.19
N VAL C 396 -59.96 27.33 59.21
CA VAL C 396 -60.56 26.02 59.06
C VAL C 396 -61.96 26.07 59.66
N ILE C 397 -62.97 25.71 58.88
CA ILE C 397 -64.35 25.73 59.35
C ILE C 397 -64.83 24.35 59.79
N VAL C 398 -65.37 24.27 61.00
CA VAL C 398 -65.86 23.01 61.55
C VAL C 398 -67.35 23.05 61.90
N LYS C 399 -68.07 22.02 61.51
CA LYS C 399 -69.51 21.93 61.79
C LYS C 399 -69.91 20.49 62.08
N GLY C 400 -70.73 20.31 63.10
CA GLY C 400 -71.17 18.96 63.45
C GLY C 400 -70.01 18.12 63.92
N GLY C 401 -68.94 18.77 64.39
CA GLY C 401 -67.78 18.06 64.86
C GLY C 401 -66.86 17.59 63.75
N ARG C 402 -67.11 18.04 62.53
CA ARG C 402 -66.30 17.66 61.37
C ARG C 402 -65.92 18.88 60.53
N ILE C 403 -64.72 18.85 59.97
CA ILE C 403 -64.25 19.93 59.10
C ILE C 403 -65.12 19.97 57.86
N VAL C 404 -65.50 21.15 57.40
CA VAL C 404 -66.32 21.28 56.20
C VAL C 404 -65.71 22.19 55.14
N ALA C 405 -64.70 22.98 55.50
CA ALA C 405 -64.05 23.88 54.55
C ALA C 405 -62.80 24.54 55.11
N VAL C 406 -61.96 25.03 54.20
CA VAL C 406 -60.74 25.73 54.57
C VAL C 406 -60.70 27.01 53.75
N GLN C 407 -60.48 28.13 54.43
CA GLN C 407 -60.41 29.42 53.76
C GLN C 407 -58.96 29.81 53.57
N PHE C 408 -58.61 30.20 52.35
CA PHE C 408 -57.24 30.59 52.05
C PHE C 408 -57.18 32.01 51.49
N VAL C 409 -55.96 32.52 51.35
CA VAL C 409 -55.72 33.84 50.78
C VAL C 409 -54.74 33.61 49.63
N ARG C 410 -54.89 34.39 48.57
CA ARG C 410 -54.02 34.29 47.41
C ARG C 410 -52.62 34.74 47.76
N THR C 411 -51.64 34.20 47.03
CA THR C 411 -50.24 34.59 47.23
C THR C 411 -49.61 35.01 45.90
N GLU C 412 -48.55 35.81 45.95
CA GLU C 412 -47.86 36.23 44.73
C GLU C 412 -46.42 36.65 44.99
N GLN C 413 -45.65 36.76 43.90
CA GLN C 413 -44.24 37.14 43.97
C GLN C 413 -44.07 38.53 43.38
N ASP C 414 -43.36 39.41 44.08
CA ASP C 414 -43.16 40.78 43.60
C ASP C 414 -41.80 41.03 42.98
N GLU C 415 -41.61 42.27 42.54
CA GLU C 415 -40.37 42.73 41.90
C GLU C 415 -39.13 41.96 42.35
N THR C 416 -38.76 42.11 43.62
CA THR C 416 -37.60 41.44 44.17
C THR C 416 -37.73 39.93 44.01
N GLY C 417 -38.66 39.36 44.75
CA GLY C 417 -38.89 37.91 44.69
C GLY C 417 -39.72 37.50 45.88
N LYS C 418 -39.75 38.37 46.88
CA LYS C 418 -40.51 38.14 48.11
C LYS C 418 -41.92 37.66 47.82
N TRP C 419 -42.40 36.72 48.63
CA TRP C 419 -43.73 36.20 48.48
C TRP C 419 -44.70 36.95 49.39
N ASN C 420 -45.74 37.52 48.80
CA ASN C 420 -46.73 38.27 49.57
C ASN C 420 -48.09 37.60 49.52
N GLU C 421 -48.94 37.92 50.49
CA GLU C 421 -50.28 37.36 50.56
C GLU C 421 -51.32 38.46 50.33
N ASP C 422 -52.24 38.23 49.40
CA ASP C 422 -53.30 39.20 49.07
C ASP C 422 -54.54 38.88 49.91
N GLU C 423 -54.75 39.65 50.96
CA GLU C 423 -55.87 39.39 51.86
C GLU C 423 -57.27 39.72 51.33
N ASP C 424 -57.34 40.50 50.26
CA ASP C 424 -58.62 40.85 49.68
C ASP C 424 -59.04 39.78 48.65
N GLN C 425 -58.13 38.87 48.36
CA GLN C 425 -58.39 37.79 47.41
C GLN C 425 -58.37 36.45 48.16
N ILE C 426 -59.55 35.93 48.46
CA ILE C 426 -59.67 34.69 49.22
C ILE C 426 -60.36 33.54 48.50
N VAL C 427 -60.22 32.35 49.09
CA VAL C 427 -60.82 31.13 48.55
C VAL C 427 -61.47 30.34 49.66
N HIS C 428 -62.69 29.87 49.42
CA HIS C 428 -63.43 29.07 50.39
C HIS C 428 -63.57 27.67 49.79
N LEU C 429 -62.60 26.80 50.09
CA LEU C 429 -62.60 25.46 49.54
C LEU C 429 -63.24 24.41 50.46
N LYS C 430 -64.30 23.79 49.96
CA LYS C 430 -64.99 22.76 50.74
C LYS C 430 -64.09 21.55 50.88
N ALA C 431 -64.10 20.94 52.06
CA ALA C 431 -63.29 19.77 52.33
C ALA C 431 -63.75 19.09 53.60
N ASP C 432 -63.52 17.78 53.68
CA ASP C 432 -63.91 17.00 54.85
C ASP C 432 -62.69 16.56 55.64
N VAL C 433 -61.53 16.53 54.98
CA VAL C 433 -60.28 16.13 55.61
C VAL C 433 -59.16 17.05 55.17
N VAL C 434 -58.31 17.43 56.14
CA VAL C 434 -57.18 18.30 55.86
C VAL C 434 -55.93 17.63 56.39
N ILE C 435 -54.92 17.51 55.54
CA ILE C 435 -53.66 16.88 55.90
C ILE C 435 -52.52 17.87 55.68
N SER C 436 -51.87 18.26 56.77
CA SER C 436 -50.75 19.19 56.74
C SER C 436 -49.49 18.39 56.37
N ALA C 437 -48.83 18.77 55.28
CA ALA C 437 -47.62 18.07 54.84
C ALA C 437 -46.52 19.05 54.51
N PHE C 438 -46.27 19.99 55.42
CA PHE C 438 -45.25 21.02 55.24
C PHE C 438 -43.84 20.50 55.44
N GLY C 439 -43.70 19.34 56.07
CA GLY C 439 -42.39 18.78 56.32
C GLY C 439 -42.21 18.39 57.77
N SER C 440 -40.96 18.20 58.18
CA SER C 440 -40.67 17.81 59.55
C SER C 440 -39.55 18.62 60.19
N VAL C 441 -39.45 18.54 61.51
CA VAL C 441 -38.44 19.26 62.27
C VAL C 441 -38.11 18.52 63.56
N LEU C 442 -37.14 19.05 64.28
CA LEU C 442 -36.74 18.50 65.59
C LEU C 442 -37.06 19.60 66.59
N ARG C 443 -38.01 19.35 67.49
CA ARG C 443 -38.39 20.34 68.48
C ARG C 443 -38.38 19.87 69.93
N ASP C 444 -38.65 18.60 70.14
CA ASP C 444 -38.69 18.05 71.48
C ASP C 444 -37.52 18.51 72.35
N PRO C 445 -37.79 19.38 73.33
CA PRO C 445 -36.72 19.88 74.21
C PRO C 445 -35.98 18.75 74.93
N LYS C 446 -36.70 17.70 75.28
CA LYS C 446 -36.11 16.56 75.99
C LYS C 446 -35.12 15.80 75.12
N VAL C 447 -35.37 15.76 73.81
CA VAL C 447 -34.47 15.07 72.91
C VAL C 447 -33.23 15.92 72.69
N LYS C 448 -33.43 17.23 72.51
CA LYS C 448 -32.31 18.14 72.31
C LYS C 448 -31.41 18.12 73.55
N GLU C 449 -32.03 18.11 74.72
CA GLU C 449 -31.28 18.09 75.98
C GLU C 449 -30.44 16.82 76.10
N ALA C 450 -30.96 15.72 75.57
CA ALA C 450 -30.25 14.44 75.62
C ALA C 450 -28.97 14.48 74.81
N LEU C 451 -28.85 15.46 73.93
CA LEU C 451 -27.67 15.61 73.09
C LEU C 451 -26.63 16.55 73.69
N SER C 452 -26.85 16.97 74.93
CA SER C 452 -25.89 17.86 75.58
C SER C 452 -24.55 17.13 75.68
N PRO C 453 -23.44 17.86 75.47
CA PRO C 453 -23.37 19.30 75.20
C PRO C 453 -22.96 19.64 73.76
N ILE C 454 -23.35 18.84 72.79
CA ILE C 454 -22.95 19.14 71.41
C ILE C 454 -23.54 20.46 70.93
N LYS C 455 -22.80 21.14 70.06
CA LYS C 455 -23.23 22.42 69.51
C LYS C 455 -24.34 22.25 68.48
N PHE C 456 -25.29 23.18 68.50
CA PHE C 456 -26.39 23.21 67.54
C PHE C 456 -26.22 24.47 66.70
N ASN C 457 -26.54 24.39 65.41
CA ASN C 457 -26.39 25.54 64.53
C ASN C 457 -27.62 26.45 64.54
N ARG C 458 -27.60 27.46 63.69
CA ARG C 458 -28.72 28.41 63.64
C ARG C 458 -30.06 27.77 63.30
N TRP C 459 -30.03 26.61 62.64
CA TRP C 459 -31.27 25.92 62.29
C TRP C 459 -31.70 25.04 63.46
N ASP C 460 -30.98 25.17 64.57
CA ASP C 460 -31.25 24.40 65.78
C ASP C 460 -31.15 22.90 65.54
N LEU C 461 -30.15 22.51 64.76
CA LEU C 461 -29.89 21.10 64.47
C LEU C 461 -28.45 20.81 64.86
N PRO C 462 -28.13 19.54 65.16
CA PRO C 462 -26.75 19.19 65.54
C PRO C 462 -25.78 19.63 64.46
N GLU C 463 -24.73 20.34 64.86
CA GLU C 463 -23.74 20.81 63.91
C GLU C 463 -22.66 19.74 63.72
N VAL C 464 -22.32 19.47 62.46
CA VAL C 464 -21.30 18.47 62.17
C VAL C 464 -20.35 18.93 61.08
N ASP C 465 -19.15 18.36 61.08
CA ASP C 465 -18.15 18.66 60.06
C ASP C 465 -18.69 17.90 58.84
N PRO C 466 -18.94 18.60 57.72
CA PRO C 466 -19.47 17.96 56.52
C PRO C 466 -18.64 16.83 55.91
N GLU C 467 -17.37 16.76 56.30
CA GLU C 467 -16.50 15.71 55.78
C GLU C 467 -16.41 14.50 56.70
N THR C 468 -16.38 14.74 58.00
CA THR C 468 -16.25 13.65 58.97
C THR C 468 -17.55 13.25 59.66
N MET C 469 -18.55 14.12 59.59
CA MET C 469 -19.85 13.90 60.22
C MET C 469 -19.72 13.94 61.74
N GLN C 470 -18.60 14.48 62.23
CA GLN C 470 -18.34 14.57 63.66
C GLN C 470 -18.96 15.83 64.27
N THR C 471 -19.57 15.69 65.43
CA THR C 471 -20.18 16.82 66.13
C THR C 471 -19.07 17.52 66.91
N SER C 472 -19.45 18.50 67.74
CA SER C 472 -18.47 19.22 68.54
C SER C 472 -17.82 18.30 69.57
N GLU C 473 -18.46 17.17 69.86
CA GLU C 473 -17.90 16.18 70.79
C GLU C 473 -17.27 15.12 69.88
N PRO C 474 -15.95 14.92 69.99
CA PRO C 474 -15.23 13.95 69.16
C PRO C 474 -15.73 12.51 69.09
N TRP C 475 -16.42 12.04 70.12
CA TRP C 475 -16.91 10.65 70.10
C TRP C 475 -18.34 10.55 69.58
N VAL C 476 -18.94 11.68 69.23
CA VAL C 476 -20.31 11.69 68.74
C VAL C 476 -20.41 12.19 67.30
N PHE C 477 -21.10 11.41 66.46
CA PHE C 477 -21.27 11.75 65.06
C PHE C 477 -22.77 11.81 64.75
N ALA C 478 -23.13 12.36 63.60
CA ALA C 478 -24.53 12.47 63.22
C ALA C 478 -24.68 12.44 61.71
N GLY C 479 -25.84 11.99 61.23
CA GLY C 479 -26.06 11.92 59.81
C GLY C 479 -27.52 11.70 59.49
N GLY C 480 -27.90 11.91 58.23
CA GLY C 480 -29.28 11.73 57.84
C GLY C 480 -30.07 13.02 57.93
N ASP C 481 -31.40 12.91 57.96
CA ASP C 481 -32.25 14.09 58.04
C ASP C 481 -31.93 15.02 59.21
N ILE C 482 -31.48 14.46 60.33
CA ILE C 482 -31.16 15.26 61.51
C ILE C 482 -30.11 16.35 61.26
N VAL C 483 -29.23 16.13 60.29
CA VAL C 483 -28.19 17.09 59.97
C VAL C 483 -28.77 18.26 59.16
N GLY C 484 -29.90 18.01 58.51
CA GLY C 484 -30.57 19.03 57.74
C GLY C 484 -29.94 19.47 56.43
N MET C 485 -29.07 18.64 55.87
CA MET C 485 -28.42 18.98 54.61
C MET C 485 -29.18 18.46 53.40
N ALA C 486 -29.76 17.28 53.54
CA ALA C 486 -30.50 16.66 52.45
C ALA C 486 -31.73 15.92 52.96
N ASN C 487 -32.59 15.52 52.03
CA ASN C 487 -33.80 14.80 52.37
C ASN C 487 -34.06 13.61 51.45
N THR C 488 -33.07 12.74 51.30
CA THR C 488 -33.24 11.54 50.49
C THR C 488 -32.65 10.35 51.22
N THR C 489 -33.19 9.18 50.91
CA THR C 489 -32.73 7.95 51.52
C THR C 489 -31.26 7.73 51.20
N VAL C 490 -30.88 7.90 49.94
CA VAL C 490 -29.51 7.67 49.52
C VAL C 490 -28.50 8.62 50.18
N GLU C 491 -28.89 9.88 50.38
CA GLU C 491 -27.96 10.81 51.01
C GLU C 491 -27.83 10.48 52.50
N SER C 492 -28.89 9.95 53.08
CA SER C 492 -28.86 9.58 54.50
C SER C 492 -27.95 8.36 54.62
N VAL C 493 -28.09 7.42 53.69
CA VAL C 493 -27.24 6.24 53.67
C VAL C 493 -25.78 6.67 53.55
N ASN C 494 -25.54 7.63 52.66
CA ASN C 494 -24.17 8.10 52.47
C ASN C 494 -23.63 8.81 53.71
N ASP C 495 -24.49 9.50 54.45
CA ASP C 495 -24.03 10.18 55.67
C ASP C 495 -23.52 9.13 56.65
N GLY C 496 -24.25 8.02 56.77
CA GLY C 496 -23.86 6.96 57.68
C GLY C 496 -22.58 6.31 57.22
N LYS C 497 -22.44 6.16 55.91
CA LYS C 497 -21.26 5.56 55.29
C LYS C 497 -20.04 6.43 55.57
N GLN C 498 -20.21 7.73 55.33
CA GLN C 498 -19.14 8.69 55.54
C GLN C 498 -18.72 8.69 57.02
N ALA C 499 -19.70 8.71 57.90
CA ALA C 499 -19.44 8.71 59.34
C ALA C 499 -18.69 7.47 59.81
N SER C 500 -19.05 6.32 59.25
CA SER C 500 -18.42 5.06 59.67
C SER C 500 -16.91 5.09 59.60
N TRP C 501 -16.36 5.69 58.54
CA TRP C 501 -14.91 5.72 58.42
C TRP C 501 -14.25 6.55 59.52
N TYR C 502 -14.83 7.72 59.79
CA TYR C 502 -14.26 8.58 60.81
C TYR C 502 -14.54 8.12 62.23
N ILE C 503 -15.59 7.33 62.41
CA ILE C 503 -15.89 6.78 63.72
C ILE C 503 -14.79 5.74 63.95
N HIS C 504 -14.51 4.98 62.90
CA HIS C 504 -13.46 3.96 62.92
C HIS C 504 -12.13 4.61 63.29
N LYS C 505 -11.79 5.68 62.58
CA LYS C 505 -10.56 6.41 62.83
C LYS C 505 -10.48 6.89 64.28
N TYR C 506 -11.58 7.45 64.77
CA TYR C 506 -11.63 7.94 66.13
C TYR C 506 -11.42 6.83 67.16
N ILE C 507 -12.18 5.74 67.01
CA ILE C 507 -12.07 4.63 67.95
C ILE C 507 -10.66 4.03 67.95
N GLN C 508 -10.11 3.78 66.76
CA GLN C 508 -8.78 3.22 66.67
C GLN C 508 -7.78 4.11 67.40
N ALA C 509 -7.90 5.43 67.21
CA ALA C 509 -6.99 6.37 67.87
C ALA C 509 -7.11 6.30 69.39
N GLN C 510 -8.34 6.10 69.89
CA GLN C 510 -8.55 6.01 71.32
C GLN C 510 -7.84 4.79 71.90
N TYR C 511 -7.64 3.77 71.07
CA TYR C 511 -6.95 2.56 71.50
C TYR C 511 -5.49 2.58 71.08
N GLY C 512 -5.02 3.75 70.66
CA GLY C 512 -3.62 3.90 70.25
C GLY C 512 -3.23 3.30 68.92
N ALA C 513 -4.19 3.17 68.02
CA ALA C 513 -3.91 2.60 66.70
C ALA C 513 -4.19 3.62 65.60
N SER C 514 -3.40 3.56 64.53
CA SER C 514 -3.59 4.47 63.42
C SER C 514 -4.35 3.76 62.31
N VAL C 515 -4.83 4.54 61.35
CA VAL C 515 -5.57 3.99 60.21
C VAL C 515 -4.99 4.60 58.93
N SER C 516 -5.19 3.92 57.81
CA SER C 516 -4.69 4.40 56.52
C SER C 516 -5.16 5.82 56.25
N ALA C 517 -4.30 6.61 55.62
CA ALA C 517 -4.64 7.99 55.29
C ALA C 517 -5.74 7.98 54.24
N LYS C 518 -5.76 6.93 53.43
CA LYS C 518 -6.75 6.77 52.39
C LYS C 518 -7.87 5.86 52.91
N PRO C 519 -9.12 6.36 52.91
CA PRO C 519 -10.25 5.57 53.40
C PRO C 519 -10.36 4.21 52.73
N GLU C 520 -10.64 3.19 53.53
CA GLU C 520 -10.75 1.83 53.01
C GLU C 520 -11.97 1.09 53.54
N LEU C 521 -13.16 1.56 53.20
CA LEU C 521 -14.37 0.87 53.65
C LEU C 521 -14.47 -0.42 52.85
N PRO C 522 -14.78 -1.54 53.53
CA PRO C 522 -14.89 -2.84 52.86
C PRO C 522 -16.07 -2.96 51.91
N LEU C 523 -15.94 -3.88 50.97
CA LEU C 523 -17.00 -4.16 50.02
C LEU C 523 -18.01 -5.08 50.70
N PHE C 524 -19.05 -5.47 49.97
CA PHE C 524 -20.11 -6.34 50.47
C PHE C 524 -19.77 -7.79 50.06
N TYR C 525 -19.86 -8.72 51.01
CA TYR C 525 -19.55 -10.13 50.72
C TYR C 525 -20.63 -11.11 51.12
N THR C 526 -20.65 -12.26 50.45
CA THR C 526 -21.59 -13.34 50.73
C THR C 526 -20.82 -14.64 50.53
N PRO C 527 -21.41 -15.79 50.90
CA PRO C 527 -20.73 -17.07 50.73
C PRO C 527 -20.36 -17.37 49.28
N VAL C 528 -21.06 -16.75 48.33
CA VAL C 528 -20.78 -16.95 46.92
C VAL C 528 -19.34 -16.58 46.60
N ASP C 529 -18.84 -15.56 47.28
CA ASP C 529 -17.48 -15.09 47.06
C ASP C 529 -16.41 -16.10 47.45
N LEU C 530 -16.79 -17.10 48.26
CA LEU C 530 -15.83 -18.11 48.69
C LEU C 530 -15.71 -19.26 47.70
N VAL C 531 -16.58 -19.30 46.70
CA VAL C 531 -16.56 -20.37 45.72
C VAL C 531 -15.26 -20.40 44.91
N ASP C 532 -14.69 -21.59 44.81
CA ASP C 532 -13.43 -21.80 44.09
C ASP C 532 -13.67 -21.99 42.60
N ILE C 533 -13.13 -21.10 41.79
CA ILE C 533 -13.31 -21.23 40.34
C ILE C 533 -12.00 -21.52 39.61
N SER C 534 -11.04 -22.11 40.33
CA SER C 534 -9.76 -22.45 39.72
C SER C 534 -9.94 -23.74 38.92
N VAL C 535 -9.04 -23.98 37.97
CA VAL C 535 -9.10 -25.19 37.17
C VAL C 535 -7.70 -25.58 36.71
N GLU C 536 -7.47 -26.87 36.57
CA GLU C 536 -6.18 -27.36 36.12
C GLU C 536 -6.36 -27.94 34.71
N MET C 537 -5.44 -27.62 33.81
CA MET C 537 -5.51 -28.12 32.45
C MET C 537 -4.09 -28.29 31.91
N ALA C 538 -3.83 -29.46 31.33
CA ALA C 538 -2.52 -29.75 30.75
C ALA C 538 -1.39 -29.50 31.75
N GLY C 539 -1.65 -29.80 33.01
CA GLY C 539 -0.64 -29.60 34.05
C GLY C 539 -0.47 -28.18 34.53
N LEU C 540 -1.26 -27.27 33.97
CA LEU C 540 -1.21 -25.86 34.34
C LEU C 540 -2.34 -25.52 35.29
N LYS C 541 -2.05 -24.68 36.29
CA LYS C 541 -3.05 -24.27 37.25
C LYS C 541 -3.53 -22.85 36.94
N PHE C 542 -4.83 -22.71 36.67
CA PHE C 542 -5.42 -21.42 36.37
C PHE C 542 -6.22 -20.95 37.59
N ILE C 543 -6.00 -19.72 38.04
CA ILE C 543 -6.72 -19.22 39.21
C ILE C 543 -8.20 -19.04 38.90
N ASN C 544 -8.51 -18.80 37.63
CA ASN C 544 -9.88 -18.70 37.14
C ASN C 544 -9.79 -19.10 35.66
N PRO C 545 -10.90 -19.58 35.08
CA PRO C 545 -10.90 -20.00 33.68
C PRO C 545 -10.92 -18.95 32.58
N PHE C 546 -10.91 -17.67 32.96
CA PHE C 546 -10.98 -16.62 31.95
C PHE C 546 -9.64 -16.03 31.54
N GLY C 547 -9.44 -15.89 30.23
CA GLY C 547 -8.20 -15.33 29.73
C GLY C 547 -8.39 -14.50 28.48
N LEU C 548 -7.39 -13.70 28.16
CA LEU C 548 -7.43 -12.88 26.95
C LEU C 548 -6.91 -13.67 25.77
N ALA C 549 -7.69 -13.71 24.69
CA ALA C 549 -7.26 -14.42 23.50
C ALA C 549 -6.13 -13.63 22.85
N SER C 550 -5.41 -14.26 21.94
CA SER C 550 -4.34 -13.60 21.21
C SER C 550 -5.13 -12.68 20.29
N ALA C 551 -5.07 -11.37 20.53
CA ALA C 551 -5.85 -10.43 19.70
C ALA C 551 -5.57 -8.96 20.05
N ALA C 552 -6.46 -8.06 19.62
CA ALA C 552 -6.27 -6.63 19.91
C ALA C 552 -6.10 -6.29 21.39
N PRO C 553 -6.81 -7.02 22.29
CA PRO C 553 -6.67 -6.71 23.72
C PRO C 553 -5.28 -7.08 24.25
N THR C 554 -4.52 -7.83 23.47
CA THR C 554 -3.16 -8.21 23.88
C THR C 554 -2.14 -7.65 22.88
N THR C 555 -2.46 -6.49 22.33
CA THR C 555 -1.60 -5.80 21.38
C THR C 555 -0.25 -5.49 22.01
N SER C 556 -0.26 -5.13 23.29
CA SER C 556 0.96 -4.80 24.01
C SER C 556 1.00 -5.53 25.34
N SER C 557 2.20 -5.87 25.80
CA SER C 557 2.34 -6.58 27.06
C SER C 557 1.90 -5.71 28.25
N SER C 558 1.96 -4.39 28.07
CA SER C 558 1.55 -3.47 29.13
C SER C 558 0.06 -3.65 29.39
N MET C 559 -0.67 -4.05 28.35
CA MET C 559 -2.10 -4.27 28.44
C MET C 559 -2.34 -5.56 29.21
N ILE C 560 -1.55 -6.59 28.92
CA ILE C 560 -1.69 -7.86 29.63
C ILE C 560 -1.44 -7.63 31.12
N ARG C 561 -0.45 -6.78 31.43
CA ARG C 561 -0.15 -6.47 32.83
C ARG C 561 -1.38 -5.91 33.52
N ARG C 562 -2.04 -4.94 32.90
CA ARG C 562 -3.22 -4.35 33.49
C ARG C 562 -4.35 -5.37 33.60
N ALA C 563 -4.44 -6.28 32.63
CA ALA C 563 -5.47 -7.31 32.67
C ALA C 563 -5.22 -8.23 33.87
N PHE C 564 -3.96 -8.57 34.12
CA PHE C 564 -3.65 -9.42 35.26
C PHE C 564 -3.96 -8.67 36.55
N GLU C 565 -3.68 -7.37 36.56
CA GLU C 565 -3.94 -6.56 37.75
C GLU C 565 -5.45 -6.54 38.00
N ALA C 566 -6.22 -6.60 36.92
CA ALA C 566 -7.68 -6.59 37.00
C ALA C 566 -8.20 -7.94 37.51
N GLY C 567 -7.43 -9.00 37.29
CA GLY C 567 -7.84 -10.31 37.76
C GLY C 567 -7.98 -11.42 36.74
N TRP C 568 -7.64 -11.15 35.48
CA TRP C 568 -7.75 -12.19 34.45
C TRP C 568 -6.86 -13.39 34.80
N GLY C 569 -7.41 -14.59 34.64
CA GLY C 569 -6.66 -15.80 34.96
C GLY C 569 -5.46 -16.07 34.08
N PHE C 570 -5.59 -15.77 32.79
CA PHE C 570 -4.48 -15.99 31.88
C PHE C 570 -4.56 -15.07 30.68
N ALA C 571 -3.52 -15.08 29.86
CA ALA C 571 -3.51 -14.24 28.68
C ALA C 571 -2.58 -14.80 27.62
N LEU C 572 -2.96 -14.57 26.37
CA LEU C 572 -2.19 -14.99 25.21
C LEU C 572 -1.50 -13.73 24.71
N THR C 573 -0.28 -13.88 24.21
CA THR C 573 0.41 -12.72 23.64
C THR C 573 -0.20 -12.63 22.25
N LYS C 574 -0.10 -11.45 21.63
CA LYS C 574 -0.56 -11.31 20.25
C LYS C 574 0.40 -12.28 19.53
N THR C 575 -0.04 -12.91 18.46
CA THR C 575 0.83 -13.85 17.74
C THR C 575 2.07 -13.14 17.22
N PHE C 576 3.24 -13.69 17.49
CA PHE C 576 4.47 -13.09 17.00
C PHE C 576 5.29 -14.12 16.22
N SER C 577 6.24 -13.63 15.42
CA SER C 577 7.07 -14.50 14.61
C SER C 577 8.52 -14.04 14.60
N LEU C 578 9.35 -14.75 13.83
CA LEU C 578 10.76 -14.41 13.72
C LEU C 578 10.90 -13.10 12.95
N ASP C 579 12.04 -12.43 13.11
CA ASP C 579 12.29 -11.16 12.46
C ASP C 579 12.08 -11.18 10.94
N LYS C 580 12.46 -12.27 10.30
CA LYS C 580 12.31 -12.37 8.85
C LYS C 580 10.86 -12.38 8.39
N ASP C 581 9.94 -12.63 9.31
CA ASP C 581 8.51 -12.67 8.96
C ASP C 581 7.78 -11.41 9.40
N ILE C 582 8.54 -10.34 9.65
CA ILE C 582 7.98 -9.06 10.07
C ILE C 582 6.87 -8.60 9.12
N VAL C 583 5.81 -8.03 9.69
CA VAL C 583 4.69 -7.56 8.87
C VAL C 583 4.30 -6.12 9.19
N THR C 584 3.45 -5.56 8.34
CA THR C 584 2.97 -4.20 8.50
C THR C 584 1.47 -4.21 8.26
N ASN C 585 0.70 -3.80 9.27
CA ASN C 585 -0.76 -3.76 9.17
C ASN C 585 -1.22 -2.63 8.25
N VAL C 586 -2.45 -2.78 7.77
CA VAL C 586 -3.08 -1.76 6.93
C VAL C 586 -4.16 -1.15 7.81
N SER C 587 -4.76 -0.07 7.34
CA SER C 587 -5.84 0.57 8.07
C SER C 587 -6.79 1.20 7.04
N PRO C 588 -8.11 1.18 7.31
CA PRO C 588 -8.78 0.59 8.48
C PRO C 588 -8.67 -0.93 8.47
N ARG C 589 -8.77 -1.57 9.62
CA ARG C 589 -8.68 -3.03 9.66
C ARG C 589 -9.61 -3.77 10.62
N ILE C 590 -10.31 -3.05 11.48
CA ILE C 590 -11.25 -3.70 12.41
C ILE C 590 -12.57 -2.94 12.31
N VAL C 591 -13.64 -3.63 11.91
CA VAL C 591 -14.93 -2.99 11.77
C VAL C 591 -16.01 -3.70 12.58
N ARG C 592 -17.09 -2.98 12.86
CA ARG C 592 -18.20 -3.54 13.62
C ARG C 592 -18.99 -4.51 12.75
N GLY C 593 -19.68 -5.44 13.40
CA GLY C 593 -20.48 -6.39 12.67
C GLY C 593 -21.80 -5.81 12.23
N THR C 594 -22.34 -6.36 11.14
CA THR C 594 -23.62 -5.93 10.59
C THR C 594 -24.59 -7.08 10.83
N THR C 595 -24.12 -8.04 11.63
CA THR C 595 -24.86 -9.25 11.96
C THR C 595 -26.14 -9.09 12.76
N SER C 596 -26.37 -7.91 13.32
CA SER C 596 -27.61 -7.70 14.08
C SER C 596 -28.26 -6.36 13.75
N GLY C 597 -28.06 -5.90 12.52
CA GLY C 597 -28.66 -4.66 12.08
C GLY C 597 -27.95 -3.38 12.46
N PRO C 598 -28.55 -2.23 12.13
CA PRO C 598 -27.99 -0.91 12.41
C PRO C 598 -28.11 -0.48 13.87
N MET C 599 -27.53 -1.28 14.76
CA MET C 599 -27.52 -1.01 16.19
C MET C 599 -26.07 -0.66 16.50
N TYR C 600 -25.85 0.56 16.97
CA TYR C 600 -24.51 1.03 17.28
C TYR C 600 -24.24 1.19 18.76
N GLY C 601 -22.96 1.23 19.10
CA GLY C 601 -22.59 1.38 20.49
C GLY C 601 -22.28 0.07 21.19
N PRO C 602 -22.72 -0.09 22.45
CA PRO C 602 -22.46 -1.31 23.20
C PRO C 602 -23.01 -2.61 22.61
N GLY C 603 -22.35 -3.71 22.96
CA GLY C 603 -22.79 -5.01 22.53
C GLY C 603 -22.84 -5.33 21.04
N GLN C 604 -21.81 -4.93 20.30
CA GLN C 604 -21.78 -5.27 18.88
C GLN C 604 -21.81 -6.79 18.85
N SER C 605 -22.62 -7.36 17.96
CA SER C 605 -22.76 -8.81 17.86
C SER C 605 -21.61 -9.52 17.17
N SER C 606 -20.68 -8.74 16.62
CA SER C 606 -19.50 -9.29 15.97
C SER C 606 -18.60 -8.17 15.49
N PHE C 607 -17.40 -8.54 15.08
CA PHE C 607 -16.43 -7.62 14.52
C PHE C 607 -15.80 -8.41 13.39
N LEU C 608 -15.20 -7.71 12.44
CA LEU C 608 -14.49 -8.37 11.36
C LEU C 608 -13.14 -7.67 11.34
N ASN C 609 -12.08 -8.43 11.17
CA ASN C 609 -10.75 -7.83 11.16
C ASN C 609 -9.90 -8.41 10.04
N ILE C 610 -8.98 -7.59 9.53
CA ILE C 610 -8.05 -8.02 8.50
C ILE C 610 -6.67 -7.67 9.06
N GLU C 611 -6.53 -7.86 10.37
CA GLU C 611 -5.27 -7.58 11.06
C GLU C 611 -4.34 -8.77 10.87
N LEU C 612 -3.04 -8.50 10.92
CA LEU C 612 -2.03 -9.56 10.77
C LEU C 612 -1.48 -9.92 12.14
N ILE C 613 -0.36 -10.63 12.17
CA ILE C 613 0.26 -11.00 13.43
C ILE C 613 0.79 -9.71 14.06
N SER C 614 1.35 -9.82 15.26
CA SER C 614 1.89 -8.65 15.96
C SER C 614 2.96 -7.93 15.13
N GLU C 615 2.94 -6.61 15.20
CA GLU C 615 3.92 -5.80 14.50
C GLU C 615 5.15 -5.66 15.42
N LYS C 616 5.02 -6.15 16.64
CA LYS C 616 6.11 -6.08 17.60
C LYS C 616 6.99 -7.33 17.47
N THR C 617 8.30 -7.15 17.67
CA THR C 617 9.26 -8.23 17.52
C THR C 617 9.21 -9.35 18.56
N ALA C 618 9.80 -10.48 18.20
CA ALA C 618 9.86 -11.63 19.08
C ALA C 618 10.67 -11.26 20.32
N ALA C 619 11.67 -10.39 20.13
CA ALA C 619 12.50 -9.96 21.24
C ALA C 619 11.66 -9.21 22.27
N TYR C 620 10.78 -8.34 21.77
CA TYR C 620 9.89 -7.58 22.64
C TYR C 620 8.97 -8.53 23.41
N TRP C 621 8.35 -9.46 22.71
CA TRP C 621 7.44 -10.40 23.34
C TRP C 621 8.09 -11.35 24.32
N CYS C 622 9.28 -11.86 23.99
CA CYS C 622 9.93 -12.78 24.90
C CYS C 622 10.39 -12.05 26.17
N GLN C 623 10.90 -10.83 26.03
CA GLN C 623 11.31 -10.09 27.22
C GLN C 623 10.06 -9.79 28.03
N SER C 624 8.98 -9.44 27.34
CA SER C 624 7.72 -9.12 27.99
C SER C 624 7.19 -10.32 28.78
N VAL C 625 7.30 -11.50 28.18
CA VAL C 625 6.82 -12.71 28.85
C VAL C 625 7.64 -12.92 30.14
N THR C 626 8.95 -12.70 30.06
CA THR C 626 9.80 -12.88 31.23
C THR C 626 9.36 -11.91 32.33
N GLU C 627 9.09 -10.66 31.94
CA GLU C 627 8.65 -9.63 32.89
C GLU C 627 7.30 -10.00 33.51
N LEU C 628 6.35 -10.38 32.67
CA LEU C 628 5.01 -10.74 33.14
C LEU C 628 5.02 -11.94 34.09
N LYS C 629 5.80 -12.97 33.77
CA LYS C 629 5.85 -14.14 34.64
C LYS C 629 6.57 -13.82 35.94
N ALA C 630 7.49 -12.88 35.91
CA ALA C 630 8.23 -12.50 37.10
C ALA C 630 7.31 -11.78 38.08
N ASP C 631 6.45 -10.91 37.55
CA ASP C 631 5.53 -10.13 38.37
C ASP C 631 4.18 -10.80 38.65
N PHE C 632 3.78 -11.75 37.80
CA PHE C 632 2.52 -12.45 37.96
C PHE C 632 2.73 -13.94 37.78
N PRO C 633 3.49 -14.54 38.70
CA PRO C 633 3.80 -15.97 38.67
C PRO C 633 2.60 -16.91 38.70
N ASP C 634 1.47 -16.46 39.23
CA ASP C 634 0.27 -17.30 39.29
C ASP C 634 -0.67 -17.12 38.10
N ASN C 635 -0.41 -16.10 37.29
CA ASN C 635 -1.24 -15.86 36.11
C ASN C 635 -0.57 -16.56 34.94
N ILE C 636 -1.32 -17.37 34.22
CA ILE C 636 -0.77 -18.11 33.10
C ILE C 636 -0.55 -17.26 31.87
N VAL C 637 0.66 -17.34 31.31
CA VAL C 637 1.01 -16.60 30.11
C VAL C 637 1.31 -17.59 29.01
N ILE C 638 0.57 -17.51 27.92
CA ILE C 638 0.74 -18.40 26.79
C ILE C 638 1.24 -17.59 25.61
N ALA C 639 2.40 -18.00 25.06
CA ALA C 639 2.96 -17.29 23.92
C ALA C 639 2.40 -17.83 22.62
N SER C 640 1.76 -16.96 21.84
CA SER C 640 1.20 -17.37 20.56
C SER C 640 2.26 -17.09 19.50
N ILE C 641 2.63 -18.11 18.74
CA ILE C 641 3.65 -17.96 17.72
C ILE C 641 3.21 -18.49 16.36
N MET C 642 3.88 -18.01 15.31
CA MET C 642 3.58 -18.47 13.96
C MET C 642 4.80 -18.43 13.06
N CYS C 643 4.94 -19.47 12.26
CA CYS C 643 6.05 -19.59 11.31
C CYS C 643 5.49 -20.14 10.01
N SER C 644 6.25 -20.02 8.93
CA SER C 644 5.84 -20.56 7.65
C SER C 644 6.04 -22.07 7.82
N TYR C 645 5.66 -22.86 6.83
CA TYR C 645 5.83 -24.31 6.93
C TYR C 645 7.30 -24.67 6.81
N ASN C 646 8.05 -24.46 7.89
CA ASN C 646 9.48 -24.72 7.95
C ASN C 646 9.85 -25.27 9.33
N LYS C 647 10.43 -26.46 9.35
CA LYS C 647 10.81 -27.10 10.61
C LYS C 647 11.77 -26.28 11.48
N ASN C 648 12.87 -25.81 10.89
CA ASN C 648 13.83 -25.04 11.65
C ASN C 648 13.22 -23.80 12.29
N ASP C 649 12.35 -23.11 11.54
CA ASP C 649 11.71 -21.91 12.06
C ASP C 649 10.84 -22.20 13.28
N TRP C 650 9.93 -23.18 13.15
CA TRP C 650 9.06 -23.52 14.26
C TRP C 650 9.83 -23.94 15.50
N MET C 651 10.90 -24.70 15.31
CA MET C 651 11.70 -25.14 16.46
C MET C 651 12.45 -23.96 17.09
N GLU C 652 12.95 -23.07 16.24
CA GLU C 652 13.69 -21.90 16.74
C GLU C 652 12.78 -20.97 17.53
N LEU C 653 11.65 -20.60 16.94
CA LEU C 653 10.71 -19.70 17.60
C LEU C 653 10.10 -20.29 18.86
N SER C 654 9.71 -21.57 18.82
CA SER C 654 9.12 -22.20 19.98
C SER C 654 10.11 -22.25 21.13
N ARG C 655 11.38 -22.55 20.82
CA ARG C 655 12.41 -22.61 21.85
C ARG C 655 12.68 -21.22 22.44
N LYS C 656 12.61 -20.19 21.61
CA LYS C 656 12.84 -18.84 22.08
C LYS C 656 11.72 -18.46 23.06
N ALA C 657 10.49 -18.79 22.71
CA ALA C 657 9.35 -18.48 23.57
C ALA C 657 9.41 -19.26 24.87
N GLU C 658 9.82 -20.53 24.79
CA GLU C 658 9.92 -21.35 25.99
C GLU C 658 10.99 -20.80 26.92
N ALA C 659 12.11 -20.39 26.34
CA ALA C 659 13.23 -19.85 27.09
C ALA C 659 12.86 -18.57 27.84
N SER C 660 11.85 -17.85 27.35
CA SER C 660 11.43 -16.60 27.98
C SER C 660 10.64 -16.86 29.26
N GLY C 661 10.21 -18.10 29.46
CA GLY C 661 9.46 -18.42 30.67
C GLY C 661 7.97 -18.62 30.47
N ALA C 662 7.53 -18.68 29.22
CA ALA C 662 6.11 -18.88 28.92
C ALA C 662 5.63 -20.18 29.55
N ASP C 663 4.40 -20.17 30.07
CA ASP C 663 3.83 -21.36 30.69
C ASP C 663 3.51 -22.39 29.64
N ALA C 664 3.11 -21.92 28.46
CA ALA C 664 2.77 -22.78 27.36
C ALA C 664 2.83 -21.98 26.07
N LEU C 665 2.65 -22.66 24.94
CA LEU C 665 2.67 -22.00 23.65
C LEU C 665 1.34 -22.28 22.93
N GLU C 666 0.96 -21.38 22.04
CA GLU C 666 -0.24 -21.59 21.24
C GLU C 666 0.26 -21.40 19.82
N LEU C 667 0.04 -22.40 18.98
CA LEU C 667 0.50 -22.34 17.60
C LEU C 667 -0.59 -21.79 16.69
N ASN C 668 -0.32 -20.64 16.08
CA ASN C 668 -1.30 -20.04 15.18
C ASN C 668 -1.12 -20.71 13.83
N LEU C 669 -2.16 -21.40 13.36
CA LEU C 669 -2.09 -22.12 12.09
C LEU C 669 -2.69 -21.36 10.91
N SER C 670 -2.56 -20.04 10.92
CA SER C 670 -3.12 -19.20 9.85
C SER C 670 -2.19 -18.99 8.65
N CYS C 671 -0.91 -19.29 8.80
CA CYS C 671 0.03 -19.10 7.71
C CYS C 671 -0.36 -19.87 6.45
N PRO C 672 -0.37 -19.19 5.29
CA PRO C 672 -0.71 -19.81 4.02
C PRO C 672 0.35 -20.78 3.53
N HIS C 673 -0.09 -21.76 2.75
CA HIS C 673 0.82 -22.75 2.19
C HIS C 673 0.24 -23.40 0.95
N GLY C 674 1.09 -23.61 -0.04
CA GLY C 674 0.64 -24.22 -1.29
C GLY C 674 -0.01 -23.19 -2.18
N MET C 675 0.10 -23.39 -3.50
CA MET C 675 -0.48 -22.47 -4.45
C MET C 675 -1.01 -23.21 -5.67
N LEU C 682 -5.82 -23.07 1.92
CA LEU C 682 -4.56 -22.37 1.66
C LEU C 682 -3.75 -22.24 2.95
N ALA C 683 -4.41 -22.37 4.10
CA ALA C 683 -3.74 -22.25 5.39
C ALA C 683 -3.33 -23.60 5.96
N CYS C 684 -2.21 -23.62 6.68
CA CYS C 684 -1.72 -24.86 7.29
C CYS C 684 -2.79 -25.48 8.17
N GLY C 685 -3.53 -24.65 8.88
CA GLY C 685 -4.56 -25.14 9.77
C GLY C 685 -5.72 -25.84 9.07
N GLN C 686 -5.74 -25.80 7.74
CA GLN C 686 -6.81 -26.46 7.00
C GLN C 686 -6.39 -27.82 6.47
N ASP C 687 -5.15 -28.21 6.72
CA ASP C 687 -4.62 -29.49 6.26
C ASP C 687 -4.09 -30.32 7.44
N PRO C 688 -4.75 -31.46 7.73
CA PRO C 688 -4.34 -32.34 8.83
C PRO C 688 -2.86 -32.72 8.80
N GLU C 689 -2.35 -32.98 7.60
CA GLU C 689 -0.97 -33.37 7.43
C GLU C 689 -0.01 -32.27 7.90
N LEU C 690 -0.25 -31.04 7.46
CA LEU C 690 0.59 -29.92 7.84
C LEU C 690 0.52 -29.66 9.35
N VAL C 691 -0.69 -29.72 9.90
CA VAL C 691 -0.87 -29.49 11.33
C VAL C 691 -0.13 -30.55 12.15
N ARG C 692 -0.23 -31.80 11.74
CA ARG C 692 0.45 -32.88 12.46
C ARG C 692 1.96 -32.67 12.47
N ASN C 693 2.52 -32.31 11.32
CA ASN C 693 3.96 -32.09 11.22
C ASN C 693 4.42 -30.89 12.04
N ILE C 694 3.67 -29.80 11.99
CA ILE C 694 4.03 -28.61 12.75
C ILE C 694 4.07 -28.92 14.23
N CYS C 695 3.05 -29.63 14.72
CA CYS C 695 2.99 -29.99 16.13
C CYS C 695 4.16 -30.90 16.49
N ARG C 696 4.53 -31.78 15.57
CA ARG C 696 5.63 -32.70 15.77
C ARG C 696 6.94 -31.92 15.95
N TRP C 697 7.15 -30.94 15.09
CA TRP C 697 8.37 -30.13 15.17
C TRP C 697 8.45 -29.41 16.51
N VAL C 698 7.34 -28.81 16.93
CA VAL C 698 7.31 -28.09 18.20
C VAL C 698 7.46 -29.04 19.39
N ARG C 699 6.82 -30.20 19.33
CA ARG C 699 6.90 -31.17 20.41
C ARG C 699 8.34 -31.60 20.69
N GLN C 700 9.12 -31.78 19.63
CA GLN C 700 10.51 -32.21 19.81
C GLN C 700 11.43 -31.05 20.14
N ALA C 701 10.92 -29.82 20.04
CA ALA C 701 11.71 -28.63 20.32
C ALA C 701 11.57 -28.12 21.75
N VAL C 702 10.37 -28.23 22.31
CA VAL C 702 10.13 -27.73 23.67
C VAL C 702 9.55 -28.77 24.63
N GLN C 703 9.67 -28.50 25.93
CA GLN C 703 9.16 -29.40 26.94
C GLN C 703 7.86 -28.90 27.53
N ILE C 704 7.62 -27.59 27.46
CA ILE C 704 6.39 -27.03 28.00
C ILE C 704 5.19 -27.41 27.14
N PRO C 705 3.98 -27.29 27.69
CA PRO C 705 2.77 -27.65 26.93
C PRO C 705 2.53 -26.67 25.79
N PHE C 706 1.88 -27.14 24.74
CA PHE C 706 1.56 -26.27 23.63
C PHE C 706 0.23 -26.69 23.05
N PHE C 707 -0.52 -25.70 22.56
CA PHE C 707 -1.84 -25.94 22.01
C PHE C 707 -1.91 -25.44 20.58
N ALA C 708 -2.57 -26.20 19.71
CA ALA C 708 -2.72 -25.81 18.32
C ALA C 708 -4.02 -25.03 18.19
N LYS C 709 -3.95 -23.83 17.65
CA LYS C 709 -5.17 -23.04 17.48
C LYS C 709 -5.78 -23.37 16.13
N LEU C 710 -6.95 -23.98 16.18
CA LEU C 710 -7.67 -24.42 15.00
C LEU C 710 -8.54 -23.37 14.33
N THR C 711 -8.67 -23.48 13.01
CA THR C 711 -9.51 -22.56 12.26
C THR C 711 -10.85 -23.29 12.07
N PRO C 712 -11.95 -22.54 12.15
CA PRO C 712 -13.26 -23.15 11.96
C PRO C 712 -13.60 -23.28 10.47
N ASN C 713 -12.75 -22.69 9.64
CA ASN C 713 -12.95 -22.70 8.20
C ASN C 713 -12.46 -23.98 7.55
N VAL C 714 -13.01 -25.10 8.00
CA VAL C 714 -12.66 -26.42 7.49
C VAL C 714 -13.87 -27.32 7.47
N THR C 715 -13.85 -28.30 6.58
CA THR C 715 -14.95 -29.25 6.47
C THR C 715 -15.08 -30.11 7.73
N ASP C 716 -13.94 -30.59 8.23
CA ASP C 716 -13.91 -31.47 9.40
C ASP C 716 -12.87 -31.01 10.41
N ILE C 717 -13.28 -30.17 11.37
CA ILE C 717 -12.34 -29.67 12.36
C ILE C 717 -11.80 -30.77 13.28
N VAL C 718 -12.58 -31.84 13.45
CA VAL C 718 -12.13 -32.94 14.30
C VAL C 718 -10.87 -33.57 13.71
N SER C 719 -10.82 -33.68 12.39
CA SER C 719 -9.65 -34.28 11.73
C SER C 719 -8.40 -33.45 12.01
N ILE C 720 -8.55 -32.14 12.13
CA ILE C 720 -7.42 -31.26 12.42
C ILE C 720 -7.01 -31.39 13.88
N ALA C 721 -8.00 -31.45 14.76
CA ALA C 721 -7.72 -31.59 16.19
C ALA C 721 -7.01 -32.91 16.43
N ARG C 722 -7.49 -33.96 15.76
CA ARG C 722 -6.89 -35.28 15.90
C ARG C 722 -5.45 -35.26 15.40
N ALA C 723 -5.21 -34.56 14.30
CA ALA C 723 -3.86 -34.46 13.74
C ALA C 723 -2.93 -33.77 14.73
N ALA C 724 -3.42 -32.73 15.38
CA ALA C 724 -2.63 -31.99 16.36
C ALA C 724 -2.26 -32.91 17.52
N LYS C 725 -3.23 -33.69 17.97
CA LYS C 725 -3.01 -34.61 19.08
C LYS C 725 -1.99 -35.68 18.68
N GLU C 726 -2.11 -36.19 17.46
CA GLU C 726 -1.18 -37.20 16.97
C GLU C 726 0.23 -36.61 16.85
N GLY C 727 0.28 -35.30 16.61
CA GLY C 727 1.56 -34.62 16.48
C GLY C 727 2.22 -34.29 17.80
N GLY C 728 1.49 -34.47 18.90
CA GLY C 728 2.07 -34.21 20.20
C GLY C 728 1.52 -33.01 20.95
N ALA C 729 0.53 -32.34 20.39
CA ALA C 729 -0.06 -31.18 21.05
C ALA C 729 -0.69 -31.60 22.36
N ASP C 730 -0.68 -30.70 23.35
CA ASP C 730 -1.25 -30.99 24.65
C ASP C 730 -2.71 -30.58 24.72
N GLY C 731 -3.18 -29.98 23.63
CA GLY C 731 -4.57 -29.55 23.57
C GLY C 731 -4.77 -28.69 22.34
N VAL C 732 -5.99 -28.21 22.17
CA VAL C 732 -6.29 -27.34 21.03
C VAL C 732 -7.14 -26.17 21.47
N THR C 733 -6.99 -25.07 20.75
CA THR C 733 -7.77 -23.88 21.02
C THR C 733 -8.76 -23.82 19.86
N ALA C 734 -10.03 -23.86 20.22
CA ALA C 734 -11.12 -23.80 19.24
C ALA C 734 -12.06 -22.66 19.60
N THR C 735 -12.20 -21.72 18.67
CA THR C 735 -11.50 -21.74 17.38
C THR C 735 -11.07 -20.32 17.01
N ASN C 736 -10.37 -20.18 15.88
CA ASN C 736 -9.99 -18.86 15.43
C ASN C 736 -11.24 -18.25 14.77
N THR C 737 -11.08 -17.09 14.13
CA THR C 737 -12.21 -16.42 13.49
C THR C 737 -12.75 -17.11 12.23
N VAL C 738 -14.00 -16.78 11.90
CA VAL C 738 -14.66 -17.35 10.73
C VAL C 738 -14.44 -16.42 9.53
N SER C 739 -14.03 -16.98 8.40
CA SER C 739 -13.77 -16.16 7.22
C SER C 739 -15.05 -15.55 6.67
N GLY C 740 -15.01 -14.25 6.38
CA GLY C 740 -16.19 -13.61 5.84
C GLY C 740 -15.98 -12.22 5.27
N LEU C 741 -17.06 -11.65 4.75
CA LEU C 741 -17.06 -10.30 4.20
C LEU C 741 -18.22 -9.68 4.95
N MET C 742 -17.96 -8.67 5.77
CA MET C 742 -19.00 -8.07 6.59
C MET C 742 -20.06 -7.30 5.83
N GLY C 743 -19.71 -6.73 4.69
CA GLY C 743 -20.70 -6.01 3.93
C GLY C 743 -20.15 -4.99 2.96
N LEU C 744 -21.04 -4.40 2.18
CA LEU C 744 -20.68 -3.40 1.19
C LEU C 744 -21.62 -2.21 1.33
N LYS C 745 -21.14 -1.03 0.94
CA LYS C 745 -21.95 0.16 0.98
C LYS C 745 -22.85 0.10 -0.25
N ALA C 746 -23.84 0.98 -0.33
CA ALA C 746 -24.76 0.98 -1.47
C ALA C 746 -24.08 1.19 -2.82
N ASP C 747 -22.90 1.81 -2.82
CA ASP C 747 -22.19 2.05 -4.08
C ASP C 747 -21.31 0.86 -4.47
N GLY C 748 -21.37 -0.21 -3.67
CA GLY C 748 -20.58 -1.39 -3.97
C GLY C 748 -19.21 -1.48 -3.32
N THR C 749 -18.78 -0.41 -2.66
CA THR C 749 -17.47 -0.42 -1.99
C THR C 749 -17.56 -1.17 -0.67
N PRO C 750 -16.48 -1.87 -0.30
CA PRO C 750 -16.47 -2.63 0.96
C PRO C 750 -16.11 -1.84 2.21
N TRP C 751 -16.26 -2.50 3.35
CA TRP C 751 -15.89 -1.93 4.63
C TRP C 751 -15.41 -3.10 5.45
N PRO C 752 -14.14 -3.07 5.88
CA PRO C 752 -13.15 -2.02 5.66
C PRO C 752 -12.74 -1.79 4.21
N ALA C 753 -12.46 -0.53 3.88
CA ALA C 753 -11.99 -0.13 2.55
C ALA C 753 -10.63 0.51 2.79
N VAL C 754 -9.61 -0.03 2.12
CA VAL C 754 -8.23 0.43 2.24
C VAL C 754 -7.71 1.15 1.01
N GLY C 755 -7.11 2.31 1.25
CA GLY C 755 -6.53 3.09 0.17
C GLY C 755 -7.52 3.75 -0.76
N ALA C 756 -6.96 4.50 -1.70
CA ALA C 756 -7.73 5.22 -2.69
C ALA C 756 -8.55 4.24 -3.52
N GLY C 757 -8.04 3.03 -3.67
CA GLY C 757 -8.75 2.03 -4.45
C GLY C 757 -9.92 1.41 -3.71
N LYS C 758 -10.08 1.76 -2.44
CA LYS C 758 -11.16 1.25 -1.60
C LYS C 758 -11.21 -0.27 -1.65
N ARG C 759 -10.04 -0.89 -1.53
CA ARG C 759 -9.94 -2.33 -1.59
C ARG C 759 -10.08 -3.01 -0.24
N THR C 760 -10.33 -4.32 -0.30
CA THR C 760 -10.47 -5.13 0.90
C THR C 760 -10.13 -6.58 0.58
N THR C 761 -10.11 -7.40 1.62
CA THR C 761 -9.85 -8.81 1.46
C THR C 761 -10.72 -9.48 2.51
N TYR C 762 -10.92 -10.79 2.37
CA TYR C 762 -11.73 -11.51 3.35
C TYR C 762 -11.11 -11.37 4.73
N GLY C 763 -11.95 -11.12 5.72
CA GLY C 763 -11.47 -10.96 7.08
C GLY C 763 -12.01 -12.03 8.00
N GLY C 764 -11.66 -11.93 9.27
CA GLY C 764 -12.11 -12.90 10.25
C GLY C 764 -13.23 -12.32 11.10
N VAL C 765 -14.34 -13.06 11.18
CA VAL C 765 -15.49 -12.64 11.98
C VAL C 765 -15.34 -13.19 13.38
N SER C 766 -15.52 -12.32 14.37
CA SER C 766 -15.42 -12.70 15.78
C SER C 766 -16.67 -12.25 16.52
N GLY C 767 -16.80 -12.64 17.78
CA GLY C 767 -17.95 -12.22 18.55
C GLY C 767 -19.08 -13.22 18.70
N THR C 768 -20.17 -12.77 19.30
CA THR C 768 -21.30 -13.65 19.54
C THR C 768 -21.92 -14.26 18.27
N ALA C 769 -21.74 -13.60 17.14
CA ALA C 769 -22.29 -14.10 15.88
C ALA C 769 -21.69 -15.46 15.51
N ILE C 770 -20.46 -15.73 15.93
CA ILE C 770 -19.83 -17.01 15.60
C ILE C 770 -19.86 -18.01 16.74
N ARG C 771 -20.51 -17.64 17.85
CA ARG C 771 -20.56 -18.56 18.98
C ARG C 771 -21.14 -19.92 18.63
N PRO C 772 -22.20 -19.97 17.80
CA PRO C 772 -22.78 -21.28 17.46
C PRO C 772 -21.76 -22.18 16.75
N ILE C 773 -20.88 -21.55 15.98
CA ILE C 773 -19.85 -22.27 15.23
C ILE C 773 -18.78 -22.78 16.20
N ALA C 774 -18.37 -21.93 17.12
CA ALA C 774 -17.36 -22.31 18.11
C ALA C 774 -17.90 -23.37 19.06
N LEU C 775 -19.17 -23.24 19.46
CA LEU C 775 -19.77 -24.21 20.35
C LEU C 775 -19.84 -25.58 19.67
N ARG C 776 -20.18 -25.59 18.39
CA ARG C 776 -20.23 -26.85 17.66
C ARG C 776 -18.83 -27.47 17.62
N ALA C 777 -17.83 -26.64 17.33
CA ALA C 777 -16.46 -27.11 17.26
C ALA C 777 -15.97 -27.70 18.58
N VAL C 778 -16.20 -26.97 19.67
CA VAL C 778 -15.77 -27.44 20.98
C VAL C 778 -16.45 -28.76 21.34
N THR C 779 -17.76 -28.83 21.15
CA THR C 779 -18.51 -30.03 21.47
C THR C 779 -18.14 -31.24 20.62
N THR C 780 -17.96 -31.04 19.32
CA THR C 780 -17.60 -32.15 18.44
C THR C 780 -16.20 -32.69 18.75
N ILE C 781 -15.28 -31.79 19.08
CA ILE C 781 -13.91 -32.20 19.41
C ILE C 781 -13.92 -32.94 20.74
N ALA C 782 -14.63 -32.40 21.72
CA ALA C 782 -14.72 -33.00 23.05
C ALA C 782 -15.31 -34.41 22.98
N ARG C 783 -16.26 -34.62 22.08
CA ARG C 783 -16.87 -35.93 21.94
C ARG C 783 -15.96 -36.92 21.22
N ALA C 784 -15.23 -36.43 20.23
CA ALA C 784 -14.32 -37.27 19.44
C ALA C 784 -13.02 -37.60 20.16
N LEU C 785 -12.53 -36.65 20.95
CA LEU C 785 -11.29 -36.83 21.68
C LEU C 785 -11.51 -36.57 23.18
N PRO C 786 -12.17 -37.53 23.86
CA PRO C 786 -12.46 -37.41 25.28
C PRO C 786 -11.23 -37.10 26.15
N GLY C 787 -11.33 -36.06 26.96
CA GLY C 787 -10.23 -35.71 27.85
C GLY C 787 -9.16 -34.80 27.26
N PHE C 788 -9.13 -34.66 25.95
CA PHE C 788 -8.14 -33.82 25.30
C PHE C 788 -8.47 -32.36 25.62
N PRO C 789 -7.53 -31.65 26.28
CA PRO C 789 -7.72 -30.25 26.65
C PRO C 789 -8.16 -29.33 25.52
N ILE C 790 -9.17 -28.51 25.79
CA ILE C 790 -9.69 -27.56 24.82
C ILE C 790 -9.78 -26.17 25.45
N LEU C 791 -9.21 -25.19 24.77
CA LEU C 791 -9.29 -23.80 25.23
C LEU C 791 -10.31 -23.23 24.26
N ALA C 792 -11.43 -22.74 24.80
CA ALA C 792 -12.48 -22.21 23.94
C ALA C 792 -12.34 -20.73 23.63
N THR C 793 -12.77 -20.36 22.42
CA THR C 793 -12.77 -18.96 21.99
C THR C 793 -13.83 -18.82 20.90
N GLY C 794 -14.63 -17.77 21.01
CA GLY C 794 -15.68 -17.55 20.04
C GLY C 794 -16.98 -17.09 20.66
N GLY C 795 -17.09 -15.79 20.92
CA GLY C 795 -18.31 -15.26 21.47
C GLY C 795 -18.54 -15.37 22.98
N ILE C 796 -17.47 -15.60 23.75
CA ILE C 796 -17.62 -15.69 25.19
C ILE C 796 -17.67 -14.25 25.72
N ASP C 797 -18.80 -13.89 26.34
CA ASP C 797 -18.99 -12.54 26.84
C ASP C 797 -19.69 -12.44 28.19
N SER C 798 -19.69 -13.53 28.95
CA SER C 798 -20.34 -13.56 30.26
C SER C 798 -20.00 -14.87 30.94
N ALA C 799 -20.30 -14.95 32.24
CA ALA C 799 -20.06 -16.18 32.98
C ALA C 799 -20.99 -17.25 32.41
N GLU C 800 -22.22 -16.85 32.10
CA GLU C 800 -23.20 -17.79 31.54
C GLU C 800 -22.71 -18.42 30.25
N SER C 801 -22.27 -17.60 29.30
CA SER C 801 -21.78 -18.14 28.03
C SER C 801 -20.52 -18.95 28.26
N GLY C 802 -19.71 -18.52 29.23
CA GLY C 802 -18.49 -19.26 29.54
C GLY C 802 -18.84 -20.65 30.03
N LEU C 803 -19.84 -20.73 30.91
CA LEU C 803 -20.29 -22.01 31.45
C LEU C 803 -20.78 -22.93 30.34
N GLN C 804 -21.39 -22.35 29.30
CA GLN C 804 -21.87 -23.14 28.18
C GLN C 804 -20.69 -23.86 27.55
N PHE C 805 -19.57 -23.15 27.39
CA PHE C 805 -18.39 -23.75 26.80
C PHE C 805 -17.74 -24.79 27.72
N LEU C 806 -17.74 -24.53 29.03
CA LEU C 806 -17.17 -25.50 29.97
C LEU C 806 -18.01 -26.78 29.87
N HIS C 807 -19.33 -26.61 29.88
CA HIS C 807 -20.26 -27.73 29.78
C HIS C 807 -20.04 -28.50 28.47
N SER C 808 -19.56 -27.79 27.44
CA SER C 808 -19.32 -28.37 26.14
C SER C 808 -17.99 -29.12 26.02
N GLY C 809 -17.17 -29.04 27.07
CA GLY C 809 -15.90 -29.75 27.05
C GLY C 809 -14.64 -28.91 27.16
N ALA C 810 -14.76 -27.58 27.19
CA ALA C 810 -13.59 -26.74 27.31
C ALA C 810 -13.19 -26.60 28.78
N SER C 811 -11.89 -26.38 29.04
CA SER C 811 -11.41 -26.21 30.40
C SER C 811 -11.17 -24.75 30.74
N VAL C 812 -10.74 -23.98 29.75
CA VAL C 812 -10.51 -22.55 29.94
C VAL C 812 -11.21 -21.78 28.84
N LEU C 813 -11.40 -20.48 29.07
CA LEU C 813 -12.17 -19.63 28.16
C LEU C 813 -11.44 -18.36 27.74
N GLN C 814 -11.18 -18.25 26.43
CA GLN C 814 -10.50 -17.09 25.87
C GLN C 814 -11.50 -16.05 25.40
N VAL C 815 -11.16 -14.78 25.61
CA VAL C 815 -12.06 -13.67 25.26
C VAL C 815 -11.35 -12.55 24.49
N CYS C 816 -12.03 -12.04 23.46
CA CYS C 816 -11.49 -10.91 22.70
C CYS C 816 -12.57 -9.85 22.49
N SER C 817 -13.54 -10.19 21.63
CA SER C 817 -14.61 -9.26 21.30
C SER C 817 -15.34 -8.63 22.47
N ALA C 818 -15.58 -9.40 23.53
CA ALA C 818 -16.28 -8.84 24.69
C ALA C 818 -15.49 -7.71 25.33
N VAL C 819 -14.16 -7.77 25.22
CA VAL C 819 -13.31 -6.72 25.78
C VAL C 819 -13.29 -5.55 24.79
N GLN C 820 -13.28 -5.86 23.50
CA GLN C 820 -13.29 -4.80 22.48
C GLN C 820 -14.58 -3.99 22.66
N ASN C 821 -15.65 -4.67 23.05
CA ASN C 821 -16.94 -4.02 23.28
C ASN C 821 -16.99 -3.26 24.60
N GLN C 822 -16.00 -3.51 25.46
CA GLN C 822 -16.02 -2.89 26.78
C GLN C 822 -14.61 -2.56 27.28
N ASP C 823 -14.11 -3.33 28.25
CA ASP C 823 -12.78 -3.11 28.81
C ASP C 823 -12.39 -4.29 29.68
N PHE C 824 -11.18 -4.25 30.24
CA PHE C 824 -10.69 -5.35 31.09
C PHE C 824 -11.49 -5.64 32.35
N THR C 825 -12.22 -4.66 32.88
CA THR C 825 -12.97 -4.90 34.11
C THR C 825 -14.06 -5.95 34.02
N VAL C 826 -14.42 -6.38 32.81
CA VAL C 826 -15.46 -7.40 32.70
C VAL C 826 -15.05 -8.67 33.45
N ILE C 827 -13.75 -8.83 33.72
CA ILE C 827 -13.30 -10.01 34.43
C ILE C 827 -13.98 -10.12 35.80
N GLN C 828 -14.23 -8.98 36.45
CA GLN C 828 -14.90 -9.00 37.75
C GLN C 828 -16.29 -9.59 37.60
N ASP C 829 -16.95 -9.22 36.51
CA ASP C 829 -18.30 -9.72 36.24
C ASP C 829 -18.27 -11.22 35.98
N TYR C 830 -17.31 -11.65 35.17
CA TYR C 830 -17.20 -13.06 34.83
C TYR C 830 -16.92 -13.94 36.04
N CYS C 831 -16.05 -13.47 36.92
CA CYS C 831 -15.72 -14.25 38.11
C CYS C 831 -16.85 -14.33 39.11
N THR C 832 -17.48 -13.19 39.43
CA THR C 832 -18.58 -13.24 40.39
C THR C 832 -19.74 -14.02 39.78
N GLY C 833 -19.92 -13.88 38.47
CA GLY C 833 -20.98 -14.59 37.79
C GLY C 833 -20.81 -16.09 37.82
N LEU C 834 -19.59 -16.55 37.57
CA LEU C 834 -19.33 -18.00 37.57
C LEU C 834 -19.46 -18.56 38.97
N LYS C 835 -18.97 -17.82 39.96
CA LYS C 835 -19.11 -18.27 41.35
C LYS C 835 -20.58 -18.43 41.70
N ALA C 836 -21.40 -17.47 41.29
CA ALA C 836 -22.83 -17.51 41.58
C ALA C 836 -23.52 -18.69 40.90
N LEU C 837 -23.19 -18.92 39.64
CA LEU C 837 -23.78 -20.03 38.91
C LEU C 837 -23.48 -21.37 39.57
N LEU C 838 -22.24 -21.54 40.02
CA LEU C 838 -21.84 -22.79 40.68
C LEU C 838 -22.50 -22.89 42.05
N TYR C 839 -22.52 -21.78 42.78
CA TYR C 839 -23.12 -21.75 44.12
C TYR C 839 -24.59 -22.16 44.08
N LEU C 840 -25.35 -21.56 43.16
CA LEU C 840 -26.77 -21.84 43.04
C LEU C 840 -27.10 -23.30 42.75
N LYS C 841 -26.16 -24.04 42.17
CA LYS C 841 -26.40 -25.44 41.86
C LYS C 841 -26.52 -26.28 43.12
N SER C 842 -26.09 -25.72 44.25
CA SER C 842 -26.16 -26.44 45.52
C SER C 842 -27.41 -26.09 46.33
N ILE C 843 -28.19 -25.13 45.85
CA ILE C 843 -29.39 -24.69 46.55
C ILE C 843 -30.64 -25.40 46.03
N GLU C 844 -31.11 -26.37 46.80
CA GLU C 844 -32.28 -27.17 46.44
C GLU C 844 -33.55 -26.37 46.17
N GLU C 845 -33.81 -25.33 46.95
CA GLU C 845 -35.03 -24.57 46.75
C GLU C 845 -35.04 -23.66 45.52
N LEU C 846 -33.93 -23.60 44.79
CA LEU C 846 -33.86 -22.77 43.60
C LEU C 846 -33.62 -23.58 42.32
N GLN C 847 -33.97 -24.86 42.36
CA GLN C 847 -33.77 -25.73 41.21
C GLN C 847 -34.62 -25.36 40.00
N GLY C 848 -35.69 -24.60 40.23
CA GLY C 848 -36.57 -24.20 39.14
C GLY C 848 -36.03 -23.03 38.32
N TRP C 849 -34.96 -22.43 38.82
CA TRP C 849 -34.32 -21.30 38.14
C TRP C 849 -33.42 -21.79 37.01
N ASP C 850 -33.16 -20.92 36.04
CA ASP C 850 -32.24 -21.26 34.97
C ASP C 850 -31.05 -20.38 35.29
N GLY C 851 -30.07 -20.96 35.98
CA GLY C 851 -28.91 -20.17 36.35
C GLY C 851 -29.34 -19.13 37.37
N GLN C 852 -29.02 -17.87 37.10
CA GLN C 852 -29.39 -16.79 38.00
C GLN C 852 -30.77 -16.20 37.69
N SER C 853 -31.48 -16.81 36.75
CA SER C 853 -32.81 -16.32 36.38
C SER C 853 -33.95 -17.08 37.07
N PRO C 854 -34.74 -16.38 37.90
CA PRO C 854 -35.85 -17.04 38.57
C PRO C 854 -36.85 -17.53 37.52
N GLY C 855 -37.68 -18.50 37.87
CA GLY C 855 -38.67 -18.97 36.92
C GLY C 855 -39.55 -17.78 36.56
N THR C 856 -39.88 -17.62 35.28
CA THR C 856 -40.70 -16.49 34.85
C THR C 856 -42.14 -16.60 35.34
N GLU C 857 -42.58 -15.60 36.10
CA GLU C 857 -43.92 -15.53 36.65
C GLU C 857 -44.81 -14.72 35.72
N SER C 858 -46.09 -15.06 35.67
CA SER C 858 -47.03 -14.33 34.82
C SER C 858 -46.98 -12.86 35.20
N HIS C 859 -46.74 -12.01 34.21
CA HIS C 859 -46.65 -10.58 34.45
C HIS C 859 -47.03 -9.72 33.26
N GLN C 860 -47.11 -8.42 33.52
CA GLN C 860 -47.40 -7.40 32.53
C GLN C 860 -46.51 -6.24 32.94
N LYS C 861 -45.62 -5.82 32.05
CA LYS C 861 -44.70 -4.72 32.35
C LYS C 861 -43.82 -5.02 33.56
N GLY C 862 -43.53 -6.30 33.77
CA GLY C 862 -42.68 -6.68 34.88
C GLY C 862 -43.38 -6.81 36.22
N LYS C 863 -44.65 -6.43 36.26
CA LYS C 863 -45.41 -6.51 37.51
C LYS C 863 -46.28 -7.76 37.51
N PRO C 864 -46.24 -8.54 38.60
CA PRO C 864 -47.04 -9.76 38.70
C PRO C 864 -48.53 -9.57 38.47
N VAL C 865 -49.11 -10.48 37.69
CA VAL C 865 -50.53 -10.43 37.38
C VAL C 865 -51.34 -10.92 38.56
N PRO C 866 -52.39 -10.18 38.94
CA PRO C 866 -53.23 -10.59 40.07
C PRO C 866 -53.85 -11.96 39.81
N ARG C 867 -53.75 -12.81 40.82
CA ARG C 867 -54.26 -14.18 40.73
C ARG C 867 -55.68 -14.25 41.25
N ILE C 868 -56.56 -13.45 40.65
CA ILE C 868 -57.96 -13.40 41.06
C ILE C 868 -58.81 -14.36 40.22
N ALA C 869 -59.64 -15.15 40.89
CA ALA C 869 -60.50 -16.11 40.21
C ALA C 869 -61.35 -15.46 39.13
N GLU C 870 -61.75 -14.22 39.37
CA GLU C 870 -62.58 -13.47 38.43
C GLU C 870 -61.81 -12.85 37.28
N LEU C 871 -60.56 -13.27 37.08
CA LEU C 871 -59.76 -12.72 35.98
C LEU C 871 -59.23 -13.83 35.08
N MET C 872 -58.70 -14.88 35.70
CA MET C 872 -58.13 -16.00 34.97
C MET C 872 -59.12 -16.65 34.00
N GLY C 873 -58.78 -16.60 32.71
CA GLY C 873 -59.63 -17.21 31.70
C GLY C 873 -60.81 -16.36 31.26
N LYS C 874 -60.80 -15.07 31.58
CA LYS C 874 -61.89 -14.19 31.19
C LYS C 874 -61.64 -13.53 29.84
N LYS C 875 -60.50 -13.83 29.25
CA LYS C 875 -60.14 -13.26 27.95
C LYS C 875 -60.28 -11.75 27.99
N LEU C 876 -59.61 -11.15 28.97
CA LEU C 876 -59.64 -9.70 29.15
C LEU C 876 -58.24 -9.13 28.94
N PRO C 877 -57.93 -8.72 27.69
CA PRO C 877 -56.61 -8.15 27.40
C PRO C 877 -56.45 -6.81 28.12
N ASN C 878 -55.22 -6.31 28.17
CA ASN C 878 -54.94 -5.06 28.85
C ASN C 878 -55.13 -3.79 28.04
N PHE C 879 -56.30 -3.66 27.42
CA PHE C 879 -56.59 -2.48 26.63
C PHE C 879 -58.09 -2.30 26.43
N GLY C 880 -58.46 -1.09 25.99
CA GLY C 880 -59.86 -0.79 25.73
C GLY C 880 -60.85 -1.12 26.84
N PRO C 881 -62.07 -1.54 26.46
CA PRO C 881 -63.09 -1.88 27.46
C PRO C 881 -62.69 -3.05 28.36
N TYR C 882 -61.82 -3.91 27.86
CA TYR C 882 -61.37 -5.06 28.63
C TYR C 882 -60.56 -4.58 29.83
N LEU C 883 -59.71 -3.60 29.60
CA LEU C 883 -58.88 -3.06 30.68
C LEU C 883 -59.78 -2.45 31.75
N GLU C 884 -60.84 -1.78 31.33
CA GLU C 884 -61.76 -1.16 32.28
C GLU C 884 -62.39 -2.24 33.14
N GLN C 885 -62.71 -3.37 32.51
CA GLN C 885 -63.31 -4.49 33.21
C GLN C 885 -62.32 -5.05 34.23
N ARG C 886 -61.07 -5.22 33.81
CA ARG C 886 -60.03 -5.74 34.69
C ARG C 886 -59.89 -4.86 35.93
N LYS C 887 -59.85 -3.55 35.72
CA LYS C 887 -59.71 -2.60 36.82
C LYS C 887 -60.86 -2.71 37.80
N LYS C 888 -62.07 -2.90 37.27
CA LYS C 888 -63.26 -3.02 38.11
C LYS C 888 -63.15 -4.27 38.97
N ILE C 889 -62.71 -5.37 38.36
CA ILE C 889 -62.57 -6.64 39.07
C ILE C 889 -61.50 -6.53 40.15
N ILE C 890 -60.38 -5.90 39.83
CA ILE C 890 -59.30 -5.73 40.79
C ILE C 890 -59.74 -4.86 41.96
N ALA C 891 -60.45 -3.77 41.66
CA ALA C 891 -60.94 -2.87 42.70
C ALA C 891 -61.88 -3.60 43.65
N GLU C 892 -62.74 -4.45 43.10
CA GLU C 892 -63.68 -5.20 43.91
C GLU C 892 -62.92 -6.20 44.80
N GLU C 893 -61.84 -6.75 44.27
CA GLU C 893 -61.03 -7.70 45.02
C GLU C 893 -60.37 -6.99 46.19
N LYS C 894 -59.88 -5.77 45.96
CA LYS C 894 -59.23 -5.00 47.01
C LYS C 894 -60.22 -4.71 48.14
N MET C 895 -61.48 -4.45 47.77
CA MET C 895 -62.49 -4.17 48.78
C MET C 895 -62.83 -5.44 49.54
N ARG C 896 -62.80 -6.57 48.86
CA ARG C 896 -63.09 -7.84 49.49
C ARG C 896 -61.98 -8.15 50.49
N LEU C 897 -60.74 -7.90 50.09
CA LEU C 897 -59.60 -8.15 50.96
C LEU C 897 -59.70 -7.27 52.20
N LYS C 898 -60.31 -6.10 52.03
CA LYS C 898 -60.46 -5.18 53.14
C LYS C 898 -61.25 -5.83 54.28
N GLU C 899 -61.75 -7.04 54.06
CA GLU C 899 -62.51 -7.73 55.08
C GLU C 899 -61.78 -8.96 55.63
N GLN C 900 -60.49 -9.10 55.30
CA GLN C 900 -59.72 -10.26 55.75
C GLN C 900 -58.52 -9.93 56.64
N ASN C 901 -57.85 -10.99 57.08
CA ASN C 901 -56.68 -10.85 57.97
C ASN C 901 -55.41 -11.30 57.25
N ALA C 902 -54.57 -10.33 56.90
CA ALA C 902 -53.32 -10.61 56.20
C ALA C 902 -52.39 -11.49 57.02
N ALA C 903 -51.43 -12.12 56.36
CA ALA C 903 -50.47 -13.01 57.01
C ALA C 903 -49.26 -12.23 57.53
N PHE C 904 -48.56 -12.83 58.49
CA PHE C 904 -47.37 -12.22 59.08
C PHE C 904 -46.08 -12.80 58.52
N PRO C 905 -45.30 -11.97 57.81
CA PRO C 905 -44.04 -12.42 57.22
C PRO C 905 -43.07 -12.81 58.33
N PRO C 906 -42.24 -13.84 58.08
CA PRO C 906 -41.28 -14.26 59.09
C PRO C 906 -40.50 -13.08 59.68
N LEU C 907 -40.35 -13.10 61.00
CA LEU C 907 -39.61 -12.07 61.74
C LEU C 907 -38.22 -12.17 61.17
N GLU C 908 -37.82 -13.40 60.88
CA GLU C 908 -36.52 -13.68 60.35
C GLU C 908 -36.47 -14.60 59.14
N ARG C 909 -36.77 -14.04 57.98
CA ARG C 909 -36.62 -14.70 56.69
C ARG C 909 -35.42 -15.60 56.96
N LYS C 910 -35.40 -16.77 56.33
CA LYS C 910 -34.32 -17.71 56.58
C LYS C 910 -33.49 -17.96 55.33
N PRO C 911 -32.15 -17.87 55.45
CA PRO C 911 -31.29 -18.10 54.29
C PRO C 911 -31.21 -19.56 53.86
N PHE C 912 -31.11 -19.77 52.55
CA PHE C 912 -31.01 -21.12 52.01
C PHE C 912 -29.61 -21.62 52.27
N ILE C 913 -29.48 -22.90 52.59
CA ILE C 913 -28.17 -23.48 52.87
C ILE C 913 -27.84 -24.56 51.86
N PRO C 914 -26.63 -24.53 51.30
CA PRO C 914 -26.23 -25.55 50.32
C PRO C 914 -26.51 -26.95 50.86
N LYS C 915 -27.20 -27.77 50.08
CA LYS C 915 -27.54 -29.12 50.50
C LYS C 915 -26.78 -30.17 49.70
N LYS C 916 -25.71 -29.72 49.05
CA LYS C 916 -24.83 -30.58 48.26
C LYS C 916 -23.56 -29.78 48.06
N PRO C 917 -22.43 -30.45 47.83
CA PRO C 917 -21.17 -29.72 47.63
C PRO C 917 -21.26 -28.78 46.43
N ILE C 918 -20.61 -27.63 46.55
CA ILE C 918 -20.59 -26.65 45.46
C ILE C 918 -19.67 -27.25 44.39
N PRO C 919 -20.18 -27.43 43.16
CA PRO C 919 -19.36 -27.99 42.08
C PRO C 919 -18.13 -27.18 41.75
N ALA C 920 -17.03 -27.87 41.45
CA ALA C 920 -15.79 -27.21 41.06
C ALA C 920 -15.86 -27.17 39.53
N ILE C 921 -15.00 -26.39 38.89
CA ILE C 921 -15.01 -26.33 37.44
C ILE C 921 -14.84 -27.73 36.82
N LYS C 922 -13.92 -28.51 37.37
CA LYS C 922 -13.68 -29.86 36.87
C LYS C 922 -14.95 -30.72 36.89
N ASP C 923 -15.88 -30.39 37.78
CA ASP C 923 -17.12 -31.15 37.89
C ASP C 923 -18.18 -30.81 36.84
N VAL C 924 -18.03 -29.69 36.16
CA VAL C 924 -19.02 -29.29 35.16
C VAL C 924 -18.53 -29.50 33.73
N ILE C 925 -17.23 -29.62 33.54
CA ILE C 925 -16.68 -29.78 32.21
C ILE C 925 -17.23 -31.00 31.47
N GLY C 926 -17.76 -30.75 30.26
CA GLY C 926 -18.30 -31.81 29.44
C GLY C 926 -19.66 -32.37 29.81
N LYS C 927 -20.29 -31.83 30.85
CA LYS C 927 -21.59 -32.34 31.30
C LYS C 927 -22.73 -32.25 30.27
N ALA C 928 -22.59 -31.38 29.28
CA ALA C 928 -23.64 -31.22 28.28
C ALA C 928 -23.53 -32.24 27.13
N LEU C 929 -22.36 -32.86 27.00
CA LEU C 929 -22.13 -33.83 25.94
C LEU C 929 -23.11 -34.99 25.92
N GLN C 930 -23.61 -35.38 27.10
CA GLN C 930 -24.54 -36.49 27.21
C GLN C 930 -25.85 -36.26 26.43
N TYR C 931 -26.17 -35.00 26.15
CA TYR C 931 -27.40 -34.68 25.44
C TYR C 931 -27.25 -34.59 23.93
N LEU C 932 -26.01 -34.54 23.45
CA LEU C 932 -25.73 -34.43 22.03
C LEU C 932 -25.55 -35.78 21.34
N GLY C 933 -26.09 -35.90 20.13
CA GLY C 933 -25.96 -37.11 19.37
C GLY C 933 -26.43 -36.88 17.95
N THR C 934 -26.75 -37.97 17.26
CA THR C 934 -27.21 -37.88 15.88
C THR C 934 -28.69 -37.54 15.86
N PHE C 935 -29.20 -37.21 14.68
CA PHE C 935 -30.62 -36.88 14.56
C PHE C 935 -31.44 -38.13 14.88
N GLY C 936 -30.91 -39.29 14.49
CA GLY C 936 -31.59 -40.54 14.72
C GLY C 936 -31.80 -40.85 16.19
N GLU C 937 -30.98 -40.25 17.05
CA GLU C 937 -31.08 -40.48 18.48
C GLU C 937 -32.16 -39.61 19.11
N LEU C 938 -32.79 -38.77 18.30
CA LEU C 938 -33.86 -37.89 18.77
C LEU C 938 -35.20 -38.59 18.60
N SER C 939 -36.05 -38.49 19.60
CA SER C 939 -37.37 -39.10 19.55
C SER C 939 -38.32 -38.32 18.66
N ASN C 940 -38.95 -39.00 17.71
CA ASN C 940 -39.91 -38.33 16.85
C ASN C 940 -41.34 -38.67 17.29
N ILE C 941 -41.46 -39.31 18.45
CA ILE C 941 -42.79 -39.64 18.97
C ILE C 941 -43.12 -38.77 20.18
N GLU C 942 -42.10 -38.25 20.84
CA GLU C 942 -42.31 -37.37 21.98
C GLU C 942 -42.32 -35.95 21.40
N GLN C 943 -43.45 -35.59 20.83
CA GLN C 943 -43.64 -34.28 20.20
C GLN C 943 -44.20 -33.25 21.19
N VAL C 944 -44.10 -31.98 20.81
CA VAL C 944 -44.61 -30.90 21.64
C VAL C 944 -45.50 -29.96 20.84
N VAL C 945 -46.23 -29.11 21.55
CA VAL C 945 -47.08 -28.11 20.92
C VAL C 945 -46.91 -26.84 21.72
N ALA C 946 -47.19 -25.71 21.10
CA ALA C 946 -47.05 -24.43 21.78
C ALA C 946 -48.28 -24.10 22.62
N VAL C 947 -48.04 -23.49 23.77
CA VAL C 947 -49.10 -23.07 24.67
C VAL C 947 -48.83 -21.64 25.11
N ILE C 948 -49.81 -20.78 24.94
CA ILE C 948 -49.68 -19.38 25.29
C ILE C 948 -50.34 -18.96 26.59
N ASP C 949 -49.60 -18.21 27.41
CA ASP C 949 -50.14 -17.71 28.66
C ASP C 949 -50.76 -16.37 28.31
N GLU C 950 -52.08 -16.34 28.19
CA GLU C 950 -52.79 -15.13 27.82
C GLU C 950 -52.54 -13.94 28.74
N GLU C 951 -52.20 -14.21 30.00
CA GLU C 951 -51.96 -13.12 30.95
C GLU C 951 -50.65 -12.37 30.70
N MET C 952 -49.74 -13.00 29.97
CA MET C 952 -48.44 -12.39 29.66
C MET C 952 -48.41 -11.78 28.26
N CYS C 953 -49.38 -12.13 27.44
CA CYS C 953 -49.44 -11.67 26.06
C CYS C 953 -49.62 -10.16 25.89
N ILE C 954 -48.89 -9.58 24.94
CA ILE C 954 -49.05 -8.16 24.67
C ILE C 954 -49.74 -7.92 23.32
N ASN C 955 -50.43 -8.95 22.85
CA ASN C 955 -51.27 -8.89 21.65
C ASN C 955 -50.72 -8.41 20.30
N CYS C 956 -49.43 -8.64 20.05
CA CYS C 956 -48.79 -8.20 18.81
C CYS C 956 -49.08 -9.08 17.59
N GLY C 957 -49.46 -10.34 17.82
CA GLY C 957 -49.75 -11.23 16.72
C GLY C 957 -48.54 -11.76 15.96
N LYS C 958 -47.34 -11.64 16.53
CA LYS C 958 -46.17 -12.15 15.82
C LYS C 958 -46.20 -13.67 15.73
N CYS C 959 -46.71 -14.34 16.76
CA CYS C 959 -46.80 -15.81 16.75
C CYS C 959 -47.68 -16.21 15.57
N TYR C 960 -48.78 -15.47 15.42
CA TYR C 960 -49.76 -15.68 14.38
C TYR C 960 -49.15 -15.47 12.99
N MET C 961 -48.45 -14.36 12.80
CA MET C 961 -47.82 -14.07 11.50
C MET C 961 -46.74 -15.07 11.13
N THR C 962 -45.96 -15.49 12.11
CA THR C 962 -44.89 -16.45 11.83
C THR C 962 -45.49 -17.81 11.47
N CYS C 963 -46.52 -18.24 12.20
CA CYS C 963 -47.14 -19.53 11.90
C CYS C 963 -47.86 -19.47 10.54
N ASN C 964 -48.41 -18.30 10.21
CA ASN C 964 -49.11 -18.16 8.95
C ASN C 964 -48.22 -18.20 7.72
N ASP C 965 -47.15 -17.40 7.72
CA ASP C 965 -46.27 -17.36 6.56
C ASP C 965 -44.98 -18.16 6.68
N SER C 966 -44.77 -18.83 7.81
CA SER C 966 -43.57 -19.65 8.01
C SER C 966 -43.92 -20.92 8.76
N GLY C 967 -45.20 -21.20 8.93
CA GLY C 967 -45.60 -22.38 9.67
C GLY C 967 -46.76 -23.21 9.16
N TYR C 968 -47.69 -23.50 10.07
CA TYR C 968 -48.83 -24.35 9.76
C TYR C 968 -50.22 -23.74 9.91
N GLN C 969 -50.30 -22.41 9.93
CA GLN C 969 -51.57 -21.71 10.05
C GLN C 969 -52.40 -22.33 11.17
N ALA C 970 -51.75 -22.55 12.32
CA ALA C 970 -52.38 -23.19 13.46
C ALA C 970 -52.87 -22.28 14.59
N ILE C 971 -52.63 -20.98 14.46
CA ILE C 971 -53.03 -20.05 15.50
C ILE C 971 -54.21 -19.16 15.13
N GLN C 972 -55.18 -19.07 16.02
CA GLN C 972 -56.33 -18.20 15.80
C GLN C 972 -55.99 -16.90 16.51
N PHE C 973 -56.18 -15.78 15.84
CA PHE C 973 -55.90 -14.47 16.43
C PHE C 973 -57.24 -13.76 16.51
N ASP C 974 -57.76 -13.59 17.73
CA ASP C 974 -59.06 -12.96 17.90
C ASP C 974 -59.12 -11.53 17.39
N PRO C 975 -60.12 -11.21 16.56
CA PRO C 975 -60.27 -9.86 16.01
C PRO C 975 -60.67 -8.77 17.00
N GLU C 976 -61.19 -9.16 18.16
CA GLU C 976 -61.61 -8.17 19.15
C GLU C 976 -60.63 -8.00 20.30
N THR C 977 -60.11 -9.11 20.80
CA THR C 977 -59.18 -9.08 21.93
C THR C 977 -57.71 -9.19 21.52
N HIS C 978 -57.46 -9.52 20.26
CA HIS C 978 -56.08 -9.68 19.78
C HIS C 978 -55.33 -10.70 20.65
N LEU C 979 -56.04 -11.73 21.07
CA LEU C 979 -55.44 -12.77 21.88
C LEU C 979 -55.29 -13.99 20.97
N PRO C 980 -54.10 -14.62 20.97
CA PRO C 980 -53.87 -15.80 20.14
C PRO C 980 -54.22 -17.10 20.85
N THR C 981 -54.62 -18.09 20.08
CA THR C 981 -54.95 -19.41 20.61
C THR C 981 -54.32 -20.45 19.69
N VAL C 982 -53.45 -21.29 20.24
CA VAL C 982 -52.82 -22.34 19.44
C VAL C 982 -53.82 -23.49 19.32
N THR C 983 -54.11 -23.89 18.08
CA THR C 983 -55.07 -24.98 17.85
C THR C 983 -54.36 -26.32 17.73
N ASP C 984 -55.16 -27.37 17.54
CA ASP C 984 -54.60 -28.72 17.45
C ASP C 984 -53.79 -29.03 16.20
N THR C 985 -53.74 -28.12 15.25
CA THR C 985 -52.95 -28.36 14.04
C THR C 985 -51.48 -27.98 14.25
N CYS C 986 -51.15 -27.54 15.46
CA CYS C 986 -49.78 -27.18 15.78
C CYS C 986 -48.87 -28.39 15.61
N THR C 987 -47.66 -28.17 15.10
CA THR C 987 -46.69 -29.25 14.90
C THR C 987 -45.50 -29.11 15.84
N GLY C 988 -45.52 -28.07 16.65
CA GLY C 988 -44.44 -27.84 17.60
C GLY C 988 -43.14 -27.38 16.98
N CYS C 989 -43.21 -26.80 15.77
CA CYS C 989 -41.98 -26.36 15.10
C CYS C 989 -41.17 -25.41 16.02
N THR C 990 -41.90 -24.63 16.83
CA THR C 990 -41.36 -23.71 17.84
C THR C 990 -41.03 -22.29 17.36
N LEU C 991 -41.35 -21.99 16.10
CA LEU C 991 -41.11 -20.67 15.57
C LEU C 991 -41.85 -19.56 16.33
N CYS C 992 -43.11 -19.80 16.73
CA CYS C 992 -43.84 -18.77 17.45
C CYS C 992 -43.15 -18.38 18.76
N LEU C 993 -42.75 -19.37 19.54
CA LEU C 993 -42.07 -19.12 20.79
C LEU C 993 -40.80 -18.31 20.49
N SER C 994 -40.13 -18.67 19.41
CA SER C 994 -38.88 -18.02 19.01
C SER C 994 -38.99 -16.56 18.61
N VAL C 995 -40.17 -16.11 18.19
CA VAL C 995 -40.32 -14.72 17.79
C VAL C 995 -41.12 -13.88 18.78
N CYS C 996 -41.68 -14.52 19.81
CA CYS C 996 -42.48 -13.81 20.80
C CYS C 996 -41.62 -12.84 21.61
N PRO C 997 -42.06 -11.58 21.73
CA PRO C 997 -41.31 -10.57 22.49
C PRO C 997 -41.29 -10.76 24.00
N ILE C 998 -42.23 -11.55 24.51
CA ILE C 998 -42.33 -11.77 25.95
C ILE C 998 -41.70 -13.10 26.35
N ILE C 999 -40.64 -13.03 27.15
CA ILE C 999 -39.96 -14.22 27.61
C ILE C 999 -40.91 -15.16 28.35
N ASP C 1000 -40.97 -16.40 27.89
CA ASP C 1000 -41.79 -17.43 28.50
C ASP C 1000 -43.30 -17.24 28.42
N CYS C 1001 -43.75 -16.36 27.53
CA CYS C 1001 -45.19 -16.17 27.37
C CYS C 1001 -45.67 -17.45 26.70
N ILE C 1002 -44.89 -17.93 25.74
CA ILE C 1002 -45.19 -19.15 25.02
C ILE C 1002 -44.24 -20.22 25.53
N ARG C 1003 -44.76 -21.42 25.75
CA ARG C 1003 -43.95 -22.55 26.21
C ARG C 1003 -44.32 -23.77 25.40
N MET C 1004 -43.35 -24.65 25.19
CA MET C 1004 -43.61 -25.88 24.45
C MET C 1004 -43.91 -26.95 25.48
N VAL C 1005 -45.04 -27.63 25.32
CA VAL C 1005 -45.44 -28.67 26.26
C VAL C 1005 -45.69 -29.97 25.51
N SER C 1006 -45.49 -31.09 26.20
CA SER C 1006 -45.69 -32.40 25.60
C SER C 1006 -47.10 -32.50 25.00
N ARG C 1007 -47.17 -32.99 23.77
CA ARG C 1007 -48.45 -33.14 23.08
C ARG C 1007 -49.25 -34.28 23.72
N THR C 1008 -50.54 -34.06 23.93
CA THR C 1008 -51.40 -35.07 24.54
C THR C 1008 -52.39 -35.65 23.53
N THR C 1009 -52.65 -34.89 22.47
CA THR C 1009 -53.58 -35.30 21.42
C THR C 1009 -52.81 -36.08 20.37
N PRO C 1010 -53.49 -36.99 19.66
CA PRO C 1010 -52.85 -37.79 18.62
C PRO C 1010 -52.10 -36.94 17.60
N TYR C 1011 -50.90 -37.38 17.22
CA TYR C 1011 -50.10 -36.65 16.26
C TYR C 1011 -49.87 -37.45 14.98
N GLU C 1012 -50.00 -36.77 13.85
CA GLU C 1012 -49.81 -37.40 12.55
C GLU C 1012 -49.28 -36.34 11.59
N PRO C 1013 -48.07 -36.53 11.07
CA PRO C 1013 -47.48 -35.58 10.14
C PRO C 1013 -48.34 -35.31 8.91
N LYS C 1014 -48.37 -34.04 8.49
CA LYS C 1014 -49.14 -33.64 7.33
C LYS C 1014 -48.36 -34.06 6.07
N ARG C 1015 -48.94 -34.97 5.30
CA ARG C 1015 -48.29 -35.48 4.09
C ARG C 1015 -48.75 -34.83 2.80
N GLY C 1016 -49.74 -33.95 2.87
CA GLY C 1016 -50.23 -33.29 1.67
C GLY C 1016 -51.11 -34.20 0.84
N LEU C 1017 -50.60 -35.38 0.52
CA LEU C 1017 -51.35 -36.36 -0.26
C LEU C 1017 -51.10 -37.74 0.35
N ALA D 2 17.72 -2.68 29.63
CA ALA D 2 16.52 -2.39 28.87
C ALA D 2 15.53 -1.71 29.77
N PRO D 3 14.43 -1.16 29.21
CA PRO D 3 13.43 -0.54 30.08
C PRO D 3 12.38 -1.63 30.35
N VAL D 4 11.42 -1.39 31.24
CA VAL D 4 10.41 -2.43 31.49
C VAL D 4 9.38 -2.29 30.40
N LEU D 5 9.48 -3.20 29.45
CA LEU D 5 8.61 -3.20 28.29
C LEU D 5 7.12 -3.39 28.59
N SER D 6 6.81 -4.25 29.54
CA SER D 6 5.41 -4.52 29.88
C SER D 6 4.76 -3.53 30.83
N LYS D 7 5.35 -2.35 30.95
CA LYS D 7 4.81 -1.33 31.83
C LYS D 7 4.56 -0.03 31.08
N ASP D 8 3.50 0.66 31.45
CA ASP D 8 3.16 1.93 30.83
C ASP D 8 4.08 3.02 31.37
N VAL D 9 4.62 3.84 30.49
CA VAL D 9 5.48 4.94 30.91
C VAL D 9 4.56 6.01 31.50
N ALA D 10 5.13 6.99 32.20
CA ALA D 10 4.36 8.05 32.82
C ALA D 10 3.27 8.64 31.93
N ASP D 11 3.61 8.98 30.69
CA ASP D 11 2.65 9.57 29.75
C ASP D 11 1.44 8.71 29.49
N ILE D 12 1.64 7.40 29.35
CA ILE D 12 0.53 6.51 29.08
C ILE D 12 -0.29 6.30 30.33
N GLU D 13 0.38 6.22 31.47
CA GLU D 13 -0.32 6.05 32.74
C GLU D 13 -1.24 7.25 32.92
N SER D 14 -0.77 8.41 32.48
CA SER D 14 -1.53 9.65 32.59
C SER D 14 -2.75 9.61 31.69
N ILE D 15 -2.57 9.17 30.45
CA ILE D 15 -3.66 9.10 29.50
C ILE D 15 -4.71 8.07 29.94
N LEU D 16 -4.28 7.06 30.70
CA LEU D 16 -5.18 6.00 31.18
C LEU D 16 -5.85 6.36 32.52
N ALA D 17 -5.63 7.59 32.98
CA ALA D 17 -6.18 8.03 34.26
C ALA D 17 -7.66 7.73 34.50
N LEU D 18 -8.49 7.93 33.48
CA LEU D 18 -9.92 7.70 33.61
C LEU D 18 -10.39 6.34 33.10
N ASN D 19 -9.46 5.48 32.77
CA ASN D 19 -9.80 4.14 32.28
C ASN D 19 -10.43 3.36 33.43
N PRO D 20 -11.52 2.62 33.15
CA PRO D 20 -12.14 1.86 34.23
C PRO D 20 -11.26 0.80 34.86
N ARG D 21 -11.33 0.73 36.19
CA ARG D 21 -10.60 -0.23 36.99
C ARG D 21 -11.51 -0.56 38.16
N THR D 22 -11.76 -1.84 38.39
CA THR D 22 -12.63 -2.24 39.51
C THR D 22 -11.99 -1.86 40.84
N GLN D 23 -12.79 -1.29 41.73
CA GLN D 23 -12.28 -0.89 43.04
C GLN D 23 -12.33 -2.04 44.04
N SER D 24 -11.35 -2.07 44.93
CA SER D 24 -11.25 -3.12 45.94
C SER D 24 -11.93 -2.71 47.25
N HIS D 25 -12.41 -1.47 47.30
CA HIS D 25 -13.08 -0.97 48.50
C HIS D 25 -14.25 -0.08 48.14
N ALA D 26 -15.12 0.17 49.10
CA ALA D 26 -16.26 1.04 48.87
C ALA D 26 -15.70 2.45 48.80
N ALA D 27 -16.36 3.33 48.07
CA ALA D 27 -15.88 4.70 47.92
C ALA D 27 -16.30 5.60 49.08
N LEU D 28 -15.56 6.69 49.27
CA LEU D 28 -15.87 7.64 50.33
C LEU D 28 -15.99 9.03 49.71
N HIS D 29 -17.19 9.58 49.74
CA HIS D 29 -17.47 10.92 49.21
C HIS D 29 -18.58 11.50 50.07
N SER D 30 -18.32 12.64 50.71
CA SER D 30 -19.33 13.23 51.59
C SER D 30 -20.56 13.68 50.81
N THR D 31 -21.69 13.77 51.52
CA THR D 31 -22.93 14.19 50.90
C THR D 31 -22.78 15.62 50.40
N LEU D 32 -22.04 16.45 51.14
CA LEU D 32 -21.84 17.83 50.72
C LEU D 32 -21.03 17.85 49.42
N ALA D 33 -19.96 17.06 49.38
CA ALA D 33 -19.11 17.00 48.20
C ALA D 33 -19.93 16.54 46.99
N LYS D 34 -20.81 15.56 47.21
CA LYS D 34 -21.65 15.06 46.13
C LYS D 34 -22.61 16.12 45.63
N LYS D 35 -23.22 16.87 46.54
CA LYS D 35 -24.15 17.93 46.15
C LYS D 35 -23.45 18.95 45.26
N LEU D 36 -22.20 19.24 45.59
CA LEU D 36 -21.42 20.21 44.83
C LEU D 36 -20.99 19.67 43.46
N ASP D 37 -20.71 18.38 43.38
CA ASP D 37 -20.27 17.78 42.12
C ASP D 37 -21.40 17.48 41.13
N LYS D 38 -22.59 17.25 41.65
CA LYS D 38 -23.74 16.92 40.82
C LYS D 38 -24.02 17.91 39.69
N LYS D 39 -23.92 19.20 39.99
CA LYS D 39 -24.18 20.25 39.00
C LYS D 39 -23.27 20.23 37.78
N HIS D 40 -22.06 19.70 37.93
CA HIS D 40 -21.12 19.67 36.83
C HIS D 40 -21.53 18.75 35.68
N TRP D 41 -22.24 17.67 36.00
CA TRP D 41 -22.63 16.68 35.01
C TRP D 41 -24.09 16.70 34.55
N LYS D 42 -24.87 17.62 35.14
CA LYS D 42 -26.30 17.74 34.86
C LYS D 42 -26.68 17.80 33.38
N ARG D 43 -27.52 16.86 32.95
CA ARG D 43 -27.98 16.78 31.57
C ARG D 43 -29.40 17.29 31.38
N ASN D 44 -30.31 16.81 32.23
CA ASN D 44 -31.72 17.16 32.15
C ASN D 44 -32.07 18.43 32.91
N PRO D 45 -33.36 18.82 32.87
CA PRO D 45 -33.77 20.04 33.59
C PRO D 45 -33.56 19.93 35.10
N ASP D 46 -33.21 21.05 35.72
CA ASP D 46 -32.99 21.12 37.15
C ASP D 46 -34.33 21.49 37.77
N LYS D 47 -34.88 20.59 38.58
CA LYS D 47 -36.18 20.84 39.21
C LYS D 47 -36.14 22.07 40.12
N ASN D 48 -34.94 22.46 40.54
CA ASN D 48 -34.79 23.62 41.42
C ASN D 48 -34.64 24.91 40.64
N CYS D 49 -34.61 24.80 39.31
CA CYS D 49 -34.49 25.99 38.47
C CYS D 49 -35.89 26.45 38.12
N PHE D 50 -36.25 27.64 38.58
CA PHE D 50 -37.58 28.19 38.33
C PHE D 50 -37.54 29.21 37.20
N HIS D 51 -36.33 29.56 36.77
CA HIS D 51 -36.16 30.54 35.71
C HIS D 51 -35.81 29.88 34.39
N CYS D 52 -36.71 29.96 33.42
CA CYS D 52 -36.50 29.38 32.12
C CYS D 52 -35.40 30.10 31.36
N GLU D 53 -34.83 29.45 30.36
CA GLU D 53 -33.76 30.03 29.56
C GLU D 53 -34.35 30.97 28.51
N LYS D 54 -33.59 32.00 28.15
CA LYS D 54 -34.04 32.97 27.16
C LYS D 54 -34.44 32.29 25.86
N LEU D 55 -35.62 32.65 25.36
CA LEU D 55 -36.12 32.06 24.12
C LEU D 55 -36.57 33.11 23.09
N GLU D 56 -36.26 34.38 23.35
CA GLU D 56 -36.67 35.44 22.42
C GLU D 56 -36.12 35.20 21.02
N ASN D 57 -37.02 35.24 20.04
CA ASN D 57 -36.69 35.03 18.63
C ASN D 57 -36.03 33.67 18.39
N ASN D 58 -36.31 32.71 19.25
CA ASN D 58 -35.73 31.37 19.09
C ASN D 58 -36.80 30.42 18.56
N PHE D 59 -36.73 30.08 17.28
CA PHE D 59 -37.71 29.18 16.70
C PHE D 59 -37.17 27.80 16.37
N ASP D 60 -36.13 27.40 17.09
CA ASP D 60 -35.53 26.09 16.89
C ASP D 60 -36.55 25.02 17.29
N ASP D 61 -36.48 23.88 16.63
CA ASP D 61 -37.40 22.77 16.88
C ASP D 61 -37.38 22.33 18.35
N ILE D 62 -38.55 22.31 18.99
CA ILE D 62 -38.63 21.89 20.39
C ILE D 62 -39.36 20.56 20.58
N LYS D 63 -39.77 19.93 19.49
CA LYS D 63 -40.48 18.65 19.61
C LYS D 63 -39.58 17.59 20.25
N HIS D 64 -40.14 16.82 21.17
CA HIS D 64 -39.39 15.77 21.83
C HIS D 64 -39.38 14.52 20.96
N THR D 65 -40.22 14.51 19.93
CA THR D 65 -40.35 13.35 19.04
C THR D 65 -39.46 13.32 17.80
N THR D 66 -38.80 14.43 17.49
CA THR D 66 -37.93 14.48 16.32
C THR D 66 -36.83 13.43 16.42
N LEU D 67 -36.62 12.70 15.33
CA LEU D 67 -35.60 11.66 15.27
C LEU D 67 -34.61 11.86 14.14
N GLY D 68 -33.37 11.45 14.40
CA GLY D 68 -32.32 11.51 13.39
C GLY D 68 -32.23 10.06 12.90
N GLU D 69 -31.41 9.79 11.89
CA GLU D 69 -31.34 8.42 11.38
C GLU D 69 -30.97 7.37 12.43
N ARG D 70 -29.94 7.63 13.23
CA ARG D 70 -29.53 6.70 14.27
C ARG D 70 -30.70 6.35 15.18
N GLY D 71 -31.36 7.38 15.70
CA GLY D 71 -32.49 7.15 16.59
C GLY D 71 -33.68 6.51 15.91
N ALA D 72 -33.91 6.86 14.66
CA ALA D 72 -35.03 6.32 13.90
C ALA D 72 -34.82 4.82 13.66
N LEU D 73 -33.60 4.43 13.32
CA LEU D 73 -33.33 3.02 13.07
C LEU D 73 -33.54 2.20 14.33
N ARG D 74 -33.09 2.71 15.47
CA ARG D 74 -33.28 1.99 16.74
C ARG D 74 -34.75 1.83 17.08
N GLU D 75 -35.52 2.91 16.94
CA GLU D 75 -36.94 2.85 17.28
C GLU D 75 -37.71 1.97 16.31
N ALA D 76 -37.38 2.05 15.02
CA ALA D 76 -38.05 1.24 14.01
C ALA D 76 -37.78 -0.24 14.24
N MET D 77 -36.57 -0.56 14.67
CA MET D 77 -36.21 -1.96 14.93
C MET D 77 -36.94 -2.49 16.15
N ARG D 78 -37.29 -1.58 17.07
CA ARG D 78 -37.98 -1.93 18.30
C ARG D 78 -39.45 -2.27 18.10
N CYS D 79 -40.07 -1.61 17.13
CA CYS D 79 -41.48 -1.85 16.81
C CYS D 79 -41.74 -3.32 16.51
N LEU D 80 -42.80 -3.87 17.10
CA LEU D 80 -43.16 -5.27 16.91
C LEU D 80 -43.74 -5.56 15.53
N LYS D 81 -44.12 -4.51 14.80
CA LYS D 81 -44.67 -4.65 13.45
C LYS D 81 -45.82 -5.66 13.48
N CYS D 82 -46.76 -5.36 14.37
CA CYS D 82 -47.95 -6.15 14.68
C CYS D 82 -48.99 -6.42 13.62
N ALA D 83 -49.64 -7.57 13.76
CA ALA D 83 -50.71 -7.97 12.86
C ALA D 83 -51.95 -7.17 13.24
N ASP D 84 -52.77 -6.79 12.26
CA ASP D 84 -54.01 -6.07 12.51
C ASP D 84 -53.71 -4.99 13.57
N ALA D 85 -52.59 -4.31 13.38
CA ALA D 85 -52.09 -3.29 14.32
C ALA D 85 -53.10 -2.31 14.89
N PRO D 86 -53.13 -2.19 16.23
CA PRO D 86 -54.06 -1.29 16.90
C PRO D 86 -53.68 0.18 16.68
N CYS D 87 -52.41 0.44 16.39
CA CYS D 87 -51.97 1.81 16.13
C CYS D 87 -52.62 2.29 14.84
N GLN D 88 -52.66 1.43 13.83
CA GLN D 88 -53.29 1.77 12.56
C GLN D 88 -54.78 1.98 12.77
N LYS D 89 -55.40 1.13 13.57
CA LYS D 89 -56.82 1.26 13.83
C LYS D 89 -57.10 2.59 14.54
N SER D 90 -56.11 3.05 15.30
CA SER D 90 -56.22 4.29 16.05
C SER D 90 -55.76 5.53 15.29
N CYS D 91 -55.37 5.34 14.03
CA CYS D 91 -54.94 6.45 13.18
C CYS D 91 -56.10 6.89 12.31
N PRO D 92 -56.51 8.17 12.39
CA PRO D 92 -57.62 8.63 11.57
C PRO D 92 -57.49 8.41 10.07
N THR D 93 -56.26 8.36 9.54
CA THR D 93 -56.09 8.13 8.10
C THR D 93 -55.71 6.69 7.79
N HIS D 94 -55.80 5.83 8.80
CA HIS D 94 -55.53 4.40 8.66
C HIS D 94 -54.17 4.07 8.05
N LEU D 95 -53.14 4.81 8.45
CA LEU D 95 -51.80 4.56 7.93
C LEU D 95 -51.33 3.15 8.25
N ASP D 96 -50.69 2.50 7.29
CA ASP D 96 -50.17 1.15 7.52
C ASP D 96 -48.84 1.35 8.23
N ILE D 97 -48.94 1.60 9.53
CA ILE D 97 -47.79 1.84 10.39
C ILE D 97 -46.83 0.66 10.41
N LYS D 98 -47.38 -0.54 10.52
CA LYS D 98 -46.55 -1.75 10.52
C LYS D 98 -45.63 -1.74 9.30
N SER D 99 -46.21 -1.49 8.13
CA SER D 99 -45.43 -1.48 6.91
C SER D 99 -44.44 -0.32 6.79
N PHE D 100 -44.84 0.90 7.10
CA PHE D 100 -43.88 1.98 6.95
C PHE D 100 -42.75 1.90 7.96
N ILE D 101 -43.04 1.42 9.17
CA ILE D 101 -41.98 1.30 10.16
C ILE D 101 -41.06 0.14 9.78
N THR D 102 -41.61 -0.91 9.19
CA THR D 102 -40.78 -2.03 8.76
C THR D 102 -39.80 -1.51 7.71
N SER D 103 -40.31 -0.68 6.80
CA SER D 103 -39.46 -0.11 5.76
C SER D 103 -38.32 0.73 6.37
N ILE D 104 -38.64 1.54 7.37
CA ILE D 104 -37.60 2.34 8.01
C ILE D 104 -36.54 1.43 8.63
N SER D 105 -37.00 0.37 9.29
CA SER D 105 -36.11 -0.59 9.94
C SER D 105 -35.16 -1.23 8.91
N ASN D 106 -35.63 -1.34 7.67
CA ASN D 106 -34.84 -1.92 6.59
C ASN D 106 -34.10 -0.86 5.77
N LYS D 107 -34.06 0.36 6.30
CA LYS D 107 -33.41 1.50 5.66
C LYS D 107 -34.03 1.94 4.34
N ASN D 108 -35.27 1.51 4.10
CA ASN D 108 -35.98 1.87 2.89
C ASN D 108 -36.88 3.05 3.19
N TYR D 109 -36.28 4.23 3.30
CA TYR D 109 -37.03 5.43 3.63
C TYR D 109 -38.02 5.82 2.54
N TYR D 110 -37.69 5.54 1.27
CA TYR D 110 -38.60 5.86 0.18
C TYR D 110 -39.89 5.05 0.34
N GLY D 111 -39.75 3.74 0.52
CA GLY D 111 -40.91 2.89 0.67
C GLY D 111 -41.76 3.31 1.86
N ALA D 112 -41.11 3.74 2.93
CA ALA D 112 -41.82 4.18 4.12
C ALA D 112 -42.64 5.42 3.79
N ALA D 113 -41.98 6.40 3.14
CA ALA D 113 -42.66 7.64 2.78
C ALA D 113 -43.80 7.39 1.81
N LYS D 114 -43.59 6.49 0.85
CA LYS D 114 -44.63 6.17 -0.13
C LYS D 114 -45.86 5.61 0.58
N MET D 115 -45.64 4.75 1.56
CA MET D 115 -46.74 4.14 2.32
C MET D 115 -47.46 5.22 3.13
N ILE D 116 -46.69 6.11 3.74
CA ILE D 116 -47.24 7.19 4.54
C ILE D 116 -48.11 8.10 3.68
N PHE D 117 -47.54 8.63 2.60
CA PHE D 117 -48.30 9.53 1.74
C PHE D 117 -49.44 8.90 0.97
N SER D 118 -49.40 7.58 0.80
CA SER D 118 -50.49 6.90 0.11
C SER D 118 -51.81 7.12 0.87
N ASP D 119 -51.74 7.10 2.20
CA ASP D 119 -52.95 7.30 2.98
C ASP D 119 -53.07 8.68 3.62
N ASN D 120 -52.00 9.46 3.58
CA ASN D 120 -52.03 10.80 4.17
C ASN D 120 -51.15 11.77 3.38
N PRO D 121 -51.76 12.60 2.52
CA PRO D 121 -51.05 13.59 1.69
C PRO D 121 -50.26 14.63 2.49
N LEU D 122 -50.54 14.72 3.78
CA LEU D 122 -49.82 15.65 4.65
C LEU D 122 -49.05 14.83 5.68
N GLY D 123 -48.43 13.76 5.20
CA GLY D 123 -47.69 12.87 6.06
C GLY D 123 -46.60 13.47 6.93
N LEU D 124 -45.88 14.45 6.39
CA LEU D 124 -44.80 15.07 7.18
C LEU D 124 -45.37 15.98 8.25
N THR D 125 -46.34 16.81 7.88
CA THR D 125 -46.97 17.70 8.85
C THR D 125 -47.55 16.89 10.00
N CYS D 126 -48.27 15.82 9.69
CA CYS D 126 -48.88 15.00 10.72
C CYS D 126 -47.85 14.30 11.60
N GLY D 127 -46.77 13.83 11.01
CA GLY D 127 -45.75 13.18 11.84
C GLY D 127 -45.28 14.15 12.91
N MET D 128 -45.19 15.43 12.53
CA MET D 128 -44.74 16.46 13.46
C MET D 128 -45.77 16.96 14.46
N VAL D 129 -47.03 17.08 14.05
CA VAL D 129 -48.05 17.63 14.95
C VAL D 129 -49.15 16.72 15.49
N CYS D 130 -49.28 15.51 14.99
CA CYS D 130 -50.34 14.64 15.49
C CYS D 130 -50.25 14.43 16.99
N PRO D 131 -51.38 14.53 17.70
CA PRO D 131 -51.41 14.33 19.16
C PRO D 131 -51.48 12.81 19.32
N THR D 132 -50.38 12.15 18.96
CA THR D 132 -50.29 10.70 18.98
C THR D 132 -50.74 9.97 20.24
N SER D 133 -50.54 10.57 21.41
CA SER D 133 -50.95 9.90 22.65
C SER D 133 -52.47 9.70 22.70
N ASP D 134 -53.19 10.47 21.90
CA ASP D 134 -54.65 10.36 21.85
C ASP D 134 -55.07 9.71 20.53
N LEU D 135 -54.09 9.25 19.77
CA LEU D 135 -54.36 8.60 18.49
C LEU D 135 -53.61 7.28 18.34
N CYS D 136 -52.80 7.15 17.28
CA CYS D 136 -52.05 5.92 17.01
C CYS D 136 -51.27 5.34 18.19
N VAL D 137 -50.44 6.18 18.81
CA VAL D 137 -49.61 5.74 19.93
C VAL D 137 -50.45 5.30 21.13
N GLY D 138 -51.64 5.88 21.28
CA GLY D 138 -52.50 5.51 22.38
C GLY D 138 -52.94 4.06 22.32
N GLY D 139 -52.82 3.45 21.14
CA GLY D 139 -53.21 2.05 21.00
C GLY D 139 -52.05 1.09 20.81
N CYS D 140 -50.82 1.62 20.88
CA CYS D 140 -49.63 0.79 20.68
C CYS D 140 -49.46 -0.35 21.68
N ASN D 141 -49.28 -1.57 21.18
CA ASN D 141 -49.11 -2.74 22.03
C ASN D 141 -47.89 -2.65 22.95
N LEU D 142 -46.86 -1.93 22.50
CA LEU D 142 -45.66 -1.81 23.32
C LEU D 142 -45.88 -0.97 24.57
N TYR D 143 -47.08 -0.41 24.72
CA TYR D 143 -47.36 0.35 25.93
C TYR D 143 -47.33 -0.66 27.07
N ALA D 144 -47.55 -1.93 26.71
CA ALA D 144 -47.56 -3.02 27.68
C ALA D 144 -46.16 -3.48 28.09
N THR D 145 -45.14 -2.70 27.74
CA THR D 145 -43.77 -3.03 28.12
C THR D 145 -43.23 -1.84 28.90
N GLU D 146 -42.23 -2.08 29.74
CA GLU D 146 -41.64 -1.02 30.54
C GLU D 146 -41.08 0.10 29.67
N GLU D 147 -40.42 -0.25 28.56
CA GLU D 147 -39.83 0.75 27.68
C GLU D 147 -40.87 1.61 26.99
N GLY D 148 -42.12 1.14 26.94
CA GLY D 148 -43.19 1.94 26.36
C GLY D 148 -43.47 1.91 24.87
N SER D 149 -44.52 2.64 24.50
CA SER D 149 -44.98 2.72 23.12
C SER D 149 -43.95 3.31 22.17
N ILE D 150 -44.14 3.01 20.89
CA ILE D 150 -43.27 3.48 19.82
C ILE D 150 -43.54 4.95 19.48
N ASN D 151 -42.46 5.66 19.11
CA ASN D 151 -42.56 7.06 18.70
C ASN D 151 -42.94 7.03 17.23
N ILE D 152 -44.22 6.76 16.97
CA ILE D 152 -44.76 6.68 15.61
C ILE D 152 -44.63 7.97 14.84
N GLY D 153 -45.01 9.08 15.47
CA GLY D 153 -44.93 10.37 14.80
C GLY D 153 -43.52 10.71 14.36
N GLY D 154 -42.56 10.49 15.26
CA GLY D 154 -41.17 10.78 14.93
C GLY D 154 -40.66 9.94 13.78
N LEU D 155 -41.06 8.68 13.74
CA LEU D 155 -40.64 7.80 12.65
C LEU D 155 -41.26 8.27 11.34
N GLN D 156 -42.53 8.64 11.40
CA GLN D 156 -43.23 9.14 10.21
C GLN D 156 -42.54 10.40 9.71
N GLN D 157 -42.21 11.28 10.65
CA GLN D 157 -41.52 12.53 10.34
C GLN D 157 -40.17 12.25 9.69
N PHE D 158 -39.42 11.31 10.27
CA PHE D 158 -38.10 11.00 9.72
C PHE D 158 -38.14 10.48 8.29
N ALA D 159 -38.96 9.46 8.02
CA ALA D 159 -39.04 8.90 6.68
C ALA D 159 -39.48 9.97 5.68
N SER D 160 -40.45 10.78 6.09
CA SER D 160 -40.97 11.82 5.22
C SER D 160 -39.93 12.91 4.95
N GLU D 161 -39.10 13.21 5.95
CA GLU D 161 -38.06 14.21 5.79
C GLU D 161 -37.00 13.74 4.82
N VAL D 162 -36.64 12.46 4.89
CA VAL D 162 -35.65 11.93 3.96
C VAL D 162 -36.21 11.99 2.54
N PHE D 163 -37.48 11.59 2.40
CA PHE D 163 -38.11 11.63 1.08
C PHE D 163 -38.10 13.06 0.56
N LYS D 164 -38.41 14.01 1.43
CA LYS D 164 -38.42 15.42 1.04
C LYS D 164 -37.03 15.81 0.51
N ALA D 165 -35.99 15.34 1.19
CA ALA D 165 -34.62 15.65 0.80
C ALA D 165 -34.24 15.03 -0.54
N MET D 166 -34.92 13.95 -0.92
CA MET D 166 -34.62 13.29 -2.20
C MET D 166 -35.10 14.14 -3.37
N ASN D 167 -36.03 15.05 -3.09
CA ASN D 167 -36.55 15.93 -4.12
C ASN D 167 -37.07 15.15 -5.34
N ILE D 168 -37.99 14.23 -5.05
CA ILE D 168 -38.62 13.40 -6.06
C ILE D 168 -40.06 13.88 -6.13
N PRO D 169 -40.57 14.13 -7.34
CA PRO D 169 -41.94 14.61 -7.51
C PRO D 169 -42.98 13.50 -7.47
N GLN D 170 -44.24 13.88 -7.25
CA GLN D 170 -45.33 12.92 -7.26
C GLN D 170 -45.76 12.82 -8.71
N ILE D 171 -46.22 11.66 -9.14
CA ILE D 171 -46.67 11.51 -10.52
C ILE D 171 -48.07 10.93 -10.58
N ARG D 172 -48.67 11.08 -11.75
CA ARG D 172 -50.01 10.58 -12.04
C ARG D 172 -49.92 9.06 -11.95
N ASN D 173 -50.98 8.41 -11.49
CA ASN D 173 -50.97 6.96 -11.38
C ASN D 173 -50.63 6.32 -12.73
N PRO D 174 -49.56 5.51 -12.77
CA PRO D 174 -49.10 4.83 -13.98
C PRO D 174 -50.13 3.94 -14.67
N CYS D 175 -51.08 3.43 -13.89
CA CYS D 175 -52.12 2.55 -14.42
C CYS D 175 -53.32 3.29 -15.01
N LEU D 176 -53.35 4.61 -14.86
CA LEU D 176 -54.46 5.40 -15.40
C LEU D 176 -54.29 5.58 -16.90
N PRO D 177 -55.41 5.65 -17.64
CA PRO D 177 -55.31 5.84 -19.08
C PRO D 177 -54.63 7.18 -19.34
N SER D 178 -54.12 7.39 -20.55
CA SER D 178 -53.47 8.66 -20.86
C SER D 178 -54.49 9.76 -20.63
N GLN D 179 -54.01 10.96 -20.33
CA GLN D 179 -54.90 12.09 -20.07
C GLN D 179 -55.91 12.33 -21.18
N GLU D 180 -55.51 12.08 -22.42
CA GLU D 180 -56.39 12.28 -23.57
C GLU D 180 -57.46 11.20 -23.70
N LYS D 181 -57.19 10.03 -23.12
CA LYS D 181 -58.13 8.92 -23.19
C LYS D 181 -59.10 8.86 -22.02
N MET D 182 -58.98 9.81 -21.10
CA MET D 182 -59.86 9.84 -19.95
C MET D 182 -61.27 10.26 -20.33
N PRO D 183 -62.29 9.62 -19.73
CA PRO D 183 -63.68 9.98 -20.04
C PRO D 183 -63.94 11.46 -19.75
N GLU D 184 -64.91 12.04 -20.45
CA GLU D 184 -65.25 13.45 -20.27
C GLU D 184 -65.50 13.83 -18.81
N ALA D 185 -66.09 12.91 -18.05
CA ALA D 185 -66.42 13.15 -16.65
C ALA D 185 -65.24 13.66 -15.82
N TYR D 186 -64.04 13.21 -16.14
CA TYR D 186 -62.87 13.63 -15.36
C TYR D 186 -62.43 15.06 -15.64
N SER D 187 -63.06 15.71 -16.61
CA SER D 187 -62.73 17.10 -16.91
C SER D 187 -63.71 18.03 -16.21
N ALA D 188 -64.60 17.45 -15.42
CA ALA D 188 -65.60 18.23 -14.69
C ALA D 188 -64.92 19.28 -13.80
N LYS D 189 -65.40 20.52 -13.87
CA LYS D 189 -64.82 21.60 -13.07
C LYS D 189 -65.13 21.37 -11.59
N ILE D 190 -64.08 21.28 -10.78
CA ILE D 190 -64.23 21.06 -9.36
C ILE D 190 -63.64 22.23 -8.58
N ALA D 191 -64.37 22.67 -7.57
CA ALA D 191 -63.93 23.78 -6.74
C ALA D 191 -63.83 23.40 -5.28
N LEU D 192 -62.79 23.87 -4.62
CA LEU D 192 -62.60 23.63 -3.19
C LEU D 192 -62.37 25.00 -2.57
N LEU D 193 -62.95 25.23 -1.40
CA LEU D 193 -62.82 26.51 -0.72
C LEU D 193 -61.92 26.35 0.51
N GLY D 194 -60.83 27.12 0.53
CA GLY D 194 -59.90 27.06 1.64
C GLY D 194 -58.74 26.13 1.33
N ALA D 195 -57.51 26.64 1.44
CA ALA D 195 -56.33 25.83 1.15
C ALA D 195 -55.69 25.27 2.42
N GLY D 196 -56.49 24.59 3.23
CA GLY D 196 -55.98 23.99 4.44
C GLY D 196 -55.89 22.48 4.28
N PRO D 197 -55.52 21.75 5.34
CA PRO D 197 -55.40 20.30 5.32
C PRO D 197 -56.55 19.54 4.64
N ALA D 198 -57.79 19.92 4.98
CA ALA D 198 -58.96 19.25 4.40
C ALA D 198 -59.01 19.35 2.88
N SER D 199 -58.91 20.56 2.34
CA SER D 199 -58.96 20.76 0.90
C SER D 199 -57.74 20.20 0.17
N ILE D 200 -56.57 20.36 0.78
CA ILE D 200 -55.35 19.85 0.17
C ILE D 200 -55.48 18.34 0.02
N SER D 201 -56.02 17.69 1.06
CA SER D 201 -56.20 16.26 1.02
C SER D 201 -57.23 15.87 -0.04
N CYS D 202 -58.40 16.51 0.01
CA CYS D 202 -59.47 16.22 -0.95
C CYS D 202 -59.00 16.39 -2.39
N ALA D 203 -58.39 17.55 -2.67
CA ALA D 203 -57.91 17.84 -4.00
C ALA D 203 -56.87 16.82 -4.46
N SER D 204 -56.00 16.41 -3.55
CA SER D 204 -54.96 15.43 -3.86
C SER D 204 -55.57 14.10 -4.32
N PHE D 205 -56.51 13.58 -3.53
CA PHE D 205 -57.12 12.31 -3.90
C PHE D 205 -57.94 12.40 -5.18
N LEU D 206 -58.63 13.52 -5.39
CA LEU D 206 -59.40 13.68 -6.62
C LEU D 206 -58.45 13.67 -7.82
N ALA D 207 -57.29 14.31 -7.66
CA ALA D 207 -56.31 14.37 -8.73
C ALA D 207 -55.79 12.95 -9.00
N ARG D 208 -55.59 12.18 -7.94
CA ARG D 208 -55.11 10.80 -8.08
C ARG D 208 -56.08 9.98 -8.93
N LEU D 209 -57.37 10.24 -8.75
CA LEU D 209 -58.41 9.53 -9.50
C LEU D 209 -58.44 9.92 -10.97
N GLY D 210 -57.78 11.02 -11.31
CA GLY D 210 -57.74 11.44 -12.70
C GLY D 210 -58.42 12.75 -13.05
N TYR D 211 -59.04 13.41 -12.08
CA TYR D 211 -59.69 14.68 -12.37
C TYR D 211 -58.64 15.72 -12.74
N SER D 212 -58.85 16.37 -13.88
CA SER D 212 -57.91 17.34 -14.43
C SER D 212 -58.23 18.82 -14.29
N ASP D 213 -59.34 19.16 -13.67
CA ASP D 213 -59.70 20.56 -13.51
C ASP D 213 -60.14 20.81 -12.07
N ILE D 214 -59.14 20.90 -11.19
CA ILE D 214 -59.38 21.10 -9.76
C ILE D 214 -58.78 22.43 -9.32
N THR D 215 -59.60 23.26 -8.68
CA THR D 215 -59.13 24.56 -8.22
C THR D 215 -59.50 24.81 -6.77
N ILE D 216 -58.50 25.22 -5.99
CA ILE D 216 -58.70 25.56 -4.59
C ILE D 216 -58.70 27.07 -4.51
N PHE D 217 -59.77 27.65 -3.97
CA PHE D 217 -59.86 29.10 -3.83
C PHE D 217 -59.56 29.43 -2.37
N GLU D 218 -58.45 30.14 -2.16
CA GLU D 218 -58.00 30.53 -0.82
C GLU D 218 -58.18 32.02 -0.55
N LYS D 219 -58.77 32.34 0.60
CA LYS D 219 -59.01 33.71 1.00
C LYS D 219 -57.73 34.52 1.18
N GLN D 220 -56.79 33.97 1.92
CA GLN D 220 -55.53 34.64 2.20
C GLN D 220 -54.53 34.60 1.05
N GLU D 221 -53.40 35.27 1.24
CA GLU D 221 -52.34 35.33 0.24
C GLU D 221 -51.41 34.12 0.43
N TYR D 222 -51.56 33.44 1.55
CA TYR D 222 -50.73 32.28 1.85
C TYR D 222 -51.58 31.02 1.84
N VAL D 223 -50.92 29.86 1.73
CA VAL D 223 -51.61 28.59 1.68
C VAL D 223 -51.18 27.68 2.83
N GLY D 224 -52.01 26.68 3.12
CA GLY D 224 -51.68 25.73 4.18
C GLY D 224 -52.62 25.80 5.37
N GLY D 225 -53.48 26.81 5.43
CA GLY D 225 -54.39 26.92 6.55
C GLY D 225 -53.70 27.15 7.87
N LEU D 226 -54.24 26.58 8.95
CA LEU D 226 -53.65 26.76 10.27
C LEU D 226 -52.23 26.23 10.39
N SER D 227 -51.88 25.25 9.55
CA SER D 227 -50.52 24.70 9.57
C SER D 227 -49.53 25.82 9.30
N THR D 228 -49.98 26.81 8.54
CA THR D 228 -49.16 27.94 8.17
C THR D 228 -49.40 29.17 9.04
N SER D 229 -50.67 29.56 9.18
CA SER D 229 -51.00 30.76 9.94
C SER D 229 -50.90 30.73 11.46
N GLU D 230 -51.02 29.56 12.08
CA GLU D 230 -50.97 29.52 13.54
C GLU D 230 -50.04 28.54 14.25
N ILE D 231 -49.94 27.31 13.75
CA ILE D 231 -49.04 26.36 14.40
C ILE D 231 -47.62 26.95 14.35
N PRO D 232 -46.96 27.05 15.51
CA PRO D 232 -45.59 27.61 15.59
C PRO D 232 -44.53 26.94 14.75
N GLN D 233 -43.61 27.78 14.24
CA GLN D 233 -42.49 27.33 13.42
C GLN D 233 -41.63 26.36 14.23
N PHE D 234 -41.60 26.52 15.55
CA PHE D 234 -40.78 25.64 16.39
C PHE D 234 -41.41 24.26 16.60
N ARG D 235 -42.58 24.05 16.02
CA ARG D 235 -43.24 22.75 16.07
C ARG D 235 -43.41 22.24 14.64
N LEU D 236 -43.78 23.14 13.73
CA LEU D 236 -43.97 22.77 12.33
C LEU D 236 -43.33 23.78 11.38
N PRO D 237 -42.15 23.46 10.85
CA PRO D 237 -41.45 24.36 9.92
C PRO D 237 -42.29 24.61 8.67
N TYR D 238 -42.38 25.86 8.24
CA TYR D 238 -43.16 26.18 7.06
C TYR D 238 -42.73 25.42 5.81
N ASP D 239 -41.44 25.11 5.71
CA ASP D 239 -40.95 24.40 4.53
C ASP D 239 -41.64 23.05 4.36
N VAL D 240 -42.17 22.50 5.46
CA VAL D 240 -42.87 21.22 5.42
C VAL D 240 -44.18 21.41 4.66
N VAL D 241 -44.88 22.49 4.99
CA VAL D 241 -46.16 22.80 4.36
C VAL D 241 -45.95 23.01 2.87
N ASN D 242 -44.93 23.79 2.51
CA ASN D 242 -44.63 24.07 1.11
C ASN D 242 -44.34 22.79 0.34
N PHE D 243 -43.61 21.88 0.98
CA PHE D 243 -43.27 20.60 0.38
C PHE D 243 -44.52 19.79 0.02
N GLU D 244 -45.44 19.68 0.97
CA GLU D 244 -46.66 18.91 0.73
C GLU D 244 -47.57 19.56 -0.30
N ILE D 245 -47.59 20.89 -0.33
CA ILE D 245 -48.42 21.59 -1.31
C ILE D 245 -47.84 21.42 -2.71
N GLU D 246 -46.52 21.45 -2.83
CA GLU D 246 -45.90 21.27 -4.14
C GLU D 246 -46.15 19.85 -4.65
N LEU D 247 -46.20 18.88 -3.75
CA LEU D 247 -46.46 17.51 -4.15
C LEU D 247 -47.85 17.44 -4.78
N MET D 248 -48.80 18.14 -4.16
CA MET D 248 -50.16 18.17 -4.66
C MET D 248 -50.21 18.85 -6.01
N LYS D 249 -49.47 19.94 -6.15
CA LYS D 249 -49.44 20.67 -7.42
C LYS D 249 -48.84 19.82 -8.53
N ASP D 250 -48.04 18.83 -8.18
CA ASP D 250 -47.45 17.95 -9.20
C ASP D 250 -48.57 17.22 -9.94
N LEU D 251 -49.73 17.10 -9.30
CA LEU D 251 -50.86 16.41 -9.91
C LEU D 251 -51.79 17.35 -10.69
N GLY D 252 -51.39 18.60 -10.84
CA GLY D 252 -52.20 19.55 -11.59
C GLY D 252 -53.19 20.41 -10.83
N VAL D 253 -53.32 20.19 -9.53
CA VAL D 253 -54.24 20.98 -8.72
C VAL D 253 -53.82 22.44 -8.75
N LYS D 254 -54.78 23.33 -8.99
CA LYS D 254 -54.53 24.76 -9.06
C LYS D 254 -54.97 25.45 -7.77
N ILE D 255 -54.24 26.48 -7.37
CA ILE D 255 -54.60 27.23 -6.19
C ILE D 255 -54.65 28.71 -6.54
N ILE D 256 -55.77 29.36 -6.22
CA ILE D 256 -55.94 30.78 -6.50
C ILE D 256 -56.17 31.48 -5.16
N CYS D 257 -55.20 32.31 -4.76
CA CYS D 257 -55.32 33.05 -3.51
C CYS D 257 -56.04 34.38 -3.71
N GLY D 258 -56.47 34.98 -2.60
CA GLY D 258 -57.16 36.25 -2.68
C GLY D 258 -58.62 36.09 -3.13
N LYS D 259 -59.12 34.86 -3.04
CA LYS D 259 -60.49 34.56 -3.44
C LYS D 259 -61.26 34.01 -2.23
N SER D 260 -62.33 34.69 -1.86
CA SER D 260 -63.12 34.28 -0.70
C SER D 260 -64.54 33.78 -0.98
N LEU D 261 -64.95 32.79 -0.20
CA LEU D 261 -66.30 32.26 -0.27
C LEU D 261 -67.04 33.26 0.60
N SER D 262 -67.79 34.14 -0.03
CA SER D 262 -68.53 35.16 0.71
C SER D 262 -69.56 35.79 -0.19
N GLU D 263 -70.66 36.22 0.42
CA GLU D 263 -71.70 36.89 -0.34
C GLU D 263 -71.03 38.07 -1.02
N ASN D 264 -71.31 38.22 -2.31
CA ASN D 264 -70.75 39.28 -3.14
C ASN D 264 -69.35 38.96 -3.69
N GLU D 265 -68.87 37.76 -3.39
CA GLU D 265 -67.58 37.27 -3.88
C GLU D 265 -67.88 35.87 -4.42
N ILE D 266 -67.23 34.84 -3.91
CA ILE D 266 -67.56 33.50 -4.41
C ILE D 266 -68.67 32.85 -3.57
N THR D 267 -69.69 32.36 -4.24
CA THR D 267 -70.79 31.69 -3.54
C THR D 267 -71.14 30.37 -4.23
N LEU D 268 -71.89 29.51 -3.57
CA LEU D 268 -72.26 28.25 -4.18
C LEU D 268 -73.05 28.52 -5.45
N ASN D 269 -73.85 29.59 -5.44
CA ASN D 269 -74.64 29.95 -6.61
C ASN D 269 -73.78 30.42 -7.78
N THR D 270 -72.76 31.23 -7.50
CA THR D 270 -71.89 31.70 -8.58
C THR D 270 -71.09 30.53 -9.15
N LEU D 271 -70.68 29.61 -8.27
CA LEU D 271 -69.91 28.46 -8.73
C LEU D 271 -70.78 27.60 -9.66
N LYS D 272 -72.03 27.38 -9.26
CA LYS D 272 -72.95 26.58 -10.06
C LYS D 272 -73.18 27.27 -11.40
N GLU D 273 -73.37 28.59 -11.34
CA GLU D 273 -73.61 29.40 -12.53
C GLU D 273 -72.43 29.31 -13.50
N GLU D 274 -71.23 29.23 -12.94
CA GLU D 274 -70.01 29.16 -13.74
C GLU D 274 -69.69 27.78 -14.31
N GLY D 275 -70.53 26.80 -13.99
CA GLY D 275 -70.30 25.46 -14.52
C GLY D 275 -69.58 24.46 -13.63
N TYR D 276 -69.29 24.83 -12.39
CA TYR D 276 -68.62 23.88 -11.51
C TYR D 276 -69.57 22.74 -11.19
N LYS D 277 -69.06 21.51 -11.24
CA LYS D 277 -69.89 20.34 -11.01
C LYS D 277 -69.91 19.84 -9.56
N ALA D 278 -68.89 20.21 -8.80
CA ALA D 278 -68.81 19.80 -7.41
C ALA D 278 -67.99 20.81 -6.63
N ALA D 279 -68.31 20.95 -5.34
CA ALA D 279 -67.61 21.87 -4.47
C ALA D 279 -67.35 21.25 -3.10
N PHE D 280 -66.14 21.50 -2.57
CA PHE D 280 -65.78 20.99 -1.26
C PHE D 280 -65.50 22.21 -0.38
N ILE D 281 -66.21 22.29 0.75
CA ILE D 281 -66.04 23.40 1.68
C ILE D 281 -65.05 23.01 2.77
N GLY D 282 -63.87 23.66 2.75
CA GLY D 282 -62.85 23.37 3.74
C GLY D 282 -62.24 24.66 4.29
N ILE D 283 -63.11 25.60 4.64
CA ILE D 283 -62.67 26.90 5.14
C ILE D 283 -62.38 26.96 6.64
N GLY D 284 -62.52 25.83 7.33
CA GLY D 284 -62.26 25.81 8.76
C GLY D 284 -63.15 26.73 9.56
N LEU D 285 -62.64 27.20 10.70
CA LEU D 285 -63.38 28.11 11.58
C LEU D 285 -62.56 29.40 11.60
N PRO D 286 -62.86 30.32 10.66
CA PRO D 286 -62.19 31.61 10.49
C PRO D 286 -62.18 32.67 11.59
N GLU D 287 -63.14 32.62 12.51
CA GLU D 287 -63.21 33.63 13.57
C GLU D 287 -62.87 33.12 14.97
N PRO D 288 -62.34 34.02 15.83
CA PRO D 288 -61.99 33.63 17.19
C PRO D 288 -63.22 33.61 18.09
N LYS D 289 -63.20 32.73 19.08
CA LYS D 289 -64.29 32.63 20.04
C LYS D 289 -64.01 33.80 20.97
N THR D 290 -64.97 34.71 21.09
CA THR D 290 -64.77 35.90 21.92
C THR D 290 -65.57 35.96 23.21
N ASP D 291 -65.11 36.82 24.12
CA ASP D 291 -65.77 37.02 25.40
C ASP D 291 -66.15 38.50 25.50
N ASP D 292 -67.38 38.74 25.92
CA ASP D 292 -67.93 40.09 26.06
C ASP D 292 -67.06 41.08 26.86
N ILE D 293 -66.38 40.59 27.90
CA ILE D 293 -65.55 41.44 28.74
C ILE D 293 -64.33 42.06 28.03
N PHE D 294 -63.97 41.50 26.87
CA PHE D 294 -62.82 42.00 26.13
C PHE D 294 -63.19 42.97 25.02
N GLN D 295 -64.48 43.27 24.93
CA GLN D 295 -64.98 44.19 23.90
C GLN D 295 -64.27 45.54 23.93
N GLY D 296 -63.86 46.01 22.76
CA GLY D 296 -63.19 47.29 22.67
C GLY D 296 -61.68 47.31 22.90
N LEU D 297 -61.15 46.28 23.54
CA LEU D 297 -59.72 46.22 23.81
C LEU D 297 -58.92 46.09 22.50
N THR D 298 -57.83 46.85 22.42
CA THR D 298 -56.99 46.86 21.23
C THR D 298 -55.62 46.25 21.50
N GLN D 299 -54.90 45.96 20.43
CA GLN D 299 -53.56 45.39 20.54
C GLN D 299 -52.62 46.39 21.19
N ASP D 300 -52.82 47.67 20.92
CA ASP D 300 -51.96 48.70 21.51
C ASP D 300 -52.12 48.67 23.02
N GLN D 301 -53.33 48.35 23.48
CA GLN D 301 -53.59 48.27 24.92
C GLN D 301 -52.99 46.98 25.47
N GLY D 302 -52.73 46.03 24.58
CA GLY D 302 -52.15 44.77 25.00
C GLY D 302 -53.05 43.56 24.87
N PHE D 303 -54.19 43.71 24.20
CA PHE D 303 -55.12 42.59 24.03
C PHE D 303 -55.07 41.97 22.63
N TYR D 304 -55.04 40.64 22.60
CA TYR D 304 -55.03 39.89 21.34
C TYR D 304 -55.90 38.65 21.46
N THR D 305 -56.42 38.20 20.33
CA THR D 305 -57.17 36.95 20.31
C THR D 305 -56.11 36.09 19.65
N SER D 306 -56.21 34.77 19.77
CA SER D 306 -55.23 33.90 19.15
C SER D 306 -55.17 34.14 17.64
N LYS D 307 -56.32 34.50 17.06
CA LYS D 307 -56.42 34.75 15.63
C LYS D 307 -55.64 35.99 15.19
N ASP D 308 -55.37 36.88 16.14
CA ASP D 308 -54.60 38.09 15.85
C ASP D 308 -53.12 37.81 16.09
N PHE D 309 -52.85 37.26 17.27
CA PHE D 309 -51.49 36.97 17.71
C PHE D 309 -50.68 35.92 16.97
N LEU D 310 -51.17 34.70 16.90
CA LEU D 310 -50.40 33.65 16.24
C LEU D 310 -50.00 33.96 14.80
N PRO D 311 -50.92 34.54 13.99
CA PRO D 311 -50.53 34.84 12.61
C PRO D 311 -49.40 35.88 12.56
N LEU D 312 -49.37 36.79 13.52
CA LEU D 312 -48.32 37.81 13.57
C LEU D 312 -46.97 37.15 13.78
N VAL D 313 -46.92 36.20 14.72
CA VAL D 313 -45.68 35.49 15.01
C VAL D 313 -45.28 34.60 13.83
N ALA D 314 -46.26 33.96 13.21
CA ALA D 314 -46.00 33.09 12.07
C ALA D 314 -45.40 33.86 10.90
N LYS D 315 -46.02 34.98 10.55
CA LYS D 315 -45.53 35.81 9.44
C LYS D 315 -44.12 36.30 9.67
N SER D 316 -43.77 36.50 10.93
CA SER D 316 -42.44 36.98 11.30
C SER D 316 -41.37 35.89 11.35
N SER D 317 -41.80 34.67 11.68
CA SER D 317 -40.86 33.56 11.82
C SER D 317 -40.85 32.56 10.67
N LYS D 318 -41.80 32.66 9.76
CA LYS D 318 -41.85 31.71 8.65
C LYS D 318 -41.48 32.35 7.31
N ALA D 319 -40.22 32.21 6.94
CA ALA D 319 -39.74 32.75 5.68
C ALA D 319 -40.41 32.03 4.53
N GLY D 320 -41.08 32.80 3.66
CA GLY D 320 -41.76 32.20 2.53
C GLY D 320 -43.27 32.26 2.68
N MET D 321 -43.74 32.42 3.90
CA MET D 321 -45.18 32.49 4.16
C MET D 321 -45.84 33.74 3.61
N CYS D 322 -45.48 34.88 4.19
CA CYS D 322 -46.05 36.16 3.82
C CYS D 322 -45.19 36.91 2.81
N ALA D 323 -45.82 37.82 2.05
CA ALA D 323 -45.11 38.61 1.06
C ALA D 323 -44.33 39.71 1.78
N CYS D 324 -44.77 40.02 2.99
CA CYS D 324 -44.13 41.06 3.79
C CYS D 324 -43.35 40.45 4.95
N HIS D 325 -42.09 40.85 5.08
CA HIS D 325 -41.27 40.37 6.18
C HIS D 325 -41.69 41.24 7.36
N SER D 326 -41.44 40.78 8.57
CA SER D 326 -41.82 41.57 9.72
C SER D 326 -41.17 41.09 10.98
N PRO D 327 -40.83 42.03 11.87
CA PRO D 327 -40.21 41.60 13.11
C PRO D 327 -41.34 40.95 13.90
N LEU D 328 -41.03 40.58 15.13
CA LEU D 328 -41.99 39.92 15.99
C LEU D 328 -42.77 40.90 16.84
N PRO D 329 -44.00 40.51 17.23
CA PRO D 329 -44.79 41.42 18.06
C PRO D 329 -43.97 41.67 19.32
N SER D 330 -43.92 42.93 19.74
CA SER D 330 -43.16 43.28 20.94
C SER D 330 -44.00 43.01 22.18
N ILE D 331 -43.82 41.82 22.75
CA ILE D 331 -44.55 41.43 23.95
C ILE D 331 -43.63 41.62 25.15
N ARG D 332 -43.93 42.61 25.98
CA ARG D 332 -43.11 42.89 27.15
C ARG D 332 -43.91 42.77 28.45
N GLY D 333 -43.27 42.19 29.47
CA GLY D 333 -43.94 42.05 30.76
C GLY D 333 -44.59 40.71 30.99
N ALA D 334 -45.63 40.71 31.82
CA ALA D 334 -46.37 39.50 32.16
C ALA D 334 -47.50 39.28 31.15
N VAL D 335 -47.63 38.05 30.68
CA VAL D 335 -48.65 37.71 29.71
C VAL D 335 -49.66 36.72 30.26
N ILE D 336 -50.94 36.99 30.01
CA ILE D 336 -52.00 36.11 30.45
C ILE D 336 -52.61 35.46 29.22
N VAL D 337 -52.59 34.13 29.19
CA VAL D 337 -53.18 33.39 28.06
C VAL D 337 -54.40 32.66 28.63
N LEU D 338 -55.56 32.91 28.02
CA LEU D 338 -56.80 32.29 28.46
C LEU D 338 -57.18 31.12 27.57
N GLY D 339 -57.23 29.92 28.14
CA GLY D 339 -57.58 28.76 27.35
C GLY D 339 -56.86 27.52 27.83
N ALA D 340 -57.31 26.34 27.39
CA ALA D 340 -56.70 25.09 27.81
C ALA D 340 -56.50 24.10 26.67
N GLY D 341 -56.58 24.59 25.43
CA GLY D 341 -56.38 23.71 24.28
C GLY D 341 -55.06 24.00 23.59
N ASP D 342 -54.83 23.39 22.42
CA ASP D 342 -53.59 23.62 21.68
C ASP D 342 -53.35 25.10 21.41
N THR D 343 -54.43 25.82 21.11
CA THR D 343 -54.31 27.25 20.83
C THR D 343 -53.67 28.00 22.00
N ALA D 344 -54.16 27.75 23.21
CA ALA D 344 -53.62 28.41 24.39
C ALA D 344 -52.15 28.09 24.61
N PHE D 345 -51.79 26.81 24.53
CA PHE D 345 -50.40 26.45 24.75
C PHE D 345 -49.45 27.01 23.70
N ASP D 346 -49.89 27.12 22.45
CA ASP D 346 -49.04 27.67 21.41
C ASP D 346 -48.90 29.17 21.59
N CYS D 347 -49.93 29.81 22.15
CA CYS D 347 -49.87 31.25 22.40
C CYS D 347 -48.86 31.50 23.52
N ALA D 348 -48.88 30.65 24.53
CA ALA D 348 -47.97 30.77 25.66
C ALA D 348 -46.50 30.64 25.25
N THR D 349 -46.18 29.57 24.54
CA THR D 349 -44.81 29.35 24.09
C THR D 349 -44.38 30.42 23.09
N SER D 350 -45.30 30.84 22.22
CA SER D 350 -44.99 31.87 21.24
C SER D 350 -44.74 33.21 21.90
N ALA D 351 -45.47 33.49 22.98
CA ALA D 351 -45.31 34.74 23.71
C ALA D 351 -43.87 34.87 24.20
N LEU D 352 -43.28 33.76 24.60
CA LEU D 352 -41.91 33.77 25.08
C LEU D 352 -40.94 34.17 23.95
N ARG D 353 -41.23 33.75 22.73
CA ARG D 353 -40.37 34.10 21.59
C ARG D 353 -40.46 35.58 21.28
N CYS D 354 -41.55 36.21 21.72
CA CYS D 354 -41.75 37.62 21.47
C CYS D 354 -41.12 38.50 22.54
N GLY D 355 -40.54 37.87 23.56
CA GLY D 355 -39.90 38.61 24.63
C GLY D 355 -40.62 38.68 25.95
N ALA D 356 -41.69 37.90 26.11
CA ALA D 356 -42.43 37.91 27.36
C ALA D 356 -41.55 37.55 28.55
N ARG D 357 -41.72 38.26 29.65
CA ARG D 357 -40.93 38.00 30.85
C ARG D 357 -41.51 36.81 31.61
N ARG D 358 -42.83 36.73 31.62
CA ARG D 358 -43.51 35.65 32.32
C ARG D 358 -44.84 35.36 31.64
N VAL D 359 -45.26 34.09 31.65
CA VAL D 359 -46.52 33.72 31.03
C VAL D 359 -47.41 32.93 31.97
N PHE D 360 -48.68 33.31 32.02
CA PHE D 360 -49.65 32.62 32.87
C PHE D 360 -50.74 32.01 31.99
N LEU D 361 -50.93 30.71 32.13
CA LEU D 361 -51.99 30.03 31.39
C LEU D 361 -53.13 29.93 32.39
N VAL D 362 -54.24 30.60 32.11
CA VAL D 362 -55.39 30.61 33.00
C VAL D 362 -56.53 29.73 32.48
N PHE D 363 -56.95 28.77 33.30
CA PHE D 363 -58.00 27.84 32.94
C PHE D 363 -59.29 28.07 33.73
N ARG D 364 -60.42 27.91 33.07
CA ARG D 364 -61.72 28.07 33.71
C ARG D 364 -61.97 26.86 34.61
N LYS D 365 -61.36 25.74 34.26
CA LYS D 365 -61.52 24.51 35.02
C LYS D 365 -60.21 24.09 35.68
N GLY D 366 -60.10 22.81 36.04
CA GLY D 366 -58.89 22.34 36.69
C GLY D 366 -57.85 21.80 35.73
N PHE D 367 -56.70 21.43 36.29
CA PHE D 367 -55.61 20.89 35.49
C PHE D 367 -56.06 19.59 34.85
N VAL D 368 -56.86 18.82 35.58
CA VAL D 368 -57.37 17.55 35.12
C VAL D 368 -58.21 17.75 33.85
N ASN D 369 -58.76 18.95 33.69
CA ASN D 369 -59.62 19.23 32.53
C ASN D 369 -58.92 19.81 31.32
N ILE D 370 -57.59 19.94 31.37
CA ILE D 370 -56.86 20.49 30.23
C ILE D 370 -57.23 19.68 28.98
N ARG D 371 -57.47 20.38 27.88
CA ARG D 371 -57.87 19.73 26.64
C ARG D 371 -56.71 19.27 25.77
N ALA D 372 -55.60 20.00 25.79
CA ALA D 372 -54.44 19.64 24.99
C ALA D 372 -53.81 18.36 25.53
N VAL D 373 -53.23 17.55 24.64
CA VAL D 373 -52.61 16.31 25.09
C VAL D 373 -51.40 16.64 25.95
N PRO D 374 -51.04 15.73 26.87
CA PRO D 374 -49.89 15.97 27.74
C PRO D 374 -48.60 16.39 27.05
N GLU D 375 -48.38 15.89 25.83
CA GLU D 375 -47.17 16.25 25.09
C GLU D 375 -47.14 17.73 24.72
N GLU D 376 -48.31 18.30 24.41
CA GLU D 376 -48.37 19.71 24.07
C GLU D 376 -48.20 20.53 25.36
N VAL D 377 -48.86 20.09 26.44
CA VAL D 377 -48.76 20.76 27.74
C VAL D 377 -47.31 20.81 28.22
N GLU D 378 -46.58 19.71 27.99
CA GLU D 378 -45.19 19.61 28.42
C GLU D 378 -44.29 20.70 27.85
N LEU D 379 -44.56 21.13 26.62
CA LEU D 379 -43.73 22.17 25.99
C LEU D 379 -43.84 23.49 26.76
N ALA D 380 -45.04 23.84 27.19
CA ALA D 380 -45.25 25.08 27.93
C ALA D 380 -44.69 24.92 29.34
N LYS D 381 -44.92 23.75 29.91
CA LYS D 381 -44.46 23.44 31.26
C LYS D 381 -42.93 23.49 31.38
N GLU D 382 -42.23 22.90 30.41
CA GLU D 382 -40.78 22.88 30.45
C GLU D 382 -40.17 24.27 30.25
N GLU D 383 -40.95 25.18 29.67
CA GLU D 383 -40.48 26.54 29.43
C GLU D 383 -40.92 27.48 30.56
N LYS D 384 -41.29 26.86 31.68
CA LYS D 384 -41.69 27.57 32.89
C LYS D 384 -42.95 28.44 32.85
N CYS D 385 -43.93 28.06 32.04
CA CYS D 385 -45.17 28.83 32.01
C CYS D 385 -45.89 28.43 33.29
N GLU D 386 -46.56 29.39 33.92
CA GLU D 386 -47.29 29.09 35.15
C GLU D 386 -48.75 28.83 34.80
N PHE D 387 -49.34 27.85 35.45
CA PHE D 387 -50.73 27.52 35.18
C PHE D 387 -51.61 27.86 36.37
N LEU D 388 -52.71 28.57 36.10
CA LEU D 388 -53.65 28.97 37.14
C LEU D 388 -55.03 28.40 36.82
N PRO D 389 -55.44 27.35 37.55
CA PRO D 389 -56.74 26.68 37.35
C PRO D 389 -57.93 27.34 38.07
N PHE D 390 -59.12 26.87 37.70
CA PHE D 390 -60.38 27.34 38.26
C PHE D 390 -60.48 28.86 38.25
N LEU D 391 -60.35 29.43 37.06
CA LEU D 391 -60.37 30.86 36.87
C LEU D 391 -61.25 31.35 35.73
N SER D 392 -62.09 32.34 36.03
CA SER D 392 -62.99 32.92 35.04
C SER D 392 -62.79 34.44 35.04
N PRO D 393 -62.38 35.00 33.89
CA PRO D 393 -62.17 36.45 33.79
C PRO D 393 -63.43 37.28 33.93
N ARG D 394 -63.31 38.44 34.56
CA ARG D 394 -64.46 39.31 34.73
C ARG D 394 -64.20 40.75 34.33
N LYS D 395 -62.97 41.21 34.51
CA LYS D 395 -62.64 42.59 34.16
C LYS D 395 -61.19 42.76 33.76
N VAL D 396 -60.97 43.65 32.81
CA VAL D 396 -59.64 43.97 32.33
C VAL D 396 -59.39 45.38 32.81
N ILE D 397 -58.53 45.52 33.82
CA ILE D 397 -58.21 46.82 34.36
C ILE D 397 -57.29 47.55 33.39
N VAL D 398 -57.78 48.65 32.84
CA VAL D 398 -57.00 49.44 31.90
C VAL D 398 -56.73 50.81 32.50
N LYS D 399 -55.45 51.17 32.57
CA LYS D 399 -55.03 52.45 33.12
C LYS D 399 -54.03 53.10 32.18
N GLY D 400 -54.24 54.37 31.89
CA GLY D 400 -53.33 55.07 31.00
C GLY D 400 -53.28 54.46 29.61
N GLY D 401 -54.40 53.87 29.19
CA GLY D 401 -54.46 53.26 27.88
C GLY D 401 -53.75 51.92 27.77
N ARG D 402 -53.47 51.29 28.90
CA ARG D 402 -52.78 50.01 28.90
C ARG D 402 -53.37 49.04 29.93
N ILE D 403 -53.44 47.77 29.55
CA ILE D 403 -53.94 46.76 30.47
C ILE D 403 -52.90 46.69 31.59
N VAL D 404 -53.35 46.67 32.84
CA VAL D 404 -52.43 46.59 33.95
C VAL D 404 -52.72 45.36 34.79
N ALA D 405 -53.89 44.77 34.55
CA ALA D 405 -54.29 43.60 35.29
C ALA D 405 -55.62 43.05 34.81
N VAL D 406 -55.91 41.83 35.21
CA VAL D 406 -57.17 41.20 34.86
C VAL D 406 -57.75 40.66 36.15
N GLN D 407 -59.02 40.96 36.39
CA GLN D 407 -59.69 40.50 37.60
C GLN D 407 -60.51 39.27 37.25
N PHE D 408 -60.33 38.20 38.03
CA PHE D 408 -61.08 36.97 37.80
C PHE D 408 -61.91 36.58 39.02
N VAL D 409 -62.76 35.58 38.85
CA VAL D 409 -63.58 35.03 39.94
C VAL D 409 -63.30 33.53 39.96
N ARG D 410 -63.33 32.95 41.14
CA ARG D 410 -63.09 31.52 41.30
C ARG D 410 -64.21 30.67 40.70
N THR D 411 -63.85 29.48 40.22
CA THR D 411 -64.84 28.59 39.66
C THR D 411 -64.84 27.29 40.47
N GLU D 412 -65.97 26.60 40.48
CA GLU D 412 -66.14 25.35 41.22
C GLU D 412 -67.04 24.37 40.48
N GLN D 413 -67.01 23.13 40.92
CA GLN D 413 -67.87 22.11 40.33
C GLN D 413 -68.67 21.50 41.49
N ASP D 414 -69.99 21.47 41.34
CA ASP D 414 -70.82 20.86 42.38
C ASP D 414 -71.16 19.45 41.93
N GLU D 415 -71.85 18.70 42.78
CA GLU D 415 -72.20 17.32 42.49
C GLU D 415 -72.90 17.03 41.15
N THR D 416 -74.20 17.30 41.08
CA THR D 416 -74.99 17.05 39.88
C THR D 416 -74.33 17.25 38.53
N GLY D 417 -73.28 18.06 38.47
CA GLY D 417 -72.61 18.30 37.21
C GLY D 417 -72.87 19.70 36.72
N LYS D 418 -72.07 20.64 37.20
CA LYS D 418 -72.22 22.03 36.80
C LYS D 418 -71.07 22.87 37.35
N TRP D 419 -70.60 23.79 36.51
CA TRP D 419 -69.53 24.68 36.92
C TRP D 419 -70.11 26.01 37.35
N ASN D 420 -69.80 26.42 38.57
CA ASN D 420 -70.30 27.68 39.11
C ASN D 420 -69.17 28.65 39.38
N GLU D 421 -69.49 29.94 39.45
CA GLU D 421 -68.51 30.97 39.70
C GLU D 421 -68.76 31.60 41.07
N ASP D 422 -67.70 31.72 41.87
CA ASP D 422 -67.80 32.31 43.20
C ASP D 422 -67.45 33.79 43.16
N GLU D 423 -68.48 34.63 43.19
CA GLU D 423 -68.34 36.09 43.13
C GLU D 423 -67.56 36.74 44.26
N ASP D 424 -67.64 36.15 45.46
CA ASP D 424 -66.96 36.70 46.62
C ASP D 424 -65.48 36.30 46.68
N GLN D 425 -65.10 35.40 45.78
CA GLN D 425 -63.73 34.91 45.72
C GLN D 425 -63.10 35.40 44.41
N ILE D 426 -62.33 36.47 44.49
CA ILE D 426 -61.71 37.06 43.31
C ILE D 426 -60.19 37.08 43.31
N VAL D 427 -59.63 37.32 42.12
CA VAL D 427 -58.19 37.40 41.93
C VAL D 427 -57.84 38.59 41.05
N HIS D 428 -56.85 39.36 41.49
CA HIS D 428 -56.39 40.54 40.75
C HIS D 428 -54.98 40.23 40.24
N LEU D 429 -54.91 39.68 39.04
CA LEU D 429 -53.64 39.28 38.44
C LEU D 429 -53.02 40.36 37.56
N LYS D 430 -51.84 40.84 37.95
CA LYS D 430 -51.13 41.85 37.18
C LYS D 430 -50.69 41.25 35.85
N ALA D 431 -50.83 42.04 34.78
CA ALA D 431 -50.46 41.59 33.46
C ALA D 431 -50.35 42.77 32.52
N ASP D 432 -49.51 42.65 31.50
CA ASP D 432 -49.33 43.71 30.52
C ASP D 432 -49.93 43.32 29.18
N VAL D 433 -50.10 42.02 28.98
CA VAL D 433 -50.66 41.50 27.74
C VAL D 433 -51.66 40.38 28.04
N VAL D 434 -52.76 40.38 27.31
CA VAL D 434 -53.79 39.36 27.48
C VAL D 434 -54.09 38.75 26.12
N ILE D 435 -54.02 37.43 26.02
CA ILE D 435 -54.30 36.74 24.78
C ILE D 435 -55.42 35.73 24.99
N SER D 436 -56.56 35.95 24.35
CA SER D 436 -57.68 35.02 24.51
C SER D 436 -57.48 33.88 23.52
N ALA D 437 -57.52 32.66 24.03
CA ALA D 437 -57.32 31.48 23.20
C ALA D 437 -58.41 30.44 23.50
N PHE D 438 -59.66 30.90 23.49
CA PHE D 438 -60.80 30.04 23.77
C PHE D 438 -61.15 29.10 22.62
N GLY D 439 -60.64 29.41 21.43
CA GLY D 439 -60.93 28.58 20.28
C GLY D 439 -61.43 29.41 19.11
N SER D 440 -62.06 28.76 18.15
CA SER D 440 -62.57 29.45 16.96
C SER D 440 -63.98 29.03 16.59
N VAL D 441 -64.60 29.82 15.72
CA VAL D 441 -65.97 29.57 15.28
C VAL D 441 -66.19 30.18 13.89
N LEU D 442 -67.37 29.94 13.35
CA LEU D 442 -67.74 30.50 12.05
C LEU D 442 -68.92 31.41 12.38
N ARG D 443 -68.74 32.72 12.18
CA ARG D 443 -69.82 33.65 12.51
C ARG D 443 -70.16 34.63 11.39
N ASP D 444 -69.18 34.93 10.54
CA ASP D 444 -69.39 35.87 9.45
C ASP D 444 -70.68 35.55 8.68
N PRO D 445 -71.70 36.42 8.81
CA PRO D 445 -72.96 36.17 8.10
C PRO D 445 -72.81 36.13 6.58
N LYS D 446 -71.85 36.88 6.06
CA LYS D 446 -71.63 36.91 4.61
C LYS D 446 -71.09 35.58 4.10
N VAL D 447 -70.31 34.90 4.92
CA VAL D 447 -69.76 33.60 4.53
C VAL D 447 -70.86 32.54 4.63
N LYS D 448 -71.66 32.61 5.68
CA LYS D 448 -72.75 31.66 5.86
C LYS D 448 -73.75 31.80 4.72
N GLU D 449 -74.05 33.05 4.35
CA GLU D 449 -75.01 33.29 3.27
C GLU D 449 -74.47 32.76 1.94
N ALA D 450 -73.15 32.76 1.78
CA ALA D 450 -72.53 32.28 0.56
C ALA D 450 -72.73 30.77 0.40
N LEU D 451 -73.09 30.11 1.50
CA LEU D 451 -73.30 28.67 1.49
C LEU D 451 -74.77 28.29 1.26
N SER D 452 -75.59 29.28 0.95
CA SER D 452 -77.00 29.02 0.69
C SER D 452 -77.11 28.05 -0.50
N PRO D 453 -78.05 27.11 -0.46
CA PRO D 453 -79.02 26.88 0.60
C PRO D 453 -78.77 25.64 1.45
N ILE D 454 -77.51 25.27 1.66
CA ILE D 454 -77.24 24.06 2.45
C ILE D 454 -77.72 24.20 3.88
N LYS D 455 -78.14 23.08 4.46
CA LYS D 455 -78.64 23.07 5.82
C LYS D 455 -77.53 23.17 6.87
N PHE D 456 -77.81 23.92 7.92
CA PHE D 456 -76.88 24.09 9.04
C PHE D 456 -77.50 23.42 10.25
N ASN D 457 -76.68 22.86 11.12
CA ASN D 457 -77.18 22.18 12.32
C ASN D 457 -77.31 23.13 13.52
N ARG D 458 -77.63 22.55 14.67
CA ARG D 458 -77.81 23.32 15.91
C ARG D 458 -76.58 24.14 16.26
N TRP D 459 -75.42 23.64 15.90
CA TRP D 459 -74.16 24.31 16.18
C TRP D 459 -73.85 25.38 15.13
N ASP D 460 -74.84 25.62 14.26
CA ASP D 460 -74.73 26.60 13.20
C ASP D 460 -73.53 26.34 12.30
N LEU D 461 -73.32 25.06 12.00
CA LEU D 461 -72.25 24.64 11.12
C LEU D 461 -72.85 23.83 9.98
N PRO D 462 -72.19 23.77 8.83
CA PRO D 462 -72.72 22.99 7.70
C PRO D 462 -72.97 21.54 8.11
N GLU D 463 -74.18 21.05 7.86
CA GLU D 463 -74.51 19.68 8.20
C GLU D 463 -74.08 18.74 7.08
N VAL D 464 -73.40 17.65 7.45
CA VAL D 464 -72.97 16.68 6.46
C VAL D 464 -73.21 15.25 6.92
N ASP D 465 -73.32 14.35 5.95
CA ASP D 465 -73.49 12.94 6.25
C ASP D 465 -72.09 12.52 6.69
N PRO D 466 -71.96 11.97 7.92
CA PRO D 466 -70.66 11.54 8.44
C PRO D 466 -69.91 10.52 7.61
N GLU D 467 -70.60 9.81 6.73
CA GLU D 467 -69.95 8.81 5.90
C GLU D 467 -69.52 9.34 4.54
N THR D 468 -70.36 10.18 3.93
CA THR D 468 -70.08 10.71 2.61
C THR D 468 -69.54 12.14 2.58
N MET D 469 -69.70 12.86 3.69
CA MET D 469 -69.24 14.24 3.81
C MET D 469 -70.07 15.15 2.90
N GLN D 470 -71.21 14.66 2.47
CA GLN D 470 -72.11 15.40 1.59
C GLN D 470 -73.07 16.28 2.38
N THR D 471 -73.26 17.52 1.93
CA THR D 471 -74.19 18.44 2.59
C THR D 471 -75.60 18.15 2.06
N SER D 472 -76.55 19.01 2.40
CA SER D 472 -77.93 18.82 1.94
C SER D 472 -78.03 18.99 0.42
N GLU D 473 -77.04 19.66 -0.16
CA GLU D 473 -76.98 19.84 -1.62
C GLU D 473 -76.04 18.75 -2.11
N PRO D 474 -76.53 17.82 -2.94
CA PRO D 474 -75.72 16.72 -3.46
C PRO D 474 -74.38 17.02 -4.12
N TRP D 475 -74.22 18.21 -4.70
CA TRP D 475 -72.97 18.54 -5.37
C TRP D 475 -71.98 19.25 -4.44
N VAL D 476 -72.39 19.49 -3.21
CA VAL D 476 -71.54 20.19 -2.24
C VAL D 476 -71.18 19.31 -1.05
N PHE D 477 -69.88 19.25 -0.76
CA PHE D 477 -69.38 18.46 0.35
C PHE D 477 -68.60 19.37 1.28
N ALA D 478 -68.28 18.88 2.47
CA ALA D 478 -67.52 19.68 3.44
C ALA D 478 -66.70 18.79 4.35
N GLY D 479 -65.63 19.34 4.89
CA GLY D 479 -64.77 18.57 5.77
C GLY D 479 -63.81 19.45 6.53
N GLY D 480 -63.20 18.90 7.57
CA GLY D 480 -62.26 19.66 8.37
C GLY D 480 -62.93 20.34 9.54
N ASP D 481 -62.25 21.35 10.10
CA ASP D 481 -62.79 22.07 11.24
C ASP D 481 -64.22 22.61 11.04
N ILE D 482 -64.55 23.00 9.81
CA ILE D 482 -65.86 23.55 9.52
C ILE D 482 -67.02 22.62 9.87
N VAL D 483 -66.76 21.31 9.84
CA VAL D 483 -67.79 20.32 10.16
C VAL D 483 -68.00 20.24 11.67
N GLY D 484 -66.99 20.67 12.43
CA GLY D 484 -67.09 20.66 13.88
C GLY D 484 -67.05 19.32 14.60
N MET D 485 -66.56 18.29 13.92
CA MET D 485 -66.50 16.97 14.56
C MET D 485 -65.17 16.74 15.28
N ALA D 486 -64.10 17.24 14.69
CA ALA D 486 -62.78 17.08 15.27
C ALA D 486 -61.93 18.32 15.09
N ASN D 487 -60.79 18.34 15.77
CA ASN D 487 -59.87 19.47 15.69
C ASN D 487 -58.41 19.02 15.56
N THR D 488 -58.12 18.17 14.59
CA THR D 488 -56.75 17.74 14.35
C THR D 488 -56.46 17.78 12.87
N THR D 489 -55.20 17.95 12.53
CA THR D 489 -54.79 17.99 11.14
C THR D 489 -55.11 16.66 10.45
N VAL D 490 -54.81 15.56 11.12
CA VAL D 490 -55.05 14.24 10.51
C VAL D 490 -56.53 13.94 10.27
N GLU D 491 -57.41 14.37 11.18
CA GLU D 491 -58.83 14.14 10.98
C GLU D 491 -59.36 15.02 9.86
N SER D 492 -58.76 16.21 9.70
CA SER D 492 -59.18 17.11 8.64
C SER D 492 -58.73 16.49 7.31
N VAL D 493 -57.52 15.95 7.29
CA VAL D 493 -57.00 15.29 6.11
C VAL D 493 -57.91 14.11 5.76
N ASN D 494 -58.34 13.37 6.78
CA ASN D 494 -59.21 12.23 6.53
C ASN D 494 -60.56 12.65 6.00
N ASP D 495 -61.08 13.78 6.48
CA ASP D 495 -62.37 14.28 6.00
C ASP D 495 -62.29 14.54 4.50
N GLY D 496 -61.18 15.14 4.06
CA GLY D 496 -61.02 15.43 2.64
C GLY D 496 -60.88 14.15 1.84
N LYS D 497 -60.20 13.18 2.43
CA LYS D 497 -59.98 11.88 1.82
C LYS D 497 -61.31 11.18 1.63
N GLN D 498 -62.09 11.14 2.71
CA GLN D 498 -63.41 10.50 2.72
C GLN D 498 -64.30 11.17 1.67
N ALA D 499 -64.30 12.49 1.65
CA ALA D 499 -65.12 13.24 0.71
C ALA D 499 -64.76 12.98 -0.74
N SER D 500 -63.47 12.87 -1.03
CA SER D 500 -63.01 12.65 -2.40
C SER D 500 -63.67 11.46 -3.09
N TRP D 501 -63.84 10.36 -2.37
CA TRP D 501 -64.47 9.19 -2.97
C TRP D 501 -65.91 9.45 -3.36
N TYR D 502 -66.66 10.09 -2.47
CA TYR D 502 -68.06 10.36 -2.75
C TYR D 502 -68.29 11.50 -3.73
N ILE D 503 -67.31 12.39 -3.84
CA ILE D 503 -67.40 13.48 -4.82
C ILE D 503 -67.24 12.78 -6.17
N HIS D 504 -66.28 11.86 -6.21
CA HIS D 504 -65.98 11.07 -7.41
C HIS D 504 -67.24 10.32 -7.84
N LYS D 505 -67.87 9.63 -6.88
CA LYS D 505 -69.08 8.88 -7.16
C LYS D 505 -70.16 9.80 -7.71
N TYR D 506 -70.35 10.94 -7.06
CA TYR D 506 -71.36 11.90 -7.49
C TYR D 506 -71.12 12.41 -8.92
N ILE D 507 -69.90 12.86 -9.19
CA ILE D 507 -69.56 13.38 -10.51
C ILE D 507 -69.74 12.33 -11.59
N GLN D 508 -69.23 11.12 -11.34
CA GLN D 508 -69.36 10.05 -12.32
C GLN D 508 -70.83 9.80 -12.64
N ALA D 509 -71.67 9.78 -11.61
CA ALA D 509 -73.10 9.55 -11.79
C ALA D 509 -73.74 10.65 -12.64
N GLN D 510 -73.30 11.88 -12.45
CA GLN D 510 -73.83 13.00 -13.22
C GLN D 510 -73.52 12.82 -14.71
N TYR D 511 -72.44 12.10 -14.99
CA TYR D 511 -72.04 11.85 -16.37
C TYR D 511 -72.50 10.46 -16.84
N GLY D 512 -73.39 9.85 -16.06
CA GLY D 512 -73.93 8.56 -16.42
C GLY D 512 -73.00 7.37 -16.25
N ALA D 513 -72.03 7.50 -15.36
CA ALA D 513 -71.08 6.41 -15.12
C ALA D 513 -71.19 5.91 -13.69
N SER D 514 -70.98 4.61 -13.50
CA SER D 514 -71.04 4.01 -12.18
C SER D 514 -69.63 3.86 -11.63
N VAL D 515 -69.53 3.56 -10.34
CA VAL D 515 -68.24 3.36 -9.70
C VAL D 515 -68.33 2.10 -8.85
N SER D 516 -67.19 1.49 -8.56
CA SER D 516 -67.14 0.28 -7.76
C SER D 516 -67.86 0.46 -6.43
N ALA D 517 -68.52 -0.59 -5.96
CA ALA D 517 -69.23 -0.54 -4.69
C ALA D 517 -68.20 -0.41 -3.58
N LYS D 518 -67.02 -0.97 -3.81
CA LYS D 518 -65.94 -0.90 -2.84
C LYS D 518 -65.02 0.27 -3.18
N PRO D 519 -64.83 1.19 -2.23
CA PRO D 519 -63.96 2.37 -2.43
C PRO D 519 -62.58 1.99 -2.95
N GLU D 520 -62.09 2.72 -3.94
CA GLU D 520 -60.78 2.44 -4.51
C GLU D 520 -59.92 3.69 -4.70
N LEU D 521 -59.58 4.37 -3.62
CA LEU D 521 -58.73 5.55 -3.72
C LEU D 521 -57.33 5.08 -4.08
N PRO D 522 -56.69 5.73 -5.06
CA PRO D 522 -55.33 5.36 -5.51
C PRO D 522 -54.25 5.62 -4.48
N LEU D 523 -53.15 4.90 -4.61
CA LEU D 523 -52.01 5.06 -3.72
C LEU D 523 -51.20 6.26 -4.21
N PHE D 524 -50.08 6.53 -3.55
CA PHE D 524 -49.19 7.64 -3.88
C PHE D 524 -48.07 7.08 -4.76
N TYR D 525 -47.79 7.75 -5.88
CA TYR D 525 -46.74 7.30 -6.80
C TYR D 525 -45.71 8.37 -7.16
N THR D 526 -44.51 7.91 -7.52
CA THR D 526 -43.42 8.79 -7.94
C THR D 526 -42.68 8.07 -9.06
N PRO D 527 -41.73 8.74 -9.74
CA PRO D 527 -40.98 8.10 -10.83
C PRO D 527 -40.21 6.86 -10.39
N VAL D 528 -39.92 6.77 -9.11
CA VAL D 528 -39.19 5.61 -8.58
C VAL D 528 -39.97 4.33 -8.86
N ASP D 529 -41.29 4.43 -8.81
CA ASP D 529 -42.16 3.28 -9.04
C ASP D 529 -42.09 2.71 -10.46
N LEU D 530 -41.55 3.48 -11.39
CA LEU D 530 -41.44 3.04 -12.78
C LEU D 530 -40.15 2.28 -13.04
N VAL D 531 -39.24 2.27 -12.06
CA VAL D 531 -37.96 1.59 -12.21
C VAL D 531 -38.15 0.10 -12.41
N ASP D 532 -37.46 -0.45 -13.41
CA ASP D 532 -37.54 -1.87 -13.74
C ASP D 532 -36.55 -2.67 -12.91
N ILE D 533 -37.05 -3.61 -12.11
CA ILE D 533 -36.16 -4.45 -11.31
C ILE D 533 -36.21 -5.91 -11.73
N SER D 534 -36.52 -6.15 -13.00
CA SER D 534 -36.55 -7.52 -13.50
C SER D 534 -35.12 -7.93 -13.81
N VAL D 535 -34.89 -9.24 -13.89
CA VAL D 535 -33.56 -9.75 -14.18
C VAL D 535 -33.68 -11.10 -14.84
N GLU D 536 -32.74 -11.40 -15.74
CA GLU D 536 -32.74 -12.69 -16.42
C GLU D 536 -31.54 -13.49 -15.93
N MET D 537 -31.76 -14.77 -15.68
CA MET D 537 -30.68 -15.64 -15.21
C MET D 537 -30.92 -17.07 -15.69
N ALA D 538 -29.88 -17.65 -16.29
CA ALA D 538 -29.96 -19.02 -16.79
C ALA D 538 -31.16 -19.20 -17.73
N GLY D 539 -31.43 -18.18 -18.53
CA GLY D 539 -32.53 -18.25 -19.48
C GLY D 539 -33.91 -18.02 -18.88
N LEU D 540 -33.96 -17.80 -17.57
CA LEU D 540 -35.23 -17.56 -16.88
C LEU D 540 -35.44 -16.08 -16.64
N LYS D 541 -36.68 -15.63 -16.78
CA LYS D 541 -37.00 -14.22 -16.56
C LYS D 541 -37.70 -14.04 -15.21
N PHE D 542 -37.09 -13.24 -14.34
CA PHE D 542 -37.65 -12.97 -13.02
C PHE D 542 -38.23 -11.56 -13.02
N ILE D 543 -39.48 -11.41 -12.56
CA ILE D 543 -40.10 -10.08 -12.54
C ILE D 543 -39.41 -9.17 -11.53
N ASN D 544 -38.84 -9.77 -10.50
CA ASN D 544 -38.04 -9.06 -9.49
C ASN D 544 -37.09 -10.13 -8.96
N PRO D 545 -35.95 -9.72 -8.42
CA PRO D 545 -34.96 -10.67 -7.90
C PRO D 545 -35.20 -11.36 -6.57
N PHE D 546 -36.34 -11.09 -5.94
CA PHE D 546 -36.61 -11.68 -4.62
C PHE D 546 -37.46 -12.94 -4.66
N GLY D 547 -37.02 -13.95 -3.91
CA GLY D 547 -37.74 -15.20 -3.87
C GLY D 547 -37.65 -15.89 -2.53
N LEU D 548 -38.56 -16.83 -2.29
CA LEU D 548 -38.56 -17.58 -1.04
C LEU D 548 -37.62 -18.76 -1.16
N ALA D 549 -36.72 -18.90 -0.19
CA ALA D 549 -35.79 -20.02 -0.18
C ALA D 549 -36.58 -21.28 0.17
N SER D 550 -35.99 -22.44 -0.11
CA SER D 550 -36.60 -23.72 0.24
C SER D 550 -36.48 -23.71 1.76
N ALA D 551 -37.61 -23.61 2.46
CA ALA D 551 -37.57 -23.53 3.93
C ALA D 551 -38.96 -23.46 4.56
N ALA D 552 -39.04 -23.08 5.84
CA ALA D 552 -40.33 -23.01 6.56
C ALA D 552 -41.40 -22.15 5.85
N PRO D 553 -40.99 -21.04 5.20
CA PRO D 553 -41.96 -20.18 4.52
C PRO D 553 -42.55 -20.88 3.29
N THR D 554 -41.94 -21.99 2.88
CA THR D 554 -42.48 -22.73 1.74
C THR D 554 -42.88 -24.15 2.16
N THR D 555 -43.32 -24.26 3.41
CA THR D 555 -43.77 -25.53 3.98
C THR D 555 -44.92 -26.12 3.17
N SER D 556 -45.80 -25.25 2.69
CA SER D 556 -46.96 -25.68 1.90
C SER D 556 -47.06 -24.84 0.63
N SER D 557 -47.57 -25.44 -0.44
CA SER D 557 -47.72 -24.72 -1.70
C SER D 557 -48.74 -23.58 -1.58
N SER D 558 -49.68 -23.72 -0.65
CA SER D 558 -50.69 -22.68 -0.44
C SER D 558 -50.00 -21.40 0.04
N MET D 559 -48.87 -21.57 0.71
CA MET D 559 -48.12 -20.43 1.21
C MET D 559 -47.41 -19.76 0.04
N ILE D 560 -46.86 -20.57 -0.86
CA ILE D 560 -46.18 -20.03 -2.03
C ILE D 560 -47.20 -19.22 -2.86
N ARG D 561 -48.42 -19.72 -2.95
CA ARG D 561 -49.47 -19.03 -3.70
C ARG D 561 -49.67 -17.63 -3.13
N ARG D 562 -49.80 -17.54 -1.80
CA ARG D 562 -50.01 -16.25 -1.17
C ARG D 562 -48.77 -15.35 -1.33
N ALA D 563 -47.59 -15.95 -1.36
CA ALA D 563 -46.37 -15.18 -1.56
C ALA D 563 -46.37 -14.57 -2.96
N PHE D 564 -46.80 -15.34 -3.96
CA PHE D 564 -46.86 -14.82 -5.32
C PHE D 564 -47.93 -13.73 -5.40
N GLU D 565 -49.03 -13.92 -4.69
CA GLU D 565 -50.09 -12.92 -4.70
C GLU D 565 -49.56 -11.63 -4.08
N ALA D 566 -48.64 -11.76 -3.12
CA ALA D 566 -48.04 -10.59 -2.46
C ALA D 566 -47.06 -9.90 -3.39
N GLY D 567 -46.50 -10.66 -4.34
CA GLY D 567 -45.57 -10.08 -5.29
C GLY D 567 -44.16 -10.67 -5.36
N TRP D 568 -43.90 -11.76 -4.65
CA TRP D 568 -42.58 -12.36 -4.69
C TRP D 568 -42.25 -12.82 -6.11
N GLY D 569 -41.03 -12.53 -6.55
CA GLY D 569 -40.61 -12.89 -7.90
C GLY D 569 -40.51 -14.38 -8.17
N PHE D 570 -40.06 -15.15 -7.18
CA PHE D 570 -39.95 -16.58 -7.36
C PHE D 570 -40.02 -17.30 -6.03
N ALA D 571 -40.07 -18.62 -6.06
CA ALA D 571 -40.13 -19.40 -4.84
C ALA D 571 -39.62 -20.79 -5.06
N LEU D 572 -39.02 -21.34 -4.01
CA LEU D 572 -38.50 -22.70 -4.01
C LEU D 572 -39.51 -23.53 -3.23
N THR D 573 -39.70 -24.78 -3.62
CA THR D 573 -40.59 -25.64 -2.87
C THR D 573 -39.70 -26.11 -1.72
N LYS D 574 -40.31 -26.58 -0.63
CA LYS D 574 -39.51 -27.15 0.45
C LYS D 574 -38.90 -28.35 -0.25
N THR D 575 -37.70 -28.74 0.15
CA THR D 575 -37.05 -29.89 -0.49
C THR D 575 -37.89 -31.15 -0.34
N PHE D 576 -38.14 -31.85 -1.44
CA PHE D 576 -38.91 -33.08 -1.34
C PHE D 576 -38.14 -34.25 -1.96
N SER D 577 -38.58 -35.46 -1.64
CA SER D 577 -37.92 -36.65 -2.13
C SER D 577 -38.87 -37.75 -2.55
N LEU D 578 -38.31 -38.85 -3.03
CA LEU D 578 -39.10 -40.00 -3.46
C LEU D 578 -39.77 -40.60 -2.22
N ASP D 579 -40.85 -41.33 -2.42
CA ASP D 579 -41.58 -41.95 -1.31
C ASP D 579 -40.73 -42.77 -0.36
N LYS D 580 -39.76 -43.50 -0.89
CA LYS D 580 -38.91 -44.35 -0.06
C LYS D 580 -38.03 -43.57 0.91
N ASP D 581 -37.88 -42.27 0.67
CA ASP D 581 -37.07 -41.42 1.53
C ASP D 581 -37.90 -40.57 2.47
N ILE D 582 -39.15 -40.95 2.68
CA ILE D 582 -40.07 -40.24 3.56
C ILE D 582 -39.44 -40.03 4.94
N VAL D 583 -39.67 -38.86 5.52
CA VAL D 583 -39.13 -38.54 6.84
C VAL D 583 -40.20 -38.03 7.79
N THR D 584 -39.82 -37.92 9.07
CA THR D 584 -40.72 -37.44 10.12
C THR D 584 -39.93 -36.46 10.98
N ASN D 585 -40.40 -35.21 11.05
CA ASN D 585 -39.73 -34.21 11.85
C ASN D 585 -39.92 -34.44 13.34
N VAL D 586 -39.02 -33.85 14.13
CA VAL D 586 -39.10 -33.93 15.58
C VAL D 586 -39.49 -32.52 16.01
N SER D 587 -39.79 -32.35 17.29
CA SER D 587 -40.14 -31.04 17.83
C SER D 587 -39.69 -31.00 19.29
N PRO D 588 -39.21 -29.85 19.76
CA PRO D 588 -39.02 -28.58 19.04
C PRO D 588 -37.92 -28.69 17.98
N ARG D 589 -37.96 -27.85 16.94
CA ARG D 589 -36.93 -27.94 15.91
C ARG D 589 -36.43 -26.61 15.34
N ILE D 590 -37.08 -25.51 15.67
CA ILE D 590 -36.61 -24.21 15.18
C ILE D 590 -36.54 -23.28 16.37
N VAL D 591 -35.35 -22.75 16.65
CA VAL D 591 -35.18 -21.86 17.79
C VAL D 591 -34.56 -20.52 17.40
N ARG D 592 -34.76 -19.52 18.26
CA ARG D 592 -34.22 -18.19 18.00
C ARG D 592 -32.72 -18.20 18.22
N GLY D 593 -32.04 -17.25 17.59
CA GLY D 593 -30.61 -17.17 17.74
C GLY D 593 -30.23 -16.46 19.02
N THR D 594 -29.05 -16.79 19.54
CA THR D 594 -28.54 -16.18 20.77
C THR D 594 -27.35 -15.32 20.32
N THR D 595 -27.24 -15.16 19.02
CA THR D 595 -26.15 -14.42 18.39
C THR D 595 -26.08 -12.93 18.67
N SER D 596 -27.12 -12.35 19.23
CA SER D 596 -27.10 -10.92 19.56
C SER D 596 -27.65 -10.62 20.96
N GLY D 597 -27.48 -11.59 21.85
CA GLY D 597 -27.93 -11.41 23.22
C GLY D 597 -29.40 -11.65 23.50
N PRO D 598 -29.83 -11.40 24.74
CA PRO D 598 -31.21 -11.59 25.19
C PRO D 598 -32.18 -10.52 24.69
N MET D 599 -32.27 -10.39 23.36
CA MET D 599 -33.19 -9.44 22.75
C MET D 599 -34.25 -10.31 22.09
N TYR D 600 -35.49 -10.17 22.54
CA TYR D 600 -36.58 -10.97 22.00
C TYR D 600 -37.54 -10.17 21.14
N GLY D 601 -38.31 -10.88 20.33
CA GLY D 601 -39.27 -10.22 19.47
C GLY D 601 -38.78 -10.03 18.06
N PRO D 602 -39.07 -8.87 17.45
CA PRO D 602 -38.66 -8.59 16.08
C PRO D 602 -37.15 -8.60 15.84
N GLY D 603 -36.78 -8.88 14.60
CA GLY D 603 -35.39 -8.87 14.20
C GLY D 603 -34.42 -9.83 14.85
N GLN D 604 -34.81 -11.08 15.01
CA GLN D 604 -33.88 -12.06 15.57
C GLN D 604 -32.70 -12.10 14.61
N SER D 605 -31.48 -12.08 15.15
CA SER D 605 -30.29 -12.06 14.33
C SER D 605 -29.93 -13.39 13.67
N SER D 606 -30.66 -14.44 14.06
CA SER D 606 -30.46 -15.76 13.48
C SER D 606 -31.48 -16.72 14.06
N PHE D 607 -31.52 -17.92 13.47
CA PHE D 607 -32.37 -19.00 13.93
C PHE D 607 -31.51 -20.24 13.73
N LEU D 608 -31.85 -21.31 14.44
CA LEU D 608 -31.15 -22.58 14.25
C LEU D 608 -32.27 -23.58 14.07
N ASN D 609 -32.11 -24.49 13.13
CA ASN D 609 -33.14 -25.49 12.90
C ASN D 609 -32.55 -26.87 12.73
N ILE D 610 -33.32 -27.87 13.13
CA ILE D 610 -32.92 -29.27 12.96
C ILE D 610 -34.08 -29.91 12.20
N GLU D 611 -34.62 -29.14 11.25
CA GLU D 611 -35.72 -29.62 10.42
C GLU D 611 -35.17 -30.48 9.29
N LEU D 612 -36.00 -31.41 8.80
CA LEU D 612 -35.59 -32.29 7.72
C LEU D 612 -36.22 -31.79 6.42
N ILE D 613 -36.20 -32.63 5.39
CA ILE D 613 -36.82 -32.25 4.12
C ILE D 613 -38.32 -32.22 4.35
N SER D 614 -39.07 -31.84 3.33
CA SER D 614 -40.53 -31.77 3.46
C SER D 614 -41.15 -33.09 3.88
N GLU D 615 -42.17 -33.03 4.73
CA GLU D 615 -42.86 -34.23 5.16
C GLU D 615 -43.98 -34.52 4.16
N LYS D 616 -44.17 -33.62 3.19
CA LYS D 616 -45.18 -33.82 2.17
C LYS D 616 -44.58 -34.58 0.99
N THR D 617 -45.39 -35.42 0.35
CA THR D 617 -44.92 -36.26 -0.74
C THR D 617 -44.58 -35.55 -2.04
N ALA D 618 -43.81 -36.25 -2.88
CA ALA D 618 -43.40 -35.73 -4.18
C ALA D 618 -44.66 -35.51 -5.03
N ALA D 619 -45.66 -36.37 -4.84
CA ALA D 619 -46.92 -36.25 -5.58
C ALA D 619 -47.57 -34.91 -5.26
N TYR D 620 -47.59 -34.57 -3.97
CA TYR D 620 -48.18 -33.32 -3.52
C TYR D 620 -47.44 -32.14 -4.14
N TRP D 621 -46.12 -32.18 -4.05
CA TRP D 621 -45.31 -31.09 -4.59
C TRP D 621 -45.38 -30.93 -6.10
N CYS D 622 -45.37 -32.04 -6.82
CA CYS D 622 -45.43 -31.96 -8.27
C CYS D 622 -46.79 -31.43 -8.72
N GLN D 623 -47.87 -31.90 -8.09
CA GLN D 623 -49.18 -31.40 -8.47
C GLN D 623 -49.26 -29.92 -8.12
N SER D 624 -48.68 -29.56 -6.97
CA SER D 624 -48.67 -28.17 -6.52
C SER D 624 -47.92 -27.28 -7.51
N VAL D 625 -46.80 -27.77 -8.02
CA VAL D 625 -46.00 -27.01 -8.98
C VAL D 625 -46.83 -26.75 -10.24
N THR D 626 -47.53 -27.78 -10.71
CA THR D 626 -48.37 -27.64 -11.90
C THR D 626 -49.43 -26.57 -11.66
N GLU D 627 -50.05 -26.61 -10.48
CA GLU D 627 -51.07 -25.65 -10.11
C GLU D 627 -50.52 -24.22 -10.05
N LEU D 628 -49.39 -24.07 -9.35
CA LEU D 628 -48.76 -22.77 -9.21
C LEU D 628 -48.33 -22.17 -10.55
N LYS D 629 -47.75 -22.98 -11.42
CA LYS D 629 -47.31 -22.46 -12.71
C LYS D 629 -48.49 -22.14 -13.60
N ALA D 630 -49.61 -22.83 -13.39
CA ALA D 630 -50.80 -22.57 -14.19
C ALA D 630 -51.39 -21.21 -13.81
N ASP D 631 -51.41 -20.92 -12.52
CA ASP D 631 -51.98 -19.66 -12.03
C ASP D 631 -51.01 -18.48 -11.95
N PHE D 632 -49.71 -18.77 -11.91
CA PHE D 632 -48.69 -17.73 -11.84
C PHE D 632 -47.58 -18.03 -12.84
N PRO D 633 -47.93 -18.01 -14.12
CA PRO D 633 -46.99 -18.29 -15.21
C PRO D 633 -45.75 -17.38 -15.27
N ASP D 634 -45.84 -16.17 -14.72
CA ASP D 634 -44.70 -15.25 -14.74
C ASP D 634 -43.85 -15.31 -13.48
N ASN D 635 -44.33 -16.05 -12.48
CA ASN D 635 -43.57 -16.20 -11.25
C ASN D 635 -42.76 -17.48 -11.36
N ILE D 636 -41.46 -17.40 -11.13
CA ILE D 636 -40.61 -18.57 -11.26
C ILE D 636 -40.76 -19.55 -10.09
N VAL D 637 -40.96 -20.82 -10.42
CA VAL D 637 -41.09 -21.86 -9.40
C VAL D 637 -39.95 -22.84 -9.59
N ILE D 638 -39.15 -22.99 -8.54
CA ILE D 638 -38.01 -23.89 -8.58
C ILE D 638 -38.27 -25.06 -7.63
N ALA D 639 -38.20 -26.27 -8.14
CA ALA D 639 -38.43 -27.45 -7.32
C ALA D 639 -37.14 -27.89 -6.65
N SER D 640 -37.12 -27.90 -5.32
CA SER D 640 -35.94 -28.34 -4.59
C SER D 640 -36.12 -29.83 -4.32
N ILE D 641 -35.14 -30.63 -4.74
CA ILE D 641 -35.22 -32.07 -4.57
C ILE D 641 -33.97 -32.66 -3.95
N MET D 642 -34.12 -33.84 -3.35
CA MET D 642 -32.99 -34.52 -2.73
C MET D 642 -33.12 -36.03 -2.80
N CYS D 643 -32.01 -36.68 -3.11
CA CYS D 643 -31.94 -38.14 -3.20
C CYS D 643 -30.64 -38.55 -2.53
N SER D 644 -30.54 -39.84 -2.22
CA SER D 644 -29.32 -40.37 -1.63
C SER D 644 -28.37 -40.44 -2.82
N TYR D 645 -27.12 -40.85 -2.59
CA TYR D 645 -26.16 -40.93 -3.68
C TYR D 645 -26.49 -42.12 -4.57
N ASN D 646 -27.50 -41.94 -5.42
CA ASN D 646 -27.95 -42.99 -6.32
C ASN D 646 -28.39 -42.38 -7.66
N LYS D 647 -27.77 -42.81 -8.75
CA LYS D 647 -28.08 -42.27 -10.07
C LYS D 647 -29.55 -42.41 -10.49
N ASN D 648 -30.10 -43.61 -10.40
CA ASN D 648 -31.49 -43.82 -10.80
C ASN D 648 -32.46 -42.93 -10.02
N ASP D 649 -32.21 -42.76 -8.74
CA ASP D 649 -33.07 -41.91 -7.91
C ASP D 649 -33.06 -40.46 -8.36
N TRP D 650 -31.86 -39.89 -8.50
CA TRP D 650 -31.75 -38.50 -8.93
C TRP D 650 -32.40 -38.27 -10.29
N MET D 651 -32.22 -39.22 -11.21
CA MET D 651 -32.80 -39.07 -12.53
C MET D 651 -34.32 -39.19 -12.47
N GLU D 652 -34.81 -40.12 -11.65
CA GLU D 652 -36.25 -40.32 -11.52
C GLU D 652 -36.94 -39.10 -10.91
N LEU D 653 -36.42 -38.63 -9.78
CA LEU D 653 -37.01 -37.48 -9.11
C LEU D 653 -36.90 -36.19 -9.91
N SER D 654 -35.76 -35.96 -10.54
CA SER D 654 -35.59 -34.75 -11.33
C SER D 654 -36.56 -34.74 -12.51
N ARG D 655 -36.74 -35.88 -13.14
CA ARG D 655 -37.65 -35.97 -14.28
C ARG D 655 -39.09 -35.76 -13.83
N LYS D 656 -39.43 -36.24 -12.64
CA LYS D 656 -40.78 -36.09 -12.11
C LYS D 656 -41.05 -34.60 -11.89
N ALA D 657 -40.09 -33.90 -11.30
CA ALA D 657 -40.22 -32.47 -11.02
C ALA D 657 -40.30 -31.68 -12.32
N GLU D 658 -39.50 -32.06 -13.30
CA GLU D 658 -39.50 -31.37 -14.58
C GLU D 658 -40.87 -31.54 -15.26
N ALA D 659 -41.38 -32.76 -15.21
CA ALA D 659 -42.66 -33.06 -15.83
C ALA D 659 -43.82 -32.27 -15.23
N SER D 660 -43.66 -31.83 -13.98
CA SER D 660 -44.71 -31.08 -13.31
C SER D 660 -44.81 -29.64 -13.80
N GLY D 661 -43.79 -29.20 -14.53
CA GLY D 661 -43.79 -27.85 -15.06
C GLY D 661 -42.88 -26.86 -14.35
N ALA D 662 -42.03 -27.37 -13.46
CA ALA D 662 -41.09 -26.51 -12.74
C ALA D 662 -40.21 -25.76 -13.73
N ASP D 663 -39.93 -24.49 -13.44
CA ASP D 663 -39.07 -23.70 -14.31
C ASP D 663 -37.63 -24.16 -14.22
N ALA D 664 -37.26 -24.65 -13.04
CA ALA D 664 -35.91 -25.11 -12.78
C ALA D 664 -35.92 -26.02 -11.56
N LEU D 665 -34.76 -26.62 -11.28
CA LEU D 665 -34.64 -27.48 -10.13
C LEU D 665 -33.48 -26.96 -9.28
N GLU D 666 -33.55 -27.25 -7.98
CA GLU D 666 -32.48 -26.89 -7.07
C GLU D 666 -32.14 -28.20 -6.38
N LEU D 667 -30.87 -28.61 -6.46
CA LEU D 667 -30.47 -29.86 -5.86
C LEU D 667 -29.94 -29.64 -4.45
N ASN D 668 -30.64 -30.21 -3.46
CA ASN D 668 -30.22 -30.08 -2.07
C ASN D 668 -29.14 -31.13 -1.85
N LEU D 669 -27.94 -30.67 -1.52
CA LEU D 669 -26.81 -31.58 -1.31
C LEU D 669 -26.53 -31.92 0.15
N SER D 670 -27.58 -31.98 0.97
CA SER D 670 -27.43 -32.29 2.39
C SER D 670 -27.46 -33.75 2.76
N CYS D 671 -27.88 -34.62 1.85
CA CYS D 671 -27.95 -36.04 2.17
C CYS D 671 -26.60 -36.65 2.49
N PRO D 672 -26.51 -37.40 3.61
CA PRO D 672 -25.24 -38.03 3.95
C PRO D 672 -24.99 -39.12 2.93
N HIS D 673 -23.77 -39.22 2.44
CA HIS D 673 -23.47 -40.22 1.42
C HIS D 673 -23.10 -41.59 1.97
N GLY D 674 -22.66 -41.63 3.23
CA GLY D 674 -22.27 -42.88 3.84
C GLY D 674 -21.33 -43.71 2.97
N MET D 675 -20.52 -43.04 2.16
CA MET D 675 -19.56 -43.70 1.27
C MET D 675 -18.70 -44.72 2.00
N GLY D 676 -18.91 -45.99 1.68
CA GLY D 676 -18.15 -47.06 2.31
C GLY D 676 -16.65 -46.87 2.18
N GLU D 677 -16.20 -46.48 1.00
CA GLU D 677 -14.78 -46.24 0.77
C GLU D 677 -14.36 -44.98 1.52
N ARG D 678 -15.06 -43.87 1.25
CA ARG D 678 -14.84 -42.57 1.89
C ARG D 678 -15.13 -41.36 1.00
N GLY D 679 -15.64 -40.31 1.63
CA GLY D 679 -15.93 -39.09 0.91
C GLY D 679 -15.77 -37.99 1.93
N MET D 680 -15.35 -36.81 1.49
CA MET D 680 -15.15 -35.70 2.43
C MET D 680 -16.38 -35.36 3.26
N GLY D 681 -16.16 -35.08 4.54
CA GLY D 681 -17.26 -34.74 5.43
C GLY D 681 -18.25 -35.88 5.51
N LEU D 682 -19.52 -35.56 5.76
CA LEU D 682 -20.55 -36.59 5.83
C LEU D 682 -21.62 -36.39 4.76
N ALA D 683 -21.74 -35.15 4.26
CA ALA D 683 -22.74 -34.83 3.24
C ALA D 683 -22.17 -34.80 1.82
N CYS D 684 -23.01 -35.12 0.84
CA CYS D 684 -22.58 -35.11 -0.56
C CYS D 684 -22.05 -33.75 -0.97
N GLY D 685 -22.69 -32.70 -0.46
CA GLY D 685 -22.28 -31.35 -0.80
C GLY D 685 -20.91 -30.94 -0.29
N GLN D 686 -20.28 -31.80 0.50
CA GLN D 686 -18.95 -31.50 1.03
C GLN D 686 -17.85 -32.19 0.23
N ASP D 687 -18.24 -32.93 -0.81
CA ASP D 687 -17.28 -33.65 -1.64
C ASP D 687 -17.47 -33.30 -3.11
N PRO D 688 -16.47 -32.65 -3.73
CA PRO D 688 -16.56 -32.27 -5.14
C PRO D 688 -16.87 -33.42 -6.08
N GLU D 689 -16.35 -34.62 -5.78
CA GLU D 689 -16.60 -35.81 -6.59
C GLU D 689 -18.09 -36.07 -6.70
N LEU D 690 -18.69 -36.24 -5.53
CA LEU D 690 -20.10 -36.54 -5.42
C LEU D 690 -20.96 -35.49 -6.07
N VAL D 691 -20.64 -34.23 -5.83
CA VAL D 691 -21.40 -33.14 -6.41
C VAL D 691 -21.33 -33.17 -7.94
N ARG D 692 -20.13 -33.38 -8.47
CA ARG D 692 -19.98 -33.43 -9.91
C ARG D 692 -20.83 -34.54 -10.52
N ASN D 693 -20.80 -35.72 -9.91
CA ASN D 693 -21.57 -36.85 -10.42
C ASN D 693 -23.08 -36.62 -10.32
N ILE D 694 -23.53 -36.09 -9.18
CA ILE D 694 -24.94 -35.82 -8.99
C ILE D 694 -25.44 -34.88 -10.08
N CYS D 695 -24.69 -33.82 -10.34
CA CYS D 695 -25.08 -32.86 -11.36
C CYS D 695 -25.09 -33.52 -12.74
N ARG D 696 -24.18 -34.46 -12.97
CA ARG D 696 -24.12 -35.16 -14.24
C ARG D 696 -25.37 -35.98 -14.46
N TRP D 697 -25.79 -36.69 -13.42
CA TRP D 697 -26.98 -37.53 -13.49
C TRP D 697 -28.20 -36.68 -13.81
N VAL D 698 -28.33 -35.55 -13.13
CA VAL D 698 -29.47 -34.67 -13.35
C VAL D 698 -29.42 -34.03 -14.72
N ARG D 699 -28.24 -33.60 -15.15
CA ARG D 699 -28.08 -32.95 -16.45
C ARG D 699 -28.53 -33.85 -17.59
N GLN D 700 -28.24 -35.15 -17.49
CA GLN D 700 -28.62 -36.07 -18.55
C GLN D 700 -30.07 -36.53 -18.42
N ALA D 701 -30.70 -36.18 -17.30
CA ALA D 701 -32.09 -36.58 -17.06
C ALA D 701 -33.12 -35.52 -17.44
N VAL D 702 -32.77 -34.25 -17.28
CA VAL D 702 -33.70 -33.17 -17.60
C VAL D 702 -33.12 -32.11 -18.54
N GLN D 703 -34.01 -31.34 -19.17
CA GLN D 703 -33.59 -30.30 -20.09
C GLN D 703 -33.69 -28.91 -19.45
N ILE D 704 -34.52 -28.77 -18.42
CA ILE D 704 -34.67 -27.48 -17.75
C ILE D 704 -33.43 -27.16 -16.93
N PRO D 705 -33.22 -25.87 -16.58
CA PRO D 705 -32.06 -25.48 -15.79
C PRO D 705 -32.14 -26.05 -14.38
N PHE D 706 -30.98 -26.28 -13.77
CA PHE D 706 -30.94 -26.77 -12.40
C PHE D 706 -29.74 -26.14 -11.71
N PHE D 707 -29.90 -25.90 -10.42
CA PHE D 707 -28.84 -25.28 -9.64
C PHE D 707 -28.49 -26.15 -8.44
N ALA D 708 -27.19 -26.25 -8.14
CA ALA D 708 -26.76 -27.05 -7.01
C ALA D 708 -26.69 -26.15 -5.78
N LYS D 709 -27.37 -26.54 -4.70
CA LYS D 709 -27.34 -25.73 -3.50
C LYS D 709 -26.16 -26.17 -2.65
N LEU D 710 -25.21 -25.25 -2.51
CA LEU D 710 -23.98 -25.53 -1.78
C LEU D 710 -24.05 -25.29 -0.28
N THR D 711 -23.29 -26.08 0.46
CA THR D 711 -23.22 -25.93 1.90
C THR D 711 -21.98 -25.09 2.19
N PRO D 712 -22.07 -24.17 3.17
CA PRO D 712 -20.92 -23.34 3.51
C PRO D 712 -19.95 -24.08 4.42
N ASN D 713 -20.39 -25.25 4.89
CA ASN D 713 -19.60 -26.07 5.80
C ASN D 713 -18.54 -26.88 5.08
N VAL D 714 -17.67 -26.18 4.36
CA VAL D 714 -16.59 -26.81 3.62
C VAL D 714 -15.36 -25.92 3.62
N THR D 715 -14.21 -26.54 3.45
CA THR D 715 -12.94 -25.81 3.42
C THR D 715 -12.86 -24.90 2.21
N ASP D 716 -13.23 -25.42 1.05
CA ASP D 716 -13.16 -24.67 -0.20
C ASP D 716 -14.48 -24.77 -0.97
N ILE D 717 -15.38 -23.82 -0.77
CA ILE D 717 -16.67 -23.86 -1.45
C ILE D 717 -16.52 -23.69 -2.97
N VAL D 718 -15.47 -23.00 -3.40
CA VAL D 718 -15.25 -22.80 -4.83
C VAL D 718 -15.04 -24.15 -5.53
N SER D 719 -14.34 -25.07 -4.88
CA SER D 719 -14.10 -26.38 -5.47
C SER D 719 -15.41 -27.12 -5.69
N ILE D 720 -16.38 -26.90 -4.81
CA ILE D 720 -17.68 -27.55 -4.95
C ILE D 720 -18.47 -26.89 -6.07
N ALA D 721 -18.44 -25.56 -6.13
CA ALA D 721 -19.16 -24.83 -7.17
C ALA D 721 -18.58 -25.22 -8.54
N ARG D 722 -17.25 -25.33 -8.61
CA ARG D 722 -16.61 -25.71 -9.86
C ARG D 722 -17.02 -27.11 -10.29
N ALA D 723 -17.12 -28.02 -9.31
CA ALA D 723 -17.52 -29.38 -9.59
C ALA D 723 -18.94 -29.42 -10.15
N ALA D 724 -19.81 -28.58 -9.59
CA ALA D 724 -21.19 -28.52 -10.03
C ALA D 724 -21.24 -28.03 -11.48
N LYS D 725 -20.44 -27.02 -11.78
CA LYS D 725 -20.39 -26.46 -13.12
C LYS D 725 -19.87 -27.51 -14.10
N GLU D 726 -18.83 -28.23 -13.70
CA GLU D 726 -18.25 -29.26 -14.55
C GLU D 726 -19.26 -30.38 -14.76
N GLY D 727 -20.14 -30.58 -13.79
CA GLY D 727 -21.15 -31.62 -13.88
C GLY D 727 -22.33 -31.26 -14.75
N GLY D 728 -22.44 -29.98 -15.12
CA GLY D 728 -23.53 -29.55 -15.97
C GLY D 728 -24.53 -28.60 -15.35
N ALA D 729 -24.33 -28.24 -14.09
CA ALA D 729 -25.25 -27.34 -13.40
C ALA D 729 -25.30 -25.99 -14.13
N ASP D 730 -26.46 -25.35 -14.10
CA ASP D 730 -26.62 -24.06 -14.76
C ASP D 730 -26.30 -22.92 -13.81
N GLY D 731 -26.02 -23.26 -12.56
CA GLY D 731 -25.69 -22.27 -11.56
C GLY D 731 -25.65 -22.91 -10.19
N VAL D 732 -25.38 -22.09 -9.17
CA VAL D 732 -25.33 -22.60 -7.81
C VAL D 732 -26.05 -21.66 -6.86
N THR D 733 -26.58 -22.25 -5.80
CA THR D 733 -27.26 -21.50 -4.76
C THR D 733 -26.29 -21.51 -3.58
N ALA D 734 -25.88 -20.31 -3.18
CA ALA D 734 -24.95 -20.13 -2.08
C ALA D 734 -25.56 -19.17 -1.06
N THR D 735 -25.76 -19.65 0.17
CA THR D 735 -25.44 -21.05 0.53
C THR D 735 -26.49 -21.59 1.48
N ASN D 736 -26.36 -22.86 1.86
CA ASN D 736 -27.29 -23.44 2.82
C ASN D 736 -26.87 -22.93 4.21
N THR D 737 -27.51 -23.45 5.26
CA THR D 737 -27.19 -23.03 6.62
C THR D 737 -25.82 -23.47 7.13
N VAL D 738 -25.35 -22.77 8.15
CA VAL D 738 -24.06 -23.03 8.77
C VAL D 738 -24.26 -23.97 9.96
N SER D 739 -23.47 -25.04 10.01
CA SER D 739 -23.62 -25.99 11.10
C SER D 739 -23.24 -25.37 12.45
N GLY D 740 -24.09 -25.57 13.45
CA GLY D 740 -23.79 -25.02 14.76
C GLY D 740 -24.64 -25.54 15.89
N LEU D 741 -24.35 -25.05 17.10
CA LEU D 741 -25.07 -25.39 18.31
C LEU D 741 -25.40 -24.01 18.86
N MET D 742 -26.67 -23.67 18.94
CA MET D 742 -27.06 -22.34 19.40
C MET D 742 -26.78 -22.02 20.85
N GLY D 743 -26.81 -23.04 21.71
CA GLY D 743 -26.54 -22.77 23.11
C GLY D 743 -27.08 -23.81 24.06
N LEU D 744 -26.75 -23.63 25.33
CA LEU D 744 -27.17 -24.54 26.39
C LEU D 744 -27.71 -23.74 27.56
N LYS D 745 -28.64 -24.34 28.31
CA LYS D 745 -29.18 -23.68 29.48
C LYS D 745 -28.13 -23.85 30.57
N ALA D 746 -28.29 -23.14 31.69
CA ALA D 746 -27.33 -23.20 32.78
C ALA D 746 -27.13 -24.60 33.36
N ASP D 747 -28.13 -25.46 33.19
CA ASP D 747 -28.01 -26.83 33.71
C ASP D 747 -27.34 -27.77 32.73
N GLY D 748 -26.91 -27.24 31.59
CA GLY D 748 -26.23 -28.06 30.59
C GLY D 748 -27.10 -28.62 29.49
N THR D 749 -28.42 -28.51 29.63
CA THR D 749 -29.33 -29.03 28.62
C THR D 749 -29.38 -28.10 27.42
N PRO D 750 -29.51 -28.67 26.21
CA PRO D 750 -29.55 -27.87 24.98
C PRO D 750 -30.91 -27.30 24.61
N TRP D 751 -30.90 -26.45 23.59
CA TRP D 751 -32.12 -25.87 23.06
C TRP D 751 -31.84 -25.71 21.57
N PRO D 752 -32.64 -26.37 20.72
CA PRO D 752 -33.76 -27.23 21.08
C PRO D 752 -33.43 -28.50 21.85
N ALA D 753 -34.33 -28.89 22.74
CA ALA D 753 -34.19 -30.11 23.54
C ALA D 753 -35.36 -30.99 23.13
N VAL D 754 -35.06 -32.19 22.65
CA VAL D 754 -36.10 -33.11 22.17
C VAL D 754 -36.29 -34.33 23.05
N GLY D 755 -37.55 -34.61 23.39
CA GLY D 755 -37.88 -35.76 24.20
C GLY D 755 -37.52 -35.69 25.68
N ALA D 756 -37.86 -36.76 26.40
CA ALA D 756 -37.59 -36.84 27.83
C ALA D 756 -36.10 -36.73 28.10
N GLY D 757 -35.30 -37.20 27.16
CA GLY D 757 -33.85 -37.16 27.30
C GLY D 757 -33.25 -35.78 27.06
N LYS D 758 -34.09 -34.84 26.64
CA LYS D 758 -33.64 -33.47 26.38
C LYS D 758 -32.44 -33.49 25.45
N ARG D 759 -32.54 -34.27 24.38
CA ARG D 759 -31.45 -34.41 23.43
C ARG D 759 -31.51 -33.41 22.28
N THR D 760 -30.41 -33.30 21.57
CA THR D 760 -30.33 -32.42 20.42
C THR D 760 -29.24 -32.93 19.50
N THR D 761 -29.11 -32.27 18.35
CA THR D 761 -28.09 -32.61 17.38
C THR D 761 -27.71 -31.29 16.73
N TYR D 762 -26.57 -31.25 16.06
CA TYR D 762 -26.16 -30.01 15.40
C TYR D 762 -27.22 -29.56 14.40
N GLY D 763 -27.49 -28.26 14.40
CA GLY D 763 -28.49 -27.73 13.50
C GLY D 763 -27.88 -26.72 12.53
N GLY D 764 -28.75 -26.11 11.72
CA GLY D 764 -28.27 -25.15 10.76
C GLY D 764 -28.62 -23.74 11.20
N VAL D 765 -27.61 -22.88 11.21
CA VAL D 765 -27.80 -21.48 11.58
C VAL D 765 -28.14 -20.67 10.33
N SER D 766 -29.18 -19.85 10.43
CA SER D 766 -29.64 -19.01 9.32
C SER D 766 -29.78 -17.57 9.81
N GLY D 767 -30.03 -16.66 8.88
CA GLY D 767 -30.22 -15.27 9.28
C GLY D 767 -29.04 -14.34 9.09
N THR D 768 -29.19 -13.13 9.58
CA THR D 768 -28.14 -12.13 9.43
C THR D 768 -26.80 -12.53 10.03
N ALA D 769 -26.81 -13.39 11.05
CA ALA D 769 -25.56 -13.82 11.68
C ALA D 769 -24.63 -14.56 10.71
N ILE D 770 -25.20 -15.19 9.69
CA ILE D 770 -24.37 -15.91 8.72
C ILE D 770 -24.16 -15.13 7.42
N ARG D 771 -24.68 -13.91 7.35
CA ARG D 771 -24.51 -13.13 6.13
C ARG D 771 -23.06 -12.95 5.71
N PRO D 772 -22.14 -12.72 6.67
CA PRO D 772 -20.74 -12.54 6.27
C PRO D 772 -20.19 -13.78 5.59
N ILE D 773 -20.67 -14.94 6.03
CA ILE D 773 -20.24 -16.21 5.47
C ILE D 773 -20.81 -16.39 4.06
N ALA D 774 -22.09 -16.07 3.90
CA ALA D 774 -22.72 -16.19 2.59
C ALA D 774 -22.16 -15.17 1.59
N LEU D 775 -21.88 -13.96 2.06
CA LEU D 775 -21.33 -12.94 1.18
C LEU D 775 -19.95 -13.37 0.70
N ARG D 776 -19.16 -13.97 1.59
CA ARG D 776 -17.83 -14.43 1.20
C ARG D 776 -17.97 -15.50 0.13
N ALA D 777 -18.88 -16.44 0.37
CA ALA D 777 -19.11 -17.53 -0.57
C ALA D 777 -19.53 -17.04 -1.95
N VAL D 778 -20.52 -16.14 -1.97
CA VAL D 778 -20.99 -15.61 -3.24
C VAL D 778 -19.87 -14.88 -3.99
N THR D 779 -19.15 -14.02 -3.28
CA THR D 779 -18.06 -13.25 -3.90
C THR D 779 -16.90 -14.11 -4.39
N THR D 780 -16.51 -15.11 -3.62
CA THR D 780 -15.40 -15.97 -4.01
C THR D 780 -15.77 -16.81 -5.22
N ILE D 781 -17.00 -17.29 -5.26
CA ILE D 781 -17.48 -18.09 -6.39
C ILE D 781 -17.59 -17.22 -7.64
N ALA D 782 -18.12 -16.02 -7.47
CA ALA D 782 -18.29 -15.10 -8.60
C ALA D 782 -16.95 -14.70 -9.22
N ARG D 783 -15.93 -14.59 -8.38
CA ARG D 783 -14.60 -14.23 -8.87
C ARG D 783 -13.91 -15.41 -9.55
N ALA D 784 -14.12 -16.61 -9.01
CA ALA D 784 -13.51 -17.81 -9.56
C ALA D 784 -14.20 -18.31 -10.83
N LEU D 785 -15.51 -18.16 -10.89
CA LEU D 785 -16.29 -18.60 -12.04
C LEU D 785 -17.12 -17.44 -12.60
N PRO D 786 -16.45 -16.49 -13.27
CA PRO D 786 -17.11 -15.32 -13.87
C PRO D 786 -18.29 -15.67 -14.76
N GLY D 787 -19.43 -15.05 -14.50
CA GLY D 787 -20.61 -15.29 -15.31
C GLY D 787 -21.48 -16.46 -14.91
N PHE D 788 -20.97 -17.34 -14.06
CA PHE D 788 -21.74 -18.50 -13.62
C PHE D 788 -22.85 -18.03 -12.69
N PRO D 789 -24.12 -18.28 -13.05
CA PRO D 789 -25.27 -17.87 -12.24
C PRO D 789 -25.21 -18.27 -10.76
N ILE D 790 -25.47 -17.31 -9.90
CA ILE D 790 -25.48 -17.56 -8.46
C ILE D 790 -26.78 -17.06 -7.85
N LEU D 791 -27.46 -17.92 -7.09
CA LEU D 791 -28.68 -17.54 -6.39
C LEU D 791 -28.19 -17.38 -4.95
N ALA D 792 -28.32 -16.19 -4.40
CA ALA D 792 -27.85 -15.95 -3.03
C ALA D 792 -28.87 -16.25 -1.94
N THR D 793 -28.35 -16.70 -0.80
CA THR D 793 -29.18 -16.97 0.37
C THR D 793 -28.29 -16.92 1.60
N GLY D 794 -28.76 -16.22 2.63
CA GLY D 794 -28.00 -16.09 3.85
C GLY D 794 -28.06 -14.70 4.42
N GLY D 795 -29.09 -14.43 5.20
CA GLY D 795 -29.23 -13.13 5.83
C GLY D 795 -29.76 -11.97 5.00
N ILE D 796 -30.45 -12.25 3.91
CA ILE D 796 -31.00 -11.17 3.10
C ILE D 796 -32.31 -10.74 3.76
N ASP D 797 -32.38 -9.49 4.21
CA ASP D 797 -33.57 -9.00 4.90
C ASP D 797 -33.97 -7.58 4.52
N SER D 798 -33.54 -7.13 3.35
CA SER D 798 -33.87 -5.78 2.91
C SER D 798 -33.36 -5.57 1.49
N ALA D 799 -33.81 -4.49 0.87
CA ALA D 799 -33.37 -4.19 -0.48
C ALA D 799 -31.87 -3.90 -0.43
N GLU D 800 -31.44 -3.19 0.62
CA GLU D 800 -30.04 -2.84 0.79
C GLU D 800 -29.15 -4.07 0.86
N SER D 801 -29.49 -5.01 1.74
CA SER D 801 -28.70 -6.22 1.85
C SER D 801 -28.78 -7.03 0.57
N GLY D 802 -29.94 -6.99 -0.09
CA GLY D 802 -30.08 -7.72 -1.35
C GLY D 802 -29.12 -7.15 -2.38
N LEU D 803 -29.04 -5.82 -2.45
CA LEU D 803 -28.15 -5.16 -3.40
C LEU D 803 -26.69 -5.52 -3.11
N GLN D 804 -26.35 -5.76 -1.85
CA GLN D 804 -24.99 -6.14 -1.51
C GLN D 804 -24.67 -7.47 -2.18
N PHE D 805 -25.64 -8.39 -2.17
CA PHE D 805 -25.41 -9.68 -2.81
C PHE D 805 -25.38 -9.57 -4.33
N LEU D 806 -26.21 -8.69 -4.88
CA LEU D 806 -26.20 -8.51 -6.34
C LEU D 806 -24.81 -7.98 -6.72
N HIS D 807 -24.36 -6.98 -5.98
CA HIS D 807 -23.03 -6.39 -6.23
C HIS D 807 -21.93 -7.44 -6.09
N SER D 808 -22.18 -8.44 -5.26
CA SER D 808 -21.23 -9.51 -5.03
C SER D 808 -21.22 -10.59 -6.12
N GLY D 809 -22.15 -10.51 -7.06
CA GLY D 809 -22.17 -11.50 -8.13
C GLY D 809 -23.42 -12.34 -8.28
N ALA D 810 -24.36 -12.23 -7.34
CA ALA D 810 -25.60 -13.01 -7.43
C ALA D 810 -26.59 -12.32 -8.37
N SER D 811 -27.46 -13.10 -8.99
CA SER D 811 -28.47 -12.56 -9.91
C SER D 811 -29.83 -12.48 -9.23
N VAL D 812 -30.12 -13.44 -8.36
CA VAL D 812 -31.38 -13.45 -7.63
C VAL D 812 -31.11 -13.63 -6.15
N LEU D 813 -32.12 -13.32 -5.34
CA LEU D 813 -31.98 -13.34 -3.89
C LEU D 813 -33.03 -14.15 -3.16
N GLN D 814 -32.59 -15.21 -2.48
CA GLN D 814 -33.49 -16.07 -1.72
C GLN D 814 -33.60 -15.60 -0.28
N VAL D 815 -34.80 -15.70 0.29
CA VAL D 815 -35.06 -15.25 1.65
C VAL D 815 -35.84 -16.26 2.49
N CYS D 816 -35.43 -16.44 3.74
CA CYS D 816 -36.14 -17.32 4.67
C CYS D 816 -36.34 -16.64 6.02
N SER D 817 -35.23 -16.47 6.75
CA SER D 817 -35.27 -15.88 8.08
C SER D 817 -35.99 -14.54 8.20
N ALA D 818 -35.85 -13.68 7.20
CA ALA D 818 -36.51 -12.37 7.24
C ALA D 818 -38.03 -12.52 7.24
N VAL D 819 -38.53 -13.58 6.61
CA VAL D 819 -39.96 -13.83 6.58
C VAL D 819 -40.37 -14.47 7.90
N GLN D 820 -39.52 -15.36 8.43
CA GLN D 820 -39.82 -16.00 9.71
C GLN D 820 -39.93 -14.91 10.78
N ASN D 821 -39.15 -13.85 10.62
CA ASN D 821 -39.14 -12.72 11.55
C ASN D 821 -40.32 -11.79 11.31
N GLN D 822 -41.00 -11.97 10.19
CA GLN D 822 -42.10 -11.08 9.85
C GLN D 822 -43.23 -11.79 9.11
N ASP D 823 -43.33 -11.55 7.81
CA ASP D 823 -44.37 -12.16 6.99
C ASP D 823 -44.08 -11.89 5.51
N PHE D 824 -44.92 -12.43 4.63
CA PHE D 824 -44.74 -12.27 3.19
C PHE D 824 -44.78 -10.83 2.67
N THR D 825 -45.43 -9.93 3.37
CA THR D 825 -45.54 -8.55 2.88
C THR D 825 -44.22 -7.80 2.75
N VAL D 826 -43.14 -8.33 3.34
CA VAL D 826 -41.86 -7.64 3.22
C VAL D 826 -41.45 -7.50 1.76
N ILE D 827 -42.04 -8.30 0.87
CA ILE D 827 -41.69 -8.19 -0.54
C ILE D 827 -41.97 -6.77 -1.06
N GLN D 828 -43.03 -6.14 -0.56
CA GLN D 828 -43.37 -4.77 -0.96
C GLN D 828 -42.23 -3.84 -0.59
N ASP D 829 -41.67 -4.03 0.60
CA ASP D 829 -40.57 -3.20 1.06
C ASP D 829 -39.33 -3.43 0.22
N TYR D 830 -39.05 -4.70 -0.08
CA TYR D 830 -37.85 -5.03 -0.86
C TYR D 830 -37.91 -4.44 -2.27
N CYS D 831 -39.07 -4.54 -2.90
CA CYS D 831 -39.22 -4.01 -4.25
C CYS D 831 -39.16 -2.50 -4.31
N THR D 832 -39.88 -1.79 -3.44
CA THR D 832 -39.81 -0.34 -3.49
C THR D 832 -38.41 0.12 -3.10
N GLY D 833 -37.80 -0.62 -2.17
CA GLY D 833 -36.47 -0.27 -1.72
C GLY D 833 -35.43 -0.42 -2.82
N LEU D 834 -35.51 -1.52 -3.59
CA LEU D 834 -34.54 -1.73 -4.66
C LEU D 834 -34.74 -0.69 -5.75
N LYS D 835 -36.00 -0.37 -6.06
CA LYS D 835 -36.29 0.63 -7.08
C LYS D 835 -35.66 1.97 -6.68
N ALA D 836 -35.82 2.34 -5.41
CA ALA D 836 -35.27 3.59 -4.90
C ALA D 836 -33.74 3.62 -4.99
N LEU D 837 -33.11 2.53 -4.55
CA LEU D 837 -31.66 2.46 -4.59
C LEU D 837 -31.12 2.63 -6.01
N LEU D 838 -31.77 2.01 -6.98
CA LEU D 838 -31.33 2.13 -8.36
C LEU D 838 -31.60 3.54 -8.89
N TYR D 839 -32.78 4.07 -8.57
CA TYR D 839 -33.18 5.40 -9.03
C TYR D 839 -32.20 6.46 -8.55
N LEU D 840 -31.87 6.42 -7.26
CA LEU D 840 -30.96 7.40 -6.68
C LEU D 840 -29.58 7.43 -7.31
N LYS D 841 -29.17 6.33 -7.93
CA LYS D 841 -27.86 6.27 -8.57
C LYS D 841 -27.78 7.19 -9.78
N SER D 842 -28.94 7.64 -10.26
CA SER D 842 -28.98 8.52 -11.43
C SER D 842 -29.08 9.99 -11.04
N ILE D 843 -29.24 10.26 -9.75
CA ILE D 843 -29.37 11.64 -9.26
C ILE D 843 -28.03 12.21 -8.85
N GLU D 844 -27.47 13.07 -9.70
CA GLU D 844 -26.17 13.68 -9.44
C GLU D 844 -26.08 14.47 -8.14
N GLU D 845 -27.14 15.17 -7.77
CA GLU D 845 -27.15 15.98 -6.56
C GLU D 845 -27.14 15.19 -5.25
N LEU D 846 -27.34 13.88 -5.34
CA LEU D 846 -27.37 13.05 -4.14
C LEU D 846 -26.24 12.02 -4.08
N GLN D 847 -25.15 12.29 -4.78
CA GLN D 847 -24.03 11.37 -4.79
C GLN D 847 -23.34 11.21 -3.44
N GLY D 848 -23.54 12.18 -2.53
CA GLY D 848 -22.93 12.11 -1.22
C GLY D 848 -23.65 11.17 -0.27
N TRP D 849 -24.82 10.71 -0.67
CA TRP D 849 -25.62 9.82 0.15
C TRP D 849 -25.11 8.39 0.03
N ASP D 850 -25.41 7.56 1.04
CA ASP D 850 -25.04 6.15 0.98
C ASP D 850 -26.40 5.48 0.80
N GLY D 851 -26.74 5.19 -0.45
CA GLY D 851 -28.03 4.59 -0.72
C GLY D 851 -29.10 5.61 -0.39
N GLN D 852 -30.06 5.23 0.44
CA GLN D 852 -31.14 6.15 0.81
C GLN D 852 -30.81 6.97 2.05
N SER D 853 -29.58 6.86 2.54
CA SER D 853 -29.15 7.60 3.73
C SER D 853 -28.42 8.90 3.38
N PRO D 854 -28.99 10.05 3.77
CA PRO D 854 -28.32 11.32 3.47
C PRO D 854 -27.01 11.37 4.25
N GLY D 855 -26.07 12.20 3.80
CA GLY D 855 -24.82 12.32 4.52
C GLY D 855 -25.14 12.76 5.94
N THR D 856 -24.50 12.15 6.93
CA THR D 856 -24.77 12.49 8.32
C THR D 856 -24.26 13.87 8.69
N GLU D 857 -25.16 14.72 9.16
CA GLU D 857 -24.76 16.06 9.55
C GLU D 857 -24.62 16.18 11.05
N SER D 858 -23.73 17.08 11.49
CA SER D 858 -23.49 17.30 12.91
C SER D 858 -24.82 17.54 13.62
N HIS D 859 -25.11 16.71 14.63
CA HIS D 859 -26.34 16.83 15.37
C HIS D 859 -26.22 16.34 16.81
N GLN D 860 -27.29 16.57 17.55
CA GLN D 860 -27.43 16.14 18.95
C GLN D 860 -28.91 15.78 19.04
N LYS D 861 -29.21 14.53 19.38
CA LYS D 861 -30.59 14.08 19.50
C LYS D 861 -31.32 14.19 18.17
N GLY D 862 -30.58 14.11 17.07
CA GLY D 862 -31.20 14.18 15.76
C GLY D 862 -31.47 15.59 15.26
N LYS D 863 -31.20 16.59 16.10
CA LYS D 863 -31.42 17.97 15.71
C LYS D 863 -30.10 18.62 15.32
N PRO D 864 -30.09 19.34 14.18
CA PRO D 864 -28.90 20.02 13.66
C PRO D 864 -28.22 20.92 14.69
N VAL D 865 -26.90 20.81 14.77
CA VAL D 865 -26.12 21.63 15.70
C VAL D 865 -25.97 23.02 15.11
N PRO D 866 -26.21 24.07 15.91
CA PRO D 866 -26.09 25.45 15.44
C PRO D 866 -24.67 25.72 14.93
N ARG D 867 -24.56 26.28 13.73
CA ARG D 867 -23.26 26.58 13.14
C ARG D 867 -22.84 28.00 13.50
N ILE D 868 -22.75 28.28 14.80
CA ILE D 868 -22.37 29.59 15.28
C ILE D 868 -20.87 29.67 15.54
N ALA D 869 -20.25 30.74 15.06
CA ALA D 869 -18.81 30.92 15.24
C ALA D 869 -18.41 30.85 16.70
N GLU D 870 -19.28 31.33 17.59
CA GLU D 870 -19.02 31.32 19.02
C GLU D 870 -19.21 29.96 19.70
N LEU D 871 -19.38 28.90 18.91
CA LEU D 871 -19.59 27.58 19.49
C LEU D 871 -18.56 26.58 18.99
N MET D 872 -18.30 26.61 17.69
CA MET D 872 -17.35 25.70 17.06
C MET D 872 -15.97 25.75 17.72
N GLY D 873 -15.54 24.62 18.28
CA GLY D 873 -14.24 24.55 18.92
C GLY D 873 -14.11 25.17 20.28
N LYS D 874 -15.23 25.41 20.95
CA LYS D 874 -15.23 25.99 22.28
C LYS D 874 -15.15 24.93 23.36
N LYS D 875 -15.17 23.66 22.95
CA LYS D 875 -15.11 22.55 23.88
C LYS D 875 -16.20 22.70 24.93
N LEU D 876 -17.43 22.87 24.45
CA LEU D 876 -18.59 23.02 25.31
C LEU D 876 -19.54 21.84 25.13
N PRO D 877 -19.38 20.80 25.95
CA PRO D 877 -20.26 19.63 25.85
C PRO D 877 -21.68 20.01 26.26
N ASN D 878 -22.64 19.14 25.96
CA ASN D 878 -24.03 19.40 26.27
C ASN D 878 -24.49 19.02 27.66
N PHE D 879 -23.75 19.47 28.68
CA PHE D 879 -24.12 19.19 30.05
C PHE D 879 -23.49 20.18 31.01
N GLY D 880 -24.01 20.19 32.24
CA GLY D 880 -23.49 21.06 33.28
C GLY D 880 -23.34 22.52 32.92
N PRO D 881 -22.30 23.19 33.45
CA PRO D 881 -22.06 24.61 33.16
C PRO D 881 -21.81 24.89 31.69
N TYR D 882 -21.30 23.89 30.98
CA TYR D 882 -21.01 24.04 29.55
C TYR D 882 -22.31 24.23 28.78
N LEU D 883 -23.33 23.46 29.14
CA LEU D 883 -24.63 23.55 28.49
C LEU D 883 -25.22 24.94 28.73
N GLU D 884 -25.03 25.47 29.94
CA GLU D 884 -25.53 26.80 30.27
C GLU D 884 -24.88 27.83 29.35
N GLN D 885 -23.57 27.66 29.11
CA GLN D 885 -22.83 28.57 28.23
C GLN D 885 -23.37 28.48 26.82
N ARG D 886 -23.59 27.26 26.35
CA ARG D 886 -24.10 27.06 24.99
C ARG D 886 -25.43 27.80 24.82
N LYS D 887 -26.32 27.63 25.78
CA LYS D 887 -27.63 28.28 25.73
C LYS D 887 -27.50 29.79 25.66
N LYS D 888 -26.57 30.33 26.44
CA LYS D 888 -26.34 31.77 26.45
C LYS D 888 -25.87 32.25 25.09
N ILE D 889 -24.95 31.50 24.49
CA ILE D 889 -24.41 31.83 23.17
C ILE D 889 -25.49 31.75 22.10
N ILE D 890 -26.31 30.71 22.17
CA ILE D 890 -27.39 30.53 21.20
C ILE D 890 -28.41 31.66 21.32
N ALA D 891 -28.75 32.02 22.55
CA ALA D 891 -29.72 33.08 22.81
C ALA D 891 -29.22 34.41 22.24
N GLU D 892 -27.92 34.67 22.41
CA GLU D 892 -27.33 35.89 21.91
C GLU D 892 -27.35 35.91 20.38
N GLU D 893 -27.17 34.73 19.78
CA GLU D 893 -27.18 34.60 18.33
C GLU D 893 -28.58 34.90 17.81
N LYS D 894 -29.60 34.42 18.54
CA LYS D 894 -30.99 34.65 18.13
C LYS D 894 -31.31 36.14 18.15
N MET D 895 -30.77 36.85 19.14
CA MET D 895 -31.02 38.29 19.26
C MET D 895 -30.28 39.01 18.13
N ARG D 896 -29.11 38.49 17.75
CA ARG D 896 -28.35 39.09 16.66
C ARG D 896 -29.10 38.93 15.35
N LEU D 897 -29.64 37.75 15.13
CA LEU D 897 -30.40 37.47 13.91
C LEU D 897 -31.61 38.39 13.85
N LYS D 898 -32.16 38.71 15.02
CA LYS D 898 -33.32 39.59 15.11
C LYS D 898 -32.86 40.99 14.70
N GLU D 899 -31.60 41.27 15.02
CA GLU D 899 -30.96 42.55 14.72
C GLU D 899 -30.11 42.49 13.45
N GLN D 900 -30.19 41.37 12.73
CA GLN D 900 -29.43 41.22 11.50
C GLN D 900 -30.41 41.15 10.33
N ASN D 901 -29.87 41.14 9.11
CA ASN D 901 -30.72 41.08 7.92
C ASN D 901 -31.17 39.66 7.62
N ALA D 902 -32.24 39.54 6.83
CA ALA D 902 -32.80 38.25 6.46
C ALA D 902 -33.51 38.38 5.12
N LEU D 907 -34.75 28.90 -1.64
CA LEU D 907 -34.84 28.74 -3.09
C LEU D 907 -36.09 27.95 -3.48
N GLU D 908 -36.62 28.25 -4.66
CA GLU D 908 -37.81 27.57 -5.19
C GLU D 908 -37.62 26.06 -5.12
N ARG D 909 -38.69 25.30 -4.88
CA ARG D 909 -38.54 23.86 -4.80
C ARG D 909 -38.61 23.23 -6.18
N LYS D 910 -37.47 22.72 -6.64
CA LYS D 910 -37.37 22.10 -7.96
C LYS D 910 -36.92 20.65 -7.83
N PRO D 911 -37.60 19.72 -8.51
CA PRO D 911 -37.27 18.30 -8.45
C PRO D 911 -35.96 17.95 -9.16
N PHE D 912 -35.23 16.98 -8.61
CA PHE D 912 -33.97 16.54 -9.22
C PHE D 912 -34.37 15.66 -10.40
N ILE D 913 -33.62 15.76 -11.49
CA ILE D 913 -33.91 14.96 -12.67
C ILE D 913 -32.75 14.01 -12.97
N PRO D 914 -33.04 12.73 -13.24
CA PRO D 914 -31.98 11.77 -13.54
C PRO D 914 -31.08 12.34 -14.63
N LYS D 915 -29.77 12.31 -14.40
CA LYS D 915 -28.83 12.83 -15.39
C LYS D 915 -27.99 11.70 -15.96
N LYS D 916 -28.50 10.49 -15.83
CA LYS D 916 -27.84 9.28 -16.29
C LYS D 916 -28.91 8.19 -16.32
N PRO D 917 -28.79 7.21 -17.21
CA PRO D 917 -29.80 6.16 -17.26
C PRO D 917 -29.87 5.44 -15.91
N ILE D 918 -31.07 5.05 -15.50
CA ILE D 918 -31.24 4.34 -14.24
C ILE D 918 -30.74 2.92 -14.48
N PRO D 919 -29.76 2.48 -13.69
CA PRO D 919 -29.22 1.13 -13.87
C PRO D 919 -30.23 0.00 -13.68
N ALA D 920 -30.08 -1.02 -14.51
CA ALA D 920 -30.92 -2.20 -14.44
C ALA D 920 -30.16 -3.17 -13.54
N ILE D 921 -30.82 -4.23 -13.09
CA ILE D 921 -30.17 -5.20 -12.22
C ILE D 921 -28.91 -5.75 -12.87
N LYS D 922 -28.99 -6.07 -14.15
CA LYS D 922 -27.85 -6.62 -14.87
C LYS D 922 -26.64 -5.68 -14.84
N ASP D 923 -26.90 -4.39 -14.67
CA ASP D 923 -25.83 -3.40 -14.65
C ASP D 923 -25.10 -3.29 -13.32
N VAL D 924 -25.67 -3.83 -12.24
CA VAL D 924 -25.02 -3.74 -10.94
C VAL D 924 -24.40 -5.05 -10.47
N ILE D 925 -24.81 -6.16 -11.08
CA ILE D 925 -24.28 -7.46 -10.69
C ILE D 925 -22.76 -7.56 -10.80
N GLY D 926 -22.13 -7.95 -9.70
CA GLY D 926 -20.69 -8.11 -9.65
C GLY D 926 -19.83 -6.86 -9.58
N LYS D 927 -20.45 -5.69 -9.49
CA LYS D 927 -19.70 -4.44 -9.45
C LYS D 927 -18.76 -4.30 -8.26
N ALA D 928 -19.00 -5.04 -7.18
CA ALA D 928 -18.14 -4.93 -5.99
C ALA D 928 -16.88 -5.77 -6.09
N LEU D 929 -16.88 -6.74 -7.00
CA LEU D 929 -15.75 -7.64 -7.14
C LEU D 929 -14.43 -6.93 -7.44
N GLN D 930 -14.49 -5.80 -8.13
CA GLN D 930 -13.29 -5.04 -8.46
C GLN D 930 -12.49 -4.60 -7.23
N TYR D 931 -13.17 -4.51 -6.10
CA TYR D 931 -12.53 -4.05 -4.86
C TYR D 931 -11.93 -5.17 -4.01
N LEU D 932 -12.29 -6.42 -4.32
CA LEU D 932 -11.79 -7.55 -3.55
C LEU D 932 -10.56 -8.20 -4.15
N GLY D 933 -9.64 -8.57 -3.27
CA GLY D 933 -8.40 -9.21 -3.71
C GLY D 933 -7.68 -9.78 -2.51
N THR D 934 -6.39 -10.06 -2.68
CA THR D 934 -5.61 -10.60 -1.58
C THR D 934 -5.16 -9.48 -0.66
N PHE D 935 -4.59 -9.85 0.48
CA PHE D 935 -4.11 -8.85 1.44
C PHE D 935 -2.96 -8.06 0.81
N GLY D 936 -2.15 -8.73 0.01
CA GLY D 936 -1.02 -8.09 -0.63
C GLY D 936 -1.42 -6.99 -1.60
N GLU D 937 -2.68 -7.02 -2.05
CA GLU D 937 -3.19 -6.02 -2.98
C GLU D 937 -3.65 -4.78 -2.22
N LEU D 938 -3.59 -4.82 -0.90
CA LEU D 938 -3.98 -3.69 -0.07
C LEU D 938 -2.76 -2.82 0.22
N SER D 939 -2.95 -1.51 0.17
CA SER D 939 -1.86 -0.58 0.43
C SER D 939 -1.59 -0.36 1.91
N ASN D 940 -0.34 -0.55 2.34
CA ASN D 940 -0.01 -0.33 3.73
C ASN D 940 0.66 1.02 3.92
N ILE D 941 0.66 1.83 2.86
CA ILE D 941 1.24 3.17 2.96
C ILE D 941 0.11 4.18 3.07
N GLU D 942 -1.06 3.84 2.53
CA GLU D 942 -2.22 4.73 2.62
C GLU D 942 -2.92 4.43 3.94
N GLN D 943 -2.33 4.89 5.03
CA GLN D 943 -2.88 4.68 6.36
C GLN D 943 -3.90 5.76 6.71
N VAL D 944 -4.71 5.48 7.72
CA VAL D 944 -5.72 6.44 8.19
C VAL D 944 -5.65 6.58 9.70
N VAL D 945 -6.30 7.62 10.21
CA VAL D 945 -6.38 7.86 11.65
C VAL D 945 -7.81 8.29 11.93
N ALA D 946 -8.23 8.13 13.18
CA ALA D 946 -9.58 8.49 13.55
C ALA D 946 -9.68 9.97 13.90
N VAL D 947 -10.81 10.57 13.54
CA VAL D 947 -11.06 11.98 13.83
C VAL D 947 -12.47 12.07 14.40
N ILE D 948 -12.59 12.72 15.56
CA ILE D 948 -13.88 12.86 16.22
C ILE D 948 -14.54 14.23 16.08
N ASP D 949 -15.84 14.23 15.76
CA ASP D 949 -16.59 15.47 15.64
C ASP D 949 -17.16 15.72 17.03
N GLU D 950 -16.52 16.62 17.76
CA GLU D 950 -16.95 16.92 19.13
C GLU D 950 -18.39 17.38 19.25
N GLU D 951 -18.95 17.95 18.19
CA GLU D 951 -20.32 18.42 18.23
C GLU D 951 -21.35 17.29 18.25
N MET D 952 -20.94 16.10 17.81
CA MET D 952 -21.83 14.94 17.75
C MET D 952 -21.63 13.99 18.92
N CYS D 953 -20.53 14.17 19.63
CA CYS D 953 -20.16 13.32 20.76
C CYS D 953 -21.12 13.37 21.95
N ILE D 954 -21.40 12.21 22.55
CA ILE D 954 -22.27 12.19 23.72
C ILE D 954 -21.50 11.80 24.99
N ASN D 955 -20.19 11.98 24.89
CA ASN D 955 -19.26 11.81 26.02
C ASN D 955 -19.22 10.53 26.82
N CYS D 956 -19.50 9.40 26.18
CA CYS D 956 -19.52 8.09 26.86
C CYS D 956 -18.14 7.48 27.12
N GLY D 957 -17.15 7.90 26.34
CA GLY D 957 -15.81 7.37 26.53
C GLY D 957 -15.58 5.95 26.01
N LYS D 958 -16.49 5.43 25.19
CA LYS D 958 -16.29 4.07 24.67
C LYS D 958 -15.10 4.00 23.73
N CYS D 959 -14.86 5.05 22.95
CA CYS D 959 -13.72 5.08 22.04
C CYS D 959 -12.44 4.97 22.88
N TYR D 960 -12.43 5.71 23.97
CA TYR D 960 -11.32 5.75 24.92
C TYR D 960 -11.09 4.37 25.53
N MET D 961 -12.15 3.75 26.03
CA MET D 961 -12.02 2.43 26.64
C MET D 961 -11.56 1.36 25.65
N THR D 962 -12.07 1.42 24.43
CA THR D 962 -11.68 0.44 23.42
C THR D 962 -10.22 0.61 23.04
N CYS D 963 -9.78 1.85 22.87
CA CYS D 963 -8.40 2.09 22.49
C CYS D 963 -7.49 1.73 23.66
N ASN D 964 -7.97 1.91 24.88
CA ASN D 964 -7.15 1.62 26.05
C ASN D 964 -6.91 0.13 26.28
N ASP D 965 -7.98 -0.65 26.28
CA ASP D 965 -7.84 -2.08 26.53
C ASP D 965 -7.87 -2.98 25.30
N SER D 966 -8.02 -2.39 24.11
CA SER D 966 -8.04 -3.17 22.87
C SER D 966 -7.30 -2.43 21.77
N GLY D 967 -6.57 -1.37 22.14
CA GLY D 967 -5.87 -0.61 21.13
C GLY D 967 -4.49 -0.08 21.43
N TYR D 968 -4.29 1.21 21.19
CA TYR D 968 -3.00 1.83 21.37
C TYR D 968 -2.91 2.99 22.35
N GLN D 969 -3.89 3.07 23.25
CA GLN D 969 -3.92 4.13 24.26
C GLN D 969 -3.64 5.49 23.61
N ALA D 970 -4.30 5.75 22.49
CA ALA D 970 -4.08 6.97 21.73
C ALA D 970 -5.09 8.08 21.93
N ILE D 971 -6.11 7.86 22.76
CA ILE D 971 -7.13 8.86 22.99
C ILE D 971 -7.08 9.51 24.35
N GLN D 972 -7.15 10.84 24.38
CA GLN D 972 -7.18 11.58 25.64
C GLN D 972 -8.66 11.81 25.93
N PHE D 973 -9.08 11.52 27.16
CA PHE D 973 -10.47 11.72 27.55
C PHE D 973 -10.45 12.79 28.64
N ASP D 974 -10.94 13.99 28.31
CA ASP D 974 -10.92 15.09 29.26
C ASP D 974 -11.71 14.82 30.53
N PRO D 975 -11.08 15.01 31.70
CA PRO D 975 -11.76 14.78 32.99
C PRO D 975 -12.87 15.75 33.35
N GLU D 976 -12.93 16.89 32.68
CA GLU D 976 -13.96 17.88 32.98
C GLU D 976 -15.09 17.92 31.96
N THR D 977 -14.74 17.86 30.68
CA THR D 977 -15.73 17.92 29.61
C THR D 977 -16.12 16.55 29.06
N HIS D 978 -15.36 15.52 29.42
CA HIS D 978 -15.63 14.19 28.91
C HIS D 978 -15.64 14.18 27.37
N LEU D 979 -14.73 14.96 26.78
CA LEU D 979 -14.59 15.03 25.34
C LEU D 979 -13.30 14.28 24.98
N PRO D 980 -13.37 13.38 23.99
CA PRO D 980 -12.20 12.63 23.57
C PRO D 980 -11.41 13.35 22.47
N THR D 981 -10.11 13.12 22.45
CA THR D 981 -9.24 13.69 21.44
C THR D 981 -8.29 12.61 20.97
N VAL D 982 -8.31 12.31 19.67
CA VAL D 982 -7.43 11.29 19.12
C VAL D 982 -6.05 11.93 18.92
N THR D 983 -5.03 11.32 19.49
CA THR D 983 -3.67 11.85 19.39
C THR D 983 -2.92 11.23 18.23
N ASP D 984 -1.67 11.68 18.02
CA ASP D 984 -0.88 11.18 16.91
C ASP D 984 -0.40 9.75 17.01
N THR D 985 -0.65 9.07 18.13
CA THR D 985 -0.24 7.68 18.26
C THR D 985 -1.26 6.73 17.66
N CYS D 986 -2.34 7.29 17.13
CA CYS D 986 -3.40 6.48 16.51
C CYS D 986 -2.80 5.68 15.35
N THR D 987 -3.25 4.43 15.21
CA THR D 987 -2.78 3.54 14.15
C THR D 987 -3.88 3.29 13.12
N GLY D 988 -5.05 3.87 13.35
CA GLY D 988 -6.16 3.69 12.44
C GLY D 988 -6.78 2.31 12.46
N CYS D 989 -6.61 1.56 13.56
CA CYS D 989 -7.20 0.21 13.63
C CYS D 989 -8.70 0.25 13.36
N THR D 990 -9.34 1.36 13.74
CA THR D 990 -10.77 1.64 13.52
C THR D 990 -11.73 1.06 14.59
N LEU D 991 -11.19 0.53 15.68
CA LEU D 991 -12.06 0.00 16.73
C LEU D 991 -12.94 1.07 17.38
N CYS D 992 -12.40 2.27 17.60
CA CYS D 992 -13.18 3.34 18.23
C CYS D 992 -14.42 3.68 17.42
N LEU D 993 -14.23 3.87 16.12
CA LEU D 993 -15.34 4.19 15.23
C LEU D 993 -16.36 3.06 15.29
N SER D 994 -15.86 1.83 15.36
CA SER D 994 -16.72 0.65 15.40
C SER D 994 -17.58 0.49 16.66
N VAL D 995 -17.16 1.10 17.76
CA VAL D 995 -17.95 0.97 19.00
C VAL D 995 -18.70 2.25 19.38
N CYS D 996 -18.45 3.34 18.65
CA CYS D 996 -19.12 4.60 18.93
C CYS D 996 -20.64 4.52 18.70
N PRO D 997 -21.44 4.94 19.70
CA PRO D 997 -22.90 4.89 19.56
C PRO D 997 -23.50 5.88 18.57
N ILE D 998 -22.73 6.90 18.22
CA ILE D 998 -23.21 7.93 17.30
C ILE D 998 -22.70 7.72 15.89
N ILE D 999 -23.62 7.45 14.96
CA ILE D 999 -23.26 7.22 13.57
C ILE D 999 -22.50 8.40 12.99
N ASP D 1000 -21.32 8.12 12.45
CA ASP D 1000 -20.47 9.12 11.83
C ASP D 1000 -19.90 10.20 12.74
N CYS D 1001 -19.90 9.97 14.05
CA CYS D 1001 -19.31 10.93 14.98
C CYS D 1001 -17.81 10.82 14.75
N ILE D 1002 -17.34 9.59 14.59
CA ILE D 1002 -15.93 9.32 14.33
C ILE D 1002 -15.82 8.94 12.86
N ARG D 1003 -14.79 9.46 12.20
CA ARG D 1003 -14.55 9.14 10.79
C ARG D 1003 -13.07 8.86 10.62
N MET D 1004 -12.73 8.00 9.66
CA MET D 1004 -11.34 7.68 9.39
C MET D 1004 -10.88 8.58 8.26
N VAL D 1005 -9.77 9.28 8.44
CA VAL D 1005 -9.24 10.16 7.41
C VAL D 1005 -7.79 9.83 7.11
N SER D 1006 -7.36 10.16 5.90
CA SER D 1006 -5.98 9.89 5.48
C SER D 1006 -5.00 10.51 6.46
N ARG D 1007 -4.00 9.73 6.85
CA ARG D 1007 -3.00 10.20 7.79
C ARG D 1007 -2.14 11.24 7.06
N THR D 1008 -1.81 12.33 7.76
CA THR D 1008 -1.00 13.39 7.18
C THR D 1008 0.38 13.45 7.81
N THR D 1009 0.47 12.98 9.05
CA THR D 1009 1.74 12.98 9.77
C THR D 1009 2.48 11.66 9.49
N PRO D 1010 3.81 11.67 9.63
CA PRO D 1010 4.63 10.48 9.39
C PRO D 1010 4.13 9.26 10.16
N TYR D 1011 4.09 8.12 9.49
CA TYR D 1011 3.63 6.89 10.12
C TYR D 1011 4.75 5.86 10.23
N GLU D 1012 4.83 5.23 11.41
CA GLU D 1012 5.84 4.21 11.64
C GLU D 1012 5.29 3.19 12.62
N PRO D 1013 5.20 1.92 12.19
CA PRO D 1013 4.69 0.83 13.04
C PRO D 1013 5.43 0.71 14.36
N LYS D 1014 4.69 0.45 15.42
CA LYS D 1014 5.27 0.28 16.75
C LYS D 1014 5.85 -1.14 16.81
N ARG D 1015 7.18 -1.22 16.91
CA ARG D 1015 7.86 -2.52 16.95
C ARG D 1015 8.21 -3.03 18.35
N GLY D 1016 7.97 -2.21 19.37
CA GLY D 1016 8.27 -2.63 20.73
C GLY D 1016 9.75 -2.53 21.04
N LEU D 1017 10.57 -3.16 20.20
CA LEU D 1017 12.02 -3.14 20.35
C LEU D 1017 12.65 -3.05 18.96
N PRO D 1018 13.93 -2.67 18.89
CA PRO D 1018 14.58 -2.57 17.58
C PRO D 1018 14.92 -3.96 17.03
N LEU D 1019 15.02 -4.06 15.70
CA LEU D 1019 15.33 -5.34 15.06
C LEU D 1019 16.80 -5.69 15.19
#